data_8Q3W
#
_entry.id   8Q3W
#
_cell.length_a   1.00
_cell.length_b   1.00
_cell.length_c   1.00
_cell.angle_alpha   90.00
_cell.angle_beta   90.00
_cell.angle_gamma   90.00
#
_symmetry.space_group_name_H-M   'P 1'
#
loop_
_entity.id
_entity.type
_entity.pdbx_description
1 polymer 'Insertion sequence IS5376 putative ATP-binding protein'
2 polymer 'DNA (48-MER) Target DNA FW'
3 polymer 'DNA (48-MER) Traget DNA Rv'
4 non-polymer 'MAGNESIUM ION'
5 non-polymer "ADENOSINE-5'-TRIPHOSPHATE"
#
loop_
_entity_poly.entity_id
_entity_poly.type
_entity_poly.pdbx_seq_one_letter_code
_entity_poly.pdbx_strand_id
1 'polypeptide(L)'
;GPNMKERIHEYCHRLHLPVMAERWSAMAEYASTHNISYSEFLFRLLEAEIVEKQARSIQTLIKLSKLPYRKTIDTFDFTA
QPSVDERRIRELLTLSFIDRKENILFLGPPGIGKTHLAISIGMEAIARGYKTYFITAHDLVNQLRRADQEGKLEKKLRVF
VKPTVLIIDEMGYLKLDPNSAHYLFQVIARRYEHAPIILTSNKSFGEWGEIVGDSVLATAMLDRLLHHSIIFNLKGESYR
LREKRLQEEKQKDQ
;
A,B,C,D,E,F,G,H,I,J
2 'polydeoxyribonucleotide'
;(DT)(DG)(DC)(DT)(DT)(DG)(DC)(DG)(DA)(DT)(DG)(DA)(DT)(DC)(DC)(DG)(DA)(DC)(DG)(DT)
(DG)(DT)(DT)(DA)(DG)(DC)(DC)(DA)(DC)(DG)(DC)(DT)(DG)(DA)(DC)(DT)(DA)(DG)(DT)(DT)
(DA)(DT)(DG)(DC)(DC)(DA)(DT)(DG)(DC)(DC)(DT)(DC)(DC)(DC)(DT)(DT)(DC)(DA)(DG)(DG)
;
K
3 'polydeoxyribonucleotide'
;(DC)(DC)(DT)(DG)(DA)(DA)(DG)(DG)(DG)(DA)(DG)(DG)(DC)(DA)(DT)(DG)(DG)(DC)(DA)(DT)
(DA)(DA)(DC)(DT)(DA)(DG)(DT)(DC)(DA)(DG)(DC)(DG)(DT)(DG)(DG)(DC)(DT)(DA)(DA)(DC)
(DA)(DC)(DG)(DT)(DC)(DG)(DG)(DA)(DT)(DC)(DA)(DT)(DC)(DG)(DC)(DA)(DA)(DG)(DC)(DA)
;
L
#
loop_
_chem_comp.id
_chem_comp.type
_chem_comp.name
_chem_comp.formula
ATP non-polymer ADENOSINE-5'-TRIPHOSPHATE 'C10 H16 N5 O13 P3'
DA DNA linking 2'-DEOXYADENOSINE-5'-MONOPHOSPHATE 'C10 H14 N5 O6 P'
DC DNA linking 2'-DEOXYCYTIDINE-5'-MONOPHOSPHATE 'C9 H14 N3 O7 P'
DG DNA linking 2'-DEOXYGUANOSINE-5'-MONOPHOSPHATE 'C10 H14 N5 O7 P'
DT DNA linking THYMIDINE-5'-MONOPHOSPHATE 'C10 H15 N2 O8 P'
MG non-polymer 'MAGNESIUM ION' 'Mg 2'
#
# COMPACT_ATOMS: atom_id res chain seq x y z
N MET A 4 70.36 -1.73 -18.19
CA MET A 4 69.79 -0.36 -18.04
C MET A 4 69.25 0.15 -19.37
N LYS A 5 69.93 -0.22 -20.46
CA LYS A 5 69.47 0.18 -21.79
C LYS A 5 68.09 -0.38 -22.08
N GLU A 6 67.85 -1.64 -21.70
CA GLU A 6 66.53 -2.23 -21.90
C GLU A 6 65.48 -1.46 -21.10
N ARG A 7 65.83 -1.00 -19.89
CA ARG A 7 64.90 -0.20 -19.12
C ARG A 7 64.60 1.11 -19.82
N ILE A 8 65.61 1.75 -20.42
CA ILE A 8 65.38 2.98 -21.16
C ILE A 8 64.44 2.72 -22.33
N HIS A 9 64.68 1.64 -23.07
CA HIS A 9 63.82 1.31 -24.20
C HIS A 9 62.38 1.06 -23.75
N GLU A 10 62.19 0.31 -22.67
CA GLU A 10 60.85 0.04 -22.17
C GLU A 10 60.16 1.33 -21.75
N TYR A 11 60.88 2.21 -21.06
CA TYR A 11 60.28 3.47 -20.64
C TYR A 11 59.90 4.32 -21.84
N CYS A 12 60.77 4.39 -22.85
CA CYS A 12 60.46 5.17 -24.05
C CYS A 12 59.21 4.62 -24.74
N HIS A 13 59.09 3.30 -24.86
CA HIS A 13 57.91 2.72 -25.49
C HIS A 13 56.66 2.98 -24.65
N ARG A 14 56.77 2.87 -23.32
CA ARG A 14 55.61 3.11 -22.46
C ARG A 14 55.16 4.56 -22.53
N LEU A 15 56.09 5.50 -22.62
CA LEU A 15 55.75 6.91 -22.73
C LEU A 15 55.32 7.30 -24.15
N HIS A 16 55.08 6.31 -25.02
CA HIS A 16 54.59 6.56 -26.36
C HIS A 16 55.59 7.41 -27.16
N LEU A 17 56.83 6.92 -27.20
CA LEU A 17 57.92 7.58 -27.92
C LEU A 17 58.66 6.56 -28.77
N PRO A 18 58.00 6.01 -29.80
CA PRO A 18 58.65 4.94 -30.59
C PRO A 18 59.90 5.40 -31.31
N VAL A 19 59.80 6.54 -32.02
CA VAL A 19 60.92 7.02 -32.81
C VAL A 19 62.09 7.40 -31.90
N MET A 20 61.79 7.94 -30.71
CA MET A 20 62.86 8.29 -29.78
C MET A 20 63.67 7.05 -29.41
N ALA A 21 62.99 5.94 -29.12
CA ALA A 21 63.69 4.70 -28.83
C ALA A 21 64.43 4.18 -30.06
N GLU A 22 63.84 4.33 -31.25
CA GLU A 22 64.46 3.83 -32.46
C GLU A 22 65.81 4.49 -32.70
N ARG A 23 65.91 5.80 -32.48
CA ARG A 23 67.14 6.54 -32.68
C ARG A 23 67.91 6.76 -31.38
N TRP A 24 67.57 6.01 -30.32
CA TRP A 24 68.25 6.20 -29.04
C TRP A 24 69.75 5.93 -29.17
N SER A 25 70.12 4.82 -29.81
CA SER A 25 71.52 4.48 -29.94
C SER A 25 72.27 5.51 -30.79
N ALA A 26 71.65 5.96 -31.88
CA ALA A 26 72.32 6.94 -32.74
C ALA A 26 72.56 8.25 -32.00
N MET A 27 71.55 8.74 -31.28
CA MET A 27 71.72 9.98 -30.54
C MET A 27 72.73 9.82 -29.42
N ALA A 28 72.73 8.67 -28.74
CA ALA A 28 73.72 8.44 -27.70
C ALA A 28 75.13 8.44 -28.26
N GLU A 29 75.35 7.79 -29.41
CA GLU A 29 76.66 7.78 -30.03
C GLU A 29 77.07 9.18 -30.46
N TYR A 30 76.12 9.95 -31.03
CA TYR A 30 76.44 11.31 -31.44
C TYR A 30 76.82 12.17 -30.26
N ALA A 31 76.10 12.03 -29.13
CA ALA A 31 76.43 12.81 -27.94
C ALA A 31 77.78 12.40 -27.36
N SER A 32 78.08 11.10 -27.36
CA SER A 32 79.35 10.64 -26.81
C SER A 32 80.52 11.11 -27.68
N THR A 33 80.40 10.98 -29.00
CA THR A 33 81.49 11.36 -29.89
C THR A 33 81.78 12.86 -29.81
N HIS A 34 80.74 13.68 -29.83
CA HIS A 34 80.87 15.13 -29.77
C HIS A 34 80.25 15.63 -28.48
N ASN A 35 81.01 16.40 -27.70
CA ASN A 35 80.50 16.91 -26.44
C ASN A 35 79.33 17.85 -26.69
N ILE A 36 78.21 17.56 -26.04
CA ILE A 36 77.00 18.37 -26.17
C ILE A 36 76.36 18.49 -24.80
N SER A 37 75.88 19.69 -24.48
CA SER A 37 75.18 19.90 -23.22
C SER A 37 73.92 19.06 -23.17
N TYR A 38 73.58 18.57 -21.97
CA TYR A 38 72.40 17.73 -21.82
C TYR A 38 71.14 18.48 -22.24
N SER A 39 71.04 19.76 -21.90
CA SER A 39 69.88 20.54 -22.28
C SER A 39 69.73 20.59 -23.80
N GLU A 40 70.83 20.86 -24.51
CA GLU A 40 70.76 20.96 -25.96
C GLU A 40 70.49 19.59 -26.59
N PHE A 41 71.05 18.52 -26.01
CA PHE A 41 70.78 17.19 -26.54
C PHE A 41 69.30 16.84 -26.40
N LEU A 42 68.71 17.13 -25.23
CA LEU A 42 67.28 16.89 -25.05
C LEU A 42 66.46 17.77 -25.98
N PHE A 43 66.89 19.02 -26.19
CA PHE A 43 66.19 19.89 -27.13
C PHE A 43 66.18 19.28 -28.52
N ARG A 44 67.33 18.79 -28.98
CA ARG A 44 67.39 18.20 -30.31
C ARG A 44 66.51 16.95 -30.39
N LEU A 45 66.57 16.10 -29.38
CA LEU A 45 65.76 14.88 -29.39
C LEU A 45 64.27 15.21 -29.43
N LEU A 46 63.84 16.15 -28.59
CA LEU A 46 62.43 16.52 -28.56
C LEU A 46 62.01 17.20 -29.85
N GLU A 47 62.89 18.00 -30.46
CA GLU A 47 62.57 18.63 -31.72
C GLU A 47 62.38 17.58 -32.81
N ALA A 48 63.26 16.58 -32.86
CA ALA A 48 63.10 15.51 -33.86
C ALA A 48 61.80 14.74 -33.61
N GLU A 49 61.51 14.43 -32.35
CA GLU A 49 60.27 13.72 -32.04
C GLU A 49 59.05 14.55 -32.45
N ILE A 50 59.09 15.86 -32.21
CA ILE A 50 57.98 16.73 -32.57
C ILE A 50 57.82 16.81 -34.09
N VAL A 51 58.94 16.85 -34.81
CA VAL A 51 58.87 16.87 -36.27
C VAL A 51 58.22 15.60 -36.79
N GLU A 52 58.63 14.45 -36.25
CA GLU A 52 58.03 13.18 -36.68
C GLU A 52 56.55 13.14 -36.33
N LYS A 53 56.19 13.61 -35.13
CA LYS A 53 54.79 13.64 -34.73
C LYS A 53 53.98 14.55 -35.64
N GLN A 54 54.53 15.69 -36.02
CA GLN A 54 53.82 16.60 -36.91
C GLN A 54 53.63 15.97 -38.28
N ALA A 55 54.65 15.29 -38.80
CA ALA A 55 54.49 14.62 -40.09
C ALA A 55 53.41 13.55 -40.01
N ARG A 56 53.42 12.74 -38.95
CA ARG A 56 52.41 11.70 -38.82
C ARG A 56 51.02 12.29 -38.66
N SER A 57 50.90 13.38 -37.90
CA SER A 57 49.61 14.02 -37.71
C SER A 57 49.09 14.58 -39.04
N ILE A 58 49.98 15.18 -39.83
CA ILE A 58 49.56 15.70 -41.14
C ILE A 58 49.08 14.56 -42.03
N GLN A 59 49.81 13.45 -42.03
CA GLN A 59 49.39 12.31 -42.85
C GLN A 59 48.05 11.75 -42.38
N THR A 60 47.86 11.65 -41.06
CA THR A 60 46.59 11.15 -40.55
C THR A 60 45.44 12.10 -40.90
N LEU A 61 45.69 13.41 -40.82
CA LEU A 61 44.68 14.38 -41.22
C LEU A 61 44.34 14.24 -42.70
N ILE A 62 45.36 14.03 -43.53
CA ILE A 62 45.12 13.84 -44.96
C ILE A 62 44.27 12.59 -45.18
N LYS A 63 44.54 11.53 -44.44
CA LYS A 63 43.72 10.32 -44.56
C LYS A 63 42.29 10.59 -44.13
N LEU A 64 42.12 11.29 -43.00
CA LEU A 64 40.78 11.58 -42.50
C LEU A 64 40.00 12.47 -43.47
N SER A 65 40.67 13.46 -44.05
CA SER A 65 40.05 14.33 -45.05
C SER A 65 40.08 13.61 -46.39
N LYS A 66 38.92 13.30 -46.94
CA LYS A 66 38.84 12.46 -48.13
C LYS A 66 39.32 13.20 -49.37
N LEU A 67 40.63 13.45 -49.46
CA LEU A 67 41.21 14.04 -50.66
C LEU A 67 41.55 12.93 -51.64
N PRO A 68 40.96 12.93 -52.85
CA PRO A 68 41.26 11.83 -53.78
C PRO A 68 42.72 11.78 -54.20
N TYR A 69 43.27 12.90 -54.66
CA TYR A 69 44.66 12.97 -55.08
C TYR A 69 45.30 14.21 -54.46
N ARG A 70 46.53 14.05 -53.98
CA ARG A 70 47.25 15.10 -53.30
C ARG A 70 47.99 15.98 -54.30
N LYS A 71 47.80 17.29 -54.20
CA LYS A 71 48.46 18.25 -55.07
C LYS A 71 48.81 19.49 -54.26
N THR A 72 49.50 20.44 -54.91
CA THR A 72 49.89 21.68 -54.28
C THR A 72 50.01 22.76 -55.35
N ILE A 73 50.16 24.01 -54.89
CA ILE A 73 50.28 25.12 -55.81
C ILE A 73 51.54 25.00 -56.67
N ASP A 74 52.62 24.46 -56.09
CA ASP A 74 53.89 24.39 -56.82
C ASP A 74 53.75 23.65 -58.14
N THR A 75 52.79 22.72 -58.23
CA THR A 75 52.58 21.94 -59.43
C THR A 75 51.59 22.58 -60.40
N PHE A 76 51.08 23.77 -60.07
CA PHE A 76 50.10 24.45 -60.93
C PHE A 76 50.81 25.37 -61.91
N ASP A 77 50.45 25.26 -63.18
CA ASP A 77 51.06 26.05 -64.25
C ASP A 77 50.13 27.23 -64.56
N PHE A 78 50.52 28.41 -64.09
CA PHE A 78 49.75 29.61 -64.39
C PHE A 78 49.87 30.05 -65.84
N THR A 79 50.96 29.65 -66.52
CA THR A 79 51.12 30.03 -67.93
C THR A 79 50.01 29.42 -68.77
N ALA A 80 49.65 28.17 -68.51
CA ALA A 80 48.60 27.52 -69.28
C ALA A 80 47.22 28.05 -68.94
N GLN A 81 47.07 28.75 -67.82
CA GLN A 81 45.79 29.32 -67.38
C GLN A 81 45.99 30.79 -67.04
N PRO A 82 46.18 31.64 -68.05
CA PRO A 82 46.36 33.08 -67.77
C PRO A 82 45.11 33.78 -67.27
N SER A 83 43.95 33.13 -67.32
CA SER A 83 42.71 33.76 -66.91
C SER A 83 42.64 34.00 -65.40
N VAL A 84 43.56 33.43 -64.62
CA VAL A 84 43.59 33.58 -63.17
C VAL A 84 44.90 34.24 -62.79
N ASP A 85 44.82 35.29 -61.98
CA ASP A 85 46.01 36.01 -61.53
C ASP A 85 46.68 35.24 -60.40
N GLU A 86 47.98 34.96 -60.57
CA GLU A 86 48.70 34.20 -59.55
C GLU A 86 48.77 34.97 -58.24
N ARG A 87 48.72 36.31 -58.29
CA ARG A 87 48.80 37.10 -57.07
C ARG A 87 47.65 36.77 -56.13
N ARG A 88 46.44 36.65 -56.67
CA ARG A 88 45.29 36.32 -55.83
C ARG A 88 45.43 34.93 -55.22
N ILE A 89 45.95 33.97 -56.00
CA ILE A 89 46.14 32.62 -55.47
C ILE A 89 47.15 32.64 -54.33
N ARG A 90 48.26 33.37 -54.51
CA ARG A 90 49.25 33.46 -53.46
C ARG A 90 48.66 34.13 -52.21
N GLU A 91 47.85 35.17 -52.40
CA GLU A 91 47.17 35.79 -51.27
C GLU A 91 46.28 34.79 -50.55
N LEU A 92 45.57 33.95 -51.31
CA LEU A 92 44.75 32.90 -50.70
C LEU A 92 45.62 31.96 -49.88
N LEU A 93 46.78 31.59 -50.41
CA LEU A 93 47.65 30.65 -49.70
C LEU A 93 48.08 31.18 -48.33
N THR A 94 48.05 32.49 -48.12
CA THR A 94 48.34 33.04 -46.80
C THR A 94 47.29 32.68 -45.78
N LEU A 95 46.12 32.18 -46.21
CA LEU A 95 45.05 31.77 -45.31
C LEU A 95 44.50 32.93 -44.50
N SER A 96 44.54 34.14 -45.06
CA SER A 96 43.91 35.28 -44.41
C SER A 96 42.40 35.14 -44.41
N PHE A 97 41.85 34.43 -45.39
CA PHE A 97 40.40 34.26 -45.45
C PHE A 97 39.88 33.50 -44.24
N ILE A 98 40.69 32.59 -43.67
CA ILE A 98 40.25 31.84 -42.50
C ILE A 98 39.99 32.79 -41.34
N ASP A 99 40.89 33.75 -41.11
CA ASP A 99 40.64 34.76 -40.10
C ASP A 99 39.51 35.70 -40.52
N ARG A 100 39.39 35.97 -41.82
CA ARG A 100 38.35 36.83 -42.35
C ARG A 100 37.03 36.10 -42.61
N LYS A 101 36.99 34.78 -42.42
CA LYS A 101 35.77 34.00 -42.61
C LYS A 101 35.26 34.10 -44.05
N GLU A 102 36.16 34.25 -45.01
CA GLU A 102 35.80 34.44 -46.41
C GLU A 102 35.87 33.12 -47.16
N ASN A 103 34.84 32.84 -47.95
CA ASN A 103 34.80 31.64 -48.77
C ASN A 103 35.62 31.84 -50.05
N ILE A 104 35.79 30.75 -50.79
CA ILE A 104 36.55 30.77 -52.04
C ILE A 104 35.79 29.95 -53.07
N LEU A 105 35.31 30.61 -54.12
CA LEU A 105 34.52 29.95 -55.17
C LEU A 105 35.33 29.91 -56.46
N PHE A 106 35.45 28.72 -57.04
CA PHE A 106 36.10 28.51 -58.32
C PHE A 106 35.04 28.18 -59.36
N LEU A 107 35.08 28.89 -60.49
CA LEU A 107 34.10 28.73 -61.55
C LEU A 107 34.80 28.68 -62.90
N GLY A 108 34.19 27.95 -63.83
CA GLY A 108 34.70 27.87 -65.18
C GLY A 108 34.46 26.52 -65.83
N PRO A 109 34.94 26.34 -67.05
CA PRO A 109 34.75 25.07 -67.75
C PRO A 109 35.48 23.95 -67.04
N PRO A 110 35.12 22.69 -67.31
CA PRO A 110 35.78 21.58 -66.63
C PRO A 110 37.25 21.47 -67.01
N GLY A 111 38.04 20.94 -66.08
CA GLY A 111 39.43 20.64 -66.35
C GLY A 111 40.34 21.84 -66.48
N ILE A 112 39.98 22.96 -65.85
CA ILE A 112 40.79 24.17 -65.89
C ILE A 112 41.61 24.36 -64.61
N GLY A 113 41.63 23.38 -63.73
CA GLY A 113 42.41 23.45 -62.51
C GLY A 113 41.64 23.85 -61.27
N LYS A 114 40.31 23.95 -61.35
CA LYS A 114 39.53 24.34 -60.17
C LYS A 114 39.76 23.35 -59.04
N THR A 115 39.60 22.06 -59.32
CA THR A 115 39.81 21.04 -58.28
C THR A 115 41.25 21.04 -57.81
N HIS A 116 42.20 21.21 -58.73
CA HIS A 116 43.61 21.24 -58.35
C HIS A 116 43.89 22.39 -57.39
N LEU A 117 43.37 23.58 -57.72
CA LEU A 117 43.58 24.74 -56.84
C LEU A 117 42.90 24.53 -55.49
N ALA A 118 41.69 23.98 -55.48
CA ALA A 118 41.01 23.72 -54.21
C ALA A 118 41.81 22.76 -53.35
N ILE A 119 42.33 21.69 -53.97
CA ILE A 119 43.11 20.72 -53.21
C ILE A 119 44.41 21.34 -52.73
N SER A 120 45.00 22.22 -53.53
CA SER A 120 46.22 22.91 -53.09
C SER A 120 45.94 23.78 -51.87
N ILE A 121 44.84 24.52 -51.89
CA ILE A 121 44.49 25.36 -50.74
C ILE A 121 44.22 24.49 -49.52
N GLY A 122 43.51 23.38 -49.71
CA GLY A 122 43.25 22.48 -48.60
C GLY A 122 44.54 21.92 -48.01
N MET A 123 45.48 21.52 -48.88
CA MET A 123 46.76 21.00 -48.40
C MET A 123 47.53 22.08 -47.65
N GLU A 124 47.52 23.31 -48.15
CA GLU A 124 48.18 24.40 -47.44
C GLU A 124 47.56 24.61 -46.07
N ALA A 125 46.23 24.57 -45.98
CA ALA A 125 45.56 24.71 -44.69
C ALA A 125 45.95 23.57 -43.75
N ILE A 126 46.01 22.35 -44.27
CA ILE A 126 46.38 21.20 -43.44
C ILE A 126 47.80 21.36 -42.91
N ALA A 127 48.71 21.81 -43.77
CA ALA A 127 50.11 21.93 -43.36
C ALA A 127 50.27 22.88 -42.19
N ARG A 128 49.55 24.00 -42.21
CA ARG A 128 49.64 24.99 -41.14
C ARG A 128 48.82 24.62 -39.91
N GLY A 129 48.35 23.38 -39.82
CA GLY A 129 47.65 22.91 -38.64
C GLY A 129 46.16 23.17 -38.60
N TYR A 130 45.58 23.70 -39.68
CA TYR A 130 44.15 23.94 -39.73
C TYR A 130 43.41 22.69 -40.16
N LYS A 131 42.43 22.28 -39.37
CA LYS A 131 41.61 21.12 -39.74
C LYS A 131 40.96 21.34 -41.09
N THR A 132 40.95 20.29 -41.91
CA THR A 132 40.41 20.39 -43.26
C THR A 132 39.58 19.14 -43.56
N TYR A 133 38.64 19.30 -44.48
CA TYR A 133 37.82 18.20 -44.96
C TYR A 133 37.47 18.45 -46.41
N PHE A 134 37.45 17.39 -47.20
CA PHE A 134 37.14 17.46 -48.63
C PHE A 134 36.00 16.51 -48.94
N ILE A 135 35.09 16.93 -49.81
CA ILE A 135 33.98 16.09 -50.22
C ILE A 135 33.34 16.70 -51.47
N THR A 136 32.66 15.88 -52.25
CA THR A 136 31.87 16.37 -53.36
C THR A 136 30.46 16.69 -52.89
N ALA A 137 29.80 17.61 -53.61
CA ALA A 137 28.49 18.07 -53.19
C ALA A 137 27.49 16.92 -53.15
N HIS A 138 27.49 16.07 -54.18
CA HIS A 138 26.56 14.94 -54.21
C HIS A 138 26.81 14.01 -53.04
N ASP A 139 28.08 13.70 -52.75
CA ASP A 139 28.40 12.84 -51.63
C ASP A 139 27.95 13.46 -50.31
N LEU A 140 28.18 14.76 -50.14
CA LEU A 140 27.77 15.43 -48.91
C LEU A 140 26.26 15.35 -48.73
N VAL A 141 25.50 15.63 -49.80
CA VAL A 141 24.06 15.59 -49.72
C VAL A 141 23.57 14.19 -49.39
N ASN A 142 24.14 13.18 -50.05
CA ASN A 142 23.72 11.80 -49.81
C ASN A 142 24.03 11.38 -48.38
N GLN A 143 25.23 11.72 -47.88
CA GLN A 143 25.59 11.36 -46.51
C GLN A 143 24.67 12.04 -45.51
N LEU A 144 24.38 13.32 -45.72
CA LEU A 144 23.47 14.01 -44.80
C LEU A 144 22.07 13.39 -44.83
N ARG A 145 21.58 13.04 -46.02
CA ARG A 145 20.27 12.42 -46.12
C ARG A 145 20.25 11.09 -45.37
N ARG A 146 21.27 10.27 -45.57
CA ARG A 146 21.32 8.97 -44.91
C ARG A 146 21.42 9.12 -43.40
N ALA A 147 22.21 10.10 -42.93
CA ALA A 147 22.31 10.33 -41.49
C ALA A 147 20.98 10.78 -40.91
N ASP A 148 20.26 11.65 -41.63
CA ASP A 148 18.97 12.10 -41.15
C ASP A 148 17.96 10.97 -41.11
N GLN A 149 17.96 10.12 -42.14
CA GLN A 149 17.04 8.98 -42.15
C GLN A 149 17.28 8.04 -40.98
N GLU A 150 18.48 8.05 -40.41
CA GLU A 150 18.79 7.25 -39.23
C GLU A 150 18.59 8.00 -37.93
N GLY A 151 18.08 9.24 -37.99
CA GLY A 151 17.87 10.02 -36.78
C GLY A 151 19.14 10.53 -36.15
N LYS A 152 20.22 10.69 -36.91
CA LYS A 152 21.49 11.18 -36.41
C LYS A 152 22.03 12.29 -37.30
N LEU A 153 21.13 13.18 -37.76
CA LEU A 153 21.55 14.27 -38.62
C LEU A 153 22.49 15.23 -37.90
N GLU A 154 22.27 15.44 -36.60
CA GLU A 154 23.09 16.41 -35.86
C GLU A 154 24.55 15.98 -35.83
N LYS A 155 24.81 14.69 -35.66
CA LYS A 155 26.19 14.22 -35.60
C LYS A 155 26.92 14.48 -36.92
N LYS A 156 26.28 14.14 -38.04
CA LYS A 156 26.90 14.38 -39.33
C LYS A 156 27.02 15.87 -39.62
N LEU A 157 26.07 16.67 -39.13
CA LEU A 157 26.17 18.11 -39.28
C LEU A 157 27.38 18.65 -38.53
N ARG A 158 27.62 18.16 -37.32
CA ARG A 158 28.83 18.53 -36.59
C ARG A 158 30.07 18.08 -37.36
N VAL A 159 30.03 16.88 -37.94
CA VAL A 159 31.16 16.38 -38.71
C VAL A 159 31.46 17.32 -39.86
N PHE A 160 30.43 17.83 -40.53
CA PHE A 160 30.63 18.73 -41.66
C PHE A 160 30.92 20.17 -41.24
N VAL A 161 30.66 20.52 -39.98
CA VAL A 161 30.84 21.90 -39.53
C VAL A 161 32.15 22.04 -38.76
N LYS A 162 32.57 20.97 -38.09
CA LYS A 162 33.78 21.04 -37.29
C LYS A 162 35.02 21.42 -38.09
N PRO A 163 35.25 20.89 -39.29
CA PRO A 163 36.48 21.24 -40.02
C PRO A 163 36.59 22.74 -40.24
N THR A 164 37.83 23.25 -40.11
CA THR A 164 38.06 24.67 -40.31
C THR A 164 37.89 25.05 -41.78
N VAL A 165 38.31 24.18 -42.70
CA VAL A 165 38.22 24.43 -44.13
C VAL A 165 37.50 23.24 -44.75
N LEU A 166 36.30 23.47 -45.29
CA LEU A 166 35.51 22.45 -45.95
C LEU A 166 35.52 22.72 -47.44
N ILE A 167 35.82 21.67 -48.23
CA ILE A 167 35.93 21.78 -49.68
C ILE A 167 34.78 21.00 -50.30
N ILE A 168 33.99 21.70 -51.12
CA ILE A 168 32.87 21.11 -51.84
C ILE A 168 33.24 21.10 -53.32
N ASP A 169 33.53 19.91 -53.84
CA ASP A 169 34.01 19.74 -55.20
C ASP A 169 32.87 19.33 -56.13
N GLU A 170 32.88 19.89 -57.34
CA GLU A 170 31.93 19.53 -58.39
C GLU A 170 30.48 19.74 -57.93
N MET A 171 30.14 21.00 -57.65
CA MET A 171 28.79 21.40 -57.30
C MET A 171 28.11 21.87 -58.58
N GLY A 172 27.34 20.99 -59.20
CA GLY A 172 26.62 21.33 -60.41
C GLY A 172 26.62 20.25 -61.47
N TYR A 173 27.65 19.39 -61.45
CA TYR A 173 27.71 18.32 -62.44
C TYR A 173 26.53 17.38 -62.31
N LEU A 174 26.17 17.02 -61.08
CA LEU A 174 25.03 16.15 -60.81
C LEU A 174 23.96 16.94 -60.07
N LYS A 175 22.74 16.94 -60.63
CA LYS A 175 21.63 17.64 -59.99
C LYS A 175 21.31 16.99 -58.65
N LEU A 176 21.06 17.83 -57.64
CA LEU A 176 20.75 17.34 -56.30
C LEU A 176 19.26 17.02 -56.18
N ASP A 177 18.96 16.04 -55.34
CA ASP A 177 17.57 15.66 -55.11
C ASP A 177 16.84 16.83 -54.45
N PRO A 178 15.73 17.31 -55.00
CA PRO A 178 15.06 18.48 -54.40
C PRO A 178 14.68 18.27 -52.95
N ASN A 179 14.32 17.04 -52.55
CA ASN A 179 13.93 16.78 -51.17
C ASN A 179 15.10 16.83 -50.20
N SER A 180 16.34 16.86 -50.71
CA SER A 180 17.52 16.86 -49.85
C SER A 180 18.40 18.09 -50.01
N ALA A 181 18.11 18.97 -50.97
CA ALA A 181 18.96 20.14 -51.17
C ALA A 181 19.11 20.93 -49.87
N HIS A 182 18.04 21.00 -49.07
CA HIS A 182 18.10 21.78 -47.85
C HIS A 182 19.26 21.34 -46.95
N TYR A 183 19.60 20.05 -46.96
CA TYR A 183 20.73 19.59 -46.16
C TYR A 183 21.96 20.43 -46.47
N LEU A 184 22.28 20.59 -47.75
CA LEU A 184 23.43 21.42 -48.13
C LEU A 184 23.29 22.82 -47.52
N PHE A 185 22.11 23.42 -47.68
CA PHE A 185 21.89 24.74 -47.10
C PHE A 185 22.25 24.77 -45.63
N GLN A 186 21.87 23.71 -44.89
CA GLN A 186 22.17 23.68 -43.46
C GLN A 186 23.66 23.93 -43.22
N VAL A 187 24.51 23.25 -43.98
CA VAL A 187 25.94 23.45 -43.83
C VAL A 187 26.28 24.92 -44.10
N ILE A 188 25.80 25.44 -45.23
CA ILE A 188 26.05 26.84 -45.55
C ILE A 188 25.41 27.73 -44.49
N ALA A 189 24.34 27.26 -43.86
CA ALA A 189 23.71 28.04 -42.81
C ALA A 189 24.51 28.00 -41.51
N ARG A 190 25.23 26.91 -41.27
CA ARG A 190 25.95 26.76 -40.00
C ARG A 190 27.42 27.17 -40.11
N ARG A 191 28.02 27.04 -41.29
CA ARG A 191 29.38 27.51 -41.52
C ARG A 191 29.42 28.99 -41.88
N TYR A 192 28.28 29.65 -42.01
CA TYR A 192 28.24 31.06 -42.36
C TYR A 192 28.84 31.89 -41.23
N GLU A 193 29.81 32.73 -41.58
CA GLU A 193 30.51 33.60 -40.62
C GLU A 193 31.21 32.80 -39.53
N HIS A 194 31.43 31.51 -39.73
CA HIS A 194 32.14 30.68 -38.78
C HIS A 194 33.40 30.06 -39.37
N ALA A 195 33.30 29.45 -40.55
CA ALA A 195 34.45 28.82 -41.19
C ALA A 195 34.35 29.01 -42.69
N PRO A 196 35.49 29.10 -43.39
CA PRO A 196 35.44 29.23 -44.85
C PRO A 196 34.96 27.96 -45.53
N ILE A 197 34.47 28.13 -46.76
CA ILE A 197 34.12 27.03 -47.64
C ILE A 197 34.79 27.26 -48.98
N ILE A 198 35.47 26.24 -49.50
CA ILE A 198 36.10 26.27 -50.81
C ILE A 198 35.24 25.44 -51.75
N LEU A 199 34.47 26.11 -52.60
CA LEU A 199 33.50 25.45 -53.47
C LEU A 199 33.92 25.59 -54.92
N THR A 200 33.97 24.48 -55.64
CA THR A 200 34.30 24.47 -57.06
C THR A 200 33.08 24.04 -57.86
N SER A 201 32.81 24.76 -58.96
CA SER A 201 31.64 24.47 -59.76
C SER A 201 31.90 24.87 -61.20
N ASN A 202 31.12 24.28 -62.11
CA ASN A 202 31.13 24.63 -63.52
C ASN A 202 29.85 25.33 -63.95
N LYS A 203 28.96 25.64 -62.99
CA LYS A 203 27.69 26.29 -63.27
C LYS A 203 27.70 27.71 -62.71
N SER A 204 27.03 28.62 -63.42
CA SER A 204 26.92 29.99 -62.94
C SER A 204 25.96 30.05 -61.75
N PHE A 205 26.05 31.17 -61.01
CA PHE A 205 25.21 31.33 -59.83
C PHE A 205 23.73 31.30 -60.19
N GLY A 206 23.35 31.98 -61.28
CA GLY A 206 21.95 32.04 -61.65
C GLY A 206 21.33 30.68 -61.93
N GLU A 207 22.15 29.67 -62.22
CA GLU A 207 21.66 28.33 -62.49
C GLU A 207 21.61 27.45 -61.25
N TRP A 208 22.05 27.95 -60.09
CA TRP A 208 22.03 27.13 -58.88
C TRP A 208 20.62 26.64 -58.56
N GLY A 209 19.60 27.45 -58.85
CA GLY A 209 18.24 27.00 -58.64
C GLY A 209 17.93 25.71 -59.37
N GLU A 210 18.45 25.59 -60.60
CA GLU A 210 18.29 24.34 -61.34
C GLU A 210 18.99 23.19 -60.62
N ILE A 211 20.18 23.45 -60.07
CA ILE A 211 20.95 22.39 -59.42
C ILE A 211 20.20 21.84 -58.22
N VAL A 212 19.65 22.73 -57.39
CA VAL A 212 18.94 22.32 -56.18
C VAL A 212 17.45 22.17 -56.39
N GLY A 213 16.90 22.66 -57.50
CA GLY A 213 15.48 22.52 -57.76
C GLY A 213 14.60 23.40 -56.91
N ASP A 214 15.12 24.51 -56.38
CA ASP A 214 14.31 25.42 -55.57
C ASP A 214 14.96 26.80 -55.66
N SER A 215 14.28 27.73 -56.33
CA SER A 215 14.86 29.05 -56.57
C SER A 215 15.12 29.79 -55.27
N VAL A 216 14.17 29.76 -54.34
CA VAL A 216 14.31 30.52 -53.09
C VAL A 216 15.46 29.96 -52.26
N LEU A 217 15.53 28.63 -52.12
CA LEU A 217 16.60 28.03 -51.36
C LEU A 217 17.95 28.30 -52.00
N ALA A 218 18.02 28.23 -53.33
CA ALA A 218 19.27 28.53 -54.02
C ALA A 218 19.69 29.98 -53.79
N THR A 219 18.72 30.91 -53.84
CA THR A 219 19.05 32.31 -53.60
C THR A 219 19.56 32.52 -52.19
N ALA A 220 18.93 31.89 -51.20
CA ALA A 220 19.40 32.02 -49.82
C ALA A 220 20.80 31.45 -49.67
N MET A 221 21.05 30.28 -50.26
CA MET A 221 22.37 29.67 -50.19
C MET A 221 23.41 30.59 -50.82
N LEU A 222 23.12 31.16 -51.98
CA LEU A 222 24.06 32.05 -52.63
C LEU A 222 24.31 33.30 -51.80
N ASP A 223 23.25 33.87 -51.21
CA ASP A 223 23.42 35.05 -50.38
C ASP A 223 24.33 34.76 -49.19
N ARG A 224 24.11 33.62 -48.53
CA ARG A 224 24.94 33.28 -47.37
C ARG A 224 26.37 32.96 -47.80
N LEU A 225 26.55 32.33 -48.96
CA LEU A 225 27.88 31.91 -49.39
C LEU A 225 28.71 33.09 -49.87
N LEU A 226 28.09 34.03 -50.58
CA LEU A 226 28.82 35.12 -51.22
C LEU A 226 28.98 36.34 -50.31
N HIS A 227 28.42 36.32 -49.10
CA HIS A 227 28.55 37.48 -48.22
C HIS A 227 30.02 37.76 -47.93
N HIS A 228 30.79 36.72 -47.61
CA HIS A 228 32.23 36.80 -47.36
C HIS A 228 32.87 35.72 -48.23
N SER A 229 33.28 36.10 -49.44
CA SER A 229 33.84 35.13 -50.37
C SER A 229 34.74 35.85 -51.37
N ILE A 230 35.60 35.05 -52.02
CA ILE A 230 36.44 35.52 -53.11
C ILE A 230 36.11 34.64 -54.32
N ILE A 231 35.69 35.28 -55.41
CA ILE A 231 35.15 34.59 -56.58
C ILE A 231 36.19 34.67 -57.70
N PHE A 232 36.52 33.51 -58.26
CA PHE A 232 37.44 33.41 -59.39
C PHE A 232 36.70 32.83 -60.58
N ASN A 233 36.72 33.56 -61.70
CA ASN A 233 36.10 33.11 -62.94
C ASN A 233 37.23 32.65 -63.86
N LEU A 234 37.56 31.37 -63.78
CA LEU A 234 38.64 30.81 -64.58
C LEU A 234 38.16 30.49 -65.99
N LYS A 235 39.06 30.67 -66.96
CA LYS A 235 38.77 30.42 -68.36
C LYS A 235 39.96 29.70 -68.99
N GLY A 236 39.82 29.33 -70.25
CA GLY A 236 40.88 28.67 -71.00
C GLY A 236 40.46 27.26 -71.39
N GLU A 237 41.35 26.63 -72.16
CA GLU A 237 41.12 25.28 -72.64
C GLU A 237 41.29 24.27 -71.50
N SER A 238 40.63 23.12 -71.66
CA SER A 238 40.73 22.07 -70.66
C SER A 238 42.15 21.55 -70.58
N TYR A 239 42.65 21.37 -69.35
CA TYR A 239 44.00 20.86 -69.16
C TYR A 239 44.10 19.39 -69.55
N ARG A 240 43.03 18.61 -69.31
CA ARG A 240 43.04 17.21 -69.74
C ARG A 240 43.16 17.11 -71.25
N LEU A 241 42.42 17.93 -71.98
CA LEU A 241 42.54 17.94 -73.43
C LEU A 241 43.91 18.42 -73.88
N ARG A 242 44.50 19.38 -73.16
CA ARG A 242 45.85 19.83 -73.47
C ARG A 242 46.84 18.67 -73.34
N GLU A 243 46.74 17.92 -72.25
CA GLU A 243 47.62 16.76 -72.08
C GLU A 243 47.37 15.71 -73.15
N LYS A 244 46.10 15.51 -73.53
CA LYS A 244 45.78 14.55 -74.57
C LYS A 244 46.43 14.94 -75.90
N ARG A 245 46.33 16.23 -76.25
CA ARG A 245 46.96 16.69 -77.48
C ARG A 245 48.48 16.57 -77.41
N LEU A 246 49.07 16.90 -76.27
CA LEU A 246 50.52 16.77 -76.12
C LEU A 246 50.96 15.33 -76.29
N GLN A 247 50.24 14.39 -75.70
CA GLN A 247 50.57 12.97 -75.87
C GLN A 247 50.40 12.55 -77.32
N GLU A 248 49.30 12.97 -77.96
CA GLU A 248 49.09 12.63 -79.37
C GLU A 248 50.18 13.25 -80.25
N GLU A 249 50.53 14.50 -79.99
CA GLU A 249 51.55 15.18 -80.77
C GLU A 249 52.94 14.83 -80.26
N MET B 4 65.62 28.64 -26.38
CA MET B 4 65.67 27.17 -26.68
C MET B 4 65.01 26.38 -25.56
N LYS B 5 65.21 26.83 -24.32
CA LYS B 5 64.60 26.15 -23.18
C LYS B 5 63.09 26.22 -23.25
N GLU B 6 62.55 27.35 -23.71
CA GLU B 6 61.09 27.44 -23.90
C GLU B 6 60.61 26.40 -24.91
N ARG B 7 61.39 26.18 -25.97
CA ARG B 7 61.03 25.13 -26.92
C ARG B 7 61.04 23.77 -26.26
N ILE B 8 62.02 23.52 -25.37
CA ILE B 8 62.06 22.25 -24.65
C ILE B 8 60.80 22.08 -23.80
N HIS B 9 60.40 23.15 -23.10
CA HIS B 9 59.21 23.08 -22.27
C HIS B 9 57.97 22.80 -23.12
N GLU B 10 57.85 23.49 -24.26
CA GLU B 10 56.71 23.28 -25.13
C GLU B 10 56.67 21.85 -25.66
N TYR B 11 57.84 21.33 -26.07
CA TYR B 11 57.88 19.96 -26.58
C TYR B 11 57.51 18.96 -25.50
N CYS B 12 58.01 19.16 -24.28
CA CYS B 12 57.67 18.26 -23.19
C CYS B 12 56.17 18.29 -22.91
N HIS B 13 55.57 19.48 -22.92
CA HIS B 13 54.13 19.57 -22.69
C HIS B 13 53.35 18.91 -23.83
N ARG B 14 53.82 19.06 -25.06
CA ARG B 14 53.13 18.46 -26.20
C ARG B 14 53.16 16.94 -26.15
N LEU B 15 54.28 16.36 -25.70
CA LEU B 15 54.39 14.91 -25.57
C LEU B 15 53.68 14.37 -24.34
N HIS B 16 52.96 15.21 -23.61
CA HIS B 16 52.22 14.79 -22.42
C HIS B 16 53.16 14.28 -21.34
N LEU B 17 54.13 15.12 -20.98
CA LEU B 17 55.10 14.84 -19.92
C LEU B 17 55.20 16.04 -19.01
N PRO B 18 54.12 16.38 -18.29
CA PRO B 18 54.17 17.57 -17.42
C PRO B 18 55.28 17.51 -16.38
N VAL B 19 55.51 16.34 -15.79
CA VAL B 19 56.52 16.23 -14.73
C VAL B 19 57.91 16.43 -15.31
N MET B 20 58.15 15.90 -16.51
CA MET B 20 59.45 16.10 -17.15
C MET B 20 59.73 17.58 -17.36
N ALA B 21 58.73 18.33 -17.84
CA ALA B 21 58.91 19.76 -18.02
C ALA B 21 59.11 20.47 -16.69
N GLU B 22 58.34 20.09 -15.67
CA GLU B 22 58.47 20.75 -14.37
C GLU B 22 59.85 20.52 -13.76
N ARG B 23 60.37 19.29 -13.86
CA ARG B 23 61.66 18.94 -13.28
C ARG B 23 62.79 19.05 -14.29
N TRP B 24 62.54 19.62 -15.47
CA TRP B 24 63.59 19.72 -16.47
C TRP B 24 64.76 20.56 -15.95
N SER B 25 64.46 21.69 -15.31
CA SER B 25 65.52 22.56 -14.82
C SER B 25 66.35 21.87 -13.74
N ALA B 26 65.68 21.18 -12.81
CA ALA B 26 66.40 20.51 -11.74
C ALA B 26 67.33 19.43 -12.28
N MET B 27 66.83 18.60 -13.20
CA MET B 27 67.65 17.54 -13.76
C MET B 27 68.80 18.11 -14.59
N ALA B 28 68.55 19.20 -15.32
CA ALA B 28 69.62 19.84 -16.08
C ALA B 28 70.70 20.38 -15.15
N GLU B 29 70.29 21.00 -14.05
CA GLU B 29 71.26 21.50 -13.07
C GLU B 29 72.06 20.35 -12.47
N TYR B 30 71.39 19.25 -12.13
CA TYR B 30 72.10 18.09 -11.58
C TYR B 30 73.10 17.54 -12.59
N ALA B 31 72.70 17.43 -13.86
CA ALA B 31 73.61 16.92 -14.88
C ALA B 31 74.81 17.84 -15.06
N SER B 32 74.58 19.15 -15.06
CA SER B 32 75.69 20.08 -15.21
C SER B 32 76.65 19.99 -14.02
N THR B 33 76.11 20.08 -12.80
CA THR B 33 76.96 19.98 -11.62
C THR B 33 77.60 18.61 -11.50
N HIS B 34 76.83 17.55 -11.74
CA HIS B 34 77.31 16.17 -11.65
C HIS B 34 77.13 15.51 -13.00
N ASN B 35 78.23 15.04 -13.59
CA ASN B 35 78.22 14.39 -14.89
C ASN B 35 78.35 12.88 -14.69
N ILE B 36 77.40 12.13 -15.25
CA ILE B 36 77.46 10.68 -15.20
C ILE B 36 77.45 10.13 -16.61
N SER B 37 76.36 10.37 -17.34
CA SER B 37 76.25 9.94 -18.73
C SER B 37 74.93 10.44 -19.32
N TYR B 38 74.89 10.63 -20.65
CA TYR B 38 73.63 10.98 -21.30
C TYR B 38 72.63 9.83 -21.17
N SER B 39 73.08 8.60 -21.41
CA SER B 39 72.20 7.45 -21.32
C SER B 39 71.66 7.29 -19.90
N GLU B 40 72.54 7.41 -18.90
CA GLU B 40 72.09 7.26 -17.52
C GLU B 40 71.21 8.43 -17.09
N PHE B 41 71.51 9.64 -17.58
CA PHE B 41 70.65 10.78 -17.27
C PHE B 41 69.24 10.56 -17.80
N LEU B 42 69.13 10.12 -19.06
CA LEU B 42 67.82 9.81 -19.62
C LEU B 42 67.16 8.65 -18.89
N PHE B 43 67.95 7.66 -18.45
CA PHE B 43 67.40 6.55 -17.68
C PHE B 43 66.76 7.05 -16.39
N ARG B 44 67.47 7.92 -15.67
CA ARG B 44 66.93 8.46 -14.43
C ARG B 44 65.67 9.29 -14.69
N LEU B 45 65.70 10.13 -15.72
CA LEU B 45 64.54 10.95 -16.03
C LEU B 45 63.33 10.09 -16.36
N LEU B 46 63.53 9.07 -17.20
CA LEU B 46 62.42 8.21 -17.59
C LEU B 46 61.94 7.36 -16.43
N GLU B 47 62.84 6.93 -15.55
CA GLU B 47 62.42 6.19 -14.36
C GLU B 47 61.54 7.06 -13.47
N ALA B 48 61.94 8.32 -13.26
CA ALA B 48 61.11 9.22 -12.46
C ALA B 48 59.76 9.45 -13.12
N GLU B 49 59.74 9.64 -14.43
CA GLU B 49 58.48 9.84 -15.14
C GLU B 49 57.58 8.61 -15.02
N ILE B 50 58.17 7.42 -15.15
CA ILE B 50 57.40 6.19 -15.03
C ILE B 50 56.85 6.03 -13.62
N VAL B 51 57.65 6.38 -12.61
CA VAL B 51 57.17 6.28 -11.24
C VAL B 51 55.98 7.22 -11.03
N GLU B 52 56.08 8.45 -11.53
CA GLU B 52 54.97 9.38 -11.37
C GLU B 52 53.73 8.91 -12.11
N LYS B 53 53.91 8.39 -13.32
CA LYS B 53 52.77 7.88 -14.08
C LYS B 53 52.12 6.70 -13.37
N GLN B 54 52.93 5.81 -12.81
CA GLN B 54 52.39 4.68 -12.06
C GLN B 54 51.62 5.14 -10.84
N ALA B 55 52.15 6.15 -10.13
CA ALA B 55 51.44 6.68 -8.97
C ALA B 55 50.10 7.27 -9.38
N ARG B 56 50.07 8.02 -10.48
CA ARG B 56 48.81 8.61 -10.94
C ARG B 56 47.83 7.51 -11.35
N SER B 57 48.32 6.47 -12.03
CA SER B 57 47.44 5.38 -12.44
C SER B 57 46.88 4.65 -11.23
N ILE B 58 47.70 4.43 -10.19
CA ILE B 58 47.21 3.79 -8.98
C ILE B 58 46.17 4.65 -8.30
N GLN B 59 46.38 5.97 -8.27
CA GLN B 59 45.39 6.87 -7.70
C GLN B 59 44.08 6.79 -8.47
N THR B 60 44.15 6.76 -9.80
CA THR B 60 42.93 6.65 -10.60
C THR B 60 42.22 5.33 -10.34
N LEU B 61 42.97 4.23 -10.26
CA LEU B 61 42.36 2.94 -9.99
C LEU B 61 41.69 2.92 -8.63
N ILE B 62 42.34 3.51 -7.61
CA ILE B 62 41.71 3.60 -6.30
C ILE B 62 40.44 4.43 -6.36
N LYS B 63 40.46 5.52 -7.13
CA LYS B 63 39.26 6.30 -7.35
C LYS B 63 38.16 5.43 -7.95
N LEU B 64 38.52 4.54 -8.87
CA LEU B 64 37.57 3.62 -9.49
C LEU B 64 37.45 2.30 -8.76
N SER B 65 38.23 2.09 -7.69
CA SER B 65 38.19 0.85 -6.93
C SER B 65 37.24 0.90 -5.74
N LYS B 66 36.80 2.10 -5.34
CA LYS B 66 35.86 2.26 -4.24
C LYS B 66 36.38 1.60 -2.96
N LEU B 67 37.57 2.02 -2.55
CA LEU B 67 38.16 1.58 -1.29
C LEU B 67 37.96 2.67 -0.25
N PRO B 68 37.15 2.45 0.80
CA PRO B 68 36.88 3.55 1.75
C PRO B 68 38.12 4.04 2.47
N TYR B 69 38.82 3.12 3.14
CA TYR B 69 40.04 3.46 3.88
C TYR B 69 41.15 2.52 3.48
N ARG B 70 42.35 3.05 3.34
CA ARG B 70 43.50 2.31 2.83
C ARG B 70 44.29 1.72 4.00
N LYS B 71 44.40 0.40 4.02
CA LYS B 71 45.18 -0.32 5.02
C LYS B 71 46.14 -1.27 4.32
N THR B 72 47.12 -1.76 5.09
CA THR B 72 48.13 -2.65 4.54
C THR B 72 48.51 -3.67 5.60
N ILE B 73 49.15 -4.75 5.15
CA ILE B 73 49.58 -5.81 6.04
C ILE B 73 50.67 -5.32 6.99
N ASP B 74 51.39 -4.27 6.63
CA ASP B 74 52.48 -3.78 7.49
C ASP B 74 51.94 -3.31 8.83
N THR B 75 50.80 -2.63 8.83
CA THR B 75 50.19 -2.13 10.06
C THR B 75 49.40 -3.18 10.81
N PHE B 76 49.27 -4.39 10.26
CA PHE B 76 48.52 -5.45 10.90
C PHE B 76 49.39 -6.08 11.99
N ASP B 77 48.85 -6.18 13.20
CA ASP B 77 49.57 -6.74 14.35
C ASP B 77 49.04 -8.16 14.58
N PHE B 78 49.77 -9.15 14.07
CA PHE B 78 49.37 -10.54 14.28
C PHE B 78 49.49 -10.96 15.73
N THR B 79 50.27 -10.23 16.54
CA THR B 79 50.36 -10.55 17.96
C THR B 79 49.00 -10.38 18.64
N ALA B 80 48.27 -9.33 18.27
CA ALA B 80 46.92 -9.12 18.80
C ALA B 80 45.90 -10.05 18.19
N GLN B 81 46.21 -10.69 17.06
CA GLN B 81 45.32 -11.62 16.39
C GLN B 81 46.08 -12.91 16.09
N PRO B 82 46.45 -13.65 17.14
CA PRO B 82 47.20 -14.91 16.92
C PRO B 82 46.35 -16.03 16.32
N SER B 83 45.03 -15.86 16.25
CA SER B 83 44.17 -16.90 15.73
C SER B 83 44.37 -17.16 14.24
N VAL B 84 45.06 -16.27 13.53
CA VAL B 84 45.35 -16.41 12.11
C VAL B 84 46.85 -16.47 11.93
N ASP B 85 47.33 -17.49 11.21
CA ASP B 85 48.75 -17.67 10.98
C ASP B 85 49.23 -16.65 9.96
N GLU B 86 50.24 -15.86 10.33
CA GLU B 86 50.76 -14.85 9.42
C GLU B 86 51.29 -15.47 8.13
N ARG B 87 51.75 -16.72 8.21
CA ARG B 87 52.27 -17.38 7.00
C ARG B 87 51.20 -17.47 5.93
N ARG B 88 49.96 -17.81 6.31
CA ARG B 88 48.88 -17.89 5.33
C ARG B 88 48.60 -16.54 4.70
N ILE B 89 48.63 -15.47 5.51
CA ILE B 89 48.40 -14.13 4.97
C ILE B 89 49.50 -13.76 3.98
N ARG B 90 50.75 -14.06 4.33
CA ARG B 90 51.85 -13.78 3.40
C ARG B 90 51.69 -14.57 2.12
N GLU B 91 51.28 -15.83 2.22
CA GLU B 91 51.01 -16.61 1.02
C GLU B 91 49.93 -15.96 0.18
N LEU B 92 48.88 -15.43 0.82
CA LEU B 92 47.84 -14.72 0.08
C LEU B 92 48.43 -13.49 -0.61
N LEU B 93 49.36 -12.80 0.04
CA LEU B 93 49.95 -11.60 -0.54
C LEU B 93 50.62 -11.88 -1.88
N THR B 94 51.07 -13.12 -2.12
CA THR B 94 51.67 -13.46 -3.40
C THR B 94 50.66 -13.40 -4.54
N LEU B 95 49.37 -13.37 -4.24
CA LEU B 95 48.31 -13.27 -5.24
C LEU B 95 48.24 -14.51 -6.12
N SER B 96 48.69 -15.66 -5.62
CA SER B 96 48.57 -16.90 -6.37
C SER B 96 47.12 -17.27 -6.61
N PHE B 97 46.22 -16.86 -5.70
CA PHE B 97 44.81 -17.19 -5.85
C PHE B 97 44.23 -16.59 -7.13
N ILE B 98 44.80 -15.50 -7.61
CA ILE B 98 44.29 -14.88 -8.84
C ILE B 98 44.43 -15.84 -10.01
N ASP B 99 45.61 -16.45 -10.14
CA ASP B 99 45.82 -17.43 -11.20
C ASP B 99 45.14 -18.76 -10.89
N ARG B 100 45.03 -19.11 -9.61
CA ARG B 100 44.40 -20.37 -9.21
C ARG B 100 42.88 -20.28 -9.17
N LYS B 101 42.30 -19.10 -9.39
CA LYS B 101 40.85 -18.94 -9.38
C LYS B 101 40.25 -19.32 -8.02
N GLU B 102 40.97 -19.00 -6.95
CA GLU B 102 40.56 -19.36 -5.60
C GLU B 102 40.04 -18.13 -4.87
N ASN B 103 38.86 -18.26 -4.28
CA ASN B 103 38.30 -17.19 -3.46
C ASN B 103 38.91 -17.21 -2.06
N ILE B 104 38.69 -16.11 -1.33
CA ILE B 104 39.20 -15.98 0.04
C ILE B 104 38.03 -15.56 0.92
N LEU B 105 37.68 -16.41 1.88
CA LEU B 105 36.56 -16.16 2.78
C LEU B 105 37.11 -15.96 4.19
N PHE B 106 36.75 -14.83 4.81
CA PHE B 106 37.11 -14.52 6.17
C PHE B 106 35.88 -14.63 7.05
N LEU B 107 36.01 -15.35 8.18
CA LEU B 107 34.91 -15.55 9.11
C LEU B 107 35.41 -15.39 10.53
N GLY B 108 34.54 -14.87 11.39
CA GLY B 108 34.87 -14.71 12.79
C GLY B 108 34.05 -13.62 13.47
N PRO B 109 34.34 -13.37 14.75
CA PRO B 109 33.61 -12.33 15.47
C PRO B 109 33.90 -10.94 14.90
N PRO B 110 33.02 -9.96 15.14
CA PRO B 110 33.26 -8.63 14.58
C PRO B 110 34.52 -7.98 15.13
N GLY B 111 35.12 -7.14 14.31
CA GLY B 111 36.27 -6.35 14.73
C GLY B 111 37.52 -7.13 15.05
N ILE B 112 37.84 -8.14 14.23
CA ILE B 112 39.02 -8.97 14.43
C ILE B 112 40.04 -8.81 13.31
N GLY B 113 39.79 -7.92 12.35
CA GLY B 113 40.72 -7.69 11.26
C GLY B 113 40.34 -8.30 9.93
N LYS B 114 39.13 -8.87 9.81
CA LYS B 114 38.73 -9.49 8.55
C LYS B 114 38.71 -8.46 7.42
N THR B 115 38.03 -7.34 7.64
CA THR B 115 37.98 -6.30 6.61
C THR B 115 39.36 -5.70 6.39
N HIS B 116 40.12 -5.56 7.49
CA HIS B 116 41.48 -5.05 7.35
C HIS B 116 42.30 -5.94 6.43
N LEU B 117 42.25 -7.29 6.57
CA LEU B 117 42.98 -8.21 5.69
C LEU B 117 42.43 -8.18 4.27
N ALA B 118 41.11 -8.09 4.11
CA ALA B 118 40.54 -8.03 2.78
C ALA B 118 41.01 -6.79 2.03
N ILE B 119 41.01 -5.64 2.70
CA ILE B 119 41.47 -4.41 2.06
C ILE B 119 42.97 -4.46 1.82
N SER B 120 43.73 -5.12 2.70
CA SER B 120 45.16 -5.29 2.45
C SER B 120 45.39 -6.10 1.17
N ILE B 121 44.65 -7.19 1.00
CA ILE B 121 44.78 -7.99 -0.22
C ILE B 121 44.37 -7.17 -1.44
N GLY B 122 43.27 -6.41 -1.32
CA GLY B 122 42.85 -5.59 -2.44
C GLY B 122 43.90 -4.55 -2.82
N MET B 123 44.49 -3.89 -1.83
CA MET B 123 45.53 -2.91 -2.10
C MET B 123 46.76 -3.54 -2.73
N GLU B 124 47.15 -4.73 -2.23
CA GLU B 124 48.28 -5.43 -2.81
C GLU B 124 48.01 -5.77 -4.28
N ALA B 125 46.79 -6.25 -4.58
CA ALA B 125 46.44 -6.53 -5.97
C ALA B 125 46.47 -5.27 -6.81
N ILE B 126 45.95 -4.16 -6.28
CA ILE B 126 45.96 -2.90 -7.03
C ILE B 126 47.38 -2.47 -7.33
N ALA B 127 48.31 -2.69 -6.38
CA ALA B 127 49.69 -2.28 -6.58
C ALA B 127 50.30 -2.98 -7.79
N ARG B 128 50.02 -4.27 -7.96
CA ARG B 128 50.57 -5.06 -9.04
C ARG B 128 49.72 -5.01 -10.31
N GLY B 129 48.91 -3.96 -10.47
CA GLY B 129 48.20 -3.73 -11.71
C GLY B 129 46.90 -4.50 -11.87
N TYR B 130 46.44 -5.19 -10.83
CA TYR B 130 45.19 -5.92 -10.91
C TYR B 130 44.01 -4.99 -10.63
N LYS B 131 42.96 -5.10 -11.45
CA LYS B 131 41.75 -4.34 -11.20
C LYS B 131 41.07 -4.87 -9.94
N THR B 132 40.66 -3.96 -9.06
CA THR B 132 40.03 -4.31 -7.79
C THR B 132 38.81 -3.44 -7.56
N TYR B 133 37.80 -4.02 -6.92
CA TYR B 133 36.57 -3.31 -6.58
C TYR B 133 36.06 -3.80 -5.24
N PHE B 134 35.83 -2.87 -4.32
CA PHE B 134 35.38 -3.17 -2.97
C PHE B 134 33.95 -2.67 -2.79
N ILE B 135 33.11 -3.45 -2.11
CA ILE B 135 31.72 -3.07 -1.89
C ILE B 135 31.16 -3.91 -0.75
N THR B 136 30.09 -3.43 -0.14
CA THR B 136 29.35 -4.20 0.85
C THR B 136 28.23 -4.99 0.17
N ALA B 137 27.86 -6.11 0.79
CA ALA B 137 26.86 -6.99 0.19
C ALA B 137 25.53 -6.27 0.03
N HIS B 138 25.10 -5.53 1.06
CA HIS B 138 23.82 -4.84 0.98
C HIS B 138 23.82 -3.80 -0.13
N ASP B 139 24.89 -3.02 -0.23
CA ASP B 139 24.98 -2.02 -1.29
C ASP B 139 25.00 -2.67 -2.67
N LEU B 140 25.74 -3.77 -2.81
CA LEU B 140 25.77 -4.49 -4.08
C LEU B 140 24.38 -4.96 -4.47
N VAL B 141 23.66 -5.55 -3.52
CA VAL B 141 22.32 -6.04 -3.82
C VAL B 141 21.40 -4.89 -4.19
N ASN B 142 21.47 -3.78 -3.46
CA ASN B 142 20.63 -2.63 -3.76
C ASN B 142 20.90 -2.09 -5.15
N GLN B 143 22.18 -1.95 -5.50
CA GLN B 143 22.54 -1.44 -6.82
C GLN B 143 22.08 -2.37 -7.93
N LEU B 144 22.25 -3.69 -7.74
CA LEU B 144 21.78 -4.64 -8.74
C LEU B 144 20.27 -4.59 -8.90
N ARG B 145 19.55 -4.49 -7.78
CA ARG B 145 18.09 -4.39 -7.86
C ARG B 145 17.67 -3.13 -8.60
N ARG B 146 18.30 -2.00 -8.30
CA ARG B 146 17.96 -0.76 -8.97
C ARG B 146 18.27 -0.83 -10.47
N ALA B 147 19.41 -1.43 -10.83
CA ALA B 147 19.76 -1.58 -12.23
C ALA B 147 18.74 -2.45 -12.95
N ASP B 148 18.32 -3.56 -12.31
CA ASP B 148 17.31 -4.41 -12.92
C ASP B 148 15.99 -3.68 -13.10
N GLN B 149 15.59 -2.89 -12.10
CA GLN B 149 14.37 -2.11 -12.21
C GLN B 149 14.44 -1.09 -13.34
N GLU B 150 15.65 -0.67 -13.74
CA GLU B 150 15.84 0.26 -14.83
C GLU B 150 16.09 -0.44 -16.16
N GLY B 151 16.04 -1.77 -16.20
CA GLY B 151 16.26 -2.49 -17.42
C GLY B 151 17.69 -2.50 -17.91
N LYS B 152 18.66 -2.29 -17.01
CA LYS B 152 20.07 -2.29 -17.36
C LYS B 152 20.88 -3.04 -16.32
N LEU B 153 20.37 -4.20 -15.89
CA LEU B 153 21.08 -4.99 -14.90
C LEU B 153 22.44 -5.45 -15.41
N GLU B 154 22.50 -5.87 -16.68
CA GLU B 154 23.72 -6.47 -17.20
C GLU B 154 24.89 -5.49 -17.18
N LYS B 155 24.63 -4.20 -17.32
CA LYS B 155 25.73 -3.22 -17.27
C LYS B 155 26.39 -3.24 -15.90
N LYS B 156 25.60 -3.15 -14.83
CA LYS B 156 26.16 -3.21 -13.49
C LYS B 156 26.75 -4.58 -13.19
N LEU B 157 26.19 -5.64 -13.78
CA LEU B 157 26.75 -6.97 -13.61
C LEU B 157 28.16 -7.04 -14.19
N ARG B 158 28.34 -6.47 -15.39
CA ARG B 158 29.68 -6.40 -15.97
C ARG B 158 30.59 -5.53 -15.11
N VAL B 159 30.08 -4.42 -14.59
CA VAL B 159 30.88 -3.57 -13.72
C VAL B 159 31.37 -4.35 -12.51
N PHE B 160 30.53 -5.23 -11.97
CA PHE B 160 30.94 -6.07 -10.84
C PHE B 160 31.79 -7.26 -11.29
N VAL B 161 31.79 -7.60 -12.57
CA VAL B 161 32.50 -8.78 -13.07
C VAL B 161 33.83 -8.38 -13.67
N LYS B 162 33.90 -7.16 -14.22
CA LYS B 162 35.14 -6.71 -14.86
C LYS B 162 36.32 -6.69 -13.90
N PRO B 163 36.20 -6.15 -12.68
CA PRO B 163 37.36 -6.11 -11.79
C PRO B 163 37.90 -7.50 -11.49
N THR B 164 39.23 -7.61 -11.43
CA THR B 164 39.86 -8.90 -11.18
C THR B 164 39.56 -9.40 -9.77
N VAL B 165 39.66 -8.53 -8.78
CA VAL B 165 39.46 -8.89 -7.38
C VAL B 165 38.27 -8.10 -6.86
N LEU B 166 37.19 -8.81 -6.54
CA LEU B 166 35.98 -8.21 -6.01
C LEU B 166 35.89 -8.55 -4.52
N ILE B 167 35.79 -7.52 -3.68
CA ILE B 167 35.73 -7.68 -2.24
C ILE B 167 34.31 -7.36 -1.80
N ILE B 168 33.69 -8.31 -1.09
CA ILE B 168 32.33 -8.17 -0.58
C ILE B 168 32.40 -8.21 0.94
N ASP B 169 31.99 -7.11 1.58
CA ASP B 169 32.08 -6.96 3.01
C ASP B 169 30.69 -6.86 3.63
N GLU B 170 30.63 -7.19 4.92
CA GLU B 170 29.39 -7.11 5.70
C GLU B 170 28.29 -7.99 5.09
N MET B 171 28.58 -9.28 5.07
CA MET B 171 27.61 -10.30 4.62
C MET B 171 27.24 -11.13 5.83
N GLY B 172 26.12 -10.78 6.46
CA GLY B 172 25.66 -11.49 7.64
C GLY B 172 25.13 -10.56 8.72
N TYR B 173 25.68 -9.35 8.79
CA TYR B 173 25.17 -8.36 9.74
C TYR B 173 23.78 -7.87 9.33
N LEU B 174 23.52 -7.78 8.03
CA LEU B 174 22.21 -7.40 7.51
C LEU B 174 21.67 -8.54 6.66
N LYS B 175 20.46 -8.98 6.95
CA LYS B 175 19.81 -9.99 6.13
C LYS B 175 19.45 -9.42 4.77
N LEU B 176 19.77 -10.16 3.71
CA LEU B 176 19.50 -9.70 2.36
C LEU B 176 18.05 -9.98 1.99
N ASP B 177 17.48 -9.10 1.17
CA ASP B 177 16.10 -9.25 0.75
C ASP B 177 15.95 -10.56 -0.02
N PRO B 178 15.01 -11.43 0.36
CA PRO B 178 14.84 -12.68 -0.42
C PRO B 178 14.55 -12.44 -1.88
N ASN B 179 13.82 -11.38 -2.21
CA ASN B 179 13.54 -11.05 -3.60
C ASN B 179 14.77 -10.53 -4.33
N SER B 180 15.85 -10.20 -3.61
CA SER B 180 17.05 -9.64 -4.21
C SER B 180 18.31 -10.45 -3.94
N ALA B 181 18.29 -11.35 -2.96
CA ALA B 181 19.50 -12.13 -2.67
C ALA B 181 20.00 -12.86 -3.90
N HIS B 182 19.09 -13.29 -4.78
CA HIS B 182 19.50 -14.00 -5.99
C HIS B 182 20.51 -13.18 -6.80
N TYR B 183 20.36 -11.85 -6.81
CA TYR B 183 21.32 -11.01 -7.50
C TYR B 183 22.74 -11.36 -7.07
N LEU B 184 22.98 -11.41 -5.77
CA LEU B 184 24.30 -11.78 -5.27
C LEU B 184 24.73 -13.12 -5.86
N PHE B 185 23.83 -14.11 -5.82
CA PHE B 185 24.14 -15.42 -6.40
C PHE B 185 24.63 -15.26 -7.84
N GLN B 186 23.95 -14.43 -8.63
CA GLN B 186 24.35 -14.23 -10.01
C GLN B 186 25.83 -13.86 -10.09
N VAL B 187 26.25 -12.90 -9.26
CA VAL B 187 27.66 -12.51 -9.24
C VAL B 187 28.52 -13.72 -8.91
N ILE B 188 28.16 -14.44 -7.83
CA ILE B 188 28.92 -15.63 -7.47
C ILE B 188 28.89 -16.64 -8.61
N ALA B 189 27.81 -16.65 -9.39
CA ALA B 189 27.75 -17.53 -10.54
C ALA B 189 28.62 -17.01 -11.67
N ARG B 190 28.63 -15.69 -11.90
CA ARG B 190 29.35 -15.14 -13.02
C ARG B 190 30.85 -15.09 -12.77
N ARG B 191 31.27 -14.90 -11.53
CA ARG B 191 32.68 -14.94 -11.18
C ARG B 191 33.14 -16.33 -10.75
N TYR B 192 32.28 -17.34 -10.85
CA TYR B 192 32.65 -18.70 -10.49
C TYR B 192 33.78 -19.19 -11.37
N GLU B 193 34.97 -19.36 -10.78
CA GLU B 193 36.17 -19.81 -11.50
C GLU B 193 36.53 -18.86 -12.65
N HIS B 194 36.03 -17.63 -12.61
CA HIS B 194 36.40 -16.58 -13.55
C HIS B 194 37.30 -15.52 -12.93
N ALA B 195 36.96 -15.06 -11.72
CA ALA B 195 37.75 -14.08 -11.01
C ALA B 195 37.56 -14.30 -9.52
N PRO B 196 38.60 -14.17 -8.71
CA PRO B 196 38.45 -14.44 -7.27
C PRO B 196 37.54 -13.44 -6.59
N ILE B 197 36.94 -13.89 -5.49
CA ILE B 197 36.12 -13.05 -4.62
C ILE B 197 36.68 -13.13 -3.21
N ILE B 198 36.83 -11.98 -2.57
CA ILE B 198 37.26 -11.90 -1.18
C ILE B 198 36.05 -11.48 -0.35
N LEU B 199 35.47 -12.40 0.39
CA LEU B 199 34.23 -12.18 1.12
C LEU B 199 34.51 -12.23 2.61
N THR B 200 34.14 -11.15 3.31
CA THR B 200 34.29 -11.08 4.76
C THR B 200 32.92 -11.16 5.41
N SER B 201 32.80 -12.02 6.43
CA SER B 201 31.51 -12.25 7.07
C SER B 201 31.73 -12.73 8.49
N ASN B 202 30.63 -12.81 9.25
CA ASN B 202 30.65 -13.32 10.61
C ASN B 202 29.80 -14.56 10.80
N LYS B 203 28.91 -14.87 9.86
CA LYS B 203 28.01 -16.01 9.97
C LYS B 203 28.67 -17.25 9.40
N SER B 204 28.43 -18.39 10.05
CA SER B 204 28.90 -19.66 9.52
C SER B 204 28.13 -20.01 8.25
N PHE B 205 28.72 -20.90 7.45
CA PHE B 205 28.13 -21.22 6.16
C PHE B 205 26.71 -21.76 6.31
N GLY B 206 26.51 -22.68 7.26
CA GLY B 206 25.20 -23.29 7.42
C GLY B 206 24.10 -22.30 7.72
N GLU B 207 24.43 -21.14 8.27
CA GLU B 207 23.45 -20.12 8.61
C GLU B 207 23.13 -19.18 7.45
N TRP B 208 23.88 -19.27 6.34
CA TRP B 208 23.69 -18.32 5.25
C TRP B 208 22.27 -18.29 4.74
N GLY B 209 21.52 -19.39 4.90
CA GLY B 209 20.14 -19.38 4.48
C GLY B 209 19.35 -18.25 5.13
N GLU B 210 19.51 -18.09 6.44
CA GLU B 210 18.82 -17.01 7.14
C GLU B 210 19.21 -15.65 6.57
N ILE B 211 20.44 -15.53 6.05
CA ILE B 211 20.86 -14.28 5.45
C ILE B 211 20.09 -14.01 4.16
N VAL B 212 19.83 -15.06 3.39
CA VAL B 212 19.21 -14.91 2.08
C VAL B 212 17.75 -15.35 2.05
N GLY B 213 17.27 -16.07 3.05
CA GLY B 213 15.88 -16.48 3.07
C GLY B 213 15.53 -17.62 2.14
N ASP B 214 16.51 -18.43 1.74
CA ASP B 214 16.24 -19.56 0.86
C ASP B 214 17.35 -20.59 1.06
N SER B 215 16.99 -21.76 1.59
CA SER B 215 18.00 -22.78 1.87
C SER B 215 18.68 -23.27 0.59
N VAL B 216 17.89 -23.50 -0.46
CA VAL B 216 18.45 -24.02 -1.71
C VAL B 216 19.41 -23.00 -2.32
N LEU B 217 19.00 -21.73 -2.36
CA LEU B 217 19.86 -20.70 -2.93
C LEU B 217 21.13 -20.54 -2.12
N ALA B 218 21.01 -20.57 -0.79
CA ALA B 218 22.20 -20.45 0.06
C ALA B 218 23.14 -21.63 -0.16
N THR B 219 22.60 -22.84 -0.28
CA THR B 219 23.43 -24.01 -0.51
C THR B 219 24.15 -23.90 -1.85
N ALA B 220 23.44 -23.46 -2.90
CA ALA B 220 24.06 -23.30 -4.20
C ALA B 220 25.18 -22.26 -4.14
N MET B 221 24.92 -21.13 -3.47
CA MET B 221 25.93 -20.10 -3.35
C MET B 221 27.16 -20.62 -2.61
N LEU B 222 26.95 -21.35 -1.51
CA LEU B 222 28.07 -21.90 -0.77
C LEU B 222 28.86 -22.89 -1.61
N ASP B 223 28.16 -23.75 -2.36
CA ASP B 223 28.85 -24.73 -3.19
C ASP B 223 29.69 -24.04 -4.26
N ARG B 224 29.14 -23.01 -4.90
CA ARG B 224 29.89 -22.30 -5.94
C ARG B 224 31.05 -21.52 -5.36
N LEU B 225 30.87 -20.94 -4.16
CA LEU B 225 31.92 -20.11 -3.58
C LEU B 225 33.06 -20.94 -3.00
N LEU B 226 32.75 -22.09 -2.41
CA LEU B 226 33.73 -22.91 -1.72
C LEU B 226 34.37 -23.97 -2.60
N HIS B 227 33.97 -24.07 -3.87
CA HIS B 227 34.56 -25.08 -4.74
C HIS B 227 36.07 -24.90 -4.85
N HIS B 228 36.51 -23.65 -5.05
CA HIS B 228 37.93 -23.30 -5.04
C HIS B 228 38.07 -22.01 -4.24
N SER B 229 38.44 -22.14 -2.97
CA SER B 229 38.56 -20.97 -2.10
C SER B 229 39.46 -21.32 -0.92
N ILE B 230 39.89 -20.28 -0.22
CA ILE B 230 40.68 -20.41 1.00
C ILE B 230 39.85 -19.82 2.14
N ILE B 231 39.58 -20.64 3.15
CA ILE B 231 38.69 -20.27 4.25
C ILE B 231 39.54 -19.91 5.46
N PHE B 232 39.29 -18.73 6.04
CA PHE B 232 39.95 -18.29 7.26
C PHE B 232 38.91 -18.14 8.36
N ASN B 233 39.15 -18.80 9.49
CA ASN B 233 38.29 -18.71 10.66
C ASN B 233 39.08 -18.02 11.77
N LEU B 234 38.89 -16.72 11.91
CA LEU B 234 39.62 -15.93 12.89
C LEU B 234 38.88 -15.93 14.24
N LYS B 235 39.65 -15.70 15.30
CA LYS B 235 39.13 -15.70 16.66
C LYS B 235 39.84 -14.62 17.46
N GLY B 236 39.44 -14.46 18.71
CA GLY B 236 40.02 -13.49 19.61
C GLY B 236 39.10 -12.33 19.88
N GLU B 237 39.47 -11.54 20.89
CA GLU B 237 38.68 -10.39 21.27
C GLU B 237 38.69 -9.35 20.15
N SER B 238 37.57 -8.68 19.96
CA SER B 238 37.49 -7.63 18.96
C SER B 238 38.56 -6.58 19.21
N TYR B 239 39.30 -6.23 18.16
CA TYR B 239 40.36 -5.23 18.30
C TYR B 239 39.81 -3.85 18.61
N ARG B 240 38.56 -3.56 18.21
CA ARG B 240 37.95 -2.29 18.57
C ARG B 240 37.84 -2.16 20.09
N LEU B 241 37.38 -3.22 20.76
CA LEU B 241 37.30 -3.19 22.21
C LEU B 241 38.67 -3.12 22.85
N ARG B 242 39.67 -3.77 22.27
CA ARG B 242 41.02 -3.66 22.80
C ARG B 242 41.52 -2.23 22.73
N GLU B 243 41.30 -1.57 21.58
CA GLU B 243 41.69 -0.16 21.46
C GLU B 243 40.92 0.71 22.44
N LYS B 244 39.64 0.43 22.64
CA LYS B 244 38.86 1.20 23.61
C LYS B 244 39.43 1.04 25.02
N ARG B 245 39.76 -0.19 25.41
CA ARG B 245 40.34 -0.41 26.73
C ARG B 245 41.68 0.30 26.86
N LEU B 246 42.50 0.24 25.82
CA LEU B 246 43.80 0.93 25.86
C LEU B 246 43.60 2.43 26.02
N GLN B 247 42.64 3.01 25.32
CA GLN B 247 42.35 4.43 25.48
C GLN B 247 41.89 4.74 26.89
N GLU B 248 40.99 3.93 27.43
CA GLU B 248 40.56 4.12 28.82
C GLU B 248 41.72 3.92 29.79
N GLU B 249 42.52 2.89 29.56
CA GLU B 249 43.64 2.57 30.44
C GLU B 249 44.92 3.24 29.95
N MET C 4 41.53 45.70 11.43
CA MET C 4 40.12 46.09 11.18
C MET C 4 39.82 46.06 9.68
N LYS C 5 40.82 46.43 8.87
CA LYS C 5 40.64 46.40 7.42
C LYS C 5 40.35 44.99 6.93
N GLU C 6 41.06 43.99 7.46
CA GLU C 6 40.80 42.61 7.08
C GLU C 6 39.38 42.20 7.47
N ARG C 7 38.91 42.66 8.63
CA ARG C 7 37.53 42.37 9.02
C ARG C 7 36.54 42.98 8.03
N ILE C 8 36.82 44.21 7.57
CA ILE C 8 35.94 44.84 6.59
C ILE C 8 35.93 44.02 5.30
N HIS C 9 37.11 43.59 4.84
CA HIS C 9 37.18 42.79 3.62
C HIS C 9 36.41 41.49 3.78
N GLU C 10 36.57 40.82 4.92
CA GLU C 10 35.87 39.56 5.16
C GLU C 10 34.36 39.77 5.17
N TYR C 11 33.90 40.83 5.84
CA TYR C 11 32.47 41.10 5.87
C TYR C 11 31.94 41.40 4.47
N CYS C 12 32.68 42.19 3.70
CA CYS C 12 32.25 42.50 2.34
C CYS C 12 32.14 41.24 1.49
N HIS C 13 33.12 40.34 1.61
CA HIS C 13 33.05 39.09 0.86
C HIS C 13 31.92 38.18 1.35
N ARG C 14 31.62 38.22 2.64
CA ARG C 14 30.58 37.36 3.19
C ARG C 14 29.18 37.85 2.79
N LEU C 15 28.98 39.15 2.72
CA LEU C 15 27.70 39.72 2.30
C LEU C 15 27.54 39.73 0.78
N HIS C 16 28.41 39.04 0.05
CA HIS C 16 28.35 38.97 -1.41
C HIS C 16 28.49 40.37 -2.01
N LEU C 17 29.60 41.03 -1.69
CA LEU C 17 29.94 42.34 -2.21
C LEU C 17 31.39 42.36 -2.67
N PRO C 18 31.74 41.54 -3.68
CA PRO C 18 33.15 41.48 -4.10
C PRO C 18 33.68 42.80 -4.64
N VAL C 19 32.89 43.47 -5.49
CA VAL C 19 33.35 44.72 -6.08
C VAL C 19 33.53 45.79 -5.01
N MET C 20 32.65 45.78 -4.00
CA MET C 20 32.80 46.73 -2.89
C MET C 20 34.14 46.53 -2.18
N ALA C 21 34.50 45.27 -1.92
CA ALA C 21 35.80 45.00 -1.30
C ALA C 21 36.94 45.42 -2.22
N GLU C 22 36.81 45.17 -3.52
CA GLU C 22 37.88 45.52 -4.44
C GLU C 22 38.12 47.02 -4.46
N ARG C 23 37.05 47.82 -4.46
CA ARG C 23 37.14 49.27 -4.52
C ARG C 23 37.04 49.92 -3.15
N TRP C 24 37.08 49.13 -2.07
CA TRP C 24 36.98 49.72 -0.73
C TRP C 24 38.11 50.70 -0.47
N SER C 25 39.34 50.32 -0.81
CA SER C 25 40.48 51.19 -0.56
C SER C 25 40.38 52.48 -1.37
N ALA C 26 40.00 52.38 -2.64
CA ALA C 26 39.92 53.56 -3.48
C ALA C 26 38.86 54.53 -2.97
N MET C 27 37.68 54.01 -2.62
CA MET C 27 36.63 54.87 -2.10
C MET C 27 37.00 55.47 -0.76
N ALA C 28 37.69 54.70 0.09
CA ALA C 28 38.15 55.24 1.36
C ALA C 28 39.13 56.39 1.14
N GLU C 29 40.07 56.22 0.21
CA GLU C 29 41.01 57.29 -0.09
C GLU C 29 40.30 58.52 -0.66
N TYR C 30 39.32 58.30 -1.53
CA TYR C 30 38.57 59.42 -2.09
C TYR C 30 37.82 60.17 -1.01
N ALA C 31 37.20 59.43 -0.07
CA ALA C 31 36.45 60.08 1.00
C ALA C 31 37.38 60.81 1.96
N SER C 32 38.58 60.27 2.21
CA SER C 32 39.52 60.93 3.09
C SER C 32 40.07 62.21 2.48
N THR C 33 40.48 62.14 1.20
CA THR C 33 41.06 63.30 0.54
C THR C 33 40.06 64.44 0.44
N HIS C 34 38.83 64.13 0.05
CA HIS C 34 37.78 65.13 -0.08
C HIS C 34 36.67 64.85 0.93
N ASN C 35 36.29 65.88 1.68
CA ASN C 35 35.24 65.72 2.69
C ASN C 35 33.93 65.34 2.02
N ILE C 36 33.31 64.27 2.50
CA ILE C 36 32.04 63.79 1.97
C ILE C 36 31.20 63.27 3.12
N SER C 37 29.89 63.55 3.07
CA SER C 37 28.99 63.02 4.09
C SER C 37 28.90 61.50 3.98
N TYR C 38 28.64 60.85 5.12
CA TYR C 38 28.53 59.41 5.14
C TYR C 38 27.39 58.93 4.25
N SER C 39 26.25 59.63 4.29
CA SER C 39 25.10 59.23 3.48
C SER C 39 25.45 59.27 1.99
N GLU C 40 26.09 60.35 1.55
CA GLU C 40 26.45 60.45 0.13
C GLU C 40 27.46 59.38 -0.26
N PHE C 41 28.43 59.12 0.61
CA PHE C 41 29.43 58.09 0.33
C PHE C 41 28.78 56.72 0.17
N LEU C 42 27.87 56.38 1.10
CA LEU C 42 27.18 55.10 1.00
C LEU C 42 26.31 55.04 -0.24
N PHE C 43 25.64 56.15 -0.58
CA PHE C 43 24.81 56.18 -1.78
C PHE C 43 25.66 55.91 -3.02
N ARG C 44 26.80 56.58 -3.13
CA ARG C 44 27.67 56.38 -4.29
C ARG C 44 28.17 54.93 -4.35
N LEU C 45 28.58 54.38 -3.21
CA LEU C 45 29.09 53.01 -3.20
C LEU C 45 28.01 52.03 -3.61
N LEU C 46 26.81 52.17 -3.04
CA LEU C 46 25.72 51.26 -3.37
C LEU C 46 25.26 51.42 -4.81
N GLU C 47 25.28 52.64 -5.35
CA GLU C 47 24.91 52.84 -6.75
C GLU C 47 25.92 52.17 -7.67
N ALA C 48 27.21 52.28 -7.36
CA ALA C 48 28.21 51.58 -8.16
C ALA C 48 28.03 50.08 -8.08
N GLU C 49 27.77 49.56 -6.88
CA GLU C 49 27.53 48.13 -6.73
C GLU C 49 26.31 47.69 -7.53
N ILE C 50 25.24 48.48 -7.51
CA ILE C 50 24.04 48.15 -8.25
C ILE C 50 24.30 48.19 -9.74
N VAL C 51 25.10 49.15 -10.20
CA VAL C 51 25.43 49.21 -11.62
C VAL C 51 26.17 47.94 -12.04
N GLU C 52 27.16 47.53 -11.24
CA GLU C 52 27.89 46.31 -11.56
C GLU C 52 26.97 45.09 -11.53
N LYS C 53 26.08 45.03 -10.55
CA LYS C 53 25.16 43.90 -10.45
C LYS C 53 24.24 43.84 -11.65
N GLN C 54 23.73 45.00 -12.09
CA GLN C 54 22.84 45.03 -13.25
C GLN C 54 23.59 44.63 -14.52
N ALA C 55 24.84 45.09 -14.66
CA ALA C 55 25.62 44.67 -15.83
C ALA C 55 25.82 43.16 -15.83
N ARG C 56 26.16 42.59 -14.68
CA ARG C 56 26.35 41.14 -14.60
C ARG C 56 25.04 40.41 -14.90
N SER C 57 23.91 40.92 -14.40
CA SER C 57 22.63 40.29 -14.67
C SER C 57 22.29 40.33 -16.15
N ILE C 58 22.57 41.46 -16.81
CA ILE C 58 22.30 41.56 -18.24
C ILE C 58 23.19 40.60 -19.01
N GLN C 59 24.45 40.46 -18.62
CA GLN C 59 25.33 39.51 -19.29
C GLN C 59 24.83 38.09 -19.12
N THR C 60 24.40 37.74 -17.90
CA THR C 60 23.86 36.40 -17.68
C THR C 60 22.60 36.17 -18.51
N LEU C 61 21.73 37.17 -18.58
CA LEU C 61 20.52 37.04 -19.40
C LEU C 61 20.87 36.81 -20.87
N ILE C 62 21.83 37.57 -21.38
CA ILE C 62 22.27 37.39 -22.76
C ILE C 62 22.83 35.99 -22.95
N LYS C 63 23.54 35.48 -21.95
CA LYS C 63 24.04 34.10 -22.02
C LYS C 63 22.90 33.10 -22.07
N LEU C 64 21.85 33.33 -21.29
CA LEU C 64 20.72 32.41 -21.20
C LEU C 64 19.74 32.54 -22.36
N SER C 65 19.80 33.61 -23.15
CA SER C 65 18.90 33.78 -24.27
C SER C 65 19.41 33.13 -25.55
N LYS C 66 20.62 32.58 -25.53
CA LYS C 66 21.19 31.87 -26.68
C LYS C 66 21.08 32.70 -27.96
N LEU C 67 21.35 33.99 -27.85
CA LEU C 67 21.46 34.83 -29.04
C LEU C 67 22.75 34.52 -29.77
N PRO C 68 22.70 34.21 -31.07
CA PRO C 68 23.93 33.77 -31.76
C PRO C 68 24.95 34.90 -31.93
N TYR C 69 24.50 36.06 -32.35
CA TYR C 69 25.38 37.22 -32.55
C TYR C 69 24.64 38.46 -32.10
N ARG C 70 25.11 39.07 -31.01
CA ARG C 70 24.48 40.27 -30.48
C ARG C 70 24.47 41.38 -31.52
N LYS C 71 23.30 41.98 -31.75
CA LYS C 71 23.13 43.11 -32.65
C LYS C 71 22.16 44.10 -32.03
N THR C 72 22.10 45.29 -32.63
CA THR C 72 21.23 46.35 -32.13
C THR C 72 20.81 47.25 -33.27
N ILE C 73 19.75 48.02 -33.03
CA ILE C 73 19.23 48.92 -34.04
C ILE C 73 20.26 49.99 -34.40
N ASP C 74 21.16 50.32 -33.47
CA ASP C 74 22.12 51.37 -33.71
C ASP C 74 22.98 51.09 -34.94
N THR C 75 23.21 49.81 -35.25
CA THR C 75 24.00 49.42 -36.40
C THR C 75 23.16 49.18 -37.65
N PHE C 76 21.85 49.42 -37.59
CA PHE C 76 20.96 49.19 -38.72
C PHE C 76 20.95 50.44 -39.60
N ASP C 77 21.24 50.24 -40.89
CA ASP C 77 21.28 51.34 -41.86
C ASP C 77 19.96 51.34 -42.62
N PHE C 78 19.02 52.17 -42.17
CA PHE C 78 17.72 52.26 -42.83
C PHE C 78 17.83 52.84 -44.24
N THR C 79 18.92 53.54 -44.55
CA THR C 79 19.10 54.06 -45.89
C THR C 79 19.23 52.93 -46.92
N ALA C 80 19.90 51.84 -46.54
CA ALA C 80 20.02 50.68 -47.42
C ALA C 80 18.73 49.86 -47.50
N GLN C 81 17.79 50.09 -46.58
CA GLN C 81 16.52 49.37 -46.54
C GLN C 81 15.38 50.37 -46.46
N PRO C 82 15.12 51.10 -47.55
CA PRO C 82 13.98 52.04 -47.55
C PRO C 82 12.63 51.35 -47.57
N SER C 83 12.59 50.04 -47.80
CA SER C 83 11.32 49.31 -47.85
C SER C 83 10.63 49.24 -46.50
N VAL C 84 11.32 49.56 -45.41
CA VAL C 84 10.76 49.48 -44.06
C VAL C 84 10.78 50.88 -43.47
N ASP C 85 9.65 51.30 -42.91
CA ASP C 85 9.53 52.61 -42.29
C ASP C 85 10.19 52.56 -40.92
N GLU C 86 11.27 53.35 -40.75
CA GLU C 86 11.98 53.35 -39.48
C GLU C 86 11.08 53.76 -38.32
N ARG C 87 10.02 54.51 -38.58
CA ARG C 87 9.12 54.90 -37.51
C ARG C 87 8.49 53.68 -36.84
N ARG C 88 8.07 52.70 -37.65
CA ARG C 88 7.48 51.49 -37.10
C ARG C 88 8.50 50.70 -36.30
N ILE C 89 9.75 50.64 -36.76
CA ILE C 89 10.78 49.93 -36.03
C ILE C 89 11.03 50.60 -34.69
N ARG C 90 11.10 51.93 -34.67
CA ARG C 90 11.27 52.64 -33.40
C ARG C 90 10.09 52.39 -32.48
N GLU C 91 8.88 52.36 -33.02
CA GLU C 91 7.71 52.02 -32.21
C GLU C 91 7.86 50.63 -31.61
N LEU C 92 8.36 49.68 -32.40
CA LEU C 92 8.61 48.34 -31.86
C LEU C 92 9.62 48.39 -30.72
N LEU C 93 10.67 49.20 -30.88
CA LEU C 93 11.70 49.27 -29.85
C LEU C 93 11.17 49.81 -28.53
N THR C 94 9.99 50.46 -28.54
CA THR C 94 9.37 50.87 -27.29
C THR C 94 8.93 49.68 -26.46
N LEU C 95 8.86 48.49 -27.06
CA LEU C 95 8.41 47.28 -26.39
C LEU C 95 6.96 47.40 -25.93
N SER C 96 6.18 48.23 -26.63
CA SER C 96 4.76 48.32 -26.32
C SER C 96 4.04 47.02 -26.66
N PHE C 97 4.50 46.32 -27.70
CA PHE C 97 3.85 45.07 -28.09
C PHE C 97 3.87 44.05 -26.97
N ILE C 98 4.89 44.11 -26.10
CA ILE C 98 4.97 43.17 -24.99
C ILE C 98 3.77 43.32 -24.07
N ASP C 99 3.39 44.57 -23.76
CA ASP C 99 2.20 44.81 -22.97
C ASP C 99 0.93 44.60 -23.79
N ARG C 100 0.99 44.82 -25.10
CA ARG C 100 -0.16 44.64 -25.97
C ARG C 100 -0.36 43.18 -26.39
N LYS C 101 0.56 42.29 -26.04
CA LYS C 101 0.46 40.88 -26.39
C LYS C 101 0.41 40.69 -27.91
N GLU C 102 1.16 41.49 -28.63
CA GLU C 102 1.18 41.46 -30.09
C GLU C 102 2.46 40.82 -30.59
N ASN C 103 2.33 39.88 -31.52
CA ASN C 103 3.48 39.28 -32.17
C ASN C 103 4.03 40.21 -33.25
N ILE C 104 5.26 39.94 -33.68
CA ILE C 104 5.91 40.72 -34.72
C ILE C 104 6.39 39.75 -35.79
N LEU C 105 5.83 39.88 -36.99
CA LEU C 105 6.15 38.99 -38.10
C LEU C 105 6.95 39.77 -39.15
N PHE C 106 8.20 39.37 -39.34
CA PHE C 106 9.05 39.94 -40.38
C PHE C 106 9.05 39.01 -41.60
N LEU C 107 8.84 39.59 -42.76
CA LEU C 107 8.77 38.83 -44.01
C LEU C 107 9.58 39.56 -45.08
N GLY C 108 10.07 38.78 -46.05
CA GLY C 108 10.78 39.33 -47.19
C GLY C 108 11.87 38.42 -47.69
N PRO C 109 12.58 38.86 -48.73
CA PRO C 109 13.64 38.03 -49.30
C PRO C 109 14.80 37.86 -48.34
N PRO C 110 15.76 37.00 -48.65
CA PRO C 110 16.89 36.79 -47.74
C PRO C 110 17.78 38.01 -47.62
N GLY C 111 18.41 38.14 -46.46
CA GLY C 111 19.44 39.16 -46.26
C GLY C 111 18.94 40.59 -46.30
N ILE C 112 17.76 40.86 -45.74
CA ILE C 112 17.19 42.20 -45.71
C ILE C 112 17.11 42.76 -44.30
N GLY C 113 17.63 42.05 -43.30
CA GLY C 113 17.62 42.53 -41.94
C GLY C 113 16.55 41.94 -41.05
N LYS C 114 15.80 40.95 -41.53
CA LYS C 114 14.75 40.35 -40.69
C LYS C 114 15.34 39.81 -39.40
N THR C 115 16.37 38.96 -39.53
CA THR C 115 17.03 38.42 -38.34
C THR C 115 17.74 39.52 -37.56
N HIS C 116 18.33 40.48 -38.27
CA HIS C 116 19.00 41.59 -37.59
C HIS C 116 18.00 42.38 -36.75
N LEU C 117 16.83 42.70 -37.34
CA LEU C 117 15.82 43.44 -36.60
C LEU C 117 15.27 42.61 -35.43
N ALA C 118 15.06 41.30 -35.64
CA ALA C 118 14.57 40.47 -34.56
C ALA C 118 15.56 40.43 -33.40
N ILE C 119 16.86 40.28 -33.71
CA ILE C 119 17.87 40.26 -32.67
C ILE C 119 17.98 41.61 -32.00
N SER C 120 17.81 42.71 -32.74
CA SER C 120 17.82 44.02 -32.12
C SER C 120 16.68 44.17 -31.12
N ILE C 121 15.48 43.73 -31.50
CA ILE C 121 14.34 43.81 -30.58
C ILE C 121 14.58 42.93 -29.37
N GLY C 122 15.12 41.72 -29.59
CA GLY C 122 15.41 40.85 -28.46
C GLY C 122 16.44 41.44 -27.51
N MET C 123 17.48 42.08 -28.08
CA MET C 123 18.49 42.71 -27.24
C MET C 123 17.90 43.87 -26.45
N GLU C 124 17.04 44.67 -27.08
CA GLU C 124 16.38 45.75 -26.37
C GLU C 124 15.51 45.20 -25.24
N ALA C 125 14.79 44.10 -25.50
CA ALA C 125 13.98 43.48 -24.46
C ALA C 125 14.84 42.98 -23.31
N ILE C 126 15.99 42.38 -23.63
CA ILE C 126 16.90 41.90 -22.59
C ILE C 126 17.39 43.07 -21.75
N ALA C 127 17.73 44.19 -22.39
CA ALA C 127 18.23 45.34 -21.66
C ALA C 127 17.20 45.86 -20.66
N ARG C 128 15.94 45.89 -21.06
CA ARG C 128 14.87 46.36 -20.18
C ARG C 128 14.36 45.28 -19.23
N GLY C 129 15.09 44.19 -19.06
CA GLY C 129 14.73 43.17 -18.10
C GLY C 129 13.71 42.15 -18.56
N TYR C 130 13.23 42.25 -19.79
CA TYR C 130 12.28 41.27 -20.31
C TYR C 130 13.02 39.97 -20.65
N LYS C 131 12.57 38.86 -20.07
CA LYS C 131 13.15 37.57 -20.40
C LYS C 131 12.98 37.31 -21.90
N THR C 132 14.09 36.90 -22.54
CA THR C 132 14.09 36.67 -23.97
C THR C 132 14.73 35.32 -24.27
N TYR C 133 14.27 34.69 -25.34
CA TYR C 133 14.82 33.42 -25.79
C TYR C 133 14.78 33.38 -27.31
N PHE C 134 15.94 33.17 -27.93
CA PHE C 134 16.06 33.14 -29.38
C PHE C 134 16.28 31.70 -29.83
N ILE C 135 15.61 31.31 -30.91
CA ILE C 135 15.73 29.97 -31.46
C ILE C 135 15.21 29.99 -32.89
N THR C 136 15.62 29.01 -33.68
CA THR C 136 15.10 28.85 -35.03
C THR C 136 13.92 27.89 -35.01
N ALA C 137 13.09 27.98 -36.05
CA ALA C 137 11.91 27.14 -36.12
C ALA C 137 12.28 25.66 -36.18
N HIS C 138 13.27 25.32 -37.01
CA HIS C 138 13.69 23.93 -37.12
C HIS C 138 14.22 23.43 -35.78
N ASP C 139 15.05 24.22 -35.11
CA ASP C 139 15.59 23.82 -33.83
C ASP C 139 14.49 23.66 -32.79
N LEU C 140 13.53 24.58 -32.75
CA LEU C 140 12.44 24.49 -31.80
C LEU C 140 11.63 23.23 -32.02
N VAL C 141 11.29 22.94 -33.28
CA VAL C 141 10.50 21.76 -33.59
C VAL C 141 11.27 20.50 -33.21
N ASN C 142 12.55 20.44 -33.54
CA ASN C 142 13.35 19.27 -33.21
C ASN C 142 13.45 19.07 -31.71
N GLN C 143 13.67 20.15 -30.96
CA GLN C 143 13.78 20.04 -29.50
C GLN C 143 12.47 19.58 -28.89
N LEU C 144 11.34 20.12 -29.37
CA LEU C 144 10.05 19.68 -28.86
C LEU C 144 9.80 18.21 -29.18
N ARG C 145 10.15 17.78 -30.40
CA ARG C 145 9.97 16.38 -30.75
C ARG C 145 10.81 15.47 -29.86
N ARG C 146 12.07 15.86 -29.62
CA ARG C 146 12.93 15.05 -28.76
C ARG C 146 12.40 15.01 -27.33
N ALA C 147 11.91 16.15 -26.83
CA ALA C 147 11.35 16.16 -25.49
C ALA C 147 10.11 15.29 -25.39
N ASP C 148 9.29 15.24 -26.45
CA ASP C 148 8.12 14.38 -26.42
C ASP C 148 8.52 12.91 -26.50
N GLN C 149 9.54 12.59 -27.29
CA GLN C 149 10.03 11.22 -27.34
C GLN C 149 10.55 10.74 -25.99
N GLU C 150 10.99 11.67 -25.14
CA GLU C 150 11.52 11.33 -23.82
C GLU C 150 10.46 11.46 -22.73
N GLY C 151 9.21 11.70 -23.09
CA GLY C 151 8.16 11.81 -22.10
C GLY C 151 8.26 13.02 -21.20
N LYS C 152 8.93 14.09 -21.66
CA LYS C 152 9.10 15.31 -20.90
C LYS C 152 8.81 16.53 -21.77
N LEU C 153 7.77 16.42 -22.61
CA LEU C 153 7.42 17.54 -23.48
C LEU C 153 6.97 18.75 -22.66
N GLU C 154 6.34 18.52 -21.51
CA GLU C 154 5.84 19.63 -20.71
C GLU C 154 6.99 20.52 -20.23
N LYS C 155 8.10 19.91 -19.82
CA LYS C 155 9.23 20.70 -19.33
C LYS C 155 9.78 21.61 -20.42
N LYS C 156 9.99 21.07 -21.61
CA LYS C 156 10.51 21.88 -22.71
C LYS C 156 9.48 22.93 -23.15
N LEU C 157 8.20 22.60 -23.07
CA LEU C 157 7.16 23.57 -23.39
C LEU C 157 7.20 24.73 -22.41
N ARG C 158 7.38 24.44 -21.12
CA ARG C 158 7.56 25.51 -20.14
C ARG C 158 8.81 26.32 -20.45
N VAL C 159 9.88 25.64 -20.86
CA VAL C 159 11.12 26.35 -21.20
C VAL C 159 10.88 27.35 -22.33
N PHE C 160 10.13 26.93 -23.35
CA PHE C 160 9.87 27.80 -24.50
C PHE C 160 8.75 28.80 -24.25
N VAL C 161 7.93 28.61 -23.22
CA VAL C 161 6.82 29.52 -22.96
C VAL C 161 7.14 30.55 -21.88
N LYS C 162 8.04 30.22 -20.94
CA LYS C 162 8.37 31.16 -19.87
C LYS C 162 8.96 32.47 -20.38
N PRO C 163 9.88 32.48 -21.33
CA PRO C 163 10.49 33.75 -21.76
C PRO C 163 9.43 34.73 -22.24
N THR C 164 9.62 36.01 -21.88
CA THR C 164 8.65 37.04 -22.26
C THR C 164 8.64 37.24 -23.77
N VAL C 165 9.81 37.23 -24.41
CA VAL C 165 9.93 37.45 -25.84
C VAL C 165 10.61 36.23 -26.45
N LEU C 166 9.87 35.47 -27.25
CA LEU C 166 10.40 34.30 -27.94
C LEU C 166 10.61 34.66 -29.41
N ILE C 167 11.84 34.49 -29.88
CA ILE C 167 12.20 34.83 -31.25
C ILE C 167 12.34 33.53 -32.04
N ILE C 168 11.57 33.40 -33.10
CA ILE C 168 11.57 32.22 -33.98
C ILE C 168 12.13 32.67 -35.32
N ASP C 169 13.36 32.26 -35.60
CA ASP C 169 14.10 32.74 -36.76
C ASP C 169 14.10 31.68 -37.87
N GLU C 170 14.03 32.17 -39.11
CA GLU C 170 14.12 31.32 -40.30
C GLU C 170 13.02 30.25 -40.29
N MET C 171 11.77 30.71 -40.34
CA MET C 171 10.62 29.83 -40.45
C MET C 171 10.25 29.74 -41.93
N GLY C 172 10.74 28.71 -42.60
CA GLY C 172 10.38 28.49 -43.99
C GLY C 172 11.50 27.94 -44.87
N TYR C 173 12.75 28.25 -44.54
CA TYR C 173 13.86 27.75 -45.35
C TYR C 173 13.93 26.23 -45.33
N LEU C 174 13.72 25.63 -44.16
CA LEU C 174 13.72 24.18 -44.01
C LEU C 174 12.29 23.72 -43.75
N LYS C 175 11.78 22.84 -44.61
CA LYS C 175 10.44 22.29 -44.41
C LYS C 175 10.41 21.45 -43.15
N LEU C 176 9.36 21.62 -42.37
CA LEU C 176 9.21 20.90 -41.11
C LEU C 176 8.57 19.54 -41.35
N ASP C 177 8.98 18.57 -40.54
CA ASP C 177 8.37 17.25 -40.61
C ASP C 177 6.91 17.35 -40.19
N PRO C 178 5.95 16.96 -41.02
CA PRO C 178 4.54 17.15 -40.63
C PRO C 178 4.18 16.55 -39.28
N ASN C 179 4.70 15.35 -38.98
CA ASN C 179 4.36 14.71 -37.71
C ASN C 179 4.79 15.55 -36.52
N SER C 180 5.76 16.44 -36.70
CA SER C 180 6.22 17.32 -35.63
C SER C 180 5.67 18.74 -35.77
N ALA C 181 5.03 19.07 -36.88
CA ALA C 181 4.55 20.43 -37.09
C ALA C 181 3.67 20.89 -35.92
N HIS C 182 2.80 20.01 -35.43
CA HIS C 182 1.88 20.40 -34.37
C HIS C 182 2.62 20.97 -33.16
N TYR C 183 3.85 20.49 -32.90
CA TYR C 183 4.61 21.02 -31.79
C TYR C 183 4.69 22.55 -31.87
N LEU C 184 5.08 23.06 -33.05
CA LEU C 184 5.12 24.50 -33.22
C LEU C 184 3.79 25.13 -32.85
N PHE C 185 2.70 24.57 -33.37
CA PHE C 185 1.37 25.08 -33.04
C PHE C 185 1.20 25.21 -31.54
N GLN C 186 1.59 24.17 -30.79
CA GLN C 186 1.44 24.21 -29.34
C GLN C 186 2.04 25.48 -28.78
N VAL C 187 3.29 25.79 -29.17
CA VAL C 187 3.91 27.01 -28.69
C VAL C 187 3.07 28.21 -29.07
N ILE C 188 2.71 28.31 -30.35
CA ILE C 188 1.87 29.41 -30.81
C ILE C 188 0.54 29.40 -30.08
N ALA C 189 0.06 28.20 -29.70
CA ALA C 189 -1.19 28.11 -28.96
C ALA C 189 -1.01 28.51 -27.50
N ARG C 190 0.15 28.22 -26.92
CA ARG C 190 0.36 28.50 -25.50
C ARG C 190 0.84 29.92 -25.26
N ARG C 191 1.44 30.57 -26.26
CA ARG C 191 1.80 31.97 -26.19
C ARG C 191 0.75 32.88 -26.79
N TYR C 192 -0.40 32.32 -27.20
CA TYR C 192 -1.48 33.12 -27.79
C TYR C 192 -2.10 33.99 -26.71
N GLU C 193 -1.97 35.30 -26.85
CA GLU C 193 -2.48 36.26 -25.88
C GLU C 193 -1.83 36.09 -24.50
N HIS C 194 -0.63 35.51 -24.48
CA HIS C 194 0.17 35.42 -23.27
C HIS C 194 1.50 36.15 -23.39
N ALA C 195 2.24 35.91 -24.47
CA ALA C 195 3.53 36.55 -24.68
C ALA C 195 3.71 36.79 -26.17
N PRO C 196 4.48 37.81 -26.56
CA PRO C 196 4.75 38.02 -27.98
C PRO C 196 5.66 36.95 -28.56
N ILE C 197 5.57 36.80 -29.88
CA ILE C 197 6.50 35.99 -30.66
C ILE C 197 7.03 36.85 -31.79
N ILE C 198 8.35 36.90 -31.92
CA ILE C 198 9.00 37.63 -33.00
C ILE C 198 9.44 36.59 -34.01
N LEU C 199 8.67 36.44 -35.08
CA LEU C 199 8.86 35.39 -36.06
C LEU C 199 9.36 36.00 -37.37
N THR C 200 10.48 35.50 -37.87
CA THR C 200 11.07 35.98 -39.13
C THR C 200 10.99 34.86 -40.16
N SER C 201 10.53 35.20 -41.37
CA SER C 201 10.34 34.22 -42.40
C SER C 201 10.55 34.85 -43.77
N ASN C 202 10.77 34.01 -44.77
CA ASN C 202 10.81 34.43 -46.16
C ASN C 202 9.64 33.88 -46.96
N LYS C 203 8.75 33.13 -46.34
CA LYS C 203 7.60 32.52 -47.01
C LYS C 203 6.34 33.30 -46.67
N SER C 204 5.49 33.48 -47.68
CA SER C 204 4.20 34.13 -47.45
C SER C 204 3.30 33.22 -46.60
N PHE C 205 2.27 33.83 -46.02
CA PHE C 205 1.38 33.09 -45.13
C PHE C 205 0.69 31.95 -45.87
N GLY C 206 0.24 32.20 -47.10
CA GLY C 206 -0.47 31.19 -47.86
C GLY C 206 0.34 29.93 -48.09
N GLU C 207 1.67 30.02 -48.03
CA GLU C 207 2.55 28.88 -48.24
C GLU C 207 2.87 28.13 -46.95
N TRP C 208 2.41 28.63 -45.79
CA TRP C 208 2.73 27.97 -44.54
C TRP C 208 2.25 26.51 -44.53
N GLY C 209 1.14 26.23 -45.22
CA GLY C 209 0.67 24.85 -45.28
C GLY C 209 1.72 23.92 -45.85
N GLU C 210 2.45 24.38 -46.86
CA GLU C 210 3.55 23.59 -47.40
C GLU C 210 4.66 23.42 -46.36
N ILE C 211 4.95 24.48 -45.61
CA ILE C 211 6.05 24.42 -44.65
C ILE C 211 5.76 23.38 -43.57
N VAL C 212 4.54 23.41 -43.02
CA VAL C 212 4.19 22.53 -41.91
C VAL C 212 3.55 21.23 -42.37
N GLY C 213 3.17 21.11 -43.65
CA GLY C 213 2.61 19.88 -44.14
C GLY C 213 1.20 19.59 -43.68
N ASP C 214 0.44 20.62 -43.29
CA ASP C 214 -0.94 20.43 -42.85
C ASP C 214 -1.68 21.74 -43.07
N SER C 215 -2.57 21.77 -44.06
CA SER C 215 -3.24 23.01 -44.41
C SER C 215 -4.12 23.52 -43.26
N VAL C 216 -4.87 22.63 -42.64
CA VAL C 216 -5.79 23.05 -41.57
C VAL C 216 -5.00 23.52 -40.34
N LEU C 217 -3.97 22.75 -39.96
CA LEU C 217 -3.14 23.16 -38.84
C LEU C 217 -2.42 24.47 -39.15
N ALA C 218 -1.96 24.65 -40.38
CA ALA C 218 -1.33 25.90 -40.78
C ALA C 218 -2.31 27.05 -40.67
N THR C 219 -3.56 26.84 -41.09
CA THR C 219 -4.56 27.89 -40.99
C THR C 219 -4.83 28.26 -39.54
N ALA C 220 -4.93 27.24 -38.66
CA ALA C 220 -5.14 27.53 -37.24
C ALA C 220 -3.96 28.30 -36.66
N MET C 221 -2.74 27.89 -37.01
CA MET C 221 -1.55 28.59 -36.53
C MET C 221 -1.54 30.03 -37.00
N LEU C 222 -1.88 30.26 -38.27
CA LEU C 222 -1.91 31.62 -38.79
C LEU C 222 -2.99 32.45 -38.14
N ASP C 223 -4.16 31.85 -37.87
CA ASP C 223 -5.22 32.60 -37.19
C ASP C 223 -4.78 33.01 -35.80
N ARG C 224 -4.13 32.11 -35.07
CA ARG C 224 -3.67 32.46 -33.72
C ARG C 224 -2.53 33.46 -33.76
N LEU C 225 -1.63 33.34 -34.73
CA LEU C 225 -0.44 34.18 -34.78
C LEU C 225 -0.76 35.59 -35.28
N LEU C 226 -1.68 35.70 -36.24
CA LEU C 226 -2.02 36.98 -36.86
C LEU C 226 -3.20 37.67 -36.19
N HIS C 227 -3.78 37.08 -35.14
CA HIS C 227 -4.92 37.71 -34.48
C HIS C 227 -4.55 39.09 -33.96
N HIS C 228 -3.42 39.19 -33.26
CA HIS C 228 -2.90 40.46 -32.75
C HIS C 228 -1.41 40.45 -33.00
N SER C 229 -0.97 41.06 -34.09
CA SER C 229 0.43 41.07 -34.45
C SER C 229 0.71 42.23 -35.41
N ILE C 230 1.98 42.52 -35.58
CA ILE C 230 2.45 43.53 -36.52
C ILE C 230 3.23 42.82 -37.61
N ILE C 231 2.80 42.98 -38.85
CA ILE C 231 3.36 42.26 -39.99
C ILE C 231 4.18 43.24 -40.82
N PHE C 232 5.46 42.94 -40.99
CA PHE C 232 6.36 43.75 -41.81
C PHE C 232 6.76 42.94 -43.04
N ASN C 233 6.47 43.47 -44.21
CA ASN C 233 6.82 42.86 -45.48
C ASN C 233 7.99 43.65 -46.07
N LEU C 234 9.20 43.30 -45.65
CA LEU C 234 10.39 43.99 -46.11
C LEU C 234 10.72 43.61 -47.55
N LYS C 235 11.39 44.52 -48.25
CA LYS C 235 11.77 44.32 -49.64
C LYS C 235 13.15 44.93 -49.84
N GLY C 236 13.68 44.77 -51.05
CA GLY C 236 14.96 45.34 -51.43
C GLY C 236 16.01 44.27 -51.68
N GLU C 237 17.15 44.73 -52.17
CA GLU C 237 18.26 43.83 -52.46
C GLU C 237 18.87 43.30 -51.17
N SER C 238 19.39 42.06 -51.25
CA SER C 238 20.04 41.47 -50.10
C SER C 238 21.22 42.32 -49.66
N TYR C 239 21.32 42.56 -48.35
CA TYR C 239 22.44 43.35 -47.83
C TYR C 239 23.75 42.61 -47.95
N ARG C 240 23.71 41.28 -47.88
CA ARG C 240 24.94 40.49 -48.05
C ARG C 240 25.54 40.72 -49.43
N LEU C 241 24.71 40.71 -50.46
CA LEU C 241 25.20 40.99 -51.81
C LEU C 241 25.66 42.43 -51.94
N ARG C 242 25.01 43.35 -51.24
CA ARG C 242 25.47 44.74 -51.25
C ARG C 242 26.89 44.84 -50.71
N GLU C 243 27.15 44.21 -49.57
CA GLU C 243 28.50 44.23 -49.00
C GLU C 243 29.48 43.51 -49.93
N LYS C 244 29.05 42.42 -50.56
CA LYS C 244 29.93 41.71 -51.48
C LYS C 244 30.33 42.61 -52.65
N ARG C 245 29.37 43.33 -53.23
CA ARG C 245 29.68 44.23 -54.32
C ARG C 245 30.58 45.37 -53.85
N LEU C 246 30.32 45.90 -52.66
CA LEU C 246 31.18 46.97 -52.14
C LEU C 246 32.61 46.50 -51.98
N GLN C 247 32.80 45.28 -51.46
CA GLN C 247 34.15 44.72 -51.36
C GLN C 247 34.76 44.54 -52.74
N GLU C 248 34.00 44.01 -53.70
CA GLU C 248 34.51 43.86 -55.05
C GLU C 248 34.84 45.21 -55.67
N GLU C 249 33.97 46.20 -55.48
CA GLU C 249 34.18 47.53 -56.03
C GLU C 249 35.05 48.36 -55.11
N MET D 4 17.59 60.87 -2.62
CA MET D 4 18.84 60.06 -2.65
C MET D 4 18.81 59.00 -1.56
N LYS D 5 18.23 59.34 -0.40
CA LYS D 5 18.11 58.38 0.68
C LYS D 5 17.22 57.22 0.28
N GLU D 6 16.13 57.49 -0.45
CA GLU D 6 15.29 56.40 -0.93
C GLU D 6 16.04 55.49 -1.88
N ARG D 7 16.96 56.04 -2.67
CA ARG D 7 17.81 55.20 -3.50
C ARG D 7 18.68 54.30 -2.64
N ILE D 8 19.20 54.83 -1.52
CA ILE D 8 19.97 54.00 -0.61
C ILE D 8 19.11 52.87 -0.06
N HIS D 9 17.88 53.18 0.32
CA HIS D 9 16.98 52.17 0.86
C HIS D 9 16.71 51.08 -0.18
N GLU D 10 16.45 51.49 -1.42
CA GLU D 10 16.18 50.52 -2.48
C GLU D 10 17.41 49.65 -2.74
N TYR D 11 18.59 50.26 -2.78
CA TYR D 11 19.80 49.47 -3.01
C TYR D 11 20.03 48.48 -1.88
N CYS D 12 19.83 48.91 -0.63
CA CYS D 12 20.00 48.01 0.50
C CYS D 12 19.02 46.85 0.44
N HIS D 13 17.77 47.13 0.06
CA HIS D 13 16.80 46.05 -0.08
C HIS D 13 17.21 45.10 -1.21
N ARG D 14 17.72 45.64 -2.32
CA ARG D 14 18.12 44.79 -3.43
C ARG D 14 19.36 43.97 -3.10
N LEU D 15 20.25 44.49 -2.27
CA LEU D 15 21.45 43.75 -1.87
C LEU D 15 21.16 42.74 -0.77
N HIS D 16 19.90 42.57 -0.38
CA HIS D 16 19.52 41.59 0.64
C HIS D 16 20.19 41.90 1.98
N LEU D 17 20.05 43.15 2.41
CA LEU D 17 20.57 43.62 3.70
C LEU D 17 19.48 44.40 4.42
N PRO D 18 18.39 43.73 4.80
CA PRO D 18 17.26 44.48 5.38
C PRO D 18 17.63 45.28 6.62
N VAL D 19 18.48 44.73 7.48
CA VAL D 19 18.82 45.44 8.71
C VAL D 19 19.65 46.68 8.41
N MET D 20 20.52 46.61 7.40
CA MET D 20 21.27 47.79 7.00
C MET D 20 20.34 48.92 6.59
N ALA D 21 19.30 48.59 5.81
CA ALA D 21 18.31 49.61 5.45
C ALA D 21 17.57 50.12 6.68
N GLU D 22 17.19 49.21 7.58
CA GLU D 22 16.42 49.61 8.75
C GLU D 22 17.21 50.57 9.64
N ARG D 23 18.49 50.27 9.87
CA ARG D 23 19.33 51.05 10.78
C ARG D 23 20.21 52.05 10.05
N TRP D 24 19.98 52.28 8.76
CA TRP D 24 20.81 53.23 8.02
C TRP D 24 20.70 54.62 8.60
N SER D 25 19.48 55.07 8.91
CA SER D 25 19.30 56.44 9.41
C SER D 25 19.97 56.62 10.77
N ALA D 26 19.82 55.66 11.66
CA ALA D 26 20.41 55.79 13.00
C ALA D 26 21.92 55.86 12.93
N MET D 27 22.53 54.98 12.12
CA MET D 27 23.99 54.99 12.01
C MET D 27 24.48 56.26 11.32
N ALA D 28 23.72 56.75 10.32
CA ALA D 28 24.10 57.99 9.67
C ALA D 28 24.06 59.16 10.64
N GLU D 29 23.01 59.23 11.48
CA GLU D 29 22.94 60.29 12.48
C GLU D 29 24.07 60.17 13.48
N TYR D 30 24.39 58.95 13.93
CA TYR D 30 25.49 58.77 14.86
C TYR D 30 26.82 59.22 14.24
N ALA D 31 27.05 58.88 12.97
CA ALA D 31 28.28 59.28 12.31
C ALA D 31 28.35 60.79 12.16
N SER D 32 27.23 61.43 11.80
CA SER D 32 27.23 62.88 11.66
C SER D 32 27.51 63.57 12.99
N THR D 33 26.78 63.16 14.04
CA THR D 33 27.01 63.75 15.35
C THR D 33 28.39 63.39 15.89
N HIS D 34 28.78 62.13 15.76
CA HIS D 34 30.09 61.65 16.20
C HIS D 34 30.88 61.19 14.98
N ASN D 35 31.92 61.93 14.64
CA ASN D 35 32.76 61.61 13.49
C ASN D 35 33.97 60.83 13.95
N ILE D 36 34.13 59.62 13.43
CA ILE D 36 35.27 58.77 13.76
C ILE D 36 36.06 58.51 12.48
N SER D 37 35.44 57.82 11.53
CA SER D 37 36.05 57.56 10.24
C SER D 37 35.07 56.86 9.30
N TYR D 38 35.23 57.05 7.99
CA TYR D 38 34.39 56.30 7.05
C TYR D 38 34.67 54.81 7.11
N SER D 39 35.95 54.43 7.18
CA SER D 39 36.31 53.02 7.25
C SER D 39 35.73 52.39 8.51
N GLU D 40 35.87 53.07 9.66
CA GLU D 40 35.34 52.51 10.89
C GLU D 40 33.82 52.49 10.91
N PHE D 41 33.18 53.49 10.29
CA PHE D 41 31.73 53.51 10.20
C PHE D 41 31.24 52.31 9.39
N LEU D 42 31.85 52.06 8.24
CA LEU D 42 31.48 50.89 7.44
C LEU D 42 31.79 49.61 8.19
N PHE D 43 32.91 49.58 8.93
CA PHE D 43 33.24 48.40 9.71
C PHE D 43 32.16 48.10 10.74
N ARG D 44 31.69 49.13 11.45
CA ARG D 44 30.63 48.94 12.44
C ARG D 44 29.35 48.46 11.78
N LEU D 45 28.98 49.09 10.66
CA LEU D 45 27.75 48.69 9.97
C LEU D 45 27.83 47.24 9.53
N LEU D 46 28.94 46.85 8.89
CA LEU D 46 29.08 45.48 8.41
C LEU D 46 29.16 44.48 9.56
N GLU D 47 29.79 44.87 10.68
CA GLU D 47 29.83 43.98 11.83
C GLU D 47 28.44 43.74 12.39
N ALA D 48 27.62 44.80 12.49
CA ALA D 48 26.25 44.61 12.95
C ALA D 48 25.46 43.73 12.00
N GLU D 49 25.63 43.95 10.68
CA GLU D 49 24.94 43.13 9.70
C GLU D 49 25.37 41.66 9.82
N ILE D 50 26.67 41.42 10.02
CA ILE D 50 27.17 40.06 10.15
C ILE D 50 26.62 39.41 11.41
N VAL D 51 26.54 40.16 12.50
CA VAL D 51 25.98 39.60 13.73
C VAL D 51 24.53 39.20 13.52
N GLU D 52 23.74 40.07 12.87
CA GLU D 52 22.35 39.74 12.60
C GLU D 52 22.24 38.51 11.72
N LYS D 53 23.06 38.44 10.67
CA LYS D 53 23.02 37.29 9.76
C LYS D 53 23.41 36.01 10.48
N GLN D 54 24.42 36.07 11.34
CA GLN D 54 24.83 34.90 12.11
C GLN D 54 23.74 34.44 13.04
N ALA D 55 23.07 35.37 13.72
CA ALA D 55 21.97 34.99 14.59
C ALA D 55 20.85 34.33 13.79
N ARG D 56 20.52 34.89 12.62
CA ARG D 56 19.47 34.31 11.79
C ARG D 56 19.85 32.91 11.32
N SER D 57 21.12 32.73 10.94
CA SER D 57 21.58 31.41 10.49
C SER D 57 21.52 30.40 11.62
N ILE D 58 21.92 30.81 12.83
CA ILE D 58 21.85 29.90 13.97
C ILE D 58 20.41 29.51 14.26
N GLN D 59 19.49 30.47 14.20
CA GLN D 59 18.08 30.15 14.42
C GLN D 59 17.56 29.19 13.36
N THR D 60 17.94 29.42 12.09
CA THR D 60 17.51 28.52 11.04
C THR D 60 18.07 27.11 11.24
N LEU D 61 19.34 27.01 11.63
CA LEU D 61 19.93 25.71 11.91
C LEU D 61 19.19 25.00 13.04
N ILE D 62 18.88 25.73 14.11
CA ILE D 62 18.13 25.14 15.22
C ILE D 62 16.78 24.65 14.74
N LYS D 63 16.10 25.43 13.91
CA LYS D 63 14.81 25.01 13.39
C LYS D 63 14.95 23.75 12.54
N LEU D 64 16.03 23.66 11.76
CA LEU D 64 16.25 22.52 10.87
C LEU D 64 16.85 21.32 11.59
N SER D 65 17.30 21.47 12.84
CA SER D 65 17.92 20.38 13.58
C SER D 65 16.92 19.57 14.39
N LYS D 66 15.63 19.91 14.34
CA LYS D 66 14.60 19.16 15.03
C LYS D 66 14.94 18.98 16.51
N LEU D 67 15.45 20.03 17.13
CA LEU D 67 15.67 20.02 18.57
C LEU D 67 14.35 20.35 19.27
N PRO D 68 13.82 19.46 20.12
CA PRO D 68 12.53 19.77 20.75
C PRO D 68 12.59 21.01 21.64
N TYR D 69 13.59 21.08 22.52
CA TYR D 69 13.77 22.23 23.38
C TYR D 69 15.25 22.57 23.44
N ARG D 70 15.54 23.83 23.76
CA ARG D 70 16.89 24.37 23.74
C ARG D 70 17.46 24.40 25.15
N LYS D 71 18.54 23.67 25.39
CA LYS D 71 19.23 23.63 26.67
C LYS D 71 20.68 24.06 26.48
N THR D 72 21.36 24.28 27.60
CA THR D 72 22.76 24.69 27.57
C THR D 72 23.45 24.13 28.80
N ILE D 73 24.78 24.06 28.72
CA ILE D 73 25.57 23.59 29.86
C ILE D 73 25.49 24.56 31.03
N ASP D 74 25.15 25.82 30.77
CA ASP D 74 25.07 26.79 31.86
C ASP D 74 24.01 26.42 32.87
N THR D 75 22.89 25.87 32.41
CA THR D 75 21.78 25.52 33.28
C THR D 75 21.95 24.14 33.92
N PHE D 76 23.03 23.44 33.63
CA PHE D 76 23.30 22.13 34.22
C PHE D 76 24.02 22.34 35.55
N ASP D 77 23.34 22.01 36.65
CA ASP D 77 23.89 22.14 37.99
C ASP D 77 24.64 20.87 38.32
N PHE D 78 25.98 20.95 38.26
CA PHE D 78 26.81 19.79 38.57
C PHE D 78 26.76 19.41 40.05
N THR D 79 26.28 20.30 40.91
CA THR D 79 26.13 19.95 42.31
C THR D 79 25.06 18.88 42.51
N ALA D 80 23.99 18.92 41.71
CA ALA D 80 22.94 17.93 41.82
C ALA D 80 23.36 16.57 41.28
N GLN D 81 24.37 16.52 40.41
CA GLN D 81 24.85 15.28 39.80
C GLN D 81 26.36 15.20 39.97
N PRO D 82 26.84 14.95 41.18
CA PRO D 82 28.30 14.82 41.38
C PRO D 82 28.88 13.59 40.70
N SER D 83 28.07 12.64 40.26
CA SER D 83 28.56 11.41 39.66
C SER D 83 29.28 11.66 38.34
N VAL D 84 29.08 12.82 37.72
CA VAL D 84 29.69 13.15 36.42
C VAL D 84 30.71 14.26 36.65
N ASP D 85 31.91 14.07 36.13
CA ASP D 85 32.98 15.05 36.24
C ASP D 85 32.72 16.17 35.23
N GLU D 86 32.62 17.41 35.73
CA GLU D 86 32.37 18.55 34.85
C GLU D 86 33.52 18.76 33.88
N ARG D 87 34.73 18.33 34.24
CA ARG D 87 35.88 18.52 33.37
C ARG D 87 35.67 17.82 32.03
N ARG D 88 35.18 16.58 32.07
CA ARG D 88 34.95 15.84 30.83
C ARG D 88 33.88 16.50 29.98
N ILE D 89 32.83 17.04 30.61
CA ILE D 89 31.80 17.74 29.86
C ILE D 89 32.37 18.98 29.20
N ARG D 90 33.19 19.73 29.91
CA ARG D 90 33.83 20.91 29.32
C ARG D 90 34.71 20.51 28.15
N GLU D 91 35.45 19.41 28.30
CA GLU D 91 36.26 18.92 27.18
C GLU D 91 35.38 18.57 25.99
N LEU D 92 34.22 17.96 26.24
CA LEU D 92 33.29 17.68 25.15
C LEU D 92 32.84 18.97 24.46
N LEU D 93 32.59 20.02 25.25
CA LEU D 93 32.10 21.27 24.68
C LEU D 93 33.10 21.93 23.74
N THR D 94 34.37 21.52 23.78
CA THR D 94 35.34 22.03 22.81
C THR D 94 35.11 21.46 21.41
N LEU D 95 34.24 20.45 21.28
CA LEU D 95 33.94 19.84 19.99
C LEU D 95 35.16 19.16 19.38
N SER D 96 36.10 18.74 20.23
CA SER D 96 37.24 17.98 19.72
C SER D 96 36.81 16.63 19.17
N PHE D 97 35.74 16.04 19.72
CA PHE D 97 35.28 14.75 19.24
C PHE D 97 34.86 14.81 17.78
N ILE D 98 34.41 15.98 17.31
CA ILE D 98 34.03 16.10 15.91
C ILE D 98 35.23 15.86 15.01
N ASP D 99 36.38 16.44 15.35
CA ASP D 99 37.59 16.21 14.57
C ASP D 99 38.16 14.82 14.83
N ARG D 100 37.97 14.29 16.03
CA ARG D 100 38.48 12.96 16.38
C ARG D 100 37.53 11.84 15.97
N LYS D 101 36.37 12.17 15.41
CA LYS D 101 35.40 11.16 14.97
C LYS D 101 34.99 10.26 16.14
N GLU D 102 34.87 10.85 17.33
CA GLU D 102 34.52 10.10 18.53
C GLU D 102 33.04 10.24 18.83
N ASN D 103 32.41 9.12 19.17
CA ASN D 103 31.02 9.11 19.56
C ASN D 103 30.88 9.36 21.05
N ILE D 104 29.71 9.85 21.45
CA ILE D 104 29.39 10.10 22.85
C ILE D 104 28.19 9.23 23.21
N LEU D 105 28.30 8.51 24.32
CA LEU D 105 27.22 7.66 24.81
C LEU D 105 26.90 8.05 26.25
N PHE D 106 25.65 8.40 26.49
CA PHE D 106 25.17 8.73 27.83
C PHE D 106 24.33 7.57 28.36
N LEU D 107 24.69 7.11 29.56
CA LEU D 107 24.02 5.97 30.18
C LEU D 107 23.71 6.29 31.63
N GLY D 108 22.58 5.74 32.11
CA GLY D 108 22.20 5.88 33.50
C GLY D 108 20.70 5.93 33.68
N PRO D 109 20.25 6.03 34.93
CA PRO D 109 18.81 6.04 35.20
C PRO D 109 18.14 7.23 34.54
N PRO D 110 16.81 7.29 34.57
CA PRO D 110 16.10 8.44 33.98
C PRO D 110 16.30 9.70 34.80
N GLY D 111 16.18 10.84 34.12
CA GLY D 111 16.16 12.12 34.81
C GLY D 111 17.48 12.57 35.39
N ILE D 112 18.60 12.10 34.84
CA ILE D 112 19.93 12.44 35.36
C ILE D 112 20.66 13.41 34.43
N GLY D 113 20.01 13.89 33.37
CA GLY D 113 20.60 14.87 32.50
C GLY D 113 21.23 14.33 31.23
N LYS D 114 20.99 13.06 30.89
CA LYS D 114 21.56 12.52 29.66
C LYS D 114 21.07 13.29 28.44
N THR D 115 19.76 13.43 28.31
CA THR D 115 19.22 14.19 27.18
C THR D 115 19.56 15.66 27.30
N HIS D 116 19.63 16.19 28.53
CA HIS D 116 20.04 17.59 28.70
C HIS D 116 21.45 17.79 28.18
N LEU D 117 22.38 16.90 28.54
CA LEU D 117 23.75 17.02 28.06
C LEU D 117 23.82 16.82 26.55
N ALA D 118 23.05 15.88 26.02
CA ALA D 118 23.06 15.66 24.57
C ALA D 118 22.60 16.91 23.83
N ILE D 119 21.51 17.53 24.29
CA ILE D 119 21.02 18.74 23.64
C ILE D 119 22.00 19.89 23.84
N SER D 120 22.68 19.95 24.99
CA SER D 120 23.69 20.98 25.20
C SER D 120 24.82 20.83 24.19
N ILE D 121 25.28 19.60 23.97
CA ILE D 121 26.35 19.37 23.00
C ILE D 121 25.87 19.74 21.60
N GLY D 122 24.64 19.35 21.26
CA GLY D 122 24.12 19.71 19.95
C GLY D 122 24.01 21.21 19.76
N MET D 123 23.56 21.92 20.80
CA MET D 123 23.45 23.38 20.72
C MET D 123 24.82 24.02 20.57
N GLU D 124 25.81 23.52 21.31
CA GLU D 124 27.17 24.04 21.16
C GLU D 124 27.69 23.79 19.75
N ALA D 125 27.41 22.61 19.19
CA ALA D 125 27.84 22.31 17.83
C ALA D 125 27.18 23.26 16.84
N ILE D 126 25.90 23.55 17.03
CA ILE D 126 25.24 24.51 16.15
C ILE D 126 25.83 25.90 16.32
N ALA D 127 26.25 26.25 17.54
CA ALA D 127 26.83 27.56 17.77
C ALA D 127 28.10 27.75 16.96
N ARG D 128 28.96 26.72 16.90
CA ARG D 128 30.19 26.78 16.12
C ARG D 128 29.99 26.42 14.66
N GLY D 129 28.75 26.46 14.17
CA GLY D 129 28.47 26.28 12.76
C GLY D 129 28.35 24.85 12.30
N TYR D 130 28.59 23.87 13.17
CA TYR D 130 28.48 22.48 12.76
C TYR D 130 27.02 22.08 12.62
N LYS D 131 26.69 21.45 11.49
CA LYS D 131 25.34 20.93 11.30
C LYS D 131 25.03 19.88 12.37
N THR D 132 23.85 19.99 12.98
CA THR D 132 23.44 19.06 14.01
C THR D 132 22.00 18.65 13.76
N TYR D 133 21.69 17.40 14.12
CA TYR D 133 20.35 16.86 14.00
C TYR D 133 20.04 16.06 15.25
N PHE D 134 18.78 16.12 15.69
CA PHE D 134 18.32 15.41 16.88
C PHE D 134 17.10 14.59 16.51
N ILE D 135 17.06 13.34 16.97
CA ILE D 135 15.95 12.45 16.67
C ILE D 135 15.92 11.33 17.71
N THR D 136 14.72 10.81 17.94
CA THR D 136 14.56 9.66 18.83
C THR D 136 14.73 8.37 18.03
N ALA D 137 15.24 7.34 18.70
CA ALA D 137 15.49 6.08 18.02
C ALA D 137 14.20 5.50 17.45
N HIS D 138 13.11 5.56 18.21
CA HIS D 138 11.84 5.05 17.72
C HIS D 138 11.39 5.81 16.47
N ASP D 139 11.43 7.15 16.53
CA ASP D 139 11.04 7.94 15.37
C ASP D 139 11.97 7.73 14.20
N LEU D 140 13.28 7.61 14.45
CA LEU D 140 14.22 7.37 13.37
C LEU D 140 13.92 6.06 12.67
N VAL D 141 13.68 4.99 13.45
CA VAL D 141 13.38 3.70 12.85
C VAL D 141 12.07 3.74 12.08
N ASN D 142 11.05 4.40 12.65
CA ASN D 142 9.77 4.48 11.96
C ASN D 142 9.89 5.24 10.65
N GLN D 143 10.61 6.36 10.64
CA GLN D 143 10.78 7.12 9.42
C GLN D 143 11.57 6.33 8.38
N LEU D 144 12.61 5.62 8.82
CA LEU D 144 13.37 4.81 7.88
C LEU D 144 12.51 3.71 7.28
N ARG D 145 11.68 3.06 8.10
CA ARG D 145 10.80 2.03 7.58
C ARG D 145 9.81 2.61 6.58
N ARG D 146 9.22 3.76 6.90
CA ARG D 146 8.25 4.37 5.98
C ARG D 146 8.92 4.76 4.67
N ALA D 147 10.12 5.31 4.73
CA ALA D 147 10.85 5.64 3.51
C ALA D 147 11.15 4.39 2.69
N ASP D 148 11.53 3.30 3.36
CA ASP D 148 11.80 2.05 2.64
C ASP D 148 10.53 1.54 1.96
N GLN D 149 9.39 1.61 2.64
CA GLN D 149 8.15 1.14 2.05
C GLN D 149 7.78 1.93 0.80
N GLU D 150 8.22 3.18 0.71
CA GLU D 150 7.93 4.03 -0.44
C GLU D 150 9.10 4.11 -1.41
N GLY D 151 10.12 3.27 -1.24
CA GLY D 151 11.21 3.22 -2.19
C GLY D 151 12.11 4.44 -2.18
N LYS D 152 12.21 5.14 -1.06
CA LYS D 152 13.08 6.31 -0.93
C LYS D 152 13.88 6.24 0.36
N LEU D 153 14.34 5.03 0.71
CA LEU D 153 15.15 4.88 1.91
C LEU D 153 16.48 5.62 1.78
N GLU D 154 17.03 5.70 0.56
CA GLU D 154 18.31 6.35 0.38
C GLU D 154 18.25 7.83 0.73
N LYS D 155 17.16 8.50 0.36
CA LYS D 155 17.02 9.92 0.67
C LYS D 155 17.02 10.14 2.18
N LYS D 156 16.24 9.34 2.90
CA LYS D 156 16.18 9.49 4.36
C LYS D 156 17.52 9.13 4.99
N LEU D 157 18.21 8.13 4.45
CA LEU D 157 19.52 7.78 4.97
C LEU D 157 20.51 8.92 4.77
N ARG D 158 20.46 9.58 3.62
CA ARG D 158 21.28 10.77 3.42
C ARG D 158 20.92 11.86 4.40
N VAL D 159 19.61 12.05 4.65
CA VAL D 159 19.18 13.08 5.59
C VAL D 159 19.75 12.81 6.98
N PHE D 160 19.74 11.54 7.41
CA PHE D 160 20.24 11.18 8.72
C PHE D 160 21.76 11.04 8.76
N VAL D 161 22.43 11.01 7.62
CA VAL D 161 23.90 10.91 7.60
C VAL D 161 24.56 12.24 7.30
N LYS D 162 23.87 13.18 6.66
CA LYS D 162 24.46 14.48 6.36
C LYS D 162 24.89 15.24 7.62
N PRO D 163 24.09 15.30 8.68
CA PRO D 163 24.46 16.14 9.83
C PRO D 163 25.82 15.73 10.41
N THR D 164 26.59 16.75 10.80
CA THR D 164 27.89 16.48 11.41
C THR D 164 27.74 15.77 12.75
N VAL D 165 26.75 16.17 13.55
CA VAL D 165 26.49 15.56 14.85
C VAL D 165 25.03 15.13 14.89
N LEU D 166 24.81 13.82 15.02
CA LEU D 166 23.48 13.24 15.09
C LEU D 166 23.24 12.73 16.50
N ILE D 167 22.12 13.14 17.09
CA ILE D 167 21.75 12.76 18.45
C ILE D 167 20.60 11.76 18.36
N ILE D 168 20.82 10.58 18.91
CA ILE D 168 19.80 9.53 18.99
C ILE D 168 19.36 9.45 20.45
N ASP D 169 18.13 9.85 20.72
CA ASP D 169 17.61 10.00 22.06
C ASP D 169 16.59 8.90 22.37
N GLU D 170 16.56 8.47 23.62
CA GLU D 170 15.62 7.47 24.10
C GLU D 170 15.72 6.18 23.28
N MET D 171 16.93 5.62 23.26
CA MET D 171 17.19 4.33 22.63
C MET D 171 17.24 3.29 23.74
N GLY D 172 16.11 2.62 23.98
CA GLY D 172 16.04 1.60 25.00
C GLY D 172 14.73 1.56 25.75
N TYR D 173 14.05 2.72 25.87
CA TYR D 173 12.74 2.73 26.51
C TYR D 173 11.72 1.94 25.69
N LEU D 174 11.76 2.07 24.37
CA LEU D 174 10.89 1.32 23.47
C LEU D 174 11.74 0.31 22.72
N LYS D 175 11.41 -0.97 22.86
CA LYS D 175 12.13 -2.00 22.13
C LYS D 175 11.90 -1.82 20.63
N LEU D 176 12.99 -1.82 19.87
CA LEU D 176 12.92 -1.60 18.44
C LEU D 176 12.37 -2.84 17.75
N ASP D 177 11.60 -2.62 16.70
CA ASP D 177 11.03 -3.71 15.93
C ASP D 177 12.16 -4.57 15.35
N PRO D 178 12.19 -5.88 15.60
CA PRO D 178 13.31 -6.68 15.06
C PRO D 178 13.44 -6.57 13.55
N ASN D 179 12.33 -6.45 12.82
CA ASN D 179 12.39 -6.30 11.38
C ASN D 179 12.91 -4.94 10.95
N SER D 180 13.03 -3.98 11.86
CA SER D 180 13.47 -2.63 11.53
C SER D 180 14.69 -2.17 12.32
N ALA D 181 15.06 -2.87 13.39
CA ALA D 181 16.23 -2.46 14.16
C ALA D 181 17.47 -2.37 13.27
N HIS D 182 17.57 -3.23 12.26
CA HIS D 182 18.72 -3.20 11.37
C HIS D 182 18.92 -1.81 10.76
N TYR D 183 17.82 -1.10 10.50
CA TYR D 183 17.94 0.25 9.96
C TYR D 183 18.91 1.08 10.79
N LEU D 184 18.74 1.05 12.12
CA LEU D 184 19.64 1.78 13.00
C LEU D 184 21.09 1.45 12.68
N PHE D 185 21.41 0.17 12.60
CA PHE D 185 22.77 -0.24 12.30
C PHE D 185 23.29 0.47 11.06
N GLN D 186 22.46 0.51 10.00
CA GLN D 186 22.90 1.15 8.77
C GLN D 186 23.41 2.56 9.04
N VAL D 187 22.63 3.37 9.77
CA VAL D 187 23.09 4.71 10.11
C VAL D 187 24.39 4.62 10.89
N ILE D 188 24.41 3.80 11.94
CA ILE D 188 25.62 3.66 12.74
C ILE D 188 26.75 3.13 11.89
N ALA D 189 26.43 2.38 10.84
CA ALA D 189 27.48 1.90 9.94
C ALA D 189 28.00 3.01 9.04
N ARG D 190 27.10 3.88 8.55
CA ARG D 190 27.51 4.89 7.59
C ARG D 190 28.25 6.05 8.24
N ARG D 191 27.92 6.39 9.48
CA ARG D 191 28.60 7.45 10.21
C ARG D 191 29.80 6.96 11.00
N TYR D 192 30.07 5.66 10.98
CA TYR D 192 31.21 5.13 11.72
C TYR D 192 32.51 5.72 11.19
N GLU D 193 33.29 6.31 12.08
CA GLU D 193 34.55 6.96 11.75
C GLU D 193 34.39 8.06 10.71
N HIS D 194 33.17 8.55 10.50
CA HIS D 194 32.90 9.65 9.59
C HIS D 194 32.32 10.85 10.32
N ALA D 195 31.30 10.65 11.15
CA ALA D 195 30.70 11.71 11.93
C ALA D 195 30.37 11.19 13.32
N PRO D 196 30.44 12.04 14.34
CA PRO D 196 30.08 11.59 15.69
C PRO D 196 28.59 11.27 15.80
N ILE D 197 28.29 10.42 16.78
CA ILE D 197 26.91 10.12 17.17
C ILE D 197 26.81 10.27 18.68
N ILE D 198 25.79 10.99 19.14
CA ILE D 198 25.53 11.19 20.57
C ILE D 198 24.28 10.39 20.89
N LEU D 199 24.46 9.25 21.55
CA LEU D 199 23.36 8.33 21.84
C LEU D 199 23.08 8.32 23.33
N THR D 200 21.83 8.56 23.69
CA THR D 200 21.40 8.57 25.09
C THR D 200 20.52 7.35 25.34
N SER D 201 20.85 6.58 26.38
CA SER D 201 20.08 5.39 26.71
C SER D 201 20.23 5.10 28.20
N ASN D 202 19.30 4.29 28.71
CA ASN D 202 19.36 3.81 30.08
C ASN D 202 19.77 2.34 30.17
N LYS D 203 19.92 1.67 29.03
CA LYS D 203 20.28 0.26 29.01
C LYS D 203 21.79 0.11 28.81
N SER D 204 22.41 -0.72 29.63
CA SER D 204 23.82 -1.02 29.46
C SER D 204 24.04 -1.70 28.10
N PHE D 205 25.31 -1.77 27.70
CA PHE D 205 25.64 -2.33 26.40
C PHE D 205 25.22 -3.80 26.32
N GLY D 206 25.50 -4.58 27.36
CA GLY D 206 25.18 -5.99 27.34
C GLY D 206 23.71 -6.28 27.13
N GLU D 207 22.84 -5.32 27.42
CA GLU D 207 21.40 -5.48 27.26
C GLU D 207 20.90 -5.07 25.89
N TRP D 208 21.75 -4.48 25.04
CA TRP D 208 21.28 -3.99 23.75
C TRP D 208 20.67 -5.12 22.91
N GLY D 209 21.10 -6.36 23.13
CA GLY D 209 20.51 -7.47 22.40
C GLY D 209 19.01 -7.55 22.59
N GLU D 210 18.54 -7.26 23.80
CA GLU D 210 17.11 -7.24 24.05
C GLU D 210 16.43 -6.12 23.26
N ILE D 211 17.09 -4.97 23.15
CA ILE D 211 16.45 -3.80 22.53
C ILE D 211 16.21 -4.06 21.04
N VAL D 212 17.23 -4.54 20.32
CA VAL D 212 17.13 -4.71 18.88
C VAL D 212 16.63 -6.09 18.47
N GLY D 213 16.51 -7.02 19.41
CA GLY D 213 16.03 -8.34 19.08
C GLY D 213 16.99 -9.19 18.27
N ASP D 214 18.28 -8.87 18.32
CA ASP D 214 19.28 -9.63 17.56
C ASP D 214 20.62 -9.43 18.26
N SER D 215 21.11 -10.49 18.91
CA SER D 215 22.35 -10.38 19.67
C SER D 215 23.54 -10.07 18.78
N VAL D 216 23.63 -10.71 17.62
CA VAL D 216 24.76 -10.49 16.72
C VAL D 216 24.74 -9.06 16.19
N LEU D 217 23.57 -8.59 15.77
CA LEU D 217 23.47 -7.21 15.28
C LEU D 217 23.78 -6.23 16.40
N ALA D 218 23.32 -6.50 17.61
CA ALA D 218 23.62 -5.63 18.74
C ALA D 218 25.12 -5.57 19.00
N THR D 219 25.80 -6.72 18.95
CA THR D 219 27.24 -6.73 19.16
C THR D 219 27.98 -5.98 18.07
N ALA D 220 27.55 -6.14 16.82
CA ALA D 220 28.18 -5.40 15.72
C ALA D 220 27.99 -3.89 15.91
N MET D 221 26.77 -3.48 16.26
CA MET D 221 26.50 -2.07 16.49
C MET D 221 27.35 -1.53 17.63
N LEU D 222 27.47 -2.30 18.72
CA LEU D 222 28.25 -1.85 19.86
C LEU D 222 29.72 -1.74 19.52
N ASP D 223 30.26 -2.71 18.76
CA ASP D 223 31.66 -2.63 18.38
C ASP D 223 31.92 -1.43 17.48
N ARG D 224 31.02 -1.15 16.54
CA ARG D 224 31.20 0.01 15.67
C ARG D 224 31.07 1.31 16.44
N LEU D 225 30.10 1.41 17.35
CA LEU D 225 29.82 2.65 18.06
C LEU D 225 30.83 2.94 19.15
N LEU D 226 31.40 1.89 19.77
CA LEU D 226 32.31 2.03 20.90
C LEU D 226 33.78 1.99 20.48
N HIS D 227 34.06 1.95 19.17
CA HIS D 227 35.44 1.94 18.72
C HIS D 227 36.16 3.19 19.19
N HIS D 228 35.73 4.34 18.69
CA HIS D 228 36.22 5.65 19.14
C HIS D 228 35.04 6.36 19.77
N SER D 229 34.94 6.31 21.10
CA SER D 229 33.80 6.85 21.78
C SER D 229 34.19 7.34 23.17
N ILE D 230 33.37 8.23 23.71
CA ILE D 230 33.49 8.70 25.09
C ILE D 230 32.21 8.27 25.78
N ILE D 231 32.33 7.33 26.72
CA ILE D 231 31.18 6.70 27.36
C ILE D 231 31.01 7.32 28.75
N PHE D 232 29.84 7.90 29.00
CA PHE D 232 29.50 8.47 30.30
C PHE D 232 28.44 7.59 30.95
N ASN D 233 28.76 7.07 32.13
CA ASN D 233 27.82 6.27 32.92
C ASN D 233 27.39 7.15 34.10
N LEU D 234 26.35 7.95 33.88
CA LEU D 234 25.87 8.85 34.91
C LEU D 234 25.10 8.07 35.98
N LYS D 235 25.07 8.64 37.18
CA LYS D 235 24.40 8.01 38.32
C LYS D 235 23.70 9.11 39.12
N GLY D 236 23.08 8.69 40.22
CA GLY D 236 22.41 9.60 41.13
C GLY D 236 20.90 9.53 40.98
N GLU D 237 20.22 10.16 41.95
CA GLU D 237 18.77 10.19 41.94
C GLU D 237 18.25 11.08 40.82
N SER D 238 17.06 10.74 40.33
CA SER D 238 16.46 11.50 39.25
C SER D 238 16.29 12.96 39.64
N TYR D 239 16.58 13.85 38.67
CA TYR D 239 16.42 15.28 38.92
C TYR D 239 14.95 15.71 38.88
N ARG D 240 14.12 15.01 38.11
CA ARG D 240 12.70 15.32 38.09
C ARG D 240 12.09 15.12 39.47
N LEU D 241 12.41 14.00 40.12
CA LEU D 241 11.92 13.77 41.47
C LEU D 241 12.53 14.77 42.45
N ARG D 242 13.75 15.22 42.19
CA ARG D 242 14.34 16.27 43.04
C ARG D 242 13.52 17.54 42.95
N GLU D 243 13.15 17.95 41.74
CA GLU D 243 12.30 19.13 41.58
C GLU D 243 10.94 18.92 42.23
N LYS D 244 10.38 17.71 42.10
CA LYS D 244 9.10 17.42 42.73
C LYS D 244 9.19 17.59 44.23
N ARG D 245 10.24 17.04 44.84
CA ARG D 245 10.43 17.20 46.28
C ARG D 245 10.58 18.66 46.66
N LEU D 246 11.38 19.41 45.90
CA LEU D 246 11.58 20.82 46.21
C LEU D 246 10.26 21.58 46.15
N GLN D 247 9.43 21.32 45.13
CA GLN D 247 8.13 21.97 45.04
C GLN D 247 7.24 21.57 46.23
N GLU D 248 7.23 20.29 46.57
CA GLU D 248 6.43 19.85 47.72
C GLU D 248 6.97 20.47 49.01
N GLU D 249 8.28 20.51 49.17
CA GLU D 249 8.89 21.08 50.37
C GLU D 249 9.03 22.59 50.23
N MET E 4 -20.52 46.86 24.13
CA MET E 4 -21.64 46.10 23.53
C MET E 4 -21.45 45.95 22.02
N LYS E 5 -20.96 47.02 21.39
CA LYS E 5 -20.71 46.98 19.95
C LYS E 5 -19.66 45.95 19.60
N GLU E 6 -18.60 45.87 20.41
CA GLU E 6 -17.57 44.86 20.18
C GLU E 6 -18.13 43.46 20.28
N ARG E 7 -19.06 43.25 21.23
CA ARG E 7 -19.70 41.95 21.35
C ARG E 7 -20.51 41.62 20.09
N ILE E 8 -21.20 42.62 19.54
CA ILE E 8 -21.97 42.40 18.31
C ILE E 8 -21.04 42.03 17.17
N HIS E 9 -19.91 42.75 17.04
CA HIS E 9 -18.96 42.44 15.98
C HIS E 9 -18.40 41.02 16.14
N GLU E 10 -18.04 40.65 17.37
CA GLU E 10 -17.52 39.31 17.62
C GLU E 10 -18.56 38.25 17.26
N TYR E 11 -19.81 38.47 17.64
CA TYR E 11 -20.85 37.50 17.33
C TYR E 11 -21.06 37.38 15.83
N CYS E 12 -21.06 38.52 15.11
CA CYS E 12 -21.22 38.47 13.66
C CYS E 12 -20.07 37.70 13.01
N HIS E 13 -18.84 37.93 13.49
CA HIS E 13 -17.71 37.17 12.96
C HIS E 13 -17.85 35.68 13.25
N ARG E 14 -18.29 35.34 14.46
CA ARG E 14 -18.37 33.93 14.85
C ARG E 14 -19.41 33.16 14.05
N LEU E 15 -20.54 33.80 13.72
CA LEU E 15 -21.59 33.16 12.95
C LEU E 15 -21.33 33.23 11.44
N HIS E 16 -20.10 33.51 11.03
CA HIS E 16 -19.70 33.51 9.62
C HIS E 16 -20.51 34.55 8.83
N LEU E 17 -20.46 35.78 9.31
CA LEU E 17 -21.09 36.92 8.64
C LEU E 17 -20.13 38.12 8.66
N PRO E 18 -18.96 37.98 8.04
CA PRO E 18 -18.03 39.13 8.03
C PRO E 18 -18.62 40.37 7.40
N VAL E 19 -19.39 40.21 6.31
CA VAL E 19 -19.94 41.37 5.61
C VAL E 19 -20.97 42.06 6.49
N MET E 20 -21.77 41.29 7.23
CA MET E 20 -22.75 41.89 8.13
C MET E 20 -22.06 42.75 9.18
N ALA E 21 -20.95 42.25 9.75
CA ALA E 21 -20.19 43.05 10.70
C ALA E 21 -19.62 44.29 10.03
N GLU E 22 -19.12 44.16 8.80
CA GLU E 22 -18.52 45.31 8.12
C GLU E 22 -19.55 46.41 7.88
N ARG E 23 -20.77 46.04 7.47
CA ARG E 23 -21.82 46.99 7.18
C ARG E 23 -22.78 47.18 8.35
N TRP E 24 -22.36 46.83 9.57
CA TRP E 24 -23.24 46.95 10.73
C TRP E 24 -23.54 48.41 11.05
N SER E 25 -22.48 49.24 11.11
CA SER E 25 -22.67 50.64 11.48
C SER E 25 -23.53 51.37 10.46
N ALA E 26 -23.28 51.15 9.17
CA ALA E 26 -24.04 51.86 8.14
C ALA E 26 -25.52 51.49 8.19
N MET E 27 -25.82 50.20 8.32
CA MET E 27 -27.22 49.79 8.38
C MET E 27 -27.89 50.30 9.65
N ALA E 28 -27.17 50.29 10.78
CA ALA E 28 -27.73 50.82 12.00
C ALA E 28 -28.05 52.31 11.87
N GLU E 29 -27.13 53.07 11.26
CA GLU E 29 -27.38 54.50 11.07
C GLU E 29 -28.57 54.72 10.15
N TYR E 30 -28.66 53.95 9.07
CA TYR E 30 -29.79 54.10 8.15
C TYR E 30 -31.11 53.77 8.84
N ALA E 31 -31.13 52.72 9.66
CA ALA E 31 -32.34 52.35 10.37
C ALA E 31 -32.74 53.43 11.39
N SER E 32 -31.75 53.98 12.10
CA SER E 32 -32.05 55.03 13.06
C SER E 32 -32.58 56.28 12.36
N THR E 33 -31.99 56.65 11.22
CA THR E 33 -32.41 57.86 10.53
C THR E 33 -33.81 57.71 9.95
N HIS E 34 -34.07 56.60 9.27
CA HIS E 34 -35.37 56.35 8.64
C HIS E 34 -36.08 55.23 9.39
N ASN E 35 -37.32 55.49 9.81
CA ASN E 35 -38.06 54.51 10.58
C ASN E 35 -38.45 53.33 9.69
N ILE E 36 -37.96 52.14 10.05
CA ILE E 36 -38.25 50.92 9.32
C ILE E 36 -38.58 49.83 10.33
N SER E 37 -39.40 48.87 9.90
CA SER E 37 -39.77 47.76 10.74
C SER E 37 -38.60 46.77 10.87
N TYR E 38 -38.48 46.18 12.05
CA TYR E 38 -37.39 45.24 12.29
C TYR E 38 -37.40 44.11 11.25
N SER E 39 -38.59 43.63 10.89
CA SER E 39 -38.69 42.57 9.91
C SER E 39 -38.06 42.97 8.58
N GLU E 40 -38.41 44.16 8.08
CA GLU E 40 -37.88 44.60 6.80
C GLU E 40 -36.38 44.90 6.90
N PHE E 41 -35.93 45.44 8.03
CA PHE E 41 -34.51 45.69 8.21
C PHE E 41 -33.71 44.39 8.15
N LEU E 42 -34.16 43.37 8.88
CA LEU E 42 -33.49 42.08 8.83
C LEU E 42 -33.57 41.47 7.45
N PHE E 43 -34.71 41.62 6.78
CA PHE E 43 -34.86 41.09 5.42
C PHE E 43 -33.84 41.71 4.48
N ARG E 44 -33.70 43.03 4.53
CA ARG E 44 -32.74 43.71 3.66
C ARG E 44 -31.31 43.27 3.99
N LEU E 45 -30.98 43.21 5.29
CA LEU E 45 -29.63 42.82 5.68
C LEU E 45 -29.31 41.42 5.20
N LEU E 46 -30.22 40.48 5.41
CA LEU E 46 -29.99 39.10 4.99
C LEU E 46 -29.96 38.97 3.47
N GLU E 47 -30.76 39.78 2.76
CA GLU E 47 -30.71 39.75 1.30
C GLU E 47 -29.36 40.23 0.79
N ALA E 48 -28.82 41.31 1.39
CA ALA E 48 -27.49 41.76 1.00
C ALA E 48 -26.44 40.70 1.30
N GLU E 49 -26.54 40.08 2.47
CA GLU E 49 -25.59 39.02 2.81
C GLU E 49 -25.67 37.87 1.82
N ILE E 50 -26.88 37.48 1.42
CA ILE E 50 -27.06 36.38 0.49
C ILE E 50 -26.54 36.76 -0.89
N VAL E 51 -26.73 38.01 -1.31
CA VAL E 51 -26.20 38.45 -2.60
C VAL E 51 -24.68 38.38 -2.60
N GLU E 52 -24.04 38.84 -1.53
CA GLU E 52 -22.60 38.75 -1.44
C GLU E 52 -22.13 37.29 -1.44
N LYS E 53 -22.84 36.44 -0.69
CA LYS E 53 -22.49 35.02 -0.66
C LYS E 53 -22.61 34.39 -2.04
N GLN E 54 -23.67 34.72 -2.77
CA GLN E 54 -23.85 34.17 -4.11
C GLN E 54 -22.76 34.65 -5.06
N ALA E 55 -22.40 35.93 -4.99
CA ALA E 55 -21.32 36.42 -5.83
C ALA E 55 -20.02 35.70 -5.52
N ARG E 56 -19.69 35.53 -4.24
CA ARG E 56 -18.47 34.83 -3.87
C ARG E 56 -18.52 33.37 -4.34
N SER E 57 -19.67 32.73 -4.22
CA SER E 57 -19.80 31.34 -4.66
C SER E 57 -19.60 31.23 -6.16
N ILE E 58 -20.16 32.15 -6.92
CA ILE E 58 -19.98 32.10 -8.38
C ILE E 58 -18.51 32.33 -8.73
N GLN E 59 -17.85 33.27 -8.07
CA GLN E 59 -16.43 33.50 -8.35
C GLN E 59 -15.60 32.26 -8.01
N THR E 60 -15.90 31.61 -6.87
CA THR E 60 -15.17 30.40 -6.51
C THR E 60 -15.43 29.28 -7.51
N LEU E 61 -16.67 29.15 -7.98
CA LEU E 61 -16.98 28.14 -8.99
C LEU E 61 -16.19 28.39 -10.27
N ILE E 62 -16.13 29.65 -10.70
CA ILE E 62 -15.37 29.97 -11.91
C ILE E 62 -13.89 29.68 -11.69
N LYS E 63 -13.38 29.93 -10.49
CA LYS E 63 -11.99 29.58 -10.20
C LYS E 63 -11.78 28.06 -10.27
N LEU E 64 -12.71 27.29 -9.71
CA LEU E 64 -12.58 25.83 -9.71
C LEU E 64 -12.65 25.28 -11.13
N SER E 65 -13.54 25.82 -11.96
CA SER E 65 -13.65 25.41 -13.36
C SER E 65 -12.65 26.23 -14.15
N LYS E 66 -11.58 25.58 -14.61
CA LYS E 66 -10.48 26.31 -15.25
C LYS E 66 -10.96 26.84 -16.60
N LEU E 67 -11.29 28.13 -16.63
CA LEU E 67 -11.65 28.82 -17.86
C LEU E 67 -10.56 29.84 -18.18
N PRO E 68 -9.82 29.71 -19.28
CA PRO E 68 -8.69 30.63 -19.51
C PRO E 68 -9.11 32.09 -19.53
N TYR E 69 -10.16 32.41 -20.27
CA TYR E 69 -10.68 33.78 -20.35
C TYR E 69 -12.20 33.74 -20.24
N ARG E 70 -12.76 34.80 -19.65
CA ARG E 70 -14.18 34.86 -19.37
C ARG E 70 -14.89 35.57 -20.52
N LYS E 71 -15.86 34.89 -21.13
CA LYS E 71 -16.66 35.44 -22.21
C LYS E 71 -18.14 35.22 -21.90
N THR E 72 -18.98 35.93 -22.65
CA THR E 72 -20.42 35.83 -22.47
C THR E 72 -21.11 36.11 -23.79
N ILE E 73 -22.37 35.67 -23.88
CA ILE E 73 -23.15 35.87 -25.10
C ILE E 73 -23.36 37.36 -25.37
N ASP E 74 -23.23 38.20 -24.35
CA ASP E 74 -23.44 39.63 -24.55
C ASP E 74 -22.43 40.22 -25.53
N THR E 75 -21.18 39.78 -25.45
CA THR E 75 -20.11 40.32 -26.28
C THR E 75 -19.99 39.59 -27.62
N PHE E 76 -20.96 38.75 -27.98
CA PHE E 76 -20.92 38.02 -29.24
C PHE E 76 -21.70 38.79 -30.30
N ASP E 77 -21.07 39.00 -31.45
CA ASP E 77 -21.68 39.73 -32.56
C ASP E 77 -22.26 38.71 -33.54
N PHE E 78 -23.57 38.48 -33.43
CA PHE E 78 -24.23 37.55 -34.34
C PHE E 78 -24.36 38.08 -35.75
N THR E 79 -24.24 39.40 -35.95
CA THR E 79 -24.30 39.94 -37.30
C THR E 79 -23.07 39.55 -38.11
N ALA E 80 -21.90 39.49 -37.48
CA ALA E 80 -20.68 39.13 -38.18
C ALA E 80 -20.69 37.67 -38.65
N GLN E 81 -21.47 36.81 -38.01
CA GLN E 81 -21.52 35.39 -38.33
C GLN E 81 -22.98 34.99 -38.53
N PRO E 82 -23.55 35.29 -39.69
CA PRO E 82 -24.93 34.86 -39.96
C PRO E 82 -25.09 33.35 -40.09
N SER E 83 -23.99 32.60 -40.22
CA SER E 83 -24.06 31.16 -40.38
C SER E 83 -24.57 30.44 -39.13
N VAL E 84 -24.63 31.13 -37.98
CA VAL E 84 -25.11 30.56 -36.74
C VAL E 84 -26.37 31.31 -36.33
N ASP E 85 -27.44 30.57 -36.05
CA ASP E 85 -28.71 31.16 -35.66
C ASP E 85 -28.66 31.54 -34.19
N GLU E 86 -28.91 32.82 -33.89
CA GLU E 86 -28.91 33.26 -32.50
C GLU E 86 -30.08 32.69 -31.71
N ARG E 87 -31.16 32.29 -32.38
CA ARG E 87 -32.28 31.68 -31.67
C ARG E 87 -31.84 30.39 -30.97
N ARG E 88 -31.08 29.56 -31.67
CA ARG E 88 -30.62 28.31 -31.08
C ARG E 88 -29.70 28.57 -29.90
N ILE E 89 -28.81 29.56 -30.02
CA ILE E 89 -27.91 29.87 -28.91
C ILE E 89 -28.69 30.38 -27.71
N ARG E 90 -29.68 31.23 -27.94
CA ARG E 90 -30.52 31.70 -26.83
C ARG E 90 -31.25 30.55 -26.18
N GLU E 91 -31.74 29.59 -26.98
CA GLU E 91 -32.37 28.41 -26.42
C GLU E 91 -31.38 27.61 -25.57
N LEU E 92 -30.14 27.49 -26.04
CA LEU E 92 -29.13 26.79 -25.26
C LEU E 92 -28.89 27.50 -23.93
N LEU E 93 -28.86 28.83 -23.94
CA LEU E 93 -28.60 29.59 -22.72
C LEU E 93 -29.67 29.34 -21.66
N THR E 94 -30.85 28.85 -22.06
CA THR E 94 -31.85 28.47 -21.07
C THR E 94 -31.45 27.21 -20.31
N LEU E 95 -30.47 26.47 -20.82
CA LEU E 95 -29.94 25.29 -20.16
C LEU E 95 -30.94 24.12 -20.17
N SER E 96 -31.74 24.02 -21.23
CA SER E 96 -32.61 22.86 -21.38
C SER E 96 -31.79 21.59 -21.62
N PHE E 97 -30.62 21.71 -22.25
CA PHE E 97 -29.80 20.55 -22.54
C PHE E 97 -29.34 19.86 -21.26
N ILE E 98 -29.15 20.62 -20.18
CA ILE E 98 -28.70 20.01 -18.93
C ILE E 98 -29.76 19.03 -18.41
N ASP E 99 -31.02 19.43 -18.45
CA ASP E 99 -32.10 18.54 -18.02
C ASP E 99 -32.37 17.45 -19.05
N ARG E 100 -32.13 17.73 -20.32
CA ARG E 100 -32.33 16.75 -21.38
C ARG E 100 -31.11 15.86 -21.61
N LYS E 101 -30.03 16.08 -20.85
CA LYS E 101 -28.81 15.28 -20.99
C LYS E 101 -28.23 15.37 -22.40
N GLU E 102 -28.39 16.53 -23.04
CA GLU E 102 -27.95 16.73 -24.41
C GLU E 102 -26.56 17.36 -24.44
N ASN E 103 -25.72 16.85 -25.34
CA ASN E 103 -24.40 17.40 -25.57
C ASN E 103 -24.48 18.54 -26.58
N ILE E 104 -23.48 19.42 -26.54
CA ILE E 104 -23.40 20.58 -27.43
C ILE E 104 -22.09 20.48 -28.19
N LEU E 105 -22.17 20.23 -29.50
CA LEU E 105 -20.99 20.09 -30.33
C LEU E 105 -20.90 21.28 -31.28
N PHE E 106 -19.80 22.02 -31.21
CA PHE E 106 -19.54 23.14 -32.10
C PHE E 106 -18.47 22.73 -33.11
N LEU E 107 -18.74 22.99 -34.39
CA LEU E 107 -17.88 22.58 -35.48
C LEU E 107 -17.70 23.74 -36.45
N GLY E 108 -16.51 23.84 -37.03
CA GLY E 108 -16.24 24.83 -38.04
C GLY E 108 -14.80 25.30 -38.03
N PRO E 109 -14.43 26.14 -38.99
CA PRO E 109 -13.05 26.60 -39.11
C PRO E 109 -12.59 27.30 -37.84
N PRO E 110 -11.30 27.58 -37.71
CA PRO E 110 -10.79 28.24 -36.50
C PRO E 110 -11.29 29.67 -36.38
N GLY E 111 -11.41 30.12 -35.14
CA GLY E 111 -11.70 31.52 -34.87
C GLY E 111 -13.08 31.99 -35.31
N ILE E 112 -14.10 31.15 -35.17
CA ILE E 112 -15.47 31.53 -35.51
C ILE E 112 -16.37 31.55 -34.29
N GLY E 113 -15.80 31.42 -33.09
CA GLY E 113 -16.58 31.49 -31.87
C GLY E 113 -16.93 30.17 -31.24
N LYS E 114 -16.43 29.04 -31.74
CA LYS E 114 -16.74 27.75 -31.16
C LYS E 114 -16.39 27.73 -29.68
N THR E 115 -15.14 28.06 -29.36
CA THR E 115 -14.74 28.14 -27.96
C THR E 115 -15.42 29.31 -27.27
N HIS E 116 -15.65 30.41 -27.99
CA HIS E 116 -16.37 31.53 -27.41
C HIS E 116 -17.78 31.13 -26.98
N LEU E 117 -18.49 30.42 -27.87
CA LEU E 117 -19.84 29.98 -27.53
C LEU E 117 -19.84 28.93 -26.44
N ALA E 118 -18.86 28.02 -26.46
CA ALA E 118 -18.77 27.03 -25.40
C ALA E 118 -18.53 27.68 -24.04
N ILE E 119 -17.63 28.66 -23.99
CA ILE E 119 -17.38 29.37 -22.74
C ILE E 119 -18.59 30.20 -22.34
N SER E 120 -19.32 30.76 -23.30
CA SER E 120 -20.53 31.48 -22.97
C SER E 120 -21.56 30.56 -22.33
N ILE E 121 -21.76 29.37 -22.90
CA ILE E 121 -22.70 28.42 -22.34
C ILE E 121 -22.25 27.98 -20.94
N GLY E 122 -20.95 27.74 -20.78
CA GLY E 122 -20.45 27.37 -19.46
C GLY E 122 -20.64 28.48 -18.44
N MET E 123 -20.42 29.72 -18.84
CA MET E 123 -20.62 30.86 -17.94
C MET E 123 -22.09 30.97 -17.56
N GLU E 124 -22.99 30.81 -18.53
CA GLU E 124 -24.41 30.84 -18.23
C GLU E 124 -24.79 29.72 -17.27
N ALA E 125 -24.24 28.52 -17.47
CA ALA E 125 -24.54 27.41 -16.58
C ALA E 125 -24.03 27.69 -15.16
N ILE E 126 -22.82 28.25 -15.04
CA ILE E 126 -22.30 28.58 -13.72
C ILE E 126 -23.14 29.66 -13.07
N ALA E 127 -23.69 30.58 -13.87
CA ALA E 127 -24.51 31.66 -13.31
C ALA E 127 -25.70 31.09 -12.56
N ARG E 128 -26.37 30.08 -13.12
CA ARG E 128 -27.51 29.46 -12.49
C ARG E 128 -27.13 28.34 -11.52
N GLY E 129 -25.87 28.31 -11.08
CA GLY E 129 -25.44 27.38 -10.07
C GLY E 129 -25.05 25.99 -10.56
N TYR E 130 -25.18 25.72 -11.85
CA TYR E 130 -24.79 24.41 -12.37
C TYR E 130 -23.28 24.26 -12.32
N LYS E 131 -22.81 23.13 -11.78
CA LYS E 131 -21.39 22.85 -11.77
C LYS E 131 -20.88 22.63 -13.18
N THR E 132 -19.77 23.30 -13.53
CA THR E 132 -19.18 23.18 -14.85
C THR E 132 -17.67 23.05 -14.69
N TYR E 133 -17.04 22.39 -15.66
CA TYR E 133 -15.59 22.25 -15.65
C TYR E 133 -15.07 22.30 -17.07
N PHE E 134 -14.10 23.18 -17.31
CA PHE E 134 -13.56 23.42 -18.65
C PHE E 134 -12.14 22.88 -18.75
N ILE E 135 -11.83 22.30 -19.90
CA ILE E 135 -10.51 21.70 -20.12
C ILE E 135 -10.36 21.47 -21.62
N THR E 136 -9.11 21.41 -22.08
CA THR E 136 -8.84 21.02 -23.46
C THR E 136 -8.71 19.50 -23.56
N ALA E 137 -9.05 18.97 -24.72
CA ALA E 137 -9.02 17.52 -24.91
C ALA E 137 -7.62 16.98 -24.66
N HIS E 138 -6.60 17.66 -25.17
CA HIS E 138 -5.23 17.23 -24.93
C HIS E 138 -4.92 17.22 -23.45
N ASP E 139 -5.29 18.28 -22.73
CA ASP E 139 -5.05 18.34 -21.29
C ASP E 139 -5.80 17.24 -20.56
N LEU E 140 -7.05 17.01 -20.92
CA LEU E 140 -7.83 15.96 -20.27
C LEU E 140 -7.17 14.60 -20.46
N VAL E 141 -6.78 14.29 -21.69
CA VAL E 141 -6.16 12.99 -21.97
C VAL E 141 -4.86 12.85 -21.20
N ASN E 142 -4.03 13.90 -21.21
CA ASN E 142 -2.75 13.83 -20.52
C ASN E 142 -2.93 13.67 -19.01
N GLN E 143 -3.87 14.41 -18.42
CA GLN E 143 -4.11 14.29 -16.99
C GLN E 143 -4.62 12.91 -16.63
N LEU E 144 -5.54 12.36 -17.45
CA LEU E 144 -6.04 11.02 -17.19
C LEU E 144 -4.92 9.99 -17.29
N ARG E 145 -4.05 10.13 -18.30
CA ARG E 145 -2.94 9.20 -18.43
C ARG E 145 -2.00 9.28 -17.22
N ARG E 146 -1.68 10.50 -16.79
CA ARG E 146 -0.80 10.66 -15.64
C ARG E 146 -1.42 10.08 -14.37
N ALA E 147 -2.72 10.31 -14.18
CA ALA E 147 -3.39 9.74 -13.01
C ALA E 147 -3.39 8.22 -13.06
N ASP E 148 -3.61 7.64 -14.25
CA ASP E 148 -3.57 6.19 -14.39
C ASP E 148 -2.18 5.65 -14.09
N GLN E 149 -1.14 6.33 -14.56
CA GLN E 149 0.22 5.90 -14.27
C GLN E 149 0.52 5.94 -12.77
N GLU E 150 -0.20 6.75 -12.01
CA GLU E 150 -0.05 6.82 -10.56
C GLU E 150 -1.00 5.87 -9.83
N GLY E 151 -1.76 5.06 -10.56
CA GLY E 151 -2.70 4.15 -9.93
C GLY E 151 -3.82 4.84 -9.18
N LYS E 152 -4.26 6.00 -9.66
CA LYS E 152 -5.36 6.74 -9.05
C LYS E 152 -6.27 7.30 -10.13
N LEU E 153 -6.48 6.54 -11.20
CA LEU E 153 -7.31 7.03 -12.29
C LEU E 153 -8.74 7.28 -11.84
N GLU E 154 -9.20 6.57 -10.81
CA GLU E 154 -10.59 6.72 -10.37
C GLU E 154 -10.86 8.12 -9.85
N LYS E 155 -9.91 8.68 -9.09
CA LYS E 155 -10.10 10.02 -8.54
C LYS E 155 -10.21 11.06 -9.65
N LYS E 156 -9.31 10.99 -10.64
CA LYS E 156 -9.36 11.95 -11.74
C LYS E 156 -10.61 11.74 -12.58
N LEU E 157 -11.05 10.50 -12.75
CA LEU E 157 -12.27 10.25 -13.49
C LEU E 157 -13.48 10.85 -12.76
N ARG E 158 -13.50 10.74 -11.43
CA ARG E 158 -14.55 11.42 -10.67
C ARG E 158 -14.47 12.92 -10.85
N VAL E 159 -13.25 13.46 -10.85
CA VAL E 159 -13.09 14.90 -11.03
C VAL E 159 -13.67 15.34 -12.38
N PHE E 160 -13.43 14.56 -13.42
CA PHE E 160 -13.93 14.88 -14.75
C PHE E 160 -15.38 14.46 -14.97
N VAL E 161 -15.98 13.73 -14.02
CA VAL E 161 -17.35 13.29 -14.15
C VAL E 161 -18.31 14.02 -13.22
N LYS E 162 -17.82 14.52 -12.08
CA LYS E 162 -18.70 15.24 -11.17
C LYS E 162 -19.35 16.47 -11.80
N PRO E 163 -18.64 17.29 -12.57
CA PRO E 163 -19.26 18.54 -13.08
C PRO E 163 -20.52 18.26 -13.88
N THR E 164 -21.51 19.14 -13.72
CA THR E 164 -22.77 18.97 -14.46
C THR E 164 -22.56 19.17 -15.95
N VAL E 165 -21.62 20.03 -16.35
CA VAL E 165 -21.32 20.27 -17.75
C VAL E 165 -19.80 20.25 -17.91
N LEU E 166 -19.30 19.39 -18.79
CA LEU E 166 -17.87 19.28 -19.05
C LEU E 166 -17.56 19.88 -20.41
N ILE E 167 -16.69 20.87 -20.45
CA ILE E 167 -16.32 21.56 -21.67
C ILE E 167 -14.98 21.00 -22.14
N ILE E 168 -14.96 20.46 -23.34
CA ILE E 168 -13.75 19.93 -23.98
C ILE E 168 -13.46 20.83 -25.18
N ASP E 169 -12.38 21.58 -25.09
CA ASP E 169 -12.04 22.59 -26.09
C ASP E 169 -10.89 22.11 -26.96
N GLU E 170 -10.96 22.44 -28.24
CA GLU E 170 -9.92 22.11 -29.22
C GLU E 170 -9.68 20.60 -29.29
N MET E 171 -10.71 19.89 -29.74
CA MET E 171 -10.63 18.45 -30.01
C MET E 171 -10.42 18.30 -31.51
N GLY E 172 -9.16 18.18 -31.92
CA GLY E 172 -8.85 17.99 -33.33
C GLY E 172 -7.57 18.64 -33.81
N TYR E 173 -7.16 19.73 -33.17
CA TYR E 173 -5.91 20.37 -33.55
C TYR E 173 -4.72 19.48 -33.25
N LEU E 174 -4.73 18.82 -32.09
CA LEU E 174 -3.68 17.90 -31.69
C LEU E 174 -4.25 16.48 -31.73
N LYS E 175 -3.61 15.60 -32.50
CA LYS E 175 -4.02 14.20 -32.51
C LYS E 175 -3.70 13.58 -31.16
N LEU E 176 -4.68 12.90 -30.58
CA LEU E 176 -4.50 12.27 -29.28
C LEU E 176 -3.64 11.02 -29.42
N ASP E 177 -2.91 10.72 -28.35
CA ASP E 177 -2.10 9.50 -28.33
C ASP E 177 -3.02 8.30 -28.47
N PRO E 178 -2.79 7.40 -29.45
CA PRO E 178 -3.71 6.27 -29.59
C PRO E 178 -3.82 5.42 -28.33
N ASN E 179 -2.73 5.28 -27.58
CA ASN E 179 -2.78 4.50 -26.34
C ASN E 179 -3.60 5.21 -25.26
N SER E 180 -3.74 6.52 -25.34
CA SER E 180 -4.45 7.30 -24.32
C SER E 180 -5.82 7.79 -24.79
N ALA E 181 -6.09 7.77 -26.10
CA ALA E 181 -7.37 8.28 -26.58
C ALA E 181 -8.54 7.57 -25.91
N HIS E 182 -8.39 6.29 -25.58
CA HIS E 182 -9.48 5.55 -24.95
C HIS E 182 -9.96 6.24 -23.68
N TYR E 183 -9.04 6.90 -22.95
CA TYR E 183 -9.45 7.62 -21.75
C TYR E 183 -10.61 8.56 -22.06
N LEU E 184 -10.50 9.31 -23.14
CA LEU E 184 -11.58 10.21 -23.53
C LEU E 184 -12.90 9.47 -23.61
N PHE E 185 -12.90 8.31 -24.30
CA PHE E 185 -14.12 7.52 -24.40
C PHE E 185 -14.71 7.26 -23.03
N GLN E 186 -13.85 6.87 -22.07
CA GLN E 186 -14.35 6.60 -20.72
C GLN E 186 -15.17 7.77 -20.21
N VAL E 187 -14.63 8.98 -20.31
CA VAL E 187 -15.39 10.16 -19.87
C VAL E 187 -16.69 10.24 -20.65
N ILE E 188 -16.60 10.18 -21.99
CA ILE E 188 -17.81 10.22 -22.81
C ILE E 188 -18.69 9.03 -22.50
N ALA E 189 -18.10 7.92 -22.05
CA ALA E 189 -18.90 6.76 -21.67
C ALA E 189 -19.57 6.96 -20.32
N ARG E 190 -18.91 7.67 -19.41
CA ARG E 190 -19.43 7.81 -18.05
C ARG E 190 -20.38 8.99 -17.91
N ARG E 191 -20.21 10.03 -18.72
CA ARG E 191 -21.11 11.16 -18.72
C ARG E 191 -22.25 11.00 -19.73
N TYR E 192 -22.33 9.84 -20.39
CA TYR E 192 -23.39 9.61 -21.35
C TYR E 192 -24.73 9.48 -20.63
N GLU E 193 -25.70 10.30 -21.05
CA GLU E 193 -27.03 10.34 -20.46
C GLU E 193 -27.00 10.75 -18.99
N HIS E 194 -25.89 11.31 -18.52
CA HIS E 194 -25.76 11.78 -17.16
C HIS E 194 -25.44 13.27 -17.08
N ALA E 195 -24.47 13.75 -17.86
CA ALA E 195 -24.06 15.14 -17.79
C ALA E 195 -23.63 15.62 -19.18
N PRO E 196 -24.05 16.80 -19.61
CA PRO E 196 -23.67 17.27 -20.95
C PRO E 196 -22.18 17.51 -21.11
N ILE E 197 -21.73 17.32 -22.34
CA ILE E 197 -20.39 17.70 -22.77
C ILE E 197 -20.52 18.77 -23.85
N ILE E 198 -19.81 19.87 -23.66
CA ILE E 198 -19.72 20.95 -24.64
C ILE E 198 -18.37 20.77 -25.33
N LEU E 199 -18.39 20.20 -26.51
CA LEU E 199 -17.18 19.86 -27.25
C LEU E 199 -17.03 20.79 -28.44
N THR E 200 -15.88 21.46 -28.52
CA THR E 200 -15.58 22.36 -29.63
C THR E 200 -14.48 21.73 -30.49
N SER E 201 -14.72 21.67 -31.80
CA SER E 201 -13.79 21.04 -32.71
C SER E 201 -13.87 21.70 -34.07
N ASN E 202 -12.83 21.48 -34.88
CA ASN E 202 -12.83 21.89 -36.27
C ASN E 202 -12.88 20.70 -37.23
N LYS E 203 -12.82 19.47 -36.72
CA LYS E 203 -12.82 18.28 -37.54
C LYS E 203 -14.23 17.70 -37.61
N SER E 204 -14.66 17.35 -38.83
CA SER E 204 -15.92 16.65 -38.98
C SER E 204 -15.88 15.33 -38.23
N PHE E 205 -17.06 14.79 -37.94
CA PHE E 205 -17.14 13.58 -37.13
C PHE E 205 -16.41 12.42 -37.80
N GLY E 206 -16.56 12.28 -39.11
CA GLY E 206 -15.92 11.17 -39.81
C GLY E 206 -14.43 11.13 -39.65
N GLU E 207 -13.80 12.25 -39.33
CA GLU E 207 -12.36 12.32 -39.17
C GLU E 207 -11.89 12.02 -37.76
N TRP E 208 -12.81 11.82 -36.81
CA TRP E 208 -12.39 11.57 -35.43
C TRP E 208 -11.52 10.32 -35.33
N GLY E 209 -11.74 9.34 -36.20
CA GLY E 209 -10.89 8.17 -36.19
C GLY E 209 -9.42 8.52 -36.37
N GLU E 210 -9.14 9.48 -37.26
CA GLU E 210 -7.77 9.96 -37.40
C GLU E 210 -7.31 10.66 -36.13
N ILE E 211 -8.18 11.42 -35.48
CA ILE E 211 -7.79 12.16 -34.28
C ILE E 211 -7.39 11.21 -33.17
N VAL E 212 -8.24 10.20 -32.91
CA VAL E 212 -7.96 9.24 -31.84
C VAL E 212 -7.16 8.05 -32.31
N GLY E 213 -7.02 7.85 -33.62
CA GLY E 213 -6.26 6.72 -34.13
C GLY E 213 -6.93 5.39 -33.95
N ASP E 214 -8.26 5.36 -33.82
CA ASP E 214 -8.99 4.12 -33.63
C ASP E 214 -10.40 4.33 -34.21
N SER E 215 -10.63 3.79 -35.40
CA SER E 215 -11.90 4.02 -36.08
C SER E 215 -13.06 3.44 -35.28
N VAL E 216 -12.89 2.24 -34.73
CA VAL E 216 -13.97 1.61 -33.97
C VAL E 216 -14.25 2.41 -32.70
N LEU E 217 -13.20 2.77 -31.97
CA LEU E 217 -13.39 3.57 -30.76
C LEU E 217 -13.99 4.94 -31.09
N ALA E 218 -13.54 5.54 -32.20
CA ALA E 218 -14.10 6.82 -32.61
C ALA E 218 -15.58 6.68 -32.92
N THR E 219 -15.98 5.60 -33.59
CA THR E 219 -17.38 5.39 -33.89
C THR E 219 -18.20 5.19 -32.62
N ALA E 220 -17.66 4.45 -31.65
CA ALA E 220 -18.35 4.26 -30.39
C ALA E 220 -18.53 5.58 -29.66
N MET E 221 -17.46 6.39 -29.61
CA MET E 221 -17.54 7.70 -28.97
C MET E 221 -18.56 8.58 -29.66
N LEU E 222 -18.57 8.58 -30.99
CA LEU E 222 -19.52 9.41 -31.73
C LEU E 222 -20.95 8.95 -31.51
N ASP E 223 -21.19 7.63 -31.47
CA ASP E 223 -22.53 7.14 -31.22
C ASP E 223 -23.01 7.54 -29.83
N ARG E 224 -22.14 7.43 -28.83
CA ARG E 224 -22.54 7.84 -27.48
C ARG E 224 -22.76 9.35 -27.39
N LEU E 225 -21.90 10.13 -28.06
CA LEU E 225 -21.95 11.58 -27.93
C LEU E 225 -23.12 12.19 -28.71
N LEU E 226 -23.39 11.68 -29.91
CA LEU E 226 -24.39 12.24 -30.80
C LEU E 226 -25.78 11.68 -30.57
N HIS E 227 -25.95 10.76 -29.63
CA HIS E 227 -27.28 10.23 -29.35
C HIS E 227 -28.24 11.36 -28.99
N HIS E 228 -27.94 12.08 -27.91
CA HIS E 228 -28.68 13.27 -27.50
C HIS E 228 -27.69 14.43 -27.55
N SER E 229 -27.71 15.18 -28.65
CA SER E 229 -26.74 16.25 -28.84
C SER E 229 -27.32 17.32 -29.73
N ILE E 230 -26.70 18.50 -29.70
CA ILE E 230 -27.08 19.64 -30.51
C ILE E 230 -25.86 20.02 -31.34
N ILE E 231 -25.92 19.78 -32.64
CA ILE E 231 -24.77 19.94 -33.53
C ILE E 231 -24.87 21.30 -34.21
N PHE E 232 -23.85 22.13 -34.03
CA PHE E 232 -23.78 23.44 -34.66
C PHE E 232 -22.58 23.46 -35.61
N ASN E 233 -22.86 23.51 -36.91
CA ASN E 233 -21.82 23.57 -37.93
C ASN E 233 -21.65 25.04 -38.34
N LEU E 234 -20.78 25.74 -37.62
CA LEU E 234 -20.53 27.15 -37.90
C LEU E 234 -19.69 27.31 -39.16
N LYS E 235 -19.80 28.47 -39.77
CA LYS E 235 -19.06 28.80 -40.99
C LYS E 235 -18.63 30.26 -40.90
N GLY E 236 -18.09 30.77 -42.00
CA GLY E 236 -17.71 32.16 -42.11
C GLY E 236 -16.20 32.35 -41.97
N GLU E 237 -15.78 33.58 -42.26
CA GLU E 237 -14.38 33.93 -42.14
C GLU E 237 -13.96 34.04 -40.68
N SER E 238 -12.71 33.69 -40.40
CA SER E 238 -12.21 33.71 -39.04
C SER E 238 -12.35 35.10 -38.45
N TYR E 239 -12.88 35.16 -37.22
CA TYR E 239 -13.01 36.45 -36.54
C TYR E 239 -11.66 37.05 -36.21
N ARG E 240 -10.66 36.20 -35.94
CA ARG E 240 -9.32 36.72 -35.68
C ARG E 240 -8.80 37.51 -36.86
N LEU E 241 -8.91 36.94 -38.06
CA LEU E 241 -8.46 37.65 -39.25
C LEU E 241 -9.34 38.86 -39.54
N ARG E 242 -10.62 38.80 -39.18
CA ARG E 242 -11.49 39.97 -39.33
C ARG E 242 -10.98 41.13 -38.49
N GLU E 243 -10.69 40.87 -37.21
CA GLU E 243 -10.14 41.92 -36.36
C GLU E 243 -8.76 42.38 -36.85
N LYS E 244 -7.97 41.44 -37.39
CA LYS E 244 -6.67 41.82 -37.94
C LYS E 244 -6.83 42.81 -39.08
N ARG E 245 -7.76 42.53 -40.00
CA ARG E 245 -8.01 43.46 -41.10
C ARG E 245 -8.53 44.79 -40.58
N LEU E 246 -9.42 44.76 -39.59
CA LEU E 246 -9.93 46.02 -39.03
C LEU E 246 -8.80 46.86 -38.44
N GLN E 247 -7.89 46.22 -37.72
CA GLN E 247 -6.75 46.95 -37.15
C GLN E 247 -5.85 47.49 -38.24
N GLU E 248 -5.52 46.67 -39.23
CA GLU E 248 -4.69 47.15 -40.33
C GLU E 248 -5.39 48.24 -41.13
N GLU E 249 -6.68 48.06 -41.40
CA GLU E 249 -7.44 49.06 -42.14
C GLU E 249 -7.73 50.28 -41.26
N MET F 4 -42.22 37.59 1.93
CA MET F 4 -41.00 38.21 2.49
C MET F 4 -40.52 37.43 3.72
N LYS F 5 -41.46 36.99 4.55
CA LYS F 5 -41.11 36.22 5.73
C LYS F 5 -40.43 34.91 5.36
N GLU F 6 -40.93 34.24 4.32
CA GLU F 6 -40.29 33.01 3.86
C GLU F 6 -38.87 33.26 3.40
N ARG F 7 -38.64 34.41 2.74
CA ARG F 7 -37.28 34.75 2.33
C ARG F 7 -36.38 34.94 3.54
N ILE F 8 -36.90 35.56 4.59
CA ILE F 8 -36.10 35.75 5.81
C ILE F 8 -35.76 34.41 6.43
N HIS F 9 -36.74 33.50 6.50
CA HIS F 9 -36.48 32.16 7.05
C HIS F 9 -35.43 31.42 6.23
N GLU F 10 -35.56 31.48 4.90
CA GLU F 10 -34.59 30.82 4.03
C GLU F 10 -33.19 31.39 4.24
N TYR F 11 -33.08 32.72 4.34
CA TYR F 11 -31.78 33.33 4.54
C TYR F 11 -31.19 32.93 5.88
N CYS F 12 -32.01 32.90 6.93
CA CYS F 12 -31.51 32.50 8.24
C CYS F 12 -31.02 31.05 8.21
N HIS F 13 -31.76 30.17 7.53
CA HIS F 13 -31.30 28.79 7.40
C HIS F 13 -29.99 28.71 6.63
N ARG F 14 -29.87 29.49 5.55
CA ARG F 14 -28.69 29.40 4.70
C ARG F 14 -27.43 29.88 5.40
N LEU F 15 -27.54 30.90 6.25
CA LEU F 15 -26.40 31.43 6.99
C LEU F 15 -26.13 30.64 8.28
N HIS F 16 -26.67 29.44 8.40
CA HIS F 16 -26.41 28.55 9.54
C HIS F 16 -26.86 29.21 10.85
N LEU F 17 -28.13 29.61 10.87
CA LEU F 17 -28.76 30.17 12.07
C LEU F 17 -30.16 29.56 12.23
N PRO F 18 -30.25 28.24 12.41
CA PRO F 18 -31.59 27.65 12.59
C PRO F 18 -32.34 28.21 13.77
N VAL F 19 -31.65 28.46 14.89
CA VAL F 19 -32.32 28.94 16.09
C VAL F 19 -32.84 30.35 15.86
N MET F 20 -32.08 31.19 15.14
CA MET F 20 -32.56 32.53 14.84
C MET F 20 -33.85 32.48 14.04
N ALA F 21 -33.92 31.60 13.05
CA ALA F 21 -35.16 31.44 12.30
C ALA F 21 -36.29 30.94 13.19
N GLU F 22 -35.98 29.99 14.09
CA GLU F 22 -37.02 29.45 14.96
C GLU F 22 -37.62 30.52 15.86
N ARG F 23 -36.76 31.38 16.43
CA ARG F 23 -37.21 32.42 17.34
C ARG F 23 -37.37 33.78 16.65
N TRP F 24 -37.53 33.77 15.32
CA TRP F 24 -37.68 35.03 14.59
C TRP F 24 -38.99 35.72 14.93
N SER F 25 -40.10 34.97 14.90
CA SER F 25 -41.40 35.58 15.15
C SER F 25 -41.50 36.14 16.57
N ALA F 26 -41.01 35.38 17.55
CA ALA F 26 -41.11 35.82 18.94
C ALA F 26 -40.31 37.10 19.17
N MET F 27 -39.08 37.15 18.65
CA MET F 27 -38.27 38.34 18.83
C MET F 27 -38.86 39.53 18.08
N ALA F 28 -39.40 39.29 16.89
CA ALA F 28 -40.04 40.38 16.15
C ALA F 28 -41.25 40.93 16.91
N GLU F 29 -42.06 40.05 17.48
CA GLU F 29 -43.21 40.50 18.27
C GLU F 29 -42.76 41.28 19.49
N TYR F 30 -41.73 40.79 20.18
CA TYR F 30 -41.23 41.51 21.35
C TYR F 30 -40.70 42.89 20.98
N ALA F 31 -39.97 42.98 19.87
CA ALA F 31 -39.45 44.26 19.42
C ALA F 31 -40.56 45.22 19.04
N SER F 32 -41.60 44.71 18.36
CA SER F 32 -42.72 45.57 18.00
C SER F 32 -43.47 46.06 19.22
N THR F 33 -43.69 45.18 20.20
CA THR F 33 -44.45 45.57 21.39
C THR F 33 -43.69 46.60 22.21
N HIS F 34 -42.42 46.35 22.51
CA HIS F 34 -41.59 47.25 23.30
C HIS F 34 -40.58 47.92 22.38
N ASN F 35 -40.48 49.24 22.49
CA ASN F 35 -39.57 50.00 21.63
C ASN F 35 -38.14 49.79 22.10
N ILE F 36 -37.32 49.17 21.24
CA ILE F 36 -35.91 48.92 21.54
C ILE F 36 -35.08 49.37 20.35
N SER F 37 -33.82 49.67 20.62
CA SER F 37 -32.89 50.06 19.57
C SER F 37 -32.54 48.86 18.70
N TYR F 38 -32.27 49.12 17.42
CA TYR F 38 -31.86 48.05 16.52
C TYR F 38 -30.56 47.41 17.01
N SER F 39 -29.62 48.22 17.46
CA SER F 39 -28.35 47.68 17.96
C SER F 39 -28.58 46.74 19.11
N GLU F 40 -29.39 47.14 20.10
CA GLU F 40 -29.64 46.28 21.25
C GLU F 40 -30.41 45.03 20.86
N PHE F 41 -31.37 45.15 19.93
CA PHE F 41 -32.12 43.99 19.48
C PHE F 41 -31.19 42.97 18.82
N LEU F 42 -30.33 43.43 17.91
CA LEU F 42 -29.38 42.52 17.28
C LEU F 42 -28.41 41.94 18.30
N PHE F 43 -27.98 42.75 19.28
CA PHE F 43 -27.08 42.26 20.30
C PHE F 43 -27.72 41.12 21.09
N ARG F 44 -28.97 41.30 21.51
CA ARG F 44 -29.66 40.25 22.26
C ARG F 44 -29.84 39.01 21.40
N LEU F 45 -30.24 39.17 20.15
CA LEU F 45 -30.44 38.02 19.28
C LEU F 45 -29.15 37.24 19.09
N LEU F 46 -28.05 37.95 18.80
CA LEU F 46 -26.77 37.29 18.59
C LEU F 46 -26.26 36.66 19.88
N GLU F 47 -26.51 37.28 21.04
CA GLU F 47 -26.10 36.70 22.30
C GLU F 47 -26.84 35.39 22.56
N ALA F 48 -28.15 35.36 22.28
CA ALA F 48 -28.89 34.11 22.43
C ALA F 48 -28.36 33.05 21.48
N GLU F 49 -28.08 33.44 20.23
CA GLU F 49 -27.54 32.49 19.26
C GLU F 49 -26.21 31.94 19.74
N ILE F 50 -25.34 32.80 20.28
CA ILE F 50 -24.03 32.37 20.74
C ILE F 50 -24.16 31.46 21.96
N VAL F 51 -25.11 31.75 22.85
CA VAL F 51 -25.32 30.89 24.00
C VAL F 51 -25.75 29.50 23.55
N GLU F 52 -26.69 29.43 22.60
CA GLU F 52 -27.10 28.14 22.09
C GLU F 52 -25.94 27.41 21.41
N LYS F 53 -25.14 28.14 20.63
CA LYS F 53 -23.99 27.53 19.97
C LYS F 53 -23.00 26.99 20.99
N GLN F 54 -22.74 27.74 22.05
CA GLN F 54 -21.82 27.29 23.09
C GLN F 54 -22.34 26.05 23.79
N ALA F 55 -23.64 26.03 24.11
CA ALA F 55 -24.20 24.84 24.74
C ALA F 55 -24.06 23.62 23.83
N ARG F 56 -24.38 23.78 22.55
CA ARG F 56 -24.25 22.66 21.62
C ARG F 56 -22.79 22.22 21.50
N SER F 57 -21.86 23.17 21.47
CA SER F 57 -20.45 22.83 21.38
C SER F 57 -19.99 22.05 22.60
N ILE F 58 -20.43 22.47 23.78
CA ILE F 58 -20.04 21.75 25.00
C ILE F 58 -20.62 20.34 24.99
N GLN F 59 -21.88 20.20 24.57
CA GLN F 59 -22.47 18.86 24.51
C GLN F 59 -21.73 17.98 23.52
N THR F 60 -21.36 18.53 22.35
CA THR F 60 -20.61 17.75 21.38
C THR F 60 -19.24 17.37 21.91
N LEU F 61 -18.58 18.28 22.63
CA LEU F 61 -17.28 17.97 23.22
C LEU F 61 -17.41 16.83 24.23
N ILE F 62 -18.45 16.88 25.07
CA ILE F 62 -18.65 15.81 26.04
C ILE F 62 -18.94 14.50 25.33
N LYS F 63 -19.66 14.54 24.21
CA LYS F 63 -19.88 13.32 23.44
C LYS F 63 -18.57 12.78 22.88
N LEU F 64 -17.72 13.67 22.35
CA LEU F 64 -16.45 13.24 21.77
C LEU F 64 -15.54 12.65 22.84
N SER F 65 -15.49 13.25 24.02
CA SER F 65 -14.70 12.74 25.13
C SER F 65 -15.55 11.72 25.87
N LYS F 66 -15.19 10.45 25.73
CA LYS F 66 -16.03 9.37 26.26
C LYS F 66 -15.98 9.41 27.79
N LEU F 67 -17.02 9.98 28.40
CA LEU F 67 -17.19 9.98 29.84
C LEU F 67 -18.38 9.10 30.20
N PRO F 68 -18.19 7.99 30.91
CA PRO F 68 -19.33 7.09 31.15
C PRO F 68 -20.50 7.76 31.83
N TYR F 69 -20.24 8.51 32.90
CA TYR F 69 -21.28 9.23 33.63
C TYR F 69 -20.78 10.64 33.94
N ARG F 70 -21.71 11.59 33.97
CA ARG F 70 -21.38 12.99 34.14
C ARG F 70 -21.47 13.36 35.62
N LYS F 71 -20.36 13.85 36.18
CA LYS F 71 -20.29 14.29 37.56
C LYS F 71 -19.69 15.69 37.61
N THR F 72 -19.85 16.32 38.78
CA THR F 72 -19.33 17.67 38.98
C THR F 72 -18.99 17.86 40.45
N ILE F 73 -18.15 18.86 40.72
CA ILE F 73 -17.74 19.15 42.08
C ILE F 73 -18.93 19.55 42.94
N ASP F 74 -20.02 20.00 42.32
CA ASP F 74 -21.19 20.43 43.09
C ASP F 74 -21.78 19.28 43.90
N THR F 75 -21.82 18.08 43.31
CA THR F 75 -22.42 16.92 43.95
C THR F 75 -21.43 16.15 44.82
N PHE F 76 -20.25 16.71 45.10
CA PHE F 76 -19.26 16.05 45.93
C PHE F 76 -19.40 16.52 47.37
N ASP F 77 -19.48 15.57 48.30
CA ASP F 77 -19.63 15.86 49.71
C ASP F 77 -18.25 15.80 50.36
N PHE F 78 -17.63 16.96 50.55
CA PHE F 78 -16.32 17.03 51.19
C PHE F 78 -16.37 16.72 52.67
N THR F 79 -17.54 16.83 53.30
CA THR F 79 -17.63 16.49 54.72
C THR F 79 -17.46 14.99 54.95
N ALA F 80 -17.97 14.16 54.04
CA ALA F 80 -17.85 12.72 54.18
C ALA F 80 -16.40 12.24 54.07
N GLN F 81 -15.54 13.00 53.39
CA GLN F 81 -14.16 12.62 53.15
C GLN F 81 -13.25 13.78 53.58
N PRO F 82 -13.02 13.92 54.88
CA PRO F 82 -12.10 14.98 55.35
C PRO F 82 -10.64 14.75 54.94
N SER F 83 -10.30 13.55 54.47
CA SER F 83 -8.93 13.24 54.08
C SER F 83 -8.46 14.02 52.86
N VAL F 84 -9.38 14.64 52.12
CA VAL F 84 -9.06 15.42 50.93
C VAL F 84 -9.43 16.87 51.21
N ASP F 85 -8.49 17.79 50.98
CA ASP F 85 -8.71 19.20 51.21
C ASP F 85 -9.48 19.79 50.04
N GLU F 86 -10.64 20.40 50.32
CA GLU F 86 -11.42 21.02 49.26
C GLU F 86 -10.74 22.24 48.66
N ARG F 87 -9.84 22.89 49.41
CA ARG F 87 -9.12 24.03 48.87
C ARG F 87 -8.29 23.62 47.65
N ARG F 88 -7.59 22.49 47.74
CA ARG F 88 -6.78 22.03 46.62
C ARG F 88 -7.66 21.70 45.41
N ILE F 89 -8.81 21.07 45.64
CA ILE F 89 -9.69 20.73 44.53
C ILE F 89 -10.23 21.99 43.88
N ARG F 90 -10.60 22.98 44.68
CA ARG F 90 -11.06 24.26 44.11
C ARG F 90 -9.96 24.92 43.30
N GLU F 91 -8.72 24.85 43.79
CA GLU F 91 -7.60 25.38 43.02
C GLU F 91 -7.44 24.64 41.70
N LEU F 92 -7.61 23.31 41.73
CA LEU F 92 -7.53 22.54 40.49
C LEU F 92 -8.62 22.97 39.51
N LEU F 93 -9.83 23.23 40.02
CA LEU F 93 -10.93 23.62 39.14
C LEU F 93 -10.65 24.92 38.41
N THR F 94 -9.71 25.74 38.91
CA THR F 94 -9.31 26.93 38.18
C THR F 94 -8.52 26.58 36.92
N LEU F 95 -8.03 25.35 36.81
CA LEU F 95 -7.32 24.86 35.64
C LEU F 95 -5.94 25.51 35.49
N SER F 96 -5.29 25.82 36.61
CA SER F 96 -3.92 26.29 36.56
C SER F 96 -2.97 25.20 36.06
N PHE F 97 -3.29 23.93 36.34
CA PHE F 97 -2.44 22.83 35.93
C PHE F 97 -2.32 22.74 34.42
N ILE F 98 -3.36 23.14 33.69
CA ILE F 98 -3.32 23.08 32.23
C ILE F 98 -2.23 24.01 31.70
N ASP F 99 -2.16 25.23 32.23
CA ASP F 99 -1.13 26.17 31.82
C ASP F 99 0.24 25.80 32.40
N ARG F 100 0.26 25.16 33.56
CA ARG F 100 1.50 24.73 34.19
C ARG F 100 1.96 23.36 33.72
N LYS F 101 1.21 22.71 32.83
CA LYS F 101 1.56 21.39 32.31
C LYS F 101 1.68 20.36 33.43
N GLU F 102 0.86 20.51 34.47
CA GLU F 102 0.92 19.65 35.64
C GLU F 102 -0.09 18.52 35.52
N ASN F 103 0.34 17.31 35.87
CA ASN F 103 -0.54 16.15 35.93
C ASN F 103 -1.25 16.09 37.27
N ILE F 104 -2.39 15.40 37.28
CA ILE F 104 -3.20 15.23 38.48
C ILE F 104 -3.34 13.75 38.75
N LEU F 105 -2.73 13.27 39.84
CA LEU F 105 -2.76 11.87 40.20
C LEU F 105 -3.58 11.69 41.46
N PHE F 106 -4.64 10.88 41.37
CA PHE F 106 -5.49 10.55 42.50
C PHE F 106 -5.20 9.12 42.95
N LEU F 107 -4.98 8.94 44.24
CA LEU F 107 -4.60 7.67 44.82
C LEU F 107 -5.43 7.38 46.06
N GLY F 108 -5.75 6.11 46.27
CA GLY F 108 -6.46 5.70 47.46
C GLY F 108 -7.35 4.51 47.24
N PRO F 109 -7.96 4.00 48.31
CA PRO F 109 -8.81 2.80 48.19
C PRO F 109 -9.94 3.01 47.20
N PRO F 110 -10.65 1.96 46.83
CA PRO F 110 -11.75 2.10 45.87
C PRO F 110 -12.91 2.90 46.44
N GLY F 111 -13.62 3.57 45.54
CA GLY F 111 -14.86 4.23 45.91
C GLY F 111 -14.71 5.41 46.86
N ILE F 112 -13.66 6.20 46.70
CA ILE F 112 -13.46 7.40 47.53
C ILE F 112 -13.52 8.67 46.70
N GLY F 113 -13.92 8.58 45.44
CA GLY F 113 -14.06 9.75 44.60
C GLY F 113 -12.92 10.03 43.65
N LYS F 114 -11.94 9.14 43.53
CA LYS F 114 -10.84 9.36 42.61
C LYS F 114 -11.34 9.60 41.20
N THR F 115 -12.14 8.66 40.70
CA THR F 115 -12.74 8.84 39.38
C THR F 115 -13.76 9.97 39.39
N HIS F 116 -14.48 10.14 40.50
CA HIS F 116 -15.42 11.24 40.61
C HIS F 116 -14.70 12.59 40.48
N LEU F 117 -13.58 12.75 41.19
CA LEU F 117 -12.83 14.00 41.11
C LEU F 117 -12.19 14.18 39.74
N ALA F 118 -11.69 13.09 39.15
CA ALA F 118 -11.12 13.20 37.82
C ALA F 118 -12.17 13.63 36.80
N ILE F 119 -13.36 13.04 36.86
CA ILE F 119 -14.44 13.43 35.96
C ILE F 119 -14.89 14.86 36.25
N SER F 120 -14.89 15.28 37.51
CA SER F 120 -15.24 16.65 37.83
C SER F 120 -14.24 17.63 37.20
N ILE F 121 -12.95 17.33 37.31
CA ILE F 121 -11.93 18.19 36.73
C ILE F 121 -12.07 18.21 35.20
N GLY F 122 -12.33 17.05 34.60
CA GLY F 122 -12.53 17.01 33.16
C GLY F 122 -13.75 17.80 32.73
N MET F 123 -14.83 17.71 33.49
CA MET F 123 -16.04 18.48 33.17
C MET F 123 -15.77 19.97 33.29
N GLU F 124 -15.05 20.39 34.33
CA GLU F 124 -14.69 21.79 34.47
C GLU F 124 -13.83 22.25 33.31
N ALA F 125 -12.87 21.42 32.89
CA ALA F 125 -12.02 21.79 31.76
C ALA F 125 -12.84 21.92 30.48
N ILE F 126 -13.77 21.00 30.24
CA ILE F 126 -14.61 21.10 29.05
C ILE F 126 -15.48 22.33 29.12
N ALA F 127 -15.91 22.72 30.32
CA ALA F 127 -16.77 23.90 30.46
C ALA F 127 -16.07 25.14 29.91
N ARG F 128 -14.79 25.31 30.21
CA ARG F 128 -14.02 26.44 29.75
C ARG F 128 -13.41 26.22 28.36
N GLY F 129 -13.92 25.24 27.61
CA GLY F 129 -13.50 25.03 26.24
C GLY F 129 -12.25 24.20 26.05
N TYR F 130 -11.59 23.78 27.13
CA TYR F 130 -10.40 22.95 26.99
C TYR F 130 -10.78 21.58 26.46
N LYS F 131 -10.06 21.11 25.44
CA LYS F 131 -10.28 19.76 24.92
C LYS F 131 -9.86 18.73 25.95
N THR F 132 -10.73 17.75 26.20
CA THR F 132 -10.45 16.70 27.16
C THR F 132 -10.87 15.37 26.55
N TYR F 133 -10.22 14.29 26.99
CA TYR F 133 -10.57 12.96 26.52
C TYR F 133 -10.40 11.97 27.65
N PHE F 134 -11.44 11.19 27.93
CA PHE F 134 -11.47 10.25 29.05
C PHE F 134 -11.42 8.83 28.53
N ILE F 135 -10.67 7.97 29.24
CA ILE F 135 -10.51 6.59 28.86
C ILE F 135 -9.93 5.84 30.05
N THR F 136 -10.16 4.53 30.09
CA THR F 136 -9.52 3.68 31.08
C THR F 136 -8.16 3.21 30.57
N ALA F 137 -7.24 2.96 31.49
CA ALA F 137 -5.89 2.56 31.10
C ALA F 137 -5.94 1.27 30.29
N HIS F 138 -6.75 0.30 30.71
CA HIS F 138 -6.87 -0.94 29.96
C HIS F 138 -7.38 -0.67 28.55
N ASP F 139 -8.42 0.17 28.43
CA ASP F 139 -8.95 0.50 27.11
C ASP F 139 -7.92 1.21 26.25
N LEU F 140 -7.19 2.16 26.84
CA LEU F 140 -6.17 2.88 26.08
C LEU F 140 -5.11 1.92 25.56
N VAL F 141 -4.61 1.05 26.43
CA VAL F 141 -3.57 0.10 26.01
C VAL F 141 -4.09 -0.82 24.92
N ASN F 142 -5.31 -1.34 25.08
CA ASN F 142 -5.86 -2.25 24.09
C ASN F 142 -6.07 -1.56 22.75
N GLN F 143 -6.59 -0.33 22.77
CA GLN F 143 -6.80 0.40 21.52
C GLN F 143 -5.49 0.70 20.83
N LEU F 144 -4.47 1.11 21.60
CA LEU F 144 -3.16 1.36 21.01
C LEU F 144 -2.58 0.09 20.41
N ARG F 145 -2.71 -1.04 21.10
CA ARG F 145 -2.20 -2.29 20.56
C ARG F 145 -2.91 -2.66 19.26
N ARG F 146 -4.24 -2.53 19.25
CA ARG F 146 -5.00 -2.86 18.04
C ARG F 146 -4.62 -1.95 16.88
N ALA F 147 -4.45 -0.66 17.16
CA ALA F 147 -4.04 0.27 16.10
C ALA F 147 -2.66 -0.08 15.58
N ASP F 148 -1.73 -0.45 16.47
CA ASP F 148 -0.40 -0.84 16.04
C ASP F 148 -0.45 -2.11 15.18
N GLN F 149 -1.28 -3.07 15.56
CA GLN F 149 -1.42 -4.29 14.77
C GLN F 149 -1.97 -3.99 13.38
N GLU F 150 -2.67 -2.88 13.21
CA GLU F 150 -3.19 -2.45 11.91
C GLU F 150 -2.23 -1.52 11.18
N GLY F 151 -1.05 -1.29 11.73
CA GLY F 151 -0.09 -0.40 11.09
C GLY F 151 -0.55 1.04 10.99
N LYS F 152 -1.31 1.50 11.98
CA LYS F 152 -1.79 2.88 12.02
C LYS F 152 -1.71 3.43 13.44
N LEU F 153 -0.65 3.04 14.16
CA LEU F 153 -0.51 3.49 15.54
C LEU F 153 -0.38 5.01 15.64
N GLU F 154 0.12 5.66 14.59
CA GLU F 154 0.31 7.10 14.64
C GLU F 154 -1.00 7.84 14.77
N LYS F 155 -2.03 7.39 14.05
CA LYS F 155 -3.33 8.05 14.12
C LYS F 155 -3.92 7.96 15.52
N LYS F 156 -3.88 6.76 16.12
CA LYS F 156 -4.43 6.60 17.47
C LYS F 156 -3.60 7.37 18.48
N LEU F 157 -2.28 7.44 18.29
CA LEU F 157 -1.44 8.22 19.18
C LEU F 157 -1.79 9.70 19.10
N ARG F 158 -2.06 10.20 17.89
CA ARG F 158 -2.53 11.58 17.75
C ARG F 158 -3.86 11.75 18.45
N VAL F 159 -4.75 10.77 18.33
CA VAL F 159 -6.06 10.85 18.98
C VAL F 159 -5.88 10.98 20.49
N PHE F 160 -4.98 10.20 21.06
CA PHE F 160 -4.73 10.23 22.50
C PHE F 160 -3.80 11.35 22.94
N VAL F 161 -3.22 12.09 21.99
CA VAL F 161 -2.32 13.19 22.33
C VAL F 161 -2.94 14.56 22.03
N LYS F 162 -3.86 14.66 21.08
CA LYS F 162 -4.48 15.95 20.78
C LYS F 162 -5.20 16.55 21.98
N PRO F 163 -5.97 15.81 22.79
CA PRO F 163 -6.73 16.44 23.86
C PRO F 163 -5.84 17.21 24.82
N THR F 164 -6.35 18.36 25.29
CA THR F 164 -5.59 19.17 26.23
C THR F 164 -5.41 18.48 27.57
N VAL F 165 -6.39 17.67 27.99
CA VAL F 165 -6.30 16.91 29.23
C VAL F 165 -6.75 15.49 28.94
N LEU F 166 -5.90 14.52 29.26
CA LEU F 166 -6.19 13.11 29.05
C LEU F 166 -6.46 12.44 30.39
N ILE F 167 -7.63 11.86 30.55
CA ILE F 167 -8.04 11.21 31.79
C ILE F 167 -7.84 9.71 31.62
N ILE F 168 -7.02 9.12 32.47
CA ILE F 168 -6.77 7.69 32.50
C ILE F 168 -7.33 7.17 33.81
N ASP F 169 -8.40 6.38 33.72
CA ASP F 169 -9.14 5.92 34.89
C ASP F 169 -8.84 4.45 35.16
N GLU F 170 -8.76 4.10 36.45
CA GLU F 170 -8.54 2.73 36.89
C GLU F 170 -7.24 2.17 36.32
N MET F 171 -6.13 2.77 36.74
CA MET F 171 -4.79 2.29 36.41
C MET F 171 -4.30 1.51 37.63
N GLY F 172 -4.49 0.19 37.60
CA GLY F 172 -4.02 -0.65 38.67
C GLY F 172 -4.90 -1.85 38.99
N TYR F 173 -6.21 -1.75 38.72
CA TYR F 173 -7.09 -2.89 38.95
C TYR F 173 -6.76 -4.04 38.02
N LEU F 174 -6.48 -3.73 36.76
CA LEU F 174 -6.10 -4.73 35.76
C LEU F 174 -4.63 -4.53 35.42
N LYS F 175 -3.83 -5.58 35.60
CA LYS F 175 -2.44 -5.52 35.19
C LYS F 175 -2.35 -5.44 33.68
N LEU F 176 -1.58 -4.48 33.18
CA LEU F 176 -1.44 -4.29 31.75
C LEU F 176 -0.55 -5.38 31.16
N ASP F 177 -0.81 -5.71 29.90
CA ASP F 177 0.01 -6.69 29.20
C ASP F 177 1.44 -6.17 29.13
N PRO F 178 2.44 -6.93 29.60
CA PRO F 178 3.81 -6.40 29.55
C PRO F 178 4.25 -6.01 28.15
N ASN F 179 3.82 -6.75 27.12
CA ASN F 179 4.19 -6.40 25.76
C ASN F 179 3.52 -5.11 25.29
N SER F 180 2.40 -4.73 25.89
CA SER F 180 1.66 -3.54 25.48
C SER F 180 1.79 -2.38 26.46
N ALA F 181 2.27 -2.62 27.68
CA ALA F 181 2.36 -1.54 28.66
C ALA F 181 3.20 -0.39 28.13
N HIS F 182 4.22 -0.67 27.31
CA HIS F 182 5.06 0.39 26.78
C HIS F 182 4.24 1.44 26.05
N TYR F 183 3.15 1.03 25.40
CA TYR F 183 2.30 2.00 24.72
C TYR F 183 1.92 3.13 25.66
N LEU F 184 1.50 2.79 26.89
CA LEU F 184 1.16 3.82 27.86
C LEU F 184 2.29 4.81 28.02
N PHE F 185 3.51 4.31 28.20
CA PHE F 185 4.67 5.20 28.33
C PHE F 185 4.71 6.19 27.18
N GLN F 186 4.52 5.70 25.95
CA GLN F 186 4.55 6.59 24.79
C GLN F 186 3.62 7.77 25.01
N VAL F 187 2.38 7.51 25.40
CA VAL F 187 1.45 8.61 25.66
C VAL F 187 2.02 9.51 26.75
N ILE F 188 2.41 8.91 27.88
CA ILE F 188 3.01 9.70 28.96
C ILE F 188 4.28 10.36 28.49
N ALA F 189 4.97 9.76 27.50
CA ALA F 189 6.17 10.37 26.96
C ALA F 189 5.83 11.53 26.03
N ARG F 190 4.72 11.42 25.30
CA ARG F 190 4.38 12.43 24.30
C ARG F 190 3.60 13.59 24.88
N ARG F 191 2.83 13.37 25.94
CA ARG F 191 2.10 14.41 26.62
C ARG F 191 2.91 15.03 27.77
N TYR F 192 4.16 14.61 27.93
CA TYR F 192 4.99 15.16 28.99
C TYR F 192 5.35 16.61 28.68
N GLU F 193 5.05 17.49 29.63
CA GLU F 193 5.28 18.93 29.49
C GLU F 193 4.49 19.54 28.35
N HIS F 194 3.50 18.82 27.82
CA HIS F 194 2.64 19.33 26.76
C HIS F 194 1.17 19.39 27.16
N ALA F 195 0.64 18.33 27.76
CA ALA F 195 -0.77 18.26 28.10
C ALA F 195 -0.95 17.46 29.39
N PRO F 196 -1.76 17.94 30.33
CA PRO F 196 -1.94 17.20 31.59
C PRO F 196 -2.61 15.84 31.41
N ILE F 197 -2.24 14.93 32.31
CA ILE F 197 -2.90 13.64 32.45
C ILE F 197 -3.52 13.59 33.84
N ILE F 198 -4.81 13.26 33.88
CA ILE F 198 -5.54 13.04 35.13
C ILE F 198 -5.62 11.52 35.29
N LEU F 199 -4.76 10.98 36.14
CA LEU F 199 -4.66 9.53 36.33
C LEU F 199 -5.22 9.15 37.68
N THR F 200 -6.18 8.23 37.69
CA THR F 200 -6.79 7.73 38.92
C THR F 200 -6.34 6.29 39.15
N SER F 201 -5.83 6.00 40.34
CA SER F 201 -5.32 4.68 40.65
C SER F 201 -5.51 4.39 42.13
N ASN F 202 -5.44 3.10 42.47
CA ASN F 202 -5.41 2.66 43.85
C ASN F 202 -4.06 2.10 44.27
N LYS F 203 -3.11 1.97 43.34
CA LYS F 203 -1.81 1.41 43.62
C LYS F 203 -0.80 2.53 43.86
N SER F 204 0.00 2.39 44.92
CA SER F 204 1.09 3.32 45.14
C SER F 204 2.05 3.28 43.96
N PHE F 205 2.85 4.34 43.84
CA PHE F 205 3.74 4.46 42.70
C PHE F 205 4.73 3.30 42.64
N GLY F 206 5.27 2.91 43.79
CA GLY F 206 6.26 1.84 43.81
C GLY F 206 5.76 0.53 43.25
N GLU F 207 4.45 0.33 43.22
CA GLU F 207 3.86 -0.90 42.71
C GLU F 207 3.59 -0.86 41.20
N TRP F 208 3.81 0.29 40.55
CA TRP F 208 3.52 0.37 39.12
C TRP F 208 4.33 -0.64 38.32
N GLY F 209 5.53 -0.98 38.79
CA GLY F 209 6.31 -1.99 38.09
C GLY F 209 5.55 -3.31 37.98
N GLU F 210 4.83 -3.68 39.04
CA GLU F 210 3.99 -4.87 38.97
C GLU F 210 2.85 -4.67 37.99
N ILE F 211 2.27 -3.47 37.94
CA ILE F 211 1.14 -3.21 37.05
C ILE F 211 1.57 -3.36 35.59
N VAL F 212 2.67 -2.72 35.22
CA VAL F 212 3.15 -2.77 33.84
C VAL F 212 4.10 -3.93 33.59
N GLY F 213 4.59 -4.59 34.63
CA GLY F 213 5.50 -5.70 34.44
C GLY F 213 6.88 -5.32 33.97
N ASP F 214 7.30 -4.08 34.22
CA ASP F 214 8.62 -3.61 33.79
C ASP F 214 9.05 -2.51 34.76
N SER F 215 9.94 -2.87 35.69
CA SER F 215 10.34 -1.93 36.72
C SER F 215 11.03 -0.71 36.13
N VAL F 216 11.90 -0.91 35.14
CA VAL F 216 12.61 0.21 34.53
C VAL F 216 11.63 1.12 33.79
N LEU F 217 10.75 0.52 32.98
CA LEU F 217 9.76 1.31 32.27
C LEU F 217 8.82 2.02 33.24
N ALA F 218 8.43 1.33 34.32
CA ALA F 218 7.58 1.96 35.32
C ALA F 218 8.27 3.15 35.95
N THR F 219 9.57 3.02 36.25
CA THR F 219 10.30 4.13 36.83
C THR F 219 10.40 5.30 35.86
N ALA F 220 10.63 5.02 34.57
CA ALA F 220 10.67 6.08 33.58
C ALA F 220 9.32 6.79 33.48
N MET F 221 8.24 6.02 33.44
CA MET F 221 6.90 6.61 33.39
C MET F 221 6.64 7.46 34.61
N LEU F 222 7.01 6.98 35.79
CA LEU F 222 6.78 7.73 37.02
C LEU F 222 7.61 9.01 37.05
N ASP F 223 8.87 8.95 36.60
CA ASP F 223 9.69 10.15 36.56
C ASP F 223 9.09 11.19 35.62
N ARG F 224 8.62 10.76 34.44
CA ARG F 224 8.01 11.71 33.52
C ARG F 224 6.70 12.26 34.06
N LEU F 225 5.89 11.41 34.71
CA LEU F 225 4.57 11.81 35.15
C LEU F 225 4.62 12.70 36.39
N LEU F 226 5.51 12.39 37.33
CA LEU F 226 5.58 13.07 38.62
C LEU F 226 6.48 14.30 38.59
N HIS F 227 7.10 14.61 37.46
CA HIS F 227 7.94 15.80 37.39
C HIS F 227 7.14 17.04 37.76
N HIS F 228 6.09 17.33 36.98
CA HIS F 228 5.14 18.40 37.28
C HIS F 228 3.79 17.74 37.48
N SER F 229 3.42 17.50 38.74
CA SER F 229 2.19 16.79 39.04
C SER F 229 1.66 17.21 40.40
N ILE F 230 0.39 16.91 40.63
CA ILE F 230 -0.29 17.20 41.89
C ILE F 230 -0.81 15.86 42.42
N ILE F 231 -0.21 15.38 43.49
CA ILE F 231 -0.49 14.05 44.02
C ILE F 231 -1.48 14.17 45.16
N PHE F 232 -2.62 13.50 45.03
CA PHE F 232 -3.66 13.47 46.06
C PHE F 232 -3.80 12.05 46.57
N ASN F 233 -3.40 11.82 47.81
CA ASN F 233 -3.50 10.51 48.46
C ASN F 233 -4.77 10.52 49.32
N LEU F 234 -5.89 10.15 48.70
CA LEU F 234 -7.17 10.13 49.40
C LEU F 234 -7.24 8.93 50.34
N LYS F 235 -8.08 9.05 51.36
CA LYS F 235 -8.28 8.00 52.34
C LYS F 235 -9.77 7.95 52.70
N GLY F 236 -10.10 7.16 53.71
CA GLY F 236 -11.45 7.08 54.21
C GLY F 236 -12.15 5.81 53.75
N GLU F 237 -13.32 5.58 54.34
CA GLU F 237 -14.13 4.44 53.99
C GLU F 237 -14.78 4.64 52.62
N SER F 238 -14.95 3.53 51.89
CA SER F 238 -15.51 3.60 50.56
C SER F 238 -16.89 4.25 50.59
N TYR F 239 -17.11 5.20 49.68
CA TYR F 239 -18.41 5.85 49.59
C TYR F 239 -19.49 4.87 49.15
N ARG F 240 -19.14 3.89 48.32
CA ARG F 240 -20.12 2.90 47.90
C ARG F 240 -20.67 2.15 49.10
N LEU F 241 -19.79 1.67 49.98
CA LEU F 241 -20.25 0.98 51.18
C LEU F 241 -20.97 1.92 52.13
N ARG F 242 -20.59 3.20 52.15
CA ARG F 242 -21.32 4.18 52.96
C ARG F 242 -22.77 4.28 52.51
N GLU F 243 -22.99 4.44 51.20
CA GLU F 243 -24.35 4.49 50.69
C GLU F 243 -25.07 3.16 50.91
N LYS F 244 -24.34 2.04 50.81
CA LYS F 244 -24.96 0.74 51.08
C LYS F 244 -25.48 0.67 52.50
N ARG F 245 -24.67 1.12 53.47
CA ARG F 245 -25.12 1.13 54.86
C ARG F 245 -26.29 2.07 55.05
N LEU F 246 -26.25 3.24 54.40
CA LEU F 246 -27.37 4.18 54.53
C LEU F 246 -28.66 3.56 54.00
N GLN F 247 -28.59 2.87 52.87
CA GLN F 247 -29.78 2.22 52.33
C GLN F 247 -30.26 1.11 53.25
N GLU F 248 -29.36 0.27 53.72
CA GLU F 248 -29.75 -0.80 54.64
C GLU F 248 -30.29 -0.23 55.95
N GLU F 249 -29.63 0.79 56.48
CA GLU F 249 -30.06 1.42 57.72
C GLU F 249 -31.32 2.27 57.48
N MET G 4 -59.98 -3.82 20.23
CA MET G 4 -59.65 -5.13 19.60
C MET G 4 -58.99 -4.93 18.25
N LYS G 5 -59.43 -3.90 17.52
CA LYS G 5 -58.83 -3.59 16.24
C LYS G 5 -57.37 -3.19 16.40
N GLU G 6 -57.05 -2.41 17.45
CA GLU G 6 -55.66 -2.06 17.70
C GLU G 6 -54.82 -3.30 17.99
N ARG G 7 -55.40 -4.30 18.64
CA ARG G 7 -54.69 -5.56 18.82
C ARG G 7 -54.41 -6.22 17.48
N ILE G 8 -55.36 -6.16 16.55
CA ILE G 8 -55.13 -6.69 15.21
C ILE G 8 -53.97 -5.94 14.54
N HIS G 9 -53.96 -4.63 14.67
CA HIS G 9 -52.90 -3.83 14.06
C HIS G 9 -51.54 -4.21 14.65
N GLU G 10 -51.48 -4.35 15.98
CA GLU G 10 -50.22 -4.72 16.62
C GLU G 10 -49.76 -6.10 16.19
N TYR G 11 -50.69 -7.06 16.11
CA TYR G 11 -50.31 -8.40 15.69
C TYR G 11 -49.81 -8.39 14.25
N CYS G 12 -50.48 -7.66 13.37
CA CYS G 12 -50.05 -7.59 11.98
C CYS G 12 -48.66 -6.97 11.88
N HIS G 13 -48.39 -5.92 12.66
CA HIS G 13 -47.06 -5.33 12.65
C HIS G 13 -46.02 -6.32 13.18
N ARG G 14 -46.37 -7.08 14.22
CA ARG G 14 -45.42 -8.04 14.77
C ARG G 14 -45.18 -9.21 13.83
N LEU G 15 -46.18 -9.60 13.04
CA LEU G 15 -46.02 -10.68 12.08
C LEU G 15 -45.32 -10.23 10.80
N HIS G 16 -44.85 -8.98 10.74
CA HIS G 16 -44.13 -8.47 9.59
C HIS G 16 -45.01 -8.50 8.33
N LEU G 17 -46.21 -7.95 8.46
CA LEU G 17 -47.15 -7.84 7.35
C LEU G 17 -47.71 -6.42 7.30
N PRO G 18 -46.85 -5.43 7.02
CA PRO G 18 -47.31 -4.04 7.10
C PRO G 18 -48.51 -3.73 6.21
N VAL G 19 -48.54 -4.30 5.00
CA VAL G 19 -49.62 -3.99 4.08
C VAL G 19 -50.93 -4.59 4.59
N MET G 20 -50.87 -5.76 5.21
CA MET G 20 -52.08 -6.34 5.79
C MET G 20 -52.67 -5.41 6.84
N ALA G 21 -51.82 -4.84 7.70
CA ALA G 21 -52.31 -3.86 8.67
C ALA G 21 -52.86 -2.62 7.98
N GLU G 22 -52.17 -2.13 6.95
CA GLU G 22 -52.61 -0.91 6.28
C GLU G 22 -53.98 -1.09 5.64
N ARG G 23 -54.19 -2.22 4.96
CA ARG G 23 -55.42 -2.47 4.22
C ARG G 23 -56.42 -3.32 4.99
N TRP G 24 -56.18 -3.55 6.29
CA TRP G 24 -57.11 -4.37 7.06
C TRP G 24 -58.50 -3.76 7.10
N SER G 25 -58.58 -2.45 7.34
CA SER G 25 -59.89 -1.80 7.46
C SER G 25 -60.66 -1.86 6.14
N ALA G 26 -59.99 -1.60 5.02
CA ALA G 26 -60.68 -1.60 3.74
C ALA G 26 -61.22 -2.97 3.40
N MET G 27 -60.40 -4.02 3.61
CA MET G 27 -60.86 -5.37 3.31
C MET G 27 -61.97 -5.80 4.26
N ALA G 28 -61.89 -5.39 5.53
CA ALA G 28 -62.95 -5.71 6.47
C ALA G 28 -64.26 -5.05 6.06
N GLU G 29 -64.21 -3.78 5.64
CA GLU G 29 -65.42 -3.11 5.17
C GLU G 29 -65.97 -3.78 3.93
N TYR G 30 -65.10 -4.16 2.98
CA TYR G 30 -65.56 -4.85 1.79
C TYR G 30 -66.23 -6.18 2.14
N ALA G 31 -65.64 -6.94 3.06
CA ALA G 31 -66.23 -8.21 3.45
C ALA G 31 -67.57 -8.00 4.13
N SER G 32 -67.68 -7.00 5.00
CA SER G 32 -68.95 -6.73 5.68
C SER G 32 -70.03 -6.34 4.68
N THR G 33 -69.72 -5.38 3.80
CA THR G 33 -70.69 -4.97 2.79
C THR G 33 -70.97 -6.09 1.80
N HIS G 34 -69.93 -6.76 1.34
CA HIS G 34 -70.05 -7.87 0.40
C HIS G 34 -69.55 -9.14 1.09
N ASN G 35 -70.47 -10.05 1.37
CA ASN G 35 -70.14 -11.31 2.04
C ASN G 35 -69.96 -12.40 1.00
N ILE G 36 -68.77 -12.99 0.96
CA ILE G 36 -68.48 -14.08 0.04
C ILE G 36 -68.14 -15.33 0.85
N SER G 37 -67.05 -15.27 1.61
CA SER G 37 -66.66 -16.36 2.48
C SER G 37 -65.44 -15.98 3.32
N TYR G 38 -65.30 -16.57 4.50
CA TYR G 38 -64.10 -16.34 5.29
C TYR G 38 -62.86 -16.88 4.60
N SER G 39 -62.95 -18.09 4.04
CA SER G 39 -61.82 -18.68 3.35
C SER G 39 -61.41 -17.83 2.16
N GLU G 40 -62.39 -17.38 1.36
CA GLU G 40 -62.06 -16.56 0.20
C GLU G 40 -61.54 -15.19 0.61
N PHE G 41 -62.06 -14.63 1.71
CA PHE G 41 -61.57 -13.35 2.20
C PHE G 41 -60.10 -13.46 2.60
N LEU G 42 -59.75 -14.50 3.36
CA LEU G 42 -58.36 -14.72 3.73
C LEU G 42 -57.51 -14.99 2.50
N PHE G 43 -58.06 -15.73 1.52
CA PHE G 43 -57.33 -15.98 0.29
C PHE G 43 -56.98 -14.69 -0.42
N ARG G 44 -57.95 -13.78 -0.54
CA ARG G 44 -57.71 -12.50 -1.19
C ARG G 44 -56.68 -11.69 -0.43
N LEU G 45 -56.80 -11.64 0.90
CA LEU G 45 -55.85 -10.88 1.70
C LEU G 45 -54.44 -11.42 1.53
N LEU G 46 -54.28 -12.75 1.64
CA LEU G 46 -52.96 -13.34 1.51
C LEU G 46 -52.40 -13.20 0.10
N GLU G 47 -53.26 -13.26 -0.92
CA GLU G 47 -52.80 -13.06 -2.29
C GLU G 47 -52.28 -11.65 -2.48
N ALA G 48 -53.00 -10.65 -1.95
CA ALA G 48 -52.50 -9.28 -2.05
C ALA G 48 -51.18 -9.11 -1.31
N GLU G 49 -51.07 -9.71 -0.11
CA GLU G 49 -49.83 -9.64 0.64
C GLU G 49 -48.69 -10.29 -0.14
N ILE G 50 -48.95 -11.44 -0.76
CA ILE G 50 -47.92 -12.13 -1.52
C ILE G 50 -47.50 -11.31 -2.73
N VAL G 51 -48.46 -10.66 -3.40
CA VAL G 51 -48.11 -9.82 -4.54
C VAL G 51 -47.21 -8.67 -4.09
N GLU G 52 -47.56 -8.02 -2.98
CA GLU G 52 -46.73 -6.93 -2.48
C GLU G 52 -45.33 -7.43 -2.12
N LYS G 53 -45.25 -8.58 -1.45
CA LYS G 53 -43.95 -9.13 -1.07
C LYS G 53 -43.12 -9.48 -2.30
N GLN G 54 -43.75 -10.06 -3.31
CA GLN G 54 -43.04 -10.40 -4.54
C GLN G 54 -42.52 -9.16 -5.24
N ALA G 55 -43.33 -8.10 -5.30
CA ALA G 55 -42.87 -6.86 -5.91
C ALA G 55 -41.68 -6.29 -5.13
N ARG G 56 -41.76 -6.31 -3.80
CA ARG G 56 -40.65 -5.80 -3.00
C ARG G 56 -39.40 -6.62 -3.21
N SER G 57 -39.54 -7.95 -3.29
CA SER G 57 -38.37 -8.81 -3.52
C SER G 57 -37.76 -8.55 -4.88
N ILE G 58 -38.59 -8.37 -5.90
CA ILE G 58 -38.07 -8.08 -7.24
C ILE G 58 -37.32 -6.75 -7.23
N GLN G 59 -37.87 -5.74 -6.56
CA GLN G 59 -37.18 -4.45 -6.49
C GLN G 59 -35.84 -4.59 -5.76
N THR G 60 -35.82 -5.36 -4.67
CA THR G 60 -34.57 -5.56 -3.95
C THR G 60 -33.54 -6.29 -4.81
N LEU G 61 -33.98 -7.31 -5.55
CA LEU G 61 -33.08 -8.02 -6.44
C LEU G 61 -32.51 -7.07 -7.51
N ILE G 62 -33.36 -6.23 -8.09
CA ILE G 62 -32.90 -5.27 -9.09
C ILE G 62 -31.87 -4.34 -8.47
N LYS G 63 -32.13 -3.86 -7.25
CA LYS G 63 -31.17 -2.99 -6.59
C LYS G 63 -29.85 -3.71 -6.35
N LEU G 64 -29.91 -4.99 -6.00
CA LEU G 64 -28.70 -5.76 -5.70
C LEU G 64 -28.01 -6.29 -6.95
N SER G 65 -28.65 -6.20 -8.12
CA SER G 65 -28.08 -6.71 -9.36
C SER G 65 -27.24 -5.68 -10.10
N LYS G 66 -27.11 -4.47 -9.57
CA LYS G 66 -26.28 -3.43 -10.18
C LYS G 66 -26.65 -3.22 -11.65
N LEU G 67 -27.94 -3.23 -11.94
CA LEU G 67 -28.40 -2.89 -13.29
C LEU G 67 -28.46 -1.37 -13.41
N PRO G 68 -27.72 -0.76 -14.35
CA PRO G 68 -27.75 0.71 -14.43
C PRO G 68 -29.13 1.25 -14.77
N TYR G 69 -29.77 0.69 -15.79
CA TYR G 69 -31.11 1.10 -16.18
C TYR G 69 -31.92 -0.15 -16.52
N ARG G 70 -33.24 -0.01 -16.41
CA ARG G 70 -34.16 -1.13 -16.56
C ARG G 70 -34.77 -1.10 -17.96
N LYS G 71 -34.53 -2.14 -18.74
CA LYS G 71 -35.09 -2.30 -20.08
C LYS G 71 -35.89 -3.58 -20.15
N THR G 72 -36.64 -3.73 -21.25
CA THR G 72 -37.45 -4.91 -21.46
C THR G 72 -37.52 -5.20 -22.96
N ILE G 73 -37.87 -6.44 -23.29
CA ILE G 73 -38.02 -6.83 -24.68
C ILE G 73 -39.20 -6.11 -25.33
N ASP G 74 -40.16 -5.62 -24.54
CA ASP G 74 -41.31 -4.94 -25.11
C ASP G 74 -40.91 -3.68 -25.86
N THR G 75 -39.91 -2.96 -25.34
CA THR G 75 -39.47 -1.72 -25.94
C THR G 75 -38.46 -1.92 -27.06
N PHE G 76 -38.10 -3.16 -27.37
CA PHE G 76 -37.18 -3.46 -28.46
C PHE G 76 -37.97 -3.55 -29.75
N ASP G 77 -37.75 -2.61 -30.66
CA ASP G 77 -38.43 -2.57 -31.95
C ASP G 77 -37.63 -3.41 -32.93
N PHE G 78 -38.12 -4.61 -33.21
CA PHE G 78 -37.43 -5.49 -34.15
C PHE G 78 -37.49 -4.98 -35.59
N THR G 79 -38.37 -4.03 -35.88
CA THR G 79 -38.39 -3.44 -37.23
C THR G 79 -37.13 -2.64 -37.49
N ALA G 80 -36.60 -1.96 -36.47
CA ALA G 80 -35.38 -1.19 -36.65
C ALA G 80 -34.15 -2.06 -36.80
N GLN G 81 -34.19 -3.30 -36.33
CA GLN G 81 -33.06 -4.23 -36.39
C GLN G 81 -33.53 -5.55 -36.99
N PRO G 82 -33.81 -5.58 -38.28
CA PRO G 82 -34.22 -6.85 -38.92
C PRO G 82 -33.12 -7.90 -38.94
N SER G 83 -31.87 -7.52 -38.68
CA SER G 83 -30.76 -8.47 -38.74
C SER G 83 -30.85 -9.55 -37.69
N VAL G 84 -31.65 -9.35 -36.65
CA VAL G 84 -31.80 -10.31 -35.55
C VAL G 84 -33.19 -10.92 -35.61
N ASP G 85 -33.27 -12.24 -35.56
CA ASP G 85 -34.55 -12.95 -35.59
C ASP G 85 -35.19 -12.85 -34.21
N GLU G 86 -36.41 -12.31 -34.16
CA GLU G 86 -37.11 -12.17 -32.88
C GLU G 86 -37.41 -13.53 -32.27
N ARG G 87 -37.52 -14.57 -33.08
CA ARG G 87 -37.83 -15.89 -32.56
C ARG G 87 -36.76 -16.36 -31.59
N ARG G 88 -35.48 -16.17 -31.94
CA ARG G 88 -34.39 -16.58 -31.06
C ARG G 88 -34.40 -15.79 -29.76
N ILE G 89 -34.73 -14.50 -29.83
CA ILE G 89 -34.80 -13.70 -28.61
C ILE G 89 -35.93 -14.19 -27.72
N ARG G 90 -37.08 -14.51 -28.30
CA ARG G 90 -38.18 -15.05 -27.51
C ARG G 90 -37.78 -16.37 -26.87
N GLU G 91 -37.07 -17.22 -27.62
CA GLU G 91 -36.59 -18.47 -27.05
C GLU G 91 -35.65 -18.20 -25.88
N LEU G 92 -34.79 -17.19 -26.00
CA LEU G 92 -33.93 -16.82 -24.88
C LEU G 92 -34.76 -16.40 -23.67
N LEU G 93 -35.83 -15.65 -23.90
CA LEU G 93 -36.64 -15.15 -22.80
C LEU G 93 -37.31 -16.27 -21.99
N THR G 94 -37.37 -17.49 -22.52
CA THR G 94 -37.88 -18.61 -21.75
C THR G 94 -36.90 -19.05 -20.67
N LEU G 95 -35.67 -18.53 -20.69
CA LEU G 95 -34.65 -18.88 -19.69
C LEU G 95 -34.27 -20.36 -19.75
N SER G 96 -34.44 -20.97 -20.92
CA SER G 96 -33.99 -22.35 -21.07
C SER G 96 -32.47 -22.46 -20.96
N PHE G 97 -31.75 -21.41 -21.38
CA PHE G 97 -30.29 -21.45 -21.32
C PHE G 97 -29.81 -21.60 -19.88
N ILE G 98 -30.58 -21.14 -18.90
CA ILE G 98 -30.17 -21.30 -17.51
C ILE G 98 -30.10 -22.77 -17.13
N ASP G 99 -31.10 -23.54 -17.55
CA ASP G 99 -31.08 -24.98 -17.28
C ASP G 99 -30.09 -25.70 -18.19
N ARG G 100 -29.87 -25.19 -19.40
CA ARG G 100 -28.94 -25.80 -20.33
C ARG G 100 -27.51 -25.34 -20.13
N LYS G 101 -27.26 -24.43 -19.18
CA LYS G 101 -25.91 -23.94 -18.91
C LYS G 101 -25.28 -23.33 -20.16
N GLU G 102 -26.11 -22.65 -20.96
CA GLU G 102 -25.66 -22.05 -22.21
C GLU G 102 -25.37 -20.56 -22.01
N ASN G 103 -24.26 -20.11 -22.58
CA ASN G 103 -23.88 -18.70 -22.54
C ASN G 103 -24.49 -17.96 -23.72
N ILE G 104 -24.66 -16.66 -23.56
CA ILE G 104 -25.16 -15.78 -24.61
C ILE G 104 -24.08 -14.75 -24.92
N LEU G 105 -23.78 -14.59 -26.20
CA LEU G 105 -22.80 -13.61 -26.65
C LEU G 105 -23.44 -12.71 -27.68
N PHE G 106 -23.42 -11.40 -27.43
CA PHE G 106 -23.93 -10.41 -28.36
C PHE G 106 -22.75 -9.70 -29.02
N LEU G 107 -22.77 -9.66 -30.36
CA LEU G 107 -21.71 -9.08 -31.14
C LEU G 107 -22.30 -8.18 -32.22
N GLY G 108 -21.57 -7.10 -32.54
CA GLY G 108 -21.95 -6.22 -33.60
C GLY G 108 -21.55 -4.78 -33.32
N PRO G 109 -21.84 -3.89 -34.27
CA PRO G 109 -21.45 -2.48 -34.10
C PRO G 109 -22.13 -1.87 -32.90
N PRO G 110 -21.74 -0.65 -32.52
CA PRO G 110 -22.38 0.01 -31.37
C PRO G 110 -23.82 0.42 -31.68
N GLY G 111 -24.61 0.51 -30.62
CA GLY G 111 -25.96 1.07 -30.74
C GLY G 111 -26.96 0.18 -31.45
N ILE G 112 -26.75 -1.13 -31.45
CA ILE G 112 -27.64 -2.06 -32.15
C ILE G 112 -28.50 -2.87 -31.18
N GLY G 113 -28.42 -2.57 -29.88
CA GLY G 113 -29.26 -3.22 -28.90
C GLY G 113 -28.62 -4.38 -28.16
N LYS G 114 -27.31 -4.56 -28.27
CA LYS G 114 -26.66 -5.66 -27.54
C LYS G 114 -26.85 -5.51 -26.04
N THR G 115 -26.51 -4.34 -25.50
CA THR G 115 -26.70 -4.11 -24.07
C THR G 115 -28.18 -4.06 -23.72
N HIS G 116 -29.02 -3.55 -24.62
CA HIS G 116 -30.46 -3.56 -24.37
C HIS G 116 -30.97 -4.98 -24.23
N LEU G 117 -30.57 -5.87 -25.14
CA LEU G 117 -31.00 -7.26 -25.05
C LEU G 117 -30.42 -7.94 -23.81
N ALA G 118 -29.17 -7.65 -23.48
CA ALA G 118 -28.58 -8.24 -22.28
C ALA G 118 -29.35 -7.84 -21.03
N ILE G 119 -29.67 -6.55 -20.90
CA ILE G 119 -30.42 -6.09 -19.74
C ILE G 119 -31.84 -6.65 -19.76
N SER G 120 -32.43 -6.82 -20.94
CA SER G 120 -33.75 -7.43 -21.02
C SER G 120 -33.71 -8.86 -20.50
N ILE G 121 -32.70 -9.63 -20.89
CA ILE G 121 -32.57 -11.01 -20.42
C ILE G 121 -32.35 -11.02 -18.91
N GLY G 122 -31.50 -10.12 -18.41
CA GLY G 122 -31.29 -10.06 -16.97
C GLY G 122 -32.56 -9.71 -16.21
N MET G 123 -33.34 -8.77 -16.74
CA MET G 123 -34.59 -8.38 -16.09
C MET G 123 -35.58 -9.54 -16.10
N GLU G 124 -35.66 -10.27 -17.22
CA GLU G 124 -36.54 -11.43 -17.27
C GLU G 124 -36.09 -12.49 -16.26
N ALA G 125 -34.77 -12.69 -16.13
CA ALA G 125 -34.27 -13.65 -15.16
C ALA G 125 -34.63 -13.23 -13.74
N ILE G 126 -34.53 -11.94 -13.45
CA ILE G 126 -34.93 -11.47 -12.12
C ILE G 126 -36.43 -11.64 -11.92
N ALA G 127 -37.22 -11.49 -12.98
CA ALA G 127 -38.66 -11.65 -12.86
C ALA G 127 -39.03 -13.06 -12.43
N ARG G 128 -38.36 -14.07 -13.00
CA ARG G 128 -38.60 -15.46 -12.63
C ARG G 128 -37.81 -15.90 -11.41
N GLY G 129 -37.29 -14.96 -10.62
CA GLY G 129 -36.64 -15.27 -9.37
C GLY G 129 -35.19 -15.65 -9.46
N TYR G 130 -34.63 -15.75 -10.67
CA TYR G 130 -33.22 -16.10 -10.80
C TYR G 130 -32.34 -14.92 -10.41
N LYS G 131 -31.35 -15.18 -9.56
CA LYS G 131 -30.39 -14.15 -9.21
C LYS G 131 -29.63 -13.69 -10.46
N THR G 132 -29.51 -12.38 -10.63
CA THR G 132 -28.83 -11.81 -11.77
C THR G 132 -27.91 -10.70 -11.31
N TYR G 133 -26.78 -10.55 -12.00
CA TYR G 133 -25.82 -9.50 -11.73
C TYR G 133 -25.34 -8.92 -13.05
N PHE G 134 -25.10 -7.61 -13.06
CA PHE G 134 -24.64 -6.90 -14.25
C PHE G 134 -23.40 -6.11 -13.89
N ILE G 135 -22.38 -6.18 -14.76
CA ILE G 135 -21.13 -5.48 -14.52
C ILE G 135 -20.41 -5.30 -15.85
N THR G 136 -19.60 -4.24 -15.92
CA THR G 136 -18.76 -4.01 -17.08
C THR G 136 -17.43 -4.74 -16.91
N ALA G 137 -16.86 -5.17 -18.03
CA ALA G 137 -15.61 -5.92 -17.97
C ALA G 137 -14.51 -5.09 -17.32
N HIS G 138 -14.41 -3.81 -17.67
CA HIS G 138 -13.39 -2.96 -17.07
C HIS G 138 -13.58 -2.86 -15.56
N ASP G 139 -14.82 -2.59 -15.12
CA ASP G 139 -15.08 -2.49 -13.69
C ASP G 139 -14.87 -3.82 -12.99
N LEU G 140 -15.27 -4.93 -13.62
CA LEU G 140 -15.06 -6.24 -13.03
C LEU G 140 -13.58 -6.51 -12.81
N VAL G 141 -12.76 -6.23 -13.83
CA VAL G 141 -11.33 -6.46 -13.71
C VAL G 141 -10.72 -5.56 -12.64
N ASN G 142 -11.13 -4.28 -12.61
CA ASN G 142 -10.59 -3.37 -11.62
C ASN G 142 -10.95 -3.81 -10.21
N GLN G 143 -12.20 -4.22 -9.98
CA GLN G 143 -12.61 -4.66 -8.66
C GLN G 143 -11.87 -5.94 -8.26
N LEU G 144 -11.69 -6.87 -9.20
CA LEU G 144 -10.95 -8.08 -8.89
C LEU G 144 -9.50 -7.76 -8.53
N ARG G 145 -8.87 -6.84 -9.27
CA ARG G 145 -7.50 -6.46 -8.95
C ARG G 145 -7.42 -5.83 -7.57
N ARG G 146 -8.35 -4.93 -7.26
CA ARG G 146 -8.33 -4.27 -5.95
C ARG G 146 -8.54 -5.27 -4.83
N ALA G 147 -9.45 -6.23 -5.02
CA ALA G 147 -9.65 -7.26 -4.01
C ALA G 147 -8.39 -8.11 -3.84
N ASP G 148 -7.71 -8.44 -4.95
CA ASP G 148 -6.48 -9.20 -4.85
C ASP G 148 -5.41 -8.44 -4.09
N GLN G 149 -5.29 -7.13 -4.35
CA GLN G 149 -4.28 -6.34 -3.65
C GLN G 149 -4.53 -6.30 -2.15
N GLU G 150 -5.78 -6.47 -1.72
CA GLU G 150 -6.14 -6.46 -0.31
C GLU G 150 -6.31 -7.86 0.26
N GLY G 151 -5.94 -8.90 -0.49
CA GLY G 151 -5.99 -10.25 0.02
C GLY G 151 -7.40 -10.80 0.23
N LYS G 152 -8.37 -10.31 -0.53
CA LYS G 152 -9.75 -10.79 -0.45
C LYS G 152 -10.30 -11.05 -1.85
N LEU G 153 -9.46 -11.59 -2.74
CA LEU G 153 -9.93 -11.91 -4.08
C LEU G 153 -11.00 -13.00 -4.06
N GLU G 154 -10.92 -13.93 -3.10
CA GLU G 154 -11.87 -15.02 -3.05
C GLU G 154 -13.28 -14.51 -2.80
N LYS G 155 -13.42 -13.53 -1.91
CA LYS G 155 -14.75 -12.98 -1.62
C LYS G 155 -15.36 -12.36 -2.87
N LYS G 156 -14.59 -11.56 -3.59
CA LYS G 156 -15.11 -10.93 -4.80
C LYS G 156 -15.41 -11.97 -5.87
N LEU G 157 -14.59 -13.01 -5.95
CA LEU G 157 -14.84 -14.08 -6.92
C LEU G 157 -16.14 -14.80 -6.59
N ARG G 158 -16.40 -15.04 -5.30
CA ARG G 158 -17.69 -15.61 -4.91
C ARG G 158 -18.83 -14.67 -5.27
N VAL G 159 -18.64 -13.37 -5.04
CA VAL G 159 -19.69 -12.40 -5.38
C VAL G 159 -20.01 -12.45 -6.86
N PHE G 160 -18.99 -12.56 -7.71
CA PHE G 160 -19.20 -12.60 -9.16
C PHE G 160 -19.59 -13.98 -9.66
N VAL G 161 -19.47 -15.03 -8.85
CA VAL G 161 -19.85 -16.37 -9.26
C VAL G 161 -21.19 -16.81 -8.69
N LYS G 162 -21.63 -16.21 -7.59
CA LYS G 162 -22.92 -16.58 -7.00
C LYS G 162 -24.08 -16.33 -7.95
N PRO G 163 -24.18 -15.20 -8.64
CA PRO G 163 -25.37 -14.92 -9.46
C PRO G 163 -25.61 -16.02 -10.49
N THR G 164 -26.89 -16.36 -10.69
CA THR G 164 -27.24 -17.35 -11.68
C THR G 164 -26.92 -16.87 -13.09
N VAL G 165 -27.17 -15.58 -13.37
CA VAL G 165 -26.91 -15.00 -14.68
C VAL G 165 -26.05 -13.76 -14.47
N LEU G 166 -24.83 -13.80 -15.01
CA LEU G 166 -23.89 -12.69 -14.92
C LEU G 166 -23.74 -12.05 -16.30
N ILE G 167 -23.91 -10.74 -16.35
CA ILE G 167 -23.82 -9.98 -17.60
C ILE G 167 -22.52 -9.19 -17.56
N ILE G 168 -21.68 -9.42 -18.56
CA ILE G 168 -20.42 -8.70 -18.74
C ILE G 168 -20.61 -7.78 -19.94
N ASP G 169 -20.63 -6.48 -19.68
CA ASP G 169 -20.97 -5.47 -20.67
C ASP G 169 -19.73 -4.68 -21.06
N GLU G 170 -19.68 -4.27 -22.33
CA GLU G 170 -18.59 -3.45 -22.86
C GLU G 170 -17.24 -4.13 -22.65
N MET G 171 -17.13 -5.35 -23.17
CA MET G 171 -15.88 -6.10 -23.18
C MET G 171 -15.27 -5.95 -24.57
N GLY G 172 -14.36 -4.99 -24.71
CA GLY G 172 -13.70 -4.76 -25.98
C GLY G 172 -13.43 -3.30 -26.29
N TYR G 173 -14.29 -2.40 -25.77
CA TYR G 173 -14.04 -0.98 -25.97
C TYR G 173 -12.77 -0.53 -25.26
N LEU G 174 -12.53 -1.03 -24.05
CA LEU G 174 -11.32 -0.74 -23.29
C LEU G 174 -10.47 -2.01 -23.25
N LYS G 175 -9.25 -1.94 -23.75
CA LYS G 175 -8.36 -3.07 -23.70
C LYS G 175 -8.03 -3.40 -22.24
N LEU G 176 -8.18 -4.66 -21.87
CA LEU G 176 -7.95 -5.09 -20.50
C LEU G 176 -6.46 -5.11 -20.21
N ASP G 177 -6.12 -4.77 -18.98
CA ASP G 177 -4.73 -4.78 -18.55
C ASP G 177 -4.17 -6.20 -18.67
N PRO G 178 -3.06 -6.41 -19.40
CA PRO G 178 -2.55 -7.79 -19.53
C PRO G 178 -2.28 -8.45 -18.19
N ASN G 179 -1.82 -7.70 -17.19
CA ASN G 179 -1.57 -8.26 -15.88
C ASN G 179 -2.85 -8.60 -15.13
N SER G 180 -4.01 -8.16 -15.61
CA SER G 180 -5.28 -8.39 -14.94
C SER G 180 -6.32 -9.10 -15.79
N ALA G 181 -6.11 -9.18 -17.11
CA ALA G 181 -7.08 -9.86 -17.96
C ALA G 181 -7.32 -11.29 -17.49
N HIS G 182 -6.30 -11.94 -16.94
CA HIS G 182 -6.45 -13.31 -16.47
C HIS G 182 -7.60 -13.42 -15.46
N TYR G 183 -7.81 -12.38 -14.66
CA TYR G 183 -8.92 -12.40 -13.71
C TYR G 183 -10.22 -12.78 -14.41
N LEU G 184 -10.50 -12.14 -15.55
CA LEU G 184 -11.71 -12.47 -16.30
C LEU G 184 -11.80 -13.96 -16.54
N PHE G 185 -10.72 -14.56 -17.04
CA PHE G 185 -10.71 -15.99 -17.31
C PHE G 185 -11.18 -16.76 -16.08
N GLN G 186 -10.66 -16.40 -14.91
CA GLN G 186 -11.04 -17.11 -13.70
C GLN G 186 -12.55 -17.18 -13.56
N VAL G 187 -13.22 -16.03 -13.68
CA VAL G 187 -14.67 -16.03 -13.61
C VAL G 187 -15.25 -16.93 -14.69
N ILE G 188 -14.80 -16.73 -15.94
CA ILE G 188 -15.30 -17.54 -17.03
C ILE G 188 -14.96 -19.01 -16.79
N ALA G 189 -13.88 -19.27 -16.04
CA ALA G 189 -13.55 -20.65 -15.73
C ALA G 189 -14.47 -21.21 -14.66
N ARG G 190 -14.83 -20.40 -13.65
CA ARG G 190 -15.60 -20.92 -12.54
C ARG G 190 -17.07 -21.09 -12.88
N ARG G 191 -17.60 -20.27 -13.78
CA ARG G 191 -18.99 -20.38 -14.20
C ARG G 191 -19.17 -21.27 -15.42
N TYR G 192 -18.08 -21.79 -15.98
CA TYR G 192 -18.18 -22.67 -17.14
C TYR G 192 -18.99 -23.91 -16.81
N GLU G 193 -20.04 -24.15 -17.59
CA GLU G 193 -20.95 -25.28 -17.41
C GLU G 193 -21.59 -25.29 -16.02
N HIS G 194 -21.56 -24.16 -15.32
CA HIS G 194 -22.23 -24.01 -14.03
C HIS G 194 -23.32 -22.97 -14.06
N ALA G 195 -23.03 -21.78 -14.59
CA ALA G 195 -24.01 -20.72 -14.70
C ALA G 195 -23.82 -20.01 -16.04
N PRO G 196 -24.90 -19.51 -16.64
CA PRO G 196 -24.75 -18.76 -17.90
C PRO G 196 -24.00 -17.45 -17.71
N ILE G 197 -23.40 -17.00 -18.81
CA ILE G 197 -22.79 -15.68 -18.89
C ILE G 197 -23.31 -14.99 -20.14
N ILE G 198 -23.75 -13.74 -19.99
CA ILE G 198 -24.24 -12.93 -21.10
C ILE G 198 -23.19 -11.85 -21.34
N LEU G 199 -22.42 -12.01 -22.40
CA LEU G 199 -21.30 -11.11 -22.70
C LEU G 199 -21.61 -10.29 -23.95
N THR G 200 -21.52 -8.98 -23.82
CA THR G 200 -21.77 -8.07 -24.94
C THR G 200 -20.45 -7.44 -25.37
N SER G 201 -20.16 -7.51 -26.67
CA SER G 201 -18.93 -6.95 -27.19
C SER G 201 -19.12 -6.59 -28.66
N ASN G 202 -18.22 -5.73 -29.15
CA ASN G 202 -18.19 -5.37 -30.57
C ASN G 202 -17.03 -6.02 -31.31
N LYS G 203 -16.16 -6.73 -30.60
CA LYS G 203 -15.00 -7.37 -31.20
C LYS G 203 -15.31 -8.83 -31.50
N SER G 204 -14.99 -9.26 -32.72
CA SER G 204 -15.14 -10.66 -33.07
C SER G 204 -14.22 -11.51 -32.18
N PHE G 205 -14.47 -12.83 -32.21
CA PHE G 205 -13.70 -13.73 -31.36
C PHE G 205 -12.21 -13.71 -31.72
N GLY G 206 -11.90 -13.72 -33.02
CA GLY G 206 -10.51 -13.75 -33.44
C GLY G 206 -9.71 -12.57 -32.95
N GLU G 207 -10.37 -11.46 -32.60
CA GLU G 207 -9.70 -10.26 -32.12
C GLU G 207 -9.53 -10.23 -30.61
N TRP G 208 -10.11 -11.19 -29.88
CA TRP G 208 -10.02 -11.16 -28.42
C TRP G 208 -8.57 -11.15 -27.94
N GLY G 209 -7.66 -11.73 -28.71
CA GLY G 209 -6.26 -11.72 -28.32
C GLY G 209 -5.74 -10.31 -28.10
N GLU G 210 -6.19 -9.37 -28.94
CA GLU G 210 -5.81 -7.97 -28.75
C GLU G 210 -6.37 -7.42 -27.44
N ILE G 211 -7.60 -7.81 -27.08
CA ILE G 211 -8.26 -7.22 -25.93
C ILE G 211 -7.54 -7.61 -24.64
N VAL G 212 -7.24 -8.90 -24.47
CA VAL G 212 -6.66 -9.39 -23.23
C VAL G 212 -5.14 -9.38 -23.25
N GLY G 213 -4.51 -9.13 -24.39
CA GLY G 213 -3.07 -9.09 -24.45
C GLY G 213 -2.41 -10.45 -24.32
N ASP G 214 -3.13 -11.52 -24.61
CA ASP G 214 -2.56 -12.87 -24.51
C ASP G 214 -3.37 -13.78 -25.42
N SER G 215 -2.76 -14.20 -26.53
CA SER G 215 -3.49 -15.00 -27.51
C SER G 215 -3.92 -16.35 -26.93
N VAL G 216 -3.03 -17.00 -26.17
CA VAL G 216 -3.35 -18.31 -25.61
C VAL G 216 -4.49 -18.19 -24.60
N LEU G 217 -4.42 -17.18 -23.72
CA LEU G 217 -5.49 -16.98 -22.75
C LEU G 217 -6.79 -16.64 -23.46
N ALA G 218 -6.73 -15.82 -24.51
CA ALA G 218 -7.93 -15.49 -25.26
C ALA G 218 -8.55 -16.74 -25.89
N THR G 219 -7.72 -17.61 -26.46
CA THR G 219 -8.24 -18.83 -27.06
C THR G 219 -8.87 -19.75 -26.01
N ALA G 220 -8.23 -19.86 -24.85
CA ALA G 220 -8.80 -20.68 -23.77
C ALA G 220 -10.15 -20.11 -23.33
N MET G 221 -10.22 -18.80 -23.14
CA MET G 221 -11.47 -18.17 -22.74
C MET G 221 -12.55 -18.39 -23.79
N LEU G 222 -12.20 -18.25 -25.06
CA LEU G 222 -13.18 -18.43 -26.12
C LEU G 222 -13.67 -19.87 -26.19
N ASP G 223 -12.77 -20.84 -26.03
CA ASP G 223 -13.19 -22.24 -26.05
C ASP G 223 -14.11 -22.55 -24.88
N ARG G 224 -13.79 -22.03 -23.69
CA ARG G 224 -14.66 -22.26 -22.54
C ARG G 224 -16.02 -21.59 -22.71
N LEU G 225 -16.03 -20.35 -23.20
CA LEU G 225 -17.25 -19.56 -23.28
C LEU G 225 -18.15 -19.99 -24.43
N LEU G 226 -17.56 -20.52 -25.51
CA LEU G 226 -18.30 -20.89 -26.71
C LEU G 226 -18.62 -22.38 -26.77
N HIS G 227 -18.34 -23.13 -25.71
CA HIS G 227 -18.64 -24.55 -25.69
C HIS G 227 -20.15 -24.77 -25.84
N HIS G 228 -20.91 -24.31 -24.86
CA HIS G 228 -22.37 -24.31 -24.90
C HIS G 228 -22.79 -22.84 -24.86
N SER G 229 -23.09 -22.28 -26.03
CA SER G 229 -23.39 -20.86 -26.10
C SER G 229 -24.34 -20.59 -27.26
N ILE G 230 -25.03 -19.46 -27.17
CA ILE G 230 -25.88 -18.95 -28.25
C ILE G 230 -25.26 -17.63 -28.67
N ILE G 231 -24.72 -17.58 -29.88
CA ILE G 231 -23.95 -16.43 -30.36
C ILE G 231 -24.84 -15.64 -31.32
N PHE G 232 -25.04 -14.36 -31.00
CA PHE G 232 -25.80 -13.45 -31.84
C PHE G 232 -24.84 -12.43 -32.44
N ASN G 233 -24.81 -12.38 -33.77
CA ASN G 233 -24.00 -11.41 -34.51
C ASN G 233 -24.97 -10.39 -35.11
N LEU G 234 -25.30 -9.38 -34.32
CA LEU G 234 -26.23 -8.36 -34.76
C LEU G 234 -25.58 -7.43 -35.78
N LYS G 235 -26.42 -6.83 -36.62
CA LYS G 235 -25.94 -5.93 -37.68
C LYS G 235 -26.92 -4.77 -37.78
N GLY G 236 -26.65 -3.89 -38.74
CA GLY G 236 -27.50 -2.74 -39.01
C GLY G 236 -26.91 -1.45 -38.48
N GLU G 237 -27.51 -0.35 -38.91
CA GLU G 237 -27.06 0.97 -38.50
C GLU G 237 -27.38 1.21 -37.03
N SER G 238 -26.54 2.03 -36.39
CA SER G 238 -26.73 2.32 -34.98
C SER G 238 -28.10 2.93 -34.73
N TYR G 239 -28.74 2.51 -33.63
CA TYR G 239 -30.04 3.05 -33.26
C TYR G 239 -29.93 4.45 -32.66
N ARG G 240 -28.81 4.76 -32.01
CA ARG G 240 -28.61 6.10 -31.48
C ARG G 240 -28.61 7.12 -32.61
N LEU G 241 -27.89 6.84 -33.69
CA LEU G 241 -27.90 7.74 -34.83
C LEU G 241 -29.28 7.77 -35.49
N ARG G 242 -30.02 6.66 -35.44
CA ARG G 242 -31.39 6.67 -35.95
C ARG G 242 -32.25 7.66 -35.17
N GLU G 243 -32.15 7.62 -33.84
CA GLU G 243 -32.89 8.58 -33.03
C GLU G 243 -32.43 10.01 -33.30
N LYS G 244 -31.13 10.20 -33.48
CA LYS G 244 -30.62 11.53 -33.79
C LYS G 244 -31.21 12.06 -35.09
N ARG G 245 -31.25 11.21 -36.12
CA ARG G 245 -31.84 11.62 -37.39
C ARG G 245 -33.32 11.93 -37.22
N LEU G 246 -34.04 11.09 -36.48
CA LEU G 246 -35.47 11.33 -36.28
C LEU G 246 -35.70 12.66 -35.58
N GLN G 247 -34.91 12.97 -34.54
CA GLN G 247 -35.04 14.25 -33.86
C GLN G 247 -34.72 15.41 -34.81
N GLU G 248 -33.65 15.28 -35.59
CA GLU G 248 -33.32 16.33 -36.55
C GLU G 248 -34.41 16.47 -37.61
N GLU G 249 -34.93 15.35 -38.10
CA GLU G 249 -35.98 15.37 -39.12
C GLU G 249 -37.34 15.51 -38.47
N MET H 4 -58.11 -23.40 -4.55
CA MET H 4 -57.92 -22.14 -3.78
C MET H 4 -57.38 -22.44 -2.38
N LYS H 5 -57.81 -23.56 -1.81
CA LYS H 5 -57.32 -23.94 -0.49
C LYS H 5 -55.82 -24.17 -0.51
N GLU H 6 -55.30 -24.82 -1.55
CA GLU H 6 -53.86 -25.03 -1.65
C GLU H 6 -53.13 -23.70 -1.76
N ARG H 7 -53.72 -22.73 -2.48
CA ARG H 7 -53.11 -21.41 -2.54
C ARG H 7 -53.06 -20.76 -1.17
N ILE H 8 -54.13 -20.91 -0.38
CA ILE H 8 -54.13 -20.37 0.97
C ILE H 8 -53.04 -21.00 1.81
N HIS H 9 -52.91 -22.33 1.72
CA HIS H 9 -51.87 -23.03 2.48
C HIS H 9 -50.48 -22.55 2.07
N GLU H 10 -50.25 -22.41 0.76
CA GLU H 10 -48.95 -21.96 0.27
C GLU H 10 -48.64 -20.55 0.76
N TYR H 11 -49.64 -19.65 0.70
CA TYR H 11 -49.41 -18.29 1.17
C TYR H 11 -49.13 -18.28 2.67
N CYS H 12 -49.87 -19.07 3.45
CA CYS H 12 -49.62 -19.12 4.88
C CYS H 12 -48.22 -19.61 5.19
N HIS H 13 -47.76 -20.64 4.47
CA HIS H 13 -46.40 -21.12 4.69
C HIS H 13 -45.36 -20.13 4.23
N ARG H 14 -45.65 -19.35 3.18
CA ARG H 14 -44.68 -18.39 2.68
C ARG H 14 -44.55 -17.17 3.59
N LEU H 15 -45.64 -16.73 4.21
CA LEU H 15 -45.59 -15.62 5.14
C LEU H 15 -45.13 -16.03 6.53
N HIS H 16 -44.60 -17.25 6.67
CA HIS H 16 -44.12 -17.76 7.95
C HIS H 16 -45.25 -17.81 8.98
N LEU H 17 -46.30 -18.55 8.62
CA LEU H 17 -47.45 -18.78 9.49
C LEU H 17 -47.82 -20.26 9.50
N PRO H 18 -46.91 -21.12 9.98
CA PRO H 18 -47.20 -22.57 9.93
C PRO H 18 -48.41 -22.96 10.77
N VAL H 19 -48.53 -22.42 11.99
CA VAL H 19 -49.65 -22.79 12.85
C VAL H 19 -50.97 -22.32 12.24
N MET H 20 -50.95 -21.15 11.60
CA MET H 20 -52.17 -20.67 10.93
C MET H 20 -52.62 -21.65 9.85
N ALA H 21 -51.68 -22.16 9.06
CA ALA H 21 -52.02 -23.15 8.05
C ALA H 21 -52.53 -24.44 8.70
N GLU H 22 -51.90 -24.86 9.79
CA GLU H 22 -52.31 -26.09 10.44
C GLU H 22 -53.74 -25.99 10.96
N ARG H 23 -54.10 -24.86 11.55
CA ARG H 23 -55.43 -24.66 12.12
C ARG H 23 -56.36 -23.90 11.19
N TRP H 24 -55.97 -23.71 9.92
CA TRP H 24 -56.83 -22.99 8.99
C TRP H 24 -58.17 -23.70 8.79
N SER H 25 -58.14 -25.03 8.62
CA SER H 25 -59.37 -25.77 8.41
C SER H 25 -60.28 -25.71 9.63
N ALA H 26 -59.70 -25.87 10.82
CA ALA H 26 -60.51 -25.85 12.04
C ALA H 26 -61.17 -24.49 12.24
N MET H 27 -60.41 -23.41 12.06
CA MET H 27 -60.99 -22.08 12.22
C MET H 27 -62.03 -21.80 11.15
N ALA H 28 -61.80 -22.26 9.92
CA ALA H 28 -62.79 -22.08 8.88
C ALA H 28 -64.09 -22.80 9.23
N GLU H 29 -63.98 -24.03 9.72
CA GLU H 29 -65.17 -24.77 10.13
C GLU H 29 -65.89 -24.07 11.29
N TYR H 30 -65.13 -23.56 12.25
CA TYR H 30 -65.74 -22.86 13.38
C TYR H 30 -66.47 -21.61 12.91
N ALA H 31 -65.86 -20.86 11.98
CA ALA H 31 -66.50 -19.64 11.48
C ALA H 31 -67.74 -19.97 10.64
N SER H 32 -67.70 -21.07 9.89
CA SER H 32 -68.86 -21.46 9.09
C SER H 32 -70.02 -21.91 9.96
N THR H 33 -69.73 -22.77 10.95
CA THR H 33 -70.79 -23.29 11.80
C THR H 33 -71.46 -22.18 12.61
N HIS H 34 -70.67 -21.28 13.18
CA HIS H 34 -71.18 -20.17 13.96
C HIS H 34 -70.85 -18.85 13.27
N ASN H 35 -71.86 -18.00 13.09
CA ASN H 35 -71.65 -16.72 12.44
C ASN H 35 -70.70 -15.87 13.26
N ILE H 36 -69.66 -15.35 12.60
CA ILE H 36 -68.65 -14.51 13.25
C ILE H 36 -68.23 -13.43 12.26
N SER H 37 -68.04 -12.22 12.77
CA SER H 37 -67.56 -11.13 11.93
C SER H 37 -66.12 -11.42 11.48
N TYR H 38 -65.77 -10.89 10.30
CA TYR H 38 -64.43 -11.10 9.78
C TYR H 38 -63.38 -10.50 10.71
N SER H 39 -63.64 -9.31 11.25
CA SER H 39 -62.68 -8.66 12.13
C SER H 39 -62.41 -9.53 13.36
N GLU H 40 -63.47 -10.05 13.99
CA GLU H 40 -63.28 -10.87 15.18
C GLU H 40 -62.55 -12.16 14.84
N PHE H 41 -62.87 -12.77 13.70
CA PHE H 41 -62.19 -14.00 13.29
C PHE H 41 -60.70 -13.76 13.09
N LEU H 42 -60.35 -12.67 12.40
CA LEU H 42 -58.94 -12.35 12.20
C LEU H 42 -58.26 -12.04 13.51
N PHE H 43 -58.94 -11.33 14.42
CA PHE H 43 -58.35 -11.04 15.72
C PHE H 43 -58.05 -12.32 16.48
N ARG H 44 -59.00 -13.25 16.51
CA ARG H 44 -58.78 -14.51 17.21
C ARG H 44 -57.63 -15.28 16.59
N LEU H 45 -57.58 -15.35 15.26
CA LEU H 45 -56.52 -16.09 14.59
C LEU H 45 -55.16 -15.48 14.89
N LEU H 46 -55.05 -14.16 14.78
CA LEU H 46 -53.78 -13.50 15.03
C LEU H 46 -53.37 -13.59 16.49
N GLU H 47 -54.33 -13.54 17.42
CA GLU H 47 -53.99 -13.69 18.82
C GLU H 47 -53.47 -15.09 19.11
N ALA H 48 -54.08 -16.12 18.52
CA ALA H 48 -53.57 -17.47 18.69
C ALA H 48 -52.16 -17.59 18.11
N GLU H 49 -51.94 -17.01 16.92
CA GLU H 49 -50.62 -17.05 16.31
C GLU H 49 -49.59 -16.35 17.20
N ILE H 50 -49.97 -15.21 17.78
CA ILE H 50 -49.06 -14.48 18.64
C ILE H 50 -48.77 -15.26 19.91
N VAL H 51 -49.77 -15.95 20.45
CA VAL H 51 -49.54 -16.78 21.63
C VAL H 51 -48.52 -17.86 21.33
N GLU H 52 -48.70 -18.54 20.19
CA GLU H 52 -47.75 -19.59 19.81
C GLU H 52 -46.36 -19.00 19.58
N LYS H 53 -46.28 -17.84 18.93
CA LYS H 53 -44.99 -17.22 18.68
C LYS H 53 -44.29 -16.85 19.99
N GLN H 54 -45.05 -16.30 20.94
CA GLN H 54 -44.46 -15.93 22.23
C GLN H 54 -44.00 -17.16 22.99
N ALA H 55 -44.78 -18.25 22.94
CA ALA H 55 -44.34 -19.48 23.59
C ALA H 55 -43.04 -19.98 22.97
N ARG H 56 -42.94 -19.97 21.64
CA ARG H 56 -41.72 -20.41 20.98
C ARG H 56 -40.54 -19.50 21.35
N SER H 57 -40.79 -18.19 21.42
CA SER H 57 -39.72 -17.26 21.78
C SER H 57 -39.24 -17.51 23.20
N ILE H 58 -40.17 -17.77 24.13
CA ILE H 58 -39.77 -18.05 25.50
C ILE H 58 -38.98 -19.34 25.57
N GLN H 59 -39.39 -20.37 24.82
CA GLN H 59 -38.63 -21.61 24.81
C GLN H 59 -37.22 -21.38 24.26
N THR H 60 -37.09 -20.60 23.19
CA THR H 60 -35.77 -20.31 22.65
C THR H 60 -34.93 -19.52 23.64
N LEU H 61 -35.53 -18.58 24.36
CA LEU H 61 -34.79 -17.83 25.37
C LEU H 61 -34.30 -18.74 26.48
N ILE H 62 -35.16 -19.66 26.94
CA ILE H 62 -34.74 -20.62 27.97
C ILE H 62 -33.61 -21.50 27.45
N LYS H 63 -33.66 -21.87 26.17
CA LYS H 63 -32.60 -22.69 25.60
C LYS H 63 -31.29 -21.90 25.51
N LEU H 64 -31.35 -20.61 25.20
CA LEU H 64 -30.17 -19.78 25.06
C LEU H 64 -29.62 -19.27 26.39
N SER H 65 -30.40 -19.36 27.47
CA SER H 65 -29.95 -18.87 28.76
C SER H 65 -29.15 -19.91 29.55
N LYS H 66 -29.09 -21.15 29.07
CA LYS H 66 -28.31 -22.22 29.70
C LYS H 66 -28.68 -22.44 31.16
N LEU H 67 -29.96 -22.32 31.50
CA LEU H 67 -30.38 -22.67 32.84
C LEU H 67 -30.26 -24.18 33.04
N PRO H 68 -29.62 -24.64 34.11
CA PRO H 68 -29.39 -26.08 34.27
C PRO H 68 -30.67 -26.87 34.48
N TYR H 69 -31.53 -26.39 35.38
CA TYR H 69 -32.79 -27.07 35.69
C TYR H 69 -33.83 -26.00 35.98
N ARG H 70 -34.84 -25.90 35.12
CA ARG H 70 -35.88 -24.89 35.29
C ARG H 70 -36.58 -25.03 36.64
N LYS H 71 -36.76 -23.90 37.31
CA LYS H 71 -37.44 -23.86 38.60
C LYS H 71 -38.14 -22.51 38.73
N THR H 72 -39.12 -22.44 39.63
CA THR H 72 -39.89 -21.23 39.84
C THR H 72 -40.24 -21.10 41.31
N ILE H 73 -40.65 -19.89 41.69
CA ILE H 73 -41.00 -19.62 43.09
C ILE H 73 -42.20 -20.46 43.52
N ASP H 74 -43.05 -20.85 42.57
CA ASP H 74 -44.26 -21.59 42.92
C ASP H 74 -43.93 -22.88 43.65
N THR H 75 -42.77 -23.48 43.38
CA THR H 75 -42.35 -24.72 44.03
C THR H 75 -41.50 -24.48 45.26
N PHE H 76 -41.32 -23.22 45.68
CA PHE H 76 -40.50 -22.90 46.84
C PHE H 76 -41.38 -22.94 48.09
N ASP H 77 -40.95 -23.73 49.07
CA ASP H 77 -41.67 -23.90 50.33
C ASP H 77 -41.02 -22.99 51.37
N PHE H 78 -41.59 -21.79 51.55
CA PHE H 78 -41.06 -20.85 52.53
C PHE H 78 -41.22 -21.36 53.96
N THR H 79 -42.13 -22.31 54.19
CA THR H 79 -42.29 -22.86 55.53
C THR H 79 -41.03 -23.60 55.97
N ALA H 80 -40.36 -24.30 55.04
CA ALA H 80 -39.11 -24.98 55.35
C ALA H 80 -37.93 -24.02 55.47
N GLN H 81 -38.08 -22.79 55.01
CA GLN H 81 -37.02 -21.78 55.06
C GLN H 81 -37.57 -20.51 55.68
N PRO H 82 -37.85 -20.53 56.99
CA PRO H 82 -38.31 -19.30 57.66
C PRO H 82 -37.24 -18.23 57.80
N SER H 83 -35.98 -18.56 57.52
CA SER H 83 -34.89 -17.60 57.64
C SER H 83 -34.97 -16.48 56.61
N VAL H 84 -35.79 -16.63 55.58
CA VAL H 84 -35.91 -15.63 54.51
C VAL H 84 -37.35 -15.13 54.50
N ASP H 85 -37.51 -13.81 54.49
CA ASP H 85 -38.82 -13.18 54.46
C ASP H 85 -39.39 -13.28 53.05
N GLU H 86 -40.49 -14.01 52.89
CA GLU H 86 -41.08 -14.19 51.57
C GLU H 86 -41.48 -12.85 50.95
N ARG H 87 -41.74 -11.83 51.75
CA ARG H 87 -42.09 -10.52 51.20
C ARG H 87 -40.96 -9.98 50.33
N ARG H 88 -39.72 -10.10 50.80
CA ARG H 88 -38.58 -9.63 50.02
C ARG H 88 -38.43 -10.42 48.73
N ILE H 89 -38.65 -11.73 48.78
CA ILE H 89 -38.56 -12.54 47.57
C ILE H 89 -39.62 -12.12 46.56
N ARG H 90 -40.85 -11.89 47.03
CA ARG H 90 -41.90 -11.42 46.13
C ARG H 90 -41.54 -10.06 45.54
N GLU H 91 -40.96 -9.18 46.35
CA GLU H 91 -40.50 -7.89 45.83
C GLU H 91 -39.46 -8.10 44.74
N LEU H 92 -38.55 -9.05 44.94
CA LEU H 92 -37.57 -9.36 43.89
C LEU H 92 -38.27 -9.84 42.62
N LEU H 93 -39.30 -10.67 42.77
CA LEU H 93 -39.99 -11.20 41.60
C LEU H 93 -40.67 -10.11 40.79
N THR H 94 -40.87 -8.91 41.37
CA THR H 94 -41.39 -7.80 40.58
C THR H 94 -40.39 -7.34 39.53
N LEU H 95 -39.13 -7.77 39.64
CA LEU H 95 -38.08 -7.36 38.71
C LEU H 95 -37.84 -5.86 38.76
N SER H 96 -38.13 -5.23 39.90
CA SER H 96 -37.83 -3.82 40.06
C SER H 96 -36.33 -3.57 40.07
N PHE H 97 -35.56 -4.52 40.60
CA PHE H 97 -34.11 -4.35 40.66
C PHE H 97 -33.51 -4.17 39.28
N ILE H 98 -34.14 -4.75 38.25
CA ILE H 98 -33.62 -4.61 36.89
C ILE H 98 -33.62 -3.15 36.47
N ASP H 99 -34.71 -2.43 36.77
CA ASP H 99 -34.76 -1.00 36.48
C ASP H 99 -33.93 -0.20 37.48
N ARG H 100 -33.78 -0.70 38.71
CA ARG H 100 -32.99 -0.03 39.73
C ARG H 100 -31.50 -0.32 39.62
N LYS H 101 -31.10 -1.21 38.71
CA LYS H 101 -29.69 -1.56 38.53
C LYS H 101 -29.08 -2.13 39.80
N GLU H 102 -29.85 -2.91 40.56
CA GLU H 102 -29.40 -3.48 41.82
C GLU H 102 -29.11 -4.96 41.67
N ASN H 103 -27.96 -5.38 42.17
CA ASN H 103 -27.62 -6.80 42.20
C ASN H 103 -28.34 -7.49 43.35
N ILE H 104 -28.39 -8.82 43.28
CA ILE H 104 -29.01 -9.64 44.31
C ILE H 104 -28.00 -10.67 44.77
N LEU H 105 -27.59 -10.59 46.04
CA LEU H 105 -26.58 -11.49 46.60
C LEU H 105 -27.26 -12.43 47.59
N PHE H 106 -27.26 -13.72 47.26
CA PHE H 106 -27.76 -14.76 48.15
C PHE H 106 -26.59 -15.40 48.88
N LEU H 107 -26.72 -15.53 50.19
CA LEU H 107 -25.67 -16.10 51.03
C LEU H 107 -26.29 -17.07 52.03
N GLY H 108 -25.48 -18.04 52.45
CA GLY H 108 -25.89 -18.99 53.46
C GLY H 108 -25.29 -20.35 53.27
N PRO H 109 -25.63 -21.29 54.15
CA PRO H 109 -25.07 -22.64 54.05
C PRO H 109 -25.57 -23.36 52.81
N PRO H 110 -25.03 -24.53 52.50
CA PRO H 110 -25.46 -25.25 51.30
C PRO H 110 -26.89 -25.75 51.41
N GLY H 111 -27.54 -25.86 50.25
CA GLY H 111 -28.85 -26.49 50.17
C GLY H 111 -29.97 -25.75 50.88
N ILE H 112 -29.98 -24.42 50.81
CA ILE H 112 -31.02 -23.61 51.45
C ILE H 112 -31.87 -22.88 50.43
N GLY H 113 -31.69 -23.13 49.14
CA GLY H 113 -32.49 -22.51 48.12
C GLY H 113 -31.86 -21.34 47.41
N LYS H 114 -30.58 -21.05 47.67
CA LYS H 114 -29.93 -19.93 46.99
C LYS H 114 -29.99 -20.10 45.49
N THR H 115 -29.53 -21.25 44.99
CA THR H 115 -29.59 -21.51 43.56
C THR H 115 -31.04 -21.62 43.09
N HIS H 116 -31.91 -22.23 43.90
CA HIS H 116 -33.31 -22.32 43.54
C HIS H 116 -33.93 -20.94 43.37
N LEU H 117 -33.67 -20.04 44.33
CA LEU H 117 -34.20 -18.68 44.23
C LEU H 117 -33.61 -17.94 43.05
N ALA H 118 -32.31 -18.10 42.80
CA ALA H 118 -31.68 -17.44 41.67
C ALA H 118 -32.29 -17.91 40.35
N ILE H 119 -32.49 -19.23 40.21
CA ILE H 119 -33.10 -19.75 38.99
C ILE H 119 -34.55 -19.30 38.87
N SER H 120 -35.27 -19.19 39.99
CA SER H 120 -36.64 -18.69 39.94
C SER H 120 -36.68 -17.26 39.42
N ILE H 121 -35.78 -16.41 39.93
CA ILE H 121 -35.73 -15.02 39.47
C ILE H 121 -35.34 -14.97 38.00
N GLY H 122 -34.38 -15.80 37.59
CA GLY H 122 -34.00 -15.83 36.18
C GLY H 122 -35.14 -16.27 35.28
N MET H 123 -35.90 -17.28 35.72
CA MET H 123 -37.04 -17.75 34.95
C MET H 123 -38.11 -16.67 34.84
N GLU H 124 -38.37 -15.96 35.94
CA GLU H 124 -39.33 -14.86 35.90
C GLU H 124 -38.86 -13.78 34.94
N ALA H 125 -37.56 -13.46 34.96
CA ALA H 125 -37.03 -12.46 34.04
C ALA H 125 -37.19 -12.93 32.58
N ILE H 126 -36.92 -14.21 32.33
CA ILE H 126 -37.08 -14.74 30.97
C ILE H 126 -38.54 -14.62 30.53
N ALA H 127 -39.48 -14.93 31.43
CA ALA H 127 -40.89 -14.86 31.08
C ALA H 127 -41.29 -13.45 30.67
N ARG H 128 -40.79 -12.43 31.38
CA ARG H 128 -41.10 -11.05 31.08
C ARG H 128 -40.22 -10.46 29.98
N GLY H 129 -39.52 -11.30 29.21
CA GLY H 129 -38.76 -10.84 28.07
C GLY H 129 -37.37 -10.31 28.39
N TYR H 130 -36.97 -10.31 29.66
CA TYR H 130 -35.62 -9.85 30.01
C TYR H 130 -34.61 -10.92 29.63
N LYS H 131 -33.62 -10.54 28.81
CA LYS H 131 -32.55 -11.47 28.46
C LYS H 131 -31.84 -11.93 29.73
N THR H 132 -31.65 -13.24 29.85
CA THR H 132 -31.05 -13.84 31.02
C THR H 132 -29.96 -14.81 30.60
N TYR H 133 -28.93 -14.94 31.45
CA TYR H 133 -27.84 -15.88 31.20
C TYR H 133 -27.37 -16.41 32.54
N PHE H 134 -27.41 -17.73 32.69
CA PHE H 134 -26.99 -18.41 33.92
C PHE H 134 -25.63 -19.05 33.71
N ILE H 135 -24.78 -18.96 34.73
CA ILE H 135 -23.45 -19.55 34.68
C ILE H 135 -22.90 -19.62 36.09
N THR H 136 -21.94 -20.50 36.31
CA THR H 136 -21.24 -20.56 37.58
C THR H 136 -19.98 -19.70 37.54
N ALA H 137 -19.50 -19.33 38.74
CA ALA H 137 -18.33 -18.47 38.81
C ALA H 137 -17.11 -19.15 38.20
N HIS H 138 -16.89 -20.42 38.53
CA HIS H 138 -15.75 -21.14 37.98
C HIS H 138 -15.84 -21.23 36.46
N ASP H 139 -17.03 -21.55 35.95
CA ASP H 139 -17.21 -21.65 34.50
C ASP H 139 -16.99 -20.29 33.83
N LEU H 140 -17.52 -19.22 34.42
CA LEU H 140 -17.34 -17.90 33.83
C LEU H 140 -15.86 -17.51 33.79
N VAL H 141 -15.14 -17.74 34.89
CA VAL H 141 -13.73 -17.40 34.93
C VAL H 141 -12.95 -18.22 33.92
N ASN H 142 -13.24 -19.52 33.83
CA ASN H 142 -12.53 -20.36 32.87
C ASN H 142 -12.80 -19.93 31.44
N GLN H 143 -14.07 -19.62 31.12
CA GLN H 143 -14.40 -19.21 29.77
C GLN H 143 -13.73 -17.88 29.42
N LEU H 144 -13.71 -16.93 30.35
CA LEU H 144 -13.03 -15.67 30.09
C LEU H 144 -11.53 -15.87 29.90
N ARG H 145 -10.91 -16.74 30.72
CA ARG H 145 -9.50 -17.01 30.56
C ARG H 145 -9.21 -17.64 29.20
N ARG H 146 -10.03 -18.59 28.78
CA ARG H 146 -9.83 -19.22 27.47
C ARG H 146 -10.02 -18.21 26.34
N ALA H 147 -11.02 -17.34 26.46
CA ALA H 147 -11.22 -16.33 25.44
C ALA H 147 -10.06 -15.36 25.36
N ASP H 148 -9.45 -15.03 26.51
CA ASP H 148 -8.29 -14.15 26.49
C ASP H 148 -7.07 -14.85 25.90
N GLN H 149 -6.91 -16.14 26.19
CA GLN H 149 -5.81 -16.90 25.59
C GLN H 149 -5.93 -16.97 24.07
N GLU H 150 -7.14 -16.83 23.53
CA GLU H 150 -7.38 -16.88 22.10
C GLU H 150 -7.46 -15.49 21.47
N GLY H 151 -7.17 -14.44 22.24
CA GLY H 151 -7.20 -13.10 21.70
C GLY H 151 -8.59 -12.60 21.33
N LYS H 152 -9.62 -13.15 21.95
CA LYS H 152 -11.01 -12.76 21.68
C LYS H 152 -11.76 -12.56 22.99
N LEU H 153 -11.09 -11.98 23.99
CA LEU H 153 -11.75 -11.74 25.27
C LEU H 153 -12.91 -10.76 25.13
N GLU H 154 -12.82 -9.82 24.20
CA GLU H 154 -13.88 -8.83 24.05
C GLU H 154 -15.19 -9.49 23.63
N LYS H 155 -15.12 -10.47 22.73
CA LYS H 155 -16.33 -11.14 22.27
C LYS H 155 -17.05 -11.85 23.42
N LYS H 156 -16.29 -12.60 24.22
CA LYS H 156 -16.90 -13.31 25.35
C LYS H 156 -17.38 -12.32 26.41
N LEU H 157 -16.69 -11.21 26.59
CA LEU H 157 -17.15 -10.18 27.51
C LEU H 157 -18.47 -9.60 27.06
N ARG H 158 -18.62 -9.35 25.76
CA ARG H 158 -19.92 -8.90 25.23
C ARG H 158 -20.97 -9.97 25.45
N VAL H 159 -20.60 -11.24 25.27
CA VAL H 159 -21.55 -12.34 25.49
C VAL H 159 -22.06 -12.31 26.92
N PHE H 160 -21.17 -12.10 27.89
CA PHE H 160 -21.54 -12.12 29.30
C PHE H 160 -22.12 -10.81 29.80
N VAL H 161 -21.99 -9.72 29.04
CA VAL H 161 -22.43 -8.40 29.50
C VAL H 161 -23.80 -8.07 28.91
N LYS H 162 -24.06 -8.57 27.71
CA LYS H 162 -25.32 -8.24 27.04
C LYS H 162 -26.56 -8.71 27.81
N PRO H 163 -26.60 -9.92 28.36
CA PRO H 163 -27.83 -10.37 29.03
C PRO H 163 -28.26 -9.41 30.13
N THR H 164 -29.57 -9.16 30.20
CA THR H 164 -30.07 -8.23 31.20
C THR H 164 -29.85 -8.74 32.61
N VAL H 165 -30.04 -10.04 32.83
CA VAL H 165 -29.88 -10.65 34.15
C VAL H 165 -28.83 -11.74 34.02
N LEU H 166 -27.68 -11.53 34.65
CA LEU H 166 -26.61 -12.51 34.67
C LEU H 166 -26.57 -13.18 36.04
N ILE H 167 -26.70 -14.50 36.06
CA ILE H 167 -26.73 -15.27 37.30
C ILE H 167 -25.39 -15.97 37.46
N ILE H 168 -24.72 -15.69 38.58
CA ILE H 168 -23.42 -16.28 38.90
C ILE H 168 -23.63 -17.19 40.10
N ASP H 169 -23.58 -18.49 39.85
CA ASP H 169 -23.93 -19.48 40.85
C ASP H 169 -22.68 -20.13 41.44
N GLU H 170 -22.75 -20.43 42.74
CA GLU H 170 -21.68 -21.14 43.45
C GLU H 170 -20.35 -20.37 43.34
N MET H 171 -20.34 -19.17 43.90
CA MET H 171 -19.13 -18.36 44.00
C MET H 171 -18.53 -18.60 45.38
N GLY H 172 -17.57 -19.51 45.44
CA GLY H 172 -16.86 -19.75 46.69
C GLY H 172 -16.49 -21.20 46.95
N TYR H 173 -17.28 -22.15 46.42
CA TYR H 173 -16.98 -23.56 46.65
C TYR H 173 -15.63 -23.94 46.04
N LEU H 174 -15.34 -23.44 44.84
CA LEU H 174 -14.08 -23.69 44.16
C LEU H 174 -13.27 -22.41 44.16
N LYS H 175 -12.06 -22.46 44.73
CA LYS H 175 -11.18 -21.30 44.73
C LYS H 175 -10.76 -20.97 43.30
N LEU H 176 -10.79 -19.70 42.96
CA LEU H 176 -10.44 -19.24 41.62
C LEU H 176 -8.94 -19.05 41.50
N ASP H 177 -8.43 -19.32 40.31
CA ASP H 177 -7.01 -19.08 40.04
C ASP H 177 -6.74 -17.58 40.11
N PRO H 178 -5.84 -17.11 40.97
CA PRO H 178 -5.66 -15.65 41.09
C PRO H 178 -5.37 -14.95 39.77
N ASN H 179 -4.54 -15.56 38.92
CA ASN H 179 -4.20 -14.92 37.64
C ASN H 179 -5.44 -14.69 36.79
N SER H 180 -6.51 -15.44 37.01
CA SER H 180 -7.75 -15.26 36.27
C SER H 180 -8.81 -14.51 37.07
N ALA H 181 -8.59 -14.28 38.36
CA ALA H 181 -9.60 -13.63 39.19
C ALA H 181 -10.05 -12.30 38.57
N HIS H 182 -9.10 -11.52 38.05
CA HIS H 182 -9.46 -10.21 37.51
C HIS H 182 -10.55 -10.31 36.45
N TYR H 183 -10.59 -11.42 35.70
CA TYR H 183 -11.63 -11.57 34.70
C TYR H 183 -13.01 -11.35 35.32
N LEU H 184 -13.28 -12.03 36.45
CA LEU H 184 -14.54 -11.83 37.13
C LEU H 184 -14.77 -10.35 37.41
N PHE H 185 -13.76 -9.68 37.96
CA PHE H 185 -13.88 -8.25 38.24
C PHE H 185 -14.35 -7.50 37.00
N GLN H 186 -13.75 -7.80 35.85
CA GLN H 186 -14.14 -7.11 34.62
C GLN H 186 -15.64 -7.18 34.43
N VAL H 187 -16.22 -8.38 34.54
CA VAL H 187 -17.67 -8.49 34.40
C VAL H 187 -18.37 -7.62 35.43
N ILE H 188 -17.98 -7.75 36.69
CA ILE H 188 -18.57 -6.94 37.75
C ILE H 188 -18.32 -5.47 37.46
N ALA H 189 -17.19 -5.15 36.82
CA ALA H 189 -16.90 -3.77 36.48
C ALA H 189 -17.72 -3.29 35.28
N ARG H 190 -18.00 -4.19 34.33
CA ARG H 190 -18.72 -3.78 33.13
C ARG H 190 -20.24 -3.82 33.31
N ARG H 191 -20.74 -4.60 34.27
CA ARG H 191 -22.14 -4.60 34.63
C ARG H 191 -22.45 -3.68 35.80
N TYR H 192 -21.45 -2.92 36.28
CA TYR H 192 -21.64 -2.00 37.39
C TYR H 192 -22.52 -0.85 36.94
N GLU H 193 -23.72 -0.74 37.52
CA GLU H 193 -24.69 0.30 37.17
C GLU H 193 -25.13 0.19 35.71
N HIS H 194 -25.01 -1.01 35.13
CA HIS H 194 -25.54 -1.30 33.80
C HIS H 194 -26.59 -2.38 33.82
N ALA H 195 -26.32 -3.51 34.47
CA ALA H 195 -27.27 -4.61 34.55
C ALA H 195 -27.13 -5.27 35.91
N PRO H 196 -28.19 -5.91 36.41
CA PRO H 196 -28.08 -6.64 37.67
C PRO H 196 -27.25 -7.90 37.53
N ILE H 197 -26.72 -8.35 38.67
CA ILE H 197 -26.07 -9.65 38.79
C ILE H 197 -26.71 -10.37 39.97
N ILE H 198 -27.15 -11.59 39.73
CA ILE H 198 -27.74 -12.44 40.77
C ILE H 198 -26.66 -13.44 41.17
N LEU H 199 -25.96 -13.17 42.27
CA LEU H 199 -24.80 -13.94 42.68
C LEU H 199 -25.15 -14.73 43.93
N THR H 200 -24.94 -16.05 43.87
CA THR H 200 -25.21 -16.94 44.99
C THR H 200 -23.88 -17.50 45.52
N SER H 201 -23.71 -17.47 46.84
CA SER H 201 -22.46 -17.89 47.45
C SER H 201 -22.73 -18.46 48.83
N ASN H 202 -21.77 -19.22 49.33
CA ASN H 202 -21.77 -19.69 50.71
C ASN H 202 -20.67 -19.05 51.54
N LYS H 203 -19.87 -18.16 50.95
CA LYS H 203 -18.76 -17.51 51.64
C LYS H 203 -19.14 -16.08 51.98
N SER H 204 -18.74 -15.64 53.18
CA SER H 204 -18.96 -14.25 53.56
C SER H 204 -18.08 -13.33 52.73
N PHE H 205 -18.46 -12.05 52.71
CA PHE H 205 -17.74 -11.09 51.89
C PHE H 205 -16.29 -10.97 52.31
N GLY H 206 -16.03 -10.95 53.62
CA GLY H 206 -14.66 -10.81 54.10
C GLY H 206 -13.73 -11.90 53.63
N GLU H 207 -14.26 -13.05 53.25
CA GLU H 207 -13.46 -14.17 52.77
C GLU H 207 -13.24 -14.15 51.27
N TRP H 208 -13.85 -13.21 50.54
CA TRP H 208 -13.69 -13.20 49.09
C TRP H 208 -12.24 -13.06 48.69
N GLY H 209 -11.42 -12.37 49.48
CA GLY H 209 -10.01 -12.27 49.17
C GLY H 209 -9.36 -13.63 49.04
N GLU H 210 -9.73 -14.57 49.90
CA GLU H 210 -9.24 -15.93 49.77
C GLU H 210 -9.73 -16.57 48.48
N ILE H 211 -11.01 -16.33 48.12
CA ILE H 211 -11.58 -16.97 46.95
C ILE H 211 -10.86 -16.52 45.69
N VAL H 212 -10.62 -15.21 45.55
CA VAL H 212 -10.03 -14.67 44.34
C VAL H 212 -8.52 -14.54 44.44
N GLY H 213 -7.94 -14.70 45.63
CA GLY H 213 -6.50 -14.64 45.76
C GLY H 213 -5.90 -13.26 45.63
N ASP H 214 -6.69 -12.21 45.88
CA ASP H 214 -6.18 -10.84 45.81
C ASP H 214 -7.07 -9.97 46.70
N SER H 215 -6.52 -9.53 47.84
CA SER H 215 -7.32 -8.80 48.80
C SER H 215 -7.81 -7.47 48.23
N VAL H 216 -6.93 -6.74 47.54
CA VAL H 216 -7.31 -5.43 47.01
C VAL H 216 -8.33 -5.58 45.88
N LEU H 217 -8.08 -6.52 44.97
CA LEU H 217 -9.04 -6.77 43.90
C LEU H 217 -10.37 -7.25 44.47
N ALA H 218 -10.33 -8.09 45.50
CA ALA H 218 -11.56 -8.54 46.14
C ALA H 218 -12.32 -7.37 46.74
N THR H 219 -11.60 -6.44 47.38
CA THR H 219 -12.24 -5.28 47.97
C THR H 219 -12.88 -4.41 46.90
N ALA H 220 -12.18 -4.21 45.77
CA ALA H 220 -12.76 -3.43 44.68
C ALA H 220 -14.02 -4.11 44.13
N MET H 221 -13.95 -5.43 43.94
CA MET H 221 -15.11 -6.18 43.45
C MET H 221 -16.28 -6.05 44.41
N LEU H 222 -16.02 -6.17 45.71
CA LEU H 222 -17.09 -6.06 46.69
C LEU H 222 -17.67 -4.65 46.72
N ASP H 223 -16.81 -3.62 46.59
CA ASP H 223 -17.33 -2.25 46.56
C ASP H 223 -18.23 -2.04 45.36
N ARG H 224 -17.84 -2.54 44.19
CA ARG H 224 -18.68 -2.38 43.00
C ARG H 224 -19.95 -3.21 43.10
N LEU H 225 -19.86 -4.41 43.66
CA LEU H 225 -21.00 -5.32 43.69
C LEU H 225 -22.03 -4.92 44.75
N LEU H 226 -21.56 -4.43 45.89
CA LEU H 226 -22.43 -4.08 47.01
C LEU H 226 -22.85 -2.61 47.01
N HIS H 227 -22.41 -1.82 46.02
CA HIS H 227 -22.79 -0.41 45.99
C HIS H 227 -24.31 -0.26 45.96
N HIS H 228 -24.96 -0.98 45.05
CA HIS H 228 -26.42 -1.00 44.93
C HIS H 228 -26.83 -2.44 44.74
N SER H 229 -27.23 -3.12 45.82
CA SER H 229 -27.60 -4.51 45.74
C SER H 229 -28.46 -4.87 46.95
N ILE H 230 -29.10 -6.02 46.85
CA ILE H 230 -29.91 -6.58 47.93
C ILE H 230 -29.22 -7.85 48.40
N ILE H 231 -28.87 -7.88 49.69
CA ILE H 231 -28.09 -8.97 50.27
C ILE H 231 -29.02 -9.81 51.14
N PHE H 232 -29.12 -11.10 50.82
CA PHE H 232 -29.91 -12.04 51.59
C PHE H 232 -28.98 -13.04 52.27
N ASN H 233 -29.04 -13.10 53.59
CA ASN H 233 -28.25 -14.03 54.38
C ASN H 233 -29.18 -15.13 54.88
N LEU H 234 -29.38 -16.14 54.04
CA LEU H 234 -30.27 -17.24 54.36
C LEU H 234 -29.63 -18.16 55.40
N LYS H 235 -30.48 -18.82 56.18
CA LYS H 235 -30.04 -19.74 57.22
C LYS H 235 -30.99 -20.93 57.25
N GLY H 236 -30.69 -21.88 58.11
CA GLY H 236 -31.51 -23.07 58.30
C GLY H 236 -30.82 -24.33 57.83
N GLU H 237 -31.48 -25.45 58.12
CA GLU H 237 -30.95 -26.75 57.73
C GLU H 237 -31.03 -26.93 56.22
N SER H 238 -30.06 -27.69 55.69
CA SER H 238 -30.06 -27.98 54.26
C SER H 238 -31.34 -28.70 53.87
N TYR H 239 -31.96 -28.24 52.77
CA TYR H 239 -33.18 -28.89 52.29
C TYR H 239 -32.91 -30.27 51.76
N ARG H 240 -31.72 -30.50 51.21
CA ARG H 240 -31.37 -31.84 50.72
C ARG H 240 -31.40 -32.85 51.86
N LEU H 241 -30.81 -32.49 53.00
CA LEU H 241 -30.85 -33.37 54.15
C LEU H 241 -32.26 -33.53 54.69
N ARG H 242 -33.09 -32.49 54.59
CA ARG H 242 -34.48 -32.61 54.99
C ARG H 242 -35.20 -33.67 54.16
N GLU H 243 -35.03 -33.61 52.84
CA GLU H 243 -35.65 -34.61 51.97
C GLU H 243 -35.07 -36.00 52.25
N LYS H 244 -33.77 -36.07 52.52
CA LYS H 244 -33.16 -37.37 52.82
C LYS H 244 -33.78 -37.98 54.08
N ARG H 245 -33.95 -37.17 55.13
CA ARG H 245 -34.56 -37.67 56.35
C ARG H 245 -36.02 -38.06 56.11
N LEU H 246 -36.74 -37.27 55.33
CA LEU H 246 -38.13 -37.61 55.03
C LEU H 246 -38.21 -38.95 54.31
N GLN H 247 -37.33 -39.18 53.34
CA GLN H 247 -37.30 -40.48 52.67
C GLN H 247 -36.96 -41.59 53.65
N GLU H 248 -35.96 -41.37 54.51
CA GLU H 248 -35.62 -42.38 55.50
C GLU H 248 -36.77 -42.62 56.47
N GLU H 249 -37.43 -41.55 56.92
CA GLU H 249 -38.54 -41.66 57.84
C GLU H 249 -39.84 -41.92 57.10
N MET I 4 -40.12 -62.96 15.79
CA MET I 4 -38.73 -63.42 15.49
C MET I 4 -38.12 -62.57 14.38
N LYS I 5 -38.93 -62.20 13.40
CA LYS I 5 -38.44 -61.36 12.31
C LYS I 5 -37.98 -60.01 12.81
N GLU I 6 -38.68 -59.45 13.80
CA GLU I 6 -38.24 -58.20 14.41
C GLU I 6 -36.87 -58.36 15.04
N ARG I 7 -36.62 -59.50 15.68
CA ARG I 7 -35.30 -59.76 16.22
C ARG I 7 -34.26 -59.82 15.13
N ILE I 8 -34.60 -60.42 13.98
CA ILE I 8 -33.67 -60.46 12.85
C ILE I 8 -33.34 -59.04 12.39
N HIS I 9 -34.37 -58.19 12.28
CA HIS I 9 -34.14 -56.81 11.86
C HIS I 9 -33.24 -56.08 12.85
N GLU I 10 -33.51 -56.25 14.14
CA GLU I 10 -32.70 -55.59 15.16
C GLU I 10 -31.25 -56.07 15.10
N TYR I 11 -31.05 -57.38 14.94
CA TYR I 11 -29.69 -57.90 14.87
C TYR I 11 -28.96 -57.38 13.64
N CYS I 12 -29.65 -57.33 12.49
CA CYS I 12 -29.02 -56.80 11.29
C CYS I 12 -28.64 -55.34 11.47
N HIS I 13 -29.51 -54.55 12.09
CA HIS I 13 -29.18 -53.15 12.33
C HIS I 13 -28.01 -53.01 13.30
N ARG I 14 -27.96 -53.86 14.32
CA ARG I 14 -26.87 -53.79 15.29
C ARG I 14 -25.52 -54.14 14.67
N LEU I 15 -25.50 -55.10 13.74
CA LEU I 15 -24.27 -55.46 13.05
C LEU I 15 -23.88 -54.47 11.95
N HIS I 16 -24.61 -53.36 11.83
CA HIS I 16 -24.31 -52.34 10.83
C HIS I 16 -24.46 -52.90 9.41
N LEU I 17 -25.65 -53.45 9.14
CA LEU I 17 -26.00 -53.99 7.83
C LEU I 17 -27.38 -53.48 7.45
N PRO I 18 -27.53 -52.16 7.23
CA PRO I 18 -28.86 -51.64 6.91
C PRO I 18 -29.46 -52.26 5.65
N VAL I 19 -28.64 -52.50 4.63
CA VAL I 19 -29.17 -53.03 3.37
C VAL I 19 -29.65 -54.46 3.57
N MET I 20 -28.92 -55.24 4.37
CA MET I 20 -29.35 -56.61 4.65
C MET I 20 -30.72 -56.62 5.31
N ALA I 21 -30.92 -55.74 6.28
CA ALA I 21 -32.23 -55.66 6.94
C ALA I 21 -33.31 -55.20 5.97
N GLU I 22 -33.00 -54.20 5.14
CA GLU I 22 -33.99 -53.69 4.20
C GLU I 22 -34.41 -54.75 3.19
N ARG I 23 -33.45 -55.52 2.67
CA ARG I 23 -33.72 -56.54 1.67
C ARG I 23 -33.91 -57.92 2.29
N TRP I 24 -34.01 -58.01 3.61
CA TRP I 24 -34.17 -59.31 4.25
C TRP I 24 -35.46 -59.99 3.78
N SER I 25 -36.56 -59.24 3.72
CA SER I 25 -37.83 -59.83 3.32
C SER I 25 -37.78 -60.32 1.87
N ALA I 26 -37.19 -59.52 0.98
CA ALA I 26 -37.13 -59.91 -0.43
C ALA I 26 -36.30 -61.18 -0.61
N MET I 27 -35.14 -61.25 0.04
CA MET I 27 -34.30 -62.43 -0.10
C MET I 27 -34.96 -63.66 0.53
N ALA I 28 -35.66 -63.47 1.65
CA ALA I 28 -36.37 -64.59 2.27
C ALA I 28 -37.48 -65.09 1.34
N GLU I 29 -38.21 -64.18 0.72
CA GLU I 29 -39.25 -64.58 -0.23
C GLU I 29 -38.65 -65.32 -1.41
N TYR I 30 -37.52 -64.82 -1.94
CA TYR I 30 -36.87 -65.51 -3.06
C TYR I 30 -36.42 -66.90 -2.65
N ALA I 31 -35.84 -67.04 -1.46
CA ALA I 31 -35.39 -68.35 -1.00
C ALA I 31 -36.57 -69.31 -0.83
N SER I 32 -37.68 -68.82 -0.27
CA SER I 32 -38.84 -69.68 -0.10
C SER I 32 -39.40 -70.12 -1.45
N THR I 33 -39.64 -69.16 -2.35
CA THR I 33 -40.17 -69.50 -3.67
C THR I 33 -39.17 -70.32 -4.47
N HIS I 34 -37.90 -69.95 -4.43
CA HIS I 34 -36.84 -70.64 -5.17
C HIS I 34 -35.80 -71.13 -4.17
N ASN I 35 -35.58 -72.44 -4.13
CA ASN I 35 -34.62 -73.05 -3.22
C ASN I 35 -33.37 -73.42 -4.00
N ILE I 36 -32.22 -72.94 -3.53
CA ILE I 36 -30.94 -73.28 -4.13
C ILE I 36 -30.05 -73.92 -3.08
N SER I 37 -29.70 -73.16 -2.05
CA SER I 37 -28.90 -73.67 -0.95
C SER I 37 -28.75 -72.60 0.14
N TYR I 38 -28.53 -73.02 1.39
CA TYR I 38 -28.25 -72.05 2.44
C TYR I 38 -26.93 -71.35 2.18
N SER I 39 -25.90 -72.11 1.80
CA SER I 39 -24.58 -71.52 1.54
C SER I 39 -24.66 -70.54 0.38
N GLU I 40 -25.34 -70.93 -0.71
CA GLU I 40 -25.44 -70.04 -1.86
C GLU I 40 -26.33 -68.84 -1.56
N PHE I 41 -27.38 -69.03 -0.76
CA PHE I 41 -28.21 -67.90 -0.36
C PHE I 41 -27.40 -66.87 0.42
N LEU I 42 -26.61 -67.34 1.40
CA LEU I 42 -25.75 -66.43 2.14
C LEU I 42 -24.69 -65.81 1.24
N PHE I 43 -24.18 -66.57 0.26
CA PHE I 43 -23.21 -66.01 -0.68
C PHE I 43 -23.81 -64.86 -1.46
N ARG I 44 -25.03 -65.04 -1.96
CA ARG I 44 -25.68 -63.97 -2.71
C ARG I 44 -25.94 -62.76 -1.81
N LEU I 45 -26.42 -62.99 -0.60
CA LEU I 45 -26.70 -61.89 0.31
C LEU I 45 -25.43 -61.10 0.61
N LEU I 46 -24.34 -61.81 0.92
CA LEU I 46 -23.09 -61.14 1.25
C LEU I 46 -22.48 -60.45 0.03
N GLU I 47 -22.65 -61.03 -1.15
CA GLU I 47 -22.17 -60.36 -2.37
C GLU I 47 -22.91 -59.05 -2.59
N ALA I 48 -24.23 -59.06 -2.41
CA ALA I 48 -24.99 -57.82 -2.55
C ALA I 48 -24.57 -56.80 -1.50
N GLU I 49 -24.38 -57.23 -0.26
CA GLU I 49 -23.96 -56.32 0.79
C GLU I 49 -22.58 -55.73 0.47
N ILE I 50 -21.67 -56.56 -0.02
CA ILE I 50 -20.33 -56.09 -0.36
C ILE I 50 -20.40 -55.09 -1.52
N VAL I 51 -21.24 -55.36 -2.50
CA VAL I 51 -21.38 -54.44 -3.63
C VAL I 51 -21.90 -53.09 -3.13
N GLU I 52 -22.90 -53.10 -2.27
CA GLU I 52 -23.43 -51.85 -1.74
C GLU I 52 -22.38 -51.10 -0.92
N LYS I 53 -21.63 -51.83 -0.10
CA LYS I 53 -20.59 -51.19 0.71
C LYS I 53 -19.51 -50.59 -0.18
N GLN I 54 -19.13 -51.30 -1.25
CA GLN I 54 -18.14 -50.78 -2.17
C GLN I 54 -18.64 -49.53 -2.87
N ALA I 55 -19.92 -49.52 -3.26
CA ALA I 55 -20.48 -48.33 -3.89
C ALA I 55 -20.46 -47.15 -2.93
N ARG I 56 -20.83 -47.38 -1.67
CA ARG I 56 -20.81 -46.29 -0.69
C ARG I 56 -19.39 -45.79 -0.47
N SER I 57 -18.41 -46.71 -0.40
CA SER I 57 -17.03 -46.31 -0.20
C SER I 57 -16.52 -45.50 -1.39
N ILE I 58 -16.89 -45.91 -2.61
CA ILE I 58 -16.49 -45.14 -3.79
C ILE I 58 -17.11 -43.76 -3.77
N GLN I 59 -18.38 -43.66 -3.36
CA GLN I 59 -19.01 -42.36 -3.25
C GLN I 59 -18.30 -41.48 -2.24
N THR I 60 -17.93 -42.05 -1.10
CA THR I 60 -17.20 -41.27 -0.09
C THR I 60 -15.85 -40.82 -0.61
N LEU I 61 -15.13 -41.70 -1.31
CA LEU I 61 -13.84 -41.33 -1.86
C LEU I 61 -13.97 -40.22 -2.89
N ILE I 62 -15.01 -40.29 -3.74
CA ILE I 62 -15.25 -39.22 -4.70
C ILE I 62 -15.56 -37.92 -3.98
N LYS I 63 -16.34 -37.99 -2.90
CA LYS I 63 -16.58 -36.82 -2.08
C LYS I 63 -15.27 -36.24 -1.57
N LEU I 64 -14.32 -37.10 -1.18
CA LEU I 64 -13.01 -36.67 -0.71
C LEU I 64 -11.98 -36.57 -1.83
N SER I 65 -12.35 -36.93 -3.06
CA SER I 65 -11.43 -36.87 -4.19
C SER I 65 -11.50 -35.55 -4.96
N LYS I 66 -12.54 -34.75 -4.75
CA LYS I 66 -12.68 -33.45 -5.39
C LYS I 66 -12.62 -33.59 -6.92
N LEU I 67 -13.50 -34.42 -7.45
CA LEU I 67 -13.65 -34.56 -8.89
C LEU I 67 -14.85 -33.77 -9.35
N PRO I 68 -14.68 -32.69 -10.14
CA PRO I 68 -15.85 -31.85 -10.49
C PRO I 68 -16.90 -32.60 -11.29
N TYR I 69 -16.49 -33.18 -12.41
CA TYR I 69 -17.40 -33.92 -13.29
C TYR I 69 -16.81 -35.28 -13.59
N ARG I 70 -17.65 -36.30 -13.60
CA ARG I 70 -17.22 -37.68 -13.75
C ARG I 70 -17.27 -38.09 -15.22
N LYS I 71 -16.12 -38.46 -15.77
CA LYS I 71 -16.00 -38.94 -17.14
C LYS I 71 -15.27 -40.28 -17.14
N THR I 72 -15.36 -40.97 -18.28
CA THR I 72 -14.75 -42.29 -18.42
C THR I 72 -14.25 -42.45 -19.84
N ILE I 73 -13.35 -43.42 -20.02
CA ILE I 73 -12.79 -43.70 -21.33
C ILE I 73 -13.86 -44.23 -22.29
N ASP I 74 -14.94 -44.79 -21.77
CA ASP I 74 -15.98 -45.34 -22.65
C ASP I 74 -16.59 -44.25 -23.51
N THR I 75 -16.83 -43.07 -22.94
CA THR I 75 -17.43 -41.96 -23.67
C THR I 75 -16.43 -41.19 -24.51
N PHE I 76 -15.15 -41.54 -24.44
CA PHE I 76 -14.12 -40.85 -25.20
C PHE I 76 -14.14 -41.36 -26.64
N ASP I 77 -14.21 -40.44 -27.60
CA ASP I 77 -14.26 -40.78 -29.02
C ASP I 77 -12.87 -40.52 -29.60
N PHE I 78 -12.07 -41.58 -29.73
CA PHE I 78 -10.75 -41.44 -30.32
C PHE I 78 -10.82 -41.10 -31.80
N THR I 79 -11.95 -41.34 -32.46
CA THR I 79 -12.09 -40.96 -33.86
C THR I 79 -11.98 -39.44 -34.02
N ALA I 80 -12.59 -38.69 -33.09
CA ALA I 80 -12.48 -37.23 -33.11
C ALA I 80 -11.13 -36.74 -32.63
N GLN I 81 -10.35 -37.59 -31.96
CA GLN I 81 -9.02 -37.23 -31.46
C GLN I 81 -8.03 -38.30 -31.90
N PRO I 82 -7.77 -38.41 -33.21
CA PRO I 82 -6.83 -39.43 -33.68
C PRO I 82 -5.37 -39.14 -33.33
N SER I 83 -5.06 -37.93 -32.86
CA SER I 83 -3.69 -37.58 -32.54
C SER I 83 -3.12 -38.37 -31.38
N VAL I 84 -3.96 -39.05 -30.61
CA VAL I 84 -3.52 -39.87 -29.48
C VAL I 84 -3.92 -41.32 -29.78
N ASP I 85 -2.95 -42.22 -29.66
CA ASP I 85 -3.20 -43.63 -29.91
C ASP I 85 -4.00 -44.23 -28.76
N GLU I 86 -5.15 -44.84 -29.07
CA GLU I 86 -5.97 -45.44 -28.03
C GLU I 86 -5.22 -46.52 -27.28
N ARG I 87 -4.27 -47.18 -27.93
CA ARG I 87 -3.50 -48.24 -27.26
C ARG I 87 -2.77 -47.70 -26.05
N ARG I 88 -2.17 -46.51 -26.16
CA ARG I 88 -1.46 -45.93 -25.03
C ARG I 88 -2.42 -45.62 -23.89
N ILE I 89 -3.62 -45.11 -24.21
CA ILE I 89 -4.60 -44.83 -23.17
C ILE I 89 -5.02 -46.10 -22.46
N ARG I 90 -5.25 -47.17 -23.24
CA ARG I 90 -5.62 -48.45 -22.63
C ARG I 90 -4.50 -48.96 -21.73
N GLU I 91 -3.25 -48.81 -22.18
CA GLU I 91 -2.12 -49.19 -21.33
C GLU I 91 -2.11 -48.39 -20.04
N LEU I 92 -2.42 -47.09 -20.12
CA LEU I 92 -2.52 -46.28 -18.91
C LEU I 92 -3.63 -46.80 -18.01
N LEU I 93 -4.74 -47.25 -18.58
CA LEU I 93 -5.85 -47.75 -17.78
C LEU I 93 -5.45 -48.91 -16.89
N THR I 94 -4.41 -49.67 -17.27
CA THR I 94 -3.95 -50.77 -16.43
C THR I 94 -3.36 -50.28 -15.12
N LEU I 95 -3.03 -48.98 -15.01
CA LEU I 95 -2.50 -48.39 -13.80
C LEU I 95 -1.11 -48.92 -13.46
N SER I 96 -0.37 -49.38 -14.46
CA SER I 96 1.00 -49.82 -14.23
C SER I 96 1.88 -48.67 -13.75
N PHE I 97 1.56 -47.44 -14.15
CA PHE I 97 2.36 -46.30 -13.75
C PHE I 97 2.38 -46.13 -12.24
N ILE I 98 1.33 -46.58 -11.54
CA ILE I 98 1.28 -46.45 -10.09
C ILE I 98 2.42 -47.22 -9.45
N ASP I 99 2.62 -48.47 -9.89
CA ASP I 99 3.73 -49.26 -9.38
C ASP I 99 5.06 -48.82 -9.97
N ARG I 100 5.07 -48.32 -11.21
CA ARG I 100 6.29 -47.87 -11.85
C ARG I 100 6.70 -46.47 -11.43
N LYS I 101 5.89 -45.77 -10.62
CA LYS I 101 6.20 -44.42 -10.18
C LYS I 101 6.37 -43.46 -11.35
N GLU I 102 5.56 -43.63 -12.40
CA GLU I 102 5.65 -42.82 -13.61
C GLU I 102 4.51 -41.83 -13.64
N ASN I 103 4.85 -40.56 -13.89
CA ASN I 103 3.84 -39.51 -14.04
C ASN I 103 3.28 -39.55 -15.46
N ILE I 104 2.15 -38.85 -15.64
CA ILE I 104 1.48 -38.77 -16.94
C ILE I 104 1.24 -37.29 -17.24
N LEU I 105 1.86 -36.80 -18.30
CA LEU I 105 1.75 -35.40 -18.70
C LEU I 105 0.99 -35.32 -20.02
N PHE I 106 -0.08 -34.53 -20.04
CA PHE I 106 -0.85 -34.27 -21.25
C PHE I 106 -0.59 -32.85 -21.72
N LEU I 107 -0.30 -32.70 -23.01
CA LEU I 107 -0.02 -31.41 -23.60
C LEU I 107 -0.73 -31.29 -24.94
N GLY I 108 -1.15 -30.08 -25.27
CA GLY I 108 -1.79 -29.81 -26.53
C GLY I 108 -2.69 -28.59 -26.50
N PRO I 109 -3.37 -28.31 -27.61
CA PRO I 109 -4.27 -27.16 -27.66
C PRO I 109 -5.46 -27.34 -26.72
N PRO I 110 -6.12 -26.24 -26.32
CA PRO I 110 -7.24 -26.38 -25.39
C PRO I 110 -8.39 -27.18 -25.99
N GLY I 111 -9.12 -27.85 -25.11
CA GLY I 111 -10.34 -28.55 -25.51
C GLY I 111 -10.13 -29.73 -26.43
N ILE I 112 -9.10 -30.54 -26.18
CA ILE I 112 -8.80 -31.71 -26.99
C ILE I 112 -8.96 -33.01 -26.22
N GLY I 113 -9.42 -32.96 -24.97
CA GLY I 113 -9.63 -34.16 -24.18
C GLY I 113 -8.57 -34.44 -23.12
N LYS I 114 -7.63 -33.52 -22.90
CA LYS I 114 -6.60 -33.77 -21.91
C LYS I 114 -7.20 -33.95 -20.51
N THR I 115 -8.04 -33.01 -20.09
CA THR I 115 -8.68 -33.13 -18.79
C THR I 115 -9.62 -34.33 -18.75
N HIS I 116 -10.30 -34.58 -19.88
CA HIS I 116 -11.17 -35.74 -19.95
C HIS I 116 -10.38 -37.02 -19.69
N LEU I 117 -9.18 -37.21 -20.30
CA LEU I 117 -8.36 -38.40 -20.08
C LEU I 117 -7.80 -38.42 -18.66
N ALA I 118 -7.40 -37.28 -18.12
CA ALA I 118 -6.89 -37.24 -16.76
C ALA I 118 -7.96 -37.69 -15.77
N ILE I 119 -9.19 -37.18 -15.92
CA ILE I 119 -10.27 -37.58 -15.02
C ILE I 119 -10.65 -39.04 -15.25
N SER I 120 -10.55 -39.53 -16.48
CA SER I 120 -10.80 -40.95 -16.72
C SER I 120 -9.79 -41.81 -15.96
N ILE I 121 -8.52 -41.44 -16.01
CA ILE I 121 -7.50 -42.18 -15.27
C ILE I 121 -7.76 -42.10 -13.77
N GLY I 122 -8.12 -40.91 -13.29
CA GLY I 122 -8.41 -40.77 -11.87
C GLY I 122 -9.58 -41.63 -11.43
N MET I 123 -10.65 -41.66 -12.23
CA MET I 123 -11.81 -42.48 -11.91
C MET I 123 -11.46 -43.96 -11.95
N GLU I 124 -10.66 -44.38 -12.93
CA GLU I 124 -10.24 -45.77 -12.98
C GLU I 124 -9.44 -46.15 -11.75
N ALA I 125 -8.52 -45.26 -11.33
CA ALA I 125 -7.76 -45.53 -10.10
C ALA I 125 -8.67 -45.60 -8.89
N ILE I 126 -9.65 -44.70 -8.81
CA ILE I 126 -10.58 -44.71 -7.67
C ILE I 126 -11.36 -46.02 -7.64
N ALA I 127 -11.72 -46.54 -8.82
CA ALA I 127 -12.49 -47.78 -8.87
C ALA I 127 -11.73 -48.93 -8.24
N ARG I 128 -10.43 -49.02 -8.49
CA ARG I 128 -9.59 -50.09 -7.99
C ARG I 128 -9.01 -49.79 -6.60
N GLY I 129 -9.64 -48.89 -5.84
CA GLY I 129 -9.26 -48.67 -4.46
C GLY I 129 -8.10 -47.72 -4.25
N TYR I 130 -7.61 -47.06 -5.30
CA TYR I 130 -6.52 -46.12 -5.16
C TYR I 130 -7.05 -44.76 -4.73
N LYS I 131 -6.38 -44.14 -3.75
CA LYS I 131 -6.73 -42.79 -3.35
C LYS I 131 -6.38 -41.81 -4.47
N THR I 132 -7.31 -40.93 -4.79
CA THR I 132 -7.14 -39.95 -5.87
C THR I 132 -7.59 -38.58 -5.41
N TYR I 133 -6.92 -37.55 -5.92
CA TYR I 133 -7.25 -36.17 -5.61
C TYR I 133 -7.01 -35.31 -6.83
N PHE I 134 -8.02 -34.55 -7.24
CA PHE I 134 -7.97 -33.70 -8.42
C PHE I 134 -8.01 -32.25 -7.99
N ILE I 135 -7.22 -31.40 -8.65
CA ILE I 135 -7.16 -29.99 -8.31
C ILE I 135 -6.54 -29.23 -9.48
N THR I 136 -6.78 -27.93 -9.54
CA THR I 136 -6.13 -27.06 -10.49
C THR I 136 -4.85 -26.48 -9.88
N ALA I 137 -3.90 -26.14 -10.75
CA ALA I 137 -2.61 -25.65 -10.27
C ALA I 137 -2.78 -24.36 -9.48
N HIS I 138 -3.58 -23.43 -10.00
CA HIS I 138 -3.76 -22.16 -9.31
C HIS I 138 -4.39 -22.35 -7.94
N ASP I 139 -5.42 -23.19 -7.86
CA ASP I 139 -6.05 -23.45 -6.57
C ASP I 139 -5.09 -24.13 -5.61
N LEU I 140 -4.31 -25.08 -6.10
CA LEU I 140 -3.32 -25.74 -5.26
C LEU I 140 -2.32 -24.73 -4.69
N VAL I 141 -1.82 -23.85 -5.55
CA VAL I 141 -0.84 -22.86 -5.10
C VAL I 141 -1.48 -21.92 -4.09
N ASN I 142 -2.71 -21.48 -4.34
CA ASN I 142 -3.38 -20.58 -3.41
C ASN I 142 -3.57 -21.23 -2.05
N GLN I 143 -4.02 -22.49 -2.04
CA GLN I 143 -4.24 -23.19 -0.79
C GLN I 143 -2.93 -23.39 -0.03
N LEU I 144 -1.85 -23.76 -0.74
CA LEU I 144 -0.56 -23.92 -0.07
C LEU I 144 -0.07 -22.60 0.50
N ARG I 145 -0.23 -21.51 -0.25
CA ARG I 145 0.19 -20.21 0.26
C ARG I 145 -0.61 -19.83 1.51
N ARG I 146 -1.92 -20.04 1.49
CA ARG I 146 -2.74 -19.72 2.65
C ARG I 146 -2.36 -20.59 3.85
N ALA I 147 -2.09 -21.87 3.63
CA ALA I 147 -1.69 -22.74 4.73
C ALA I 147 -0.36 -22.29 5.32
N ASP I 148 0.60 -21.90 4.45
CA ASP I 148 1.87 -21.40 4.95
C ASP I 148 1.69 -20.13 5.75
N GLN I 149 0.83 -19.22 5.28
CA GLN I 149 0.56 -17.99 6.01
C GLN I 149 -0.06 -18.26 7.37
N GLU I 150 -0.73 -19.41 7.54
CA GLU I 150 -1.32 -19.79 8.80
C GLU I 150 -0.41 -20.67 9.64
N GLY I 151 0.81 -20.92 9.19
CA GLY I 151 1.74 -21.73 9.94
C GLY I 151 1.41 -23.20 9.97
N LYS I 152 0.65 -23.70 8.99
CA LYS I 152 0.28 -25.10 8.91
C LYS I 152 0.40 -25.60 7.48
N LEU I 153 1.49 -25.23 6.81
CA LEU I 153 1.70 -25.67 5.43
C LEU I 153 1.82 -27.18 5.34
N GLU I 154 2.52 -27.80 6.29
CA GLU I 154 2.80 -29.23 6.18
C GLU I 154 1.53 -30.06 6.20
N LYS I 155 0.49 -29.61 6.89
CA LYS I 155 -0.77 -30.37 6.90
C LYS I 155 -1.36 -30.46 5.50
N LYS I 156 -1.47 -29.32 4.81
CA LYS I 156 -1.98 -29.34 3.44
C LYS I 156 -1.01 -30.05 2.50
N LEU I 157 0.29 -29.99 2.78
CA LEU I 157 1.25 -30.72 1.97
C LEU I 157 1.02 -32.23 2.07
N ARG I 158 0.77 -32.72 3.30
CA ARG I 158 0.43 -34.13 3.46
C ARG I 158 -0.89 -34.44 2.77
N VAL I 159 -1.86 -33.55 2.87
CA VAL I 159 -3.14 -33.76 2.19
C VAL I 159 -2.94 -33.92 0.70
N PHE I 160 -2.02 -33.15 0.12
CA PHE I 160 -1.71 -33.28 -1.30
C PHE I 160 -0.79 -34.46 -1.59
N VAL I 161 -0.12 -35.01 -0.58
CA VAL I 161 0.85 -36.09 -0.79
C VAL I 161 0.21 -37.43 -0.47
N LYS I 162 -0.76 -37.45 0.45
CA LYS I 162 -1.39 -38.70 0.84
C LYS I 162 -2.07 -39.40 -0.33
N PRO I 163 -2.85 -38.72 -1.17
CA PRO I 163 -3.52 -39.43 -2.27
C PRO I 163 -2.53 -40.10 -3.21
N THR I 164 -2.89 -41.30 -3.67
CA THR I 164 -2.00 -42.05 -4.54
C THR I 164 -1.84 -41.36 -5.90
N VAL I 165 -2.94 -40.89 -6.48
CA VAL I 165 -2.94 -40.27 -7.80
C VAL I 165 -3.40 -38.83 -7.63
N LEU I 166 -2.49 -37.88 -7.87
CA LEU I 166 -2.79 -36.46 -7.78
C LEU I 166 -2.86 -35.90 -9.20
N ILE I 167 -3.99 -35.28 -9.53
CA ILE I 167 -4.23 -34.71 -10.85
C ILE I 167 -4.17 -33.19 -10.72
N ILE I 168 -3.31 -32.58 -11.54
CA ILE I 168 -3.13 -31.13 -11.56
C ILE I 168 -3.54 -30.63 -12.93
N ASP I 169 -4.58 -29.79 -12.97
CA ASP I 169 -5.14 -29.30 -14.21
C ASP I 169 -4.94 -27.79 -14.33
N GLU I 170 -4.99 -27.32 -15.58
CA GLU I 170 -4.86 -25.90 -15.90
C GLU I 170 -3.54 -25.32 -15.38
N MET I 171 -2.45 -25.86 -15.91
CA MET I 171 -1.10 -25.38 -15.63
C MET I 171 -0.56 -24.76 -16.91
N GLY I 172 -0.69 -23.45 -17.03
CA GLY I 172 -0.22 -22.74 -18.21
C GLY I 172 -1.19 -21.66 -18.67
N TYR I 173 -2.48 -21.87 -18.43
CA TYR I 173 -3.48 -20.84 -18.75
C TYR I 173 -3.34 -19.64 -17.83
N LEU I 174 -2.97 -19.87 -16.56
CA LEU I 174 -2.74 -18.80 -15.60
C LEU I 174 -1.30 -18.88 -15.12
N LYS I 175 -0.58 -17.77 -15.21
CA LYS I 175 0.77 -17.71 -14.69
C LYS I 175 0.75 -17.77 -13.16
N LEU I 176 1.61 -18.62 -12.60
CA LEU I 176 1.66 -18.78 -11.15
C LEU I 176 2.50 -17.67 -10.53
N ASP I 177 2.11 -17.28 -9.31
CA ASP I 177 2.82 -16.22 -8.61
C ASP I 177 4.27 -16.66 -8.38
N PRO I 178 5.26 -15.85 -8.78
CA PRO I 178 6.66 -16.25 -8.53
C PRO I 178 6.94 -16.50 -7.05
N ASN I 179 6.33 -15.73 -6.16
CA ASN I 179 6.51 -15.93 -4.73
C ASN I 179 5.83 -17.20 -4.23
N SER I 180 4.98 -17.84 -5.04
CA SER I 180 4.25 -19.02 -4.64
C SER I 180 4.48 -20.23 -5.53
N ALA I 181 5.03 -20.04 -6.73
CA ALA I 181 5.25 -21.18 -7.61
C ALA I 181 6.09 -22.26 -6.94
N HIS I 182 7.02 -21.86 -6.07
CA HIS I 182 7.87 -22.84 -5.39
C HIS I 182 7.02 -23.87 -4.63
N TYR I 183 5.88 -23.45 -4.10
CA TYR I 183 4.99 -24.40 -3.43
C TYR I 183 4.71 -25.60 -4.34
N LEU I 184 4.32 -25.33 -5.58
CA LEU I 184 4.08 -26.42 -6.53
C LEU I 184 5.31 -27.31 -6.62
N PHE I 185 6.49 -26.70 -6.78
CA PHE I 185 7.73 -27.48 -6.84
C PHE I 185 7.83 -28.43 -5.65
N GLN I 186 7.52 -27.92 -4.45
CA GLN I 186 7.60 -28.77 -3.27
C GLN I 186 6.79 -30.05 -3.46
N VAL I 187 5.56 -29.91 -3.96
CA VAL I 187 4.74 -31.10 -4.22
C VAL I 187 5.46 -32.00 -5.22
N ILE I 188 5.92 -31.43 -6.33
CA ILE I 188 6.64 -32.23 -7.31
C ILE I 188 7.88 -32.85 -6.67
N ALA I 189 8.46 -32.17 -5.68
CA ALA I 189 9.60 -32.73 -4.97
C ALA I 189 9.16 -33.83 -4.02
N ARG I 190 8.03 -33.64 -3.33
CA ARG I 190 7.60 -34.60 -2.33
C ARG I 190 6.99 -35.85 -2.95
N ARG I 191 6.35 -35.72 -4.10
CA ARG I 191 5.81 -36.87 -4.82
C ARG I 191 6.80 -37.42 -5.84
N TYR I 192 8.02 -36.90 -5.89
CA TYR I 192 9.02 -37.39 -6.83
C TYR I 192 9.34 -38.84 -6.55
N GLU I 193 8.94 -39.73 -7.46
CA GLU I 193 9.14 -41.18 -7.32
C GLU I 193 8.49 -41.73 -6.06
N HIS I 194 7.53 -41.00 -5.49
CA HIS I 194 6.73 -41.46 -4.36
C HIS I 194 5.31 -41.81 -4.77
N ALA I 195 4.66 -40.95 -5.57
CA ALA I 195 3.32 -41.20 -6.05
C ALA I 195 3.17 -40.51 -7.40
N PRO I 196 2.47 -41.12 -8.36
CA PRO I 196 2.37 -40.51 -9.70
C PRO I 196 1.58 -39.21 -9.66
N ILE I 197 1.87 -38.36 -10.64
CA ILE I 197 1.15 -37.11 -10.86
C ILE I 197 0.65 -37.10 -12.30
N ILE I 198 -0.62 -36.75 -12.48
CA ILE I 198 -1.22 -36.60 -13.79
C ILE I 198 -1.44 -35.11 -14.03
N LEU I 199 -0.62 -34.51 -14.87
CA LEU I 199 -0.61 -33.07 -15.09
C LEU I 199 -1.07 -32.77 -16.50
N THR I 200 -2.12 -31.94 -16.62
CA THR I 200 -2.64 -31.52 -17.91
C THR I 200 -2.30 -30.05 -18.14
N SER I 201 -1.77 -29.74 -19.32
CA SER I 201 -1.30 -28.40 -19.62
C SER I 201 -1.34 -28.17 -21.12
N ASN I 202 -1.12 -26.91 -21.51
CA ASN I 202 -1.05 -26.52 -22.91
C ASN I 202 0.31 -25.95 -23.30
N LYS I 203 1.13 -25.57 -22.34
CA LYS I 203 2.43 -24.96 -22.62
C LYS I 203 3.50 -26.04 -22.76
N SER I 204 4.41 -25.82 -23.69
CA SER I 204 5.56 -26.70 -23.83
C SER I 204 6.47 -26.56 -22.63
N PHE I 205 7.31 -27.59 -22.42
CA PHE I 205 8.16 -27.62 -21.24
C PHE I 205 9.07 -26.38 -21.18
N GLY I 206 9.69 -26.05 -22.30
CA GLY I 206 10.63 -24.93 -22.31
C GLY I 206 10.02 -23.62 -21.89
N GLU I 207 8.70 -23.46 -22.04
CA GLU I 207 8.02 -22.23 -21.69
C GLU I 207 7.59 -22.19 -20.22
N TRP I 208 7.75 -23.29 -19.49
CA TRP I 208 7.24 -23.33 -18.11
C TRP I 208 7.84 -22.23 -17.25
N GLY I 209 9.03 -21.73 -17.59
CA GLY I 209 9.59 -20.63 -16.83
C GLY I 209 8.65 -19.44 -16.77
N GLU I 210 8.09 -19.06 -17.91
CA GLU I 210 7.15 -17.94 -17.93
C GLU I 210 5.96 -18.22 -17.03
N ILE I 211 5.59 -19.49 -16.86
CA ILE I 211 4.48 -19.83 -15.98
C ILE I 211 4.85 -19.57 -14.52
N VAL I 212 6.11 -19.84 -14.16
CA VAL I 212 6.54 -19.74 -12.77
C VAL I 212 7.42 -18.53 -12.50
N GLY I 213 7.95 -17.88 -13.53
CA GLY I 213 8.78 -16.70 -13.32
C GLY I 213 10.18 -16.98 -12.82
N ASP I 214 10.70 -18.18 -13.04
CA ASP I 214 12.05 -18.52 -12.62
C ASP I 214 12.56 -19.66 -13.49
N SER I 215 13.58 -19.39 -14.29
CA SER I 215 14.09 -20.41 -15.21
C SER I 215 14.66 -21.61 -14.45
N VAL I 216 15.43 -21.34 -13.38
CA VAL I 216 16.06 -22.43 -12.63
C VAL I 216 14.99 -23.30 -11.98
N LEU I 217 14.00 -22.67 -11.35
CA LEU I 217 12.94 -23.44 -10.69
C LEU I 217 12.15 -24.25 -11.71
N ALA I 218 11.84 -23.65 -12.86
CA ALA I 218 11.11 -24.39 -13.90
C ALA I 218 11.93 -25.56 -14.41
N THR I 219 13.23 -25.38 -14.61
CA THR I 219 14.08 -26.47 -15.07
C THR I 219 14.12 -27.59 -14.04
N ALA I 220 14.24 -27.25 -12.76
CA ALA I 220 14.25 -28.27 -11.72
C ALA I 220 12.93 -29.03 -11.68
N MET I 221 11.81 -28.31 -11.79
CA MET I 221 10.51 -28.95 -11.79
C MET I 221 10.37 -29.90 -12.98
N LEU I 222 10.79 -29.44 -14.17
CA LEU I 222 10.71 -30.30 -15.35
C LEU I 222 11.58 -31.53 -15.20
N ASP I 223 12.80 -31.37 -14.66
CA ASP I 223 13.67 -32.52 -14.48
C ASP I 223 13.07 -33.52 -13.51
N ARG I 224 12.50 -33.05 -12.40
CA ARG I 224 11.92 -33.96 -11.43
C ARG I 224 10.66 -34.62 -11.97
N LEU I 225 9.87 -33.90 -12.76
CA LEU I 225 8.61 -34.44 -13.26
C LEU I 225 8.83 -35.43 -14.40
N LEU I 226 9.80 -35.17 -15.26
CA LEU I 226 10.02 -35.97 -16.46
C LEU I 226 11.02 -37.11 -16.26
N HIS I 227 11.59 -37.25 -15.06
CA HIS I 227 12.55 -38.32 -14.83
C HIS I 227 11.92 -39.68 -15.08
N HIS I 228 10.71 -39.89 -14.58
CA HIS I 228 9.92 -41.09 -14.84
C HIS I 228 8.48 -40.64 -15.10
N SER I 229 8.12 -40.53 -16.38
CA SER I 229 6.79 -40.06 -16.74
C SER I 229 6.48 -40.51 -18.16
N ILE I 230 5.20 -40.41 -18.52
CA ILE I 230 4.71 -40.69 -19.86
C ILE I 230 4.14 -39.39 -20.42
N ILE I 231 4.69 -38.94 -21.55
CA ILE I 231 4.34 -37.65 -22.13
C ILE I 231 3.41 -37.87 -23.31
N PHE I 232 2.27 -37.19 -23.31
CA PHE I 232 1.30 -37.23 -24.40
C PHE I 232 1.20 -35.85 -25.02
N ASN I 233 1.40 -35.79 -26.33
CA ASN I 233 1.28 -34.55 -27.10
C ASN I 233 0.09 -34.70 -28.04
N LEU I 234 -1.06 -34.20 -27.63
CA LEU I 234 -2.28 -34.31 -28.41
C LEU I 234 -2.42 -33.15 -29.39
N LYS I 235 -3.17 -33.39 -30.45
CA LYS I 235 -3.38 -32.41 -31.51
C LYS I 235 -4.81 -32.53 -32.01
N GLY I 236 -5.16 -31.67 -32.95
CA GLY I 236 -6.48 -31.65 -33.55
C GLY I 236 -7.31 -30.46 -33.09
N GLU I 237 -8.41 -30.25 -33.79
CA GLU I 237 -9.31 -29.15 -33.46
C GLU I 237 -9.94 -29.35 -32.09
N SER I 238 -10.12 -28.27 -31.37
CA SER I 238 -10.76 -28.35 -30.06
C SER I 238 -12.13 -28.99 -30.19
N TYR I 239 -12.39 -29.98 -29.34
CA TYR I 239 -13.68 -30.66 -29.39
C TYR I 239 -14.84 -29.76 -28.99
N ARG I 240 -14.57 -28.73 -28.18
CA ARG I 240 -15.62 -27.77 -27.86
C ARG I 240 -16.13 -27.07 -29.11
N LEU I 241 -15.20 -26.63 -29.97
CA LEU I 241 -15.61 -26.01 -31.22
C LEU I 241 -16.30 -26.98 -32.15
N ARG I 242 -15.87 -28.25 -32.16
CA ARG I 242 -16.57 -29.25 -32.97
C ARG I 242 -18.01 -29.41 -32.50
N GLU I 243 -18.21 -29.50 -31.18
CA GLU I 243 -19.58 -29.60 -30.66
C GLU I 243 -20.39 -28.35 -30.98
N LYS I 244 -19.76 -27.18 -30.90
CA LYS I 244 -20.48 -25.95 -31.25
C LYS I 244 -20.91 -25.96 -32.71
N ARG I 245 -20.03 -26.39 -33.61
CA ARG I 245 -20.38 -26.46 -35.02
C ARG I 245 -21.50 -27.47 -35.24
N LEU I 246 -21.43 -28.62 -34.56
CA LEU I 246 -22.48 -29.62 -34.71
C LEU I 246 -23.82 -29.06 -34.24
N GLN I 247 -23.83 -28.32 -33.13
CA GLN I 247 -25.07 -27.70 -32.66
C GLN I 247 -25.58 -26.69 -33.67
N GLU I 248 -24.70 -25.86 -34.21
CA GLU I 248 -25.13 -24.91 -35.24
C GLU I 248 -25.59 -25.63 -36.50
N GLU I 249 -24.86 -26.66 -36.91
CA GLU I 249 -25.19 -27.40 -38.12
C GLU I 249 -26.07 -28.61 -37.78
N MET J 4 -16.57 -70.65 -4.15
CA MET J 4 -17.66 -69.79 -3.62
C MET J 4 -17.57 -69.69 -2.10
N LYS J 5 -17.15 -70.78 -1.46
CA LYS J 5 -17.00 -70.78 -0.02
C LYS J 5 -15.96 -69.76 0.43
N GLU J 6 -14.85 -69.66 -0.30
CA GLU J 6 -13.83 -68.67 0.01
C GLU J 6 -14.40 -67.26 -0.11
N ARG J 7 -15.26 -67.02 -1.10
CA ARG J 7 -15.90 -65.72 -1.23
C ARG J 7 -16.78 -65.43 -0.02
N ILE J 8 -17.53 -66.43 0.46
CA ILE J 8 -18.35 -66.25 1.64
C ILE J 8 -17.48 -65.90 2.84
N HIS J 9 -16.37 -66.62 3.01
CA HIS J 9 -15.47 -66.36 4.14
C HIS J 9 -14.91 -64.94 4.07
N GLU J 10 -14.47 -64.52 2.87
CA GLU J 10 -13.93 -63.18 2.71
C GLU J 10 -14.98 -62.12 3.02
N TYR J 11 -16.21 -62.32 2.53
CA TYR J 11 -17.28 -61.36 2.81
C TYR J 11 -17.58 -61.30 4.30
N CYS J 12 -17.64 -62.45 4.97
CA CYS J 12 -17.91 -62.45 6.40
C CYS J 12 -16.82 -61.71 7.16
N HIS J 13 -15.56 -61.94 6.80
CA HIS J 13 -14.47 -61.24 7.48
C HIS J 13 -14.53 -59.74 7.21
N ARG J 14 -14.82 -59.35 5.96
CA ARG J 14 -14.87 -57.93 5.62
C ARG J 14 -15.97 -57.20 6.38
N LEU J 15 -17.13 -57.84 6.52
CA LEU J 15 -18.24 -57.24 7.26
C LEU J 15 -18.06 -57.31 8.77
N HIS J 16 -16.87 -57.68 9.25
CA HIS J 16 -16.57 -57.75 10.68
C HIS J 16 -17.47 -58.77 11.37
N LEU J 17 -17.42 -60.00 10.87
CA LEU J 17 -18.18 -61.12 11.43
C LEU J 17 -17.25 -62.32 11.57
N PRO J 18 -16.25 -62.24 12.46
CA PRO J 18 -15.28 -63.35 12.56
C PRO J 18 -15.90 -64.64 13.04
N VAL J 19 -16.69 -64.57 14.13
CA VAL J 19 -17.29 -65.77 14.68
C VAL J 19 -18.26 -66.40 13.69
N MET J 20 -18.98 -65.57 12.93
CA MET J 20 -19.91 -66.10 11.94
C MET J 20 -19.17 -66.96 10.92
N ALA J 21 -18.02 -66.47 10.43
CA ALA J 21 -17.21 -67.27 9.52
C ALA J 21 -16.66 -68.51 10.20
N GLU J 22 -16.25 -68.39 11.47
CA GLU J 22 -15.67 -69.52 12.17
C GLU J 22 -16.65 -70.69 12.26
N ARG J 23 -17.91 -70.39 12.54
CA ARG J 23 -18.94 -71.41 12.66
C ARG J 23 -19.75 -71.59 11.38
N TRP J 24 -19.27 -71.04 10.26
CA TRP J 24 -20.01 -71.13 9.01
C TRP J 24 -20.22 -72.58 8.59
N SER J 25 -19.17 -73.39 8.64
CA SER J 25 -19.29 -74.78 8.24
C SER J 25 -20.23 -75.55 9.16
N ALA J 26 -20.12 -75.31 10.47
CA ALA J 26 -20.98 -76.02 11.41
C ALA J 26 -22.44 -75.69 11.18
N MET J 27 -22.76 -74.40 11.01
CA MET J 27 -24.14 -74.00 10.78
C MET J 27 -24.65 -74.53 9.44
N ALA J 28 -23.80 -74.53 8.41
CA ALA J 28 -24.20 -75.08 7.13
C ALA J 28 -24.52 -76.56 7.23
N GLU J 29 -23.68 -77.32 7.94
CA GLU J 29 -23.93 -78.74 8.13
C GLU J 29 -25.21 -78.97 8.92
N TYR J 30 -25.44 -78.17 9.97
CA TYR J 30 -26.65 -78.31 10.76
C TYR J 30 -27.89 -78.03 9.92
N ALA J 31 -27.83 -76.99 9.08
CA ALA J 31 -28.98 -76.68 8.22
C ALA J 31 -29.21 -77.76 7.19
N SER J 32 -28.14 -78.32 6.61
CA SER J 32 -28.30 -79.35 5.60
C SER J 32 -28.86 -80.63 6.22
N THR J 33 -28.34 -81.05 7.37
CA THR J 33 -28.79 -82.28 7.99
C THR J 33 -30.26 -82.19 8.41
N HIS J 34 -30.66 -81.08 9.02
CA HIS J 34 -32.02 -80.87 9.47
C HIS J 34 -32.63 -79.72 8.70
N ASN J 35 -33.79 -79.95 8.08
CA ASN J 35 -34.44 -78.91 7.30
C ASN J 35 -34.83 -77.75 8.20
N ILE J 36 -34.38 -76.55 7.83
CA ILE J 36 -34.67 -75.33 8.59
C ILE J 36 -34.96 -74.22 7.59
N SER J 37 -35.96 -73.41 7.90
CA SER J 37 -36.27 -72.26 7.05
C SER J 37 -35.11 -71.28 7.05
N TYR J 38 -34.89 -70.64 5.90
CA TYR J 38 -33.79 -69.70 5.78
C TYR J 38 -33.93 -68.56 6.79
N SER J 39 -35.16 -68.06 6.98
CA SER J 39 -35.37 -66.99 7.94
C SER J 39 -34.94 -67.41 9.34
N GLU J 40 -35.34 -68.61 9.76
CA GLU J 40 -35.01 -69.07 11.11
C GLU J 40 -33.51 -69.36 11.22
N PHE J 41 -32.89 -69.88 10.16
CA PHE J 41 -31.45 -70.11 10.20
C PHE J 41 -30.69 -68.80 10.35
N LEU J 42 -31.08 -67.77 9.60
CA LEU J 42 -30.44 -66.46 9.74
C LEU J 42 -30.71 -65.88 11.13
N PHE J 43 -31.91 -66.08 11.66
CA PHE J 43 -32.21 -65.62 13.00
C PHE J 43 -31.27 -66.26 14.02
N ARG J 44 -31.08 -67.58 13.92
CA ARG J 44 -30.19 -68.26 14.86
C ARG J 44 -28.76 -67.76 14.71
N LEU J 45 -28.28 -67.60 13.47
CA LEU J 45 -26.92 -67.15 13.25
C LEU J 45 -26.72 -65.75 13.82
N LEU J 46 -27.66 -64.84 13.55
CA LEU J 46 -27.53 -63.48 14.06
C LEU J 46 -27.65 -63.44 15.58
N GLU J 47 -28.49 -64.29 16.16
CA GLU J 47 -28.60 -64.34 17.61
C GLU J 47 -27.29 -64.80 18.23
N ALA J 48 -26.66 -65.83 17.66
CA ALA J 48 -25.37 -66.28 18.17
C ALA J 48 -24.31 -65.19 18.04
N GLU J 49 -24.29 -64.52 16.89
CA GLU J 49 -23.32 -63.44 16.69
C GLU J 49 -23.56 -62.32 17.70
N ILE J 50 -24.81 -61.98 17.96
CA ILE J 50 -25.13 -60.92 18.92
C ILE J 50 -24.73 -61.34 20.33
N VAL J 51 -24.93 -62.61 20.68
CA VAL J 51 -24.53 -63.08 22.00
C VAL J 51 -23.01 -62.97 22.16
N GLU J 52 -22.26 -63.38 21.15
CA GLU J 52 -20.81 -63.27 21.22
C GLU J 52 -20.38 -61.82 21.29
N LYS J 53 -21.02 -60.94 20.52
CA LYS J 53 -20.69 -59.53 20.55
C LYS J 53 -20.99 -58.94 21.92
N GLN J 54 -22.10 -59.33 22.53
CA GLN J 54 -22.44 -58.83 23.87
C GLN J 54 -21.42 -59.31 24.90
N ALA J 55 -20.99 -60.57 24.82
CA ALA J 55 -19.98 -61.05 25.74
C ALA J 55 -18.68 -60.28 25.58
N ARG J 56 -18.25 -60.07 24.34
CA ARG J 56 -17.01 -59.33 24.11
C ARG J 56 -17.13 -57.88 24.57
N SER J 57 -18.29 -57.26 24.34
CA SER J 57 -18.50 -55.88 24.79
C SER J 57 -18.47 -55.79 26.30
N ILE J 58 -19.08 -56.76 26.99
CA ILE J 58 -19.05 -56.76 28.45
C ILE J 58 -17.61 -56.92 28.95
N GLN J 59 -16.84 -57.81 28.33
CA GLN J 59 -15.45 -57.99 28.75
C GLN J 59 -14.63 -56.72 28.50
N THR J 60 -14.84 -56.07 27.35
CA THR J 60 -14.13 -54.84 27.07
C THR J 60 -14.51 -53.73 28.05
N LEU J 61 -15.79 -53.65 28.40
CA LEU J 61 -16.22 -52.67 29.40
C LEU J 61 -15.57 -52.95 30.75
N ILE J 62 -15.49 -54.23 31.12
CA ILE J 62 -14.84 -54.59 32.38
C ILE J 62 -13.37 -54.18 32.35
N LYS J 63 -12.71 -54.37 31.21
CA LYS J 63 -11.32 -53.93 31.10
C LYS J 63 -11.20 -52.42 31.20
N LEU J 64 -12.10 -51.69 30.53
CA LEU J 64 -12.05 -50.23 30.57
C LEU J 64 -12.33 -49.71 31.97
N SER J 65 -13.29 -50.31 32.67
CA SER J 65 -13.58 -49.94 34.06
C SER J 65 -12.58 -50.63 34.97
N LYS J 66 -11.76 -49.85 35.66
CA LYS J 66 -10.64 -50.41 36.41
C LYS J 66 -11.13 -51.14 37.65
N LEU J 67 -11.75 -52.31 37.47
CA LEU J 67 -12.15 -53.15 38.58
C LEU J 67 -10.98 -54.06 38.94
N PRO J 68 -10.46 -53.99 40.17
CA PRO J 68 -9.30 -54.85 40.50
C PRO J 68 -9.62 -56.33 40.45
N TYR J 69 -10.68 -56.76 41.12
CA TYR J 69 -11.09 -58.16 41.13
C TYR J 69 -12.59 -58.24 40.87
N ARG J 70 -12.98 -59.20 40.04
CA ARG J 70 -14.36 -59.37 39.63
C ARG J 70 -15.12 -60.23 40.64
N LYS J 71 -16.27 -59.73 41.09
CA LYS J 71 -17.11 -60.45 42.05
C LYS J 71 -18.57 -60.19 41.69
N THR J 72 -19.47 -60.85 42.43
CA THR J 72 -20.90 -60.71 42.22
C THR J 72 -21.61 -60.98 43.55
N ILE J 73 -22.91 -60.68 43.57
CA ILE J 73 -23.70 -60.90 44.78
C ILE J 73 -23.77 -62.38 45.13
N ASP J 74 -23.80 -63.26 44.12
CA ASP J 74 -23.95 -64.69 44.38
C ASP J 74 -22.86 -65.22 45.31
N THR J 75 -21.69 -64.58 45.30
CA THR J 75 -20.58 -65.01 46.15
C THR J 75 -20.56 -64.34 47.51
N PHE J 76 -21.56 -63.50 47.81
CA PHE J 76 -21.61 -62.79 49.09
C PHE J 76 -22.40 -63.61 50.10
N ASP J 77 -21.82 -63.79 51.28
CA ASP J 77 -22.44 -64.56 52.36
C ASP J 77 -23.12 -63.59 53.33
N PHE J 78 -24.44 -63.52 53.25
CA PHE J 78 -25.18 -62.67 54.18
C PHE J 78 -25.22 -63.23 55.59
N THR J 79 -25.03 -64.55 55.75
CA THR J 79 -25.02 -65.14 57.08
C THR J 79 -23.88 -64.59 57.92
N ALA J 80 -22.70 -64.44 57.31
CA ALA J 80 -21.55 -63.91 58.04
C ALA J 80 -21.68 -62.43 58.34
N GLN J 81 -22.57 -61.72 57.64
CA GLN J 81 -22.78 -60.29 57.82
C GLN J 81 -24.27 -60.02 58.01
N PRO J 82 -24.82 -60.38 59.17
CA PRO J 82 -26.25 -60.14 59.42
C PRO J 82 -26.61 -58.68 59.59
N SER J 83 -25.63 -57.79 59.71
CA SER J 83 -25.90 -56.38 59.92
C SER J 83 -26.52 -55.70 58.70
N VAL J 84 -26.53 -56.36 57.54
CA VAL J 84 -27.08 -55.81 56.31
C VAL J 84 -28.21 -56.71 55.86
N ASP J 85 -29.35 -56.10 55.55
CA ASP J 85 -30.52 -56.86 55.10
C ASP J 85 -30.36 -57.21 53.62
N GLU J 86 -30.48 -58.49 53.31
CA GLU J 86 -30.33 -58.93 51.92
C GLU J 86 -31.41 -58.34 51.03
N ARG J 87 -32.58 -58.02 51.59
CA ARG J 87 -33.66 -57.47 50.78
C ARG J 87 -33.25 -56.15 50.15
N ARG J 88 -32.59 -55.28 50.92
CA ARG J 88 -32.15 -54.00 50.37
C ARG J 88 -31.11 -54.20 49.27
N ILE J 89 -30.20 -55.16 49.46
CA ILE J 89 -29.19 -55.43 48.43
C ILE J 89 -29.86 -55.91 47.14
N ARG J 90 -30.84 -56.82 47.27
CA ARG J 90 -31.54 -57.30 46.10
C ARG J 90 -32.30 -56.16 45.41
N GLU J 91 -32.91 -55.28 46.19
CA GLU J 91 -33.56 -54.11 45.62
C GLU J 91 -32.56 -53.25 44.85
N LEU J 92 -31.36 -53.08 45.40
CA LEU J 92 -30.32 -52.33 44.70
C LEU J 92 -29.98 -53.00 43.38
N LEU J 93 -29.88 -54.33 43.38
CA LEU J 93 -29.52 -55.05 42.16
C LEU J 93 -30.52 -54.81 41.03
N THR J 94 -31.75 -54.42 41.35
CA THR J 94 -32.72 -54.08 40.31
C THR J 94 -32.32 -52.82 39.56
N LEU J 95 -31.36 -52.04 40.08
CA LEU J 95 -30.89 -50.82 39.43
C LEU J 95 -31.99 -49.77 39.30
N SER J 96 -32.94 -49.76 40.24
CA SER J 96 -33.94 -48.70 40.26
C SER J 96 -33.32 -47.37 40.63
N PHE J 97 -32.22 -47.39 41.39
CA PHE J 97 -31.57 -46.14 41.78
C PHE J 97 -31.05 -45.38 40.57
N ILE J 98 -30.66 -46.10 39.51
CA ILE J 98 -30.16 -45.42 38.30
C ILE J 98 -31.25 -44.55 37.71
N ASP J 99 -32.48 -45.07 37.62
CA ASP J 99 -33.59 -44.25 37.17
C ASP J 99 -33.95 -43.19 38.21
N ARG J 100 -33.78 -43.50 39.50
CA ARG J 100 -34.08 -42.58 40.57
C ARG J 100 -32.91 -41.65 40.90
N LYS J 101 -31.76 -41.82 40.25
CA LYS J 101 -30.60 -40.96 40.46
C LYS J 101 -30.12 -41.01 41.91
N GLU J 102 -30.29 -42.16 42.57
CA GLU J 102 -29.95 -42.32 43.97
C GLU J 102 -28.57 -42.95 44.12
N ASN J 103 -27.76 -42.37 45.01
CA ASN J 103 -26.44 -42.90 45.29
C ASN J 103 -26.53 -44.07 46.26
N ILE J 104 -25.40 -44.74 46.47
CA ILE J 104 -25.32 -45.89 47.37
C ILE J 104 -24.04 -45.76 48.19
N LEU J 105 -24.19 -45.58 49.50
CA LEU J 105 -23.04 -45.41 50.40
C LEU J 105 -22.91 -46.63 51.30
N PHE J 106 -21.71 -47.21 51.33
CA PHE J 106 -21.38 -48.32 52.20
C PHE J 106 -20.45 -47.83 53.29
N LEU J 107 -20.79 -48.13 54.55
CA LEU J 107 -20.02 -47.67 55.70
C LEU J 107 -19.83 -48.82 56.68
N GLY J 108 -18.72 -48.78 57.40
CA GLY J 108 -18.44 -49.76 58.42
C GLY J 108 -16.95 -50.08 58.55
N PRO J 109 -16.61 -51.01 59.43
CA PRO J 109 -15.21 -51.37 59.63
C PRO J 109 -14.63 -52.01 58.38
N PRO J 110 -13.31 -52.05 58.24
CA PRO J 110 -12.71 -52.63 57.04
C PRO J 110 -12.99 -54.12 56.93
N GLY J 111 -13.03 -54.59 55.69
CA GLY J 111 -13.14 -56.02 55.43
C GLY J 111 -14.49 -56.63 55.74
N ILE J 112 -15.56 -55.83 55.70
CA ILE J 112 -16.90 -56.31 55.97
C ILE J 112 -17.70 -56.54 54.68
N GLY J 113 -17.07 -56.44 53.52
CA GLY J 113 -17.72 -56.66 52.26
C GLY J 113 -18.18 -55.42 51.53
N LYS J 114 -17.82 -54.23 52.00
CA LYS J 114 -18.23 -53.00 51.32
C LYS J 114 -17.73 -52.99 49.88
N THR J 115 -16.44 -53.23 49.69
CA THR J 115 -15.88 -53.25 48.34
C THR J 115 -16.48 -54.38 47.52
N HIS J 116 -16.69 -55.53 48.13
CA HIS J 116 -17.29 -56.67 47.41
C HIS J 116 -18.69 -56.31 46.93
N LEU J 117 -19.50 -55.70 47.80
CA LEU J 117 -20.85 -55.32 47.40
C LEU J 117 -20.83 -54.25 46.32
N ALA J 118 -19.93 -53.27 46.44
CA ALA J 118 -19.83 -52.23 45.41
C ALA J 118 -19.46 -52.84 44.07
N ILE J 119 -18.49 -53.77 44.06
CA ILE J 119 -18.09 -54.40 42.81
C ILE J 119 -19.21 -55.26 42.26
N SER J 120 -19.98 -55.90 43.13
CA SER J 120 -21.12 -56.69 42.66
C SER J 120 -22.16 -55.80 41.99
N ILE J 121 -22.45 -54.65 42.59
CA ILE J 121 -23.41 -53.73 41.98
C ILE J 121 -22.88 -53.20 40.66
N GLY J 122 -21.59 -52.87 40.61
CA GLY J 122 -21.00 -52.43 39.35
C GLY J 122 -21.09 -53.48 38.27
N MET J 123 -20.80 -54.74 38.63
CA MET J 123 -20.89 -55.83 37.66
C MET J 123 -22.32 -56.01 37.17
N GLU J 124 -23.29 -55.92 38.08
CA GLU J 124 -24.69 -56.02 37.68
C GLU J 124 -25.05 -54.90 36.72
N ALA J 125 -24.60 -53.67 37.00
CA ALA J 125 -24.87 -52.56 36.09
C ALA J 125 -24.23 -52.80 34.72
N ILE J 126 -23.00 -53.30 34.71
CA ILE J 126 -22.32 -53.58 33.44
C ILE J 126 -23.08 -54.63 32.65
N ALA J 127 -23.55 -55.68 33.31
CA ALA J 127 -24.23 -56.76 32.61
C ALA J 127 -25.47 -56.26 31.88
N ARG J 128 -26.24 -55.38 32.52
CA ARG J 128 -27.46 -54.85 31.94
C ARG J 128 -27.20 -53.73 30.93
N GLY J 129 -25.96 -53.53 30.51
CA GLY J 129 -25.64 -52.56 29.48
C GLY J 129 -25.40 -51.15 29.96
N TYR J 130 -25.35 -50.92 31.27
CA TYR J 130 -25.09 -49.59 31.81
C TYR J 130 -23.60 -49.36 31.93
N LYS J 131 -23.11 -48.26 31.35
CA LYS J 131 -21.70 -47.91 31.47
C LYS J 131 -21.31 -47.78 32.93
N THR J 132 -20.14 -48.31 33.26
CA THR J 132 -19.67 -48.30 34.64
C THR J 132 -18.19 -47.94 34.67
N TYR J 133 -17.77 -47.39 35.80
CA TYR J 133 -16.37 -47.06 36.04
C TYR J 133 -16.08 -47.24 37.52
N PHE J 134 -14.89 -47.75 37.83
CA PHE J 134 -14.45 -47.99 39.20
C PHE J 134 -13.14 -47.28 39.44
N ILE J 135 -12.97 -46.70 40.63
CA ILE J 135 -11.73 -46.03 40.98
C ILE J 135 -11.73 -45.79 42.49
N THR J 136 -10.54 -45.65 43.05
CA THR J 136 -10.42 -45.24 44.45
C THR J 136 -10.37 -43.72 44.54
N ALA J 137 -10.78 -43.21 45.70
CA ALA J 137 -10.88 -41.76 45.87
C ALA J 137 -9.52 -41.09 45.69
N HIS J 138 -8.47 -41.66 46.28
CA HIS J 138 -7.14 -41.08 46.14
C HIS J 138 -6.71 -41.07 44.68
N ASP J 139 -6.93 -42.17 43.96
CA ASP J 139 -6.57 -42.22 42.55
C ASP J 139 -7.35 -41.19 41.75
N LEU J 140 -8.64 -41.06 42.02
CA LEU J 140 -9.46 -40.08 41.30
C LEU J 140 -8.93 -38.67 41.54
N VAL J 141 -8.63 -38.33 42.79
CA VAL J 141 -8.15 -37.00 43.11
C VAL J 141 -6.81 -36.74 42.43
N ASN J 142 -5.91 -37.71 42.48
CA ASN J 142 -4.60 -37.54 41.86
C ASN J 142 -4.72 -37.37 40.35
N GLN J 143 -5.56 -38.19 39.71
CA GLN J 143 -5.73 -38.08 38.27
C GLN J 143 -6.32 -36.73 37.88
N LEU J 144 -7.32 -36.26 38.64
CA LEU J 144 -7.91 -34.96 38.34
C LEU J 144 -6.87 -33.85 38.52
N ARG J 145 -6.06 -33.92 39.58
CA ARG J 145 -5.04 -32.91 39.79
C ARG J 145 -4.04 -32.90 38.64
N ARG J 146 -3.58 -34.07 38.22
CA ARG J 146 -2.61 -34.14 37.14
C ARG J 146 -3.21 -33.64 35.83
N ALA J 147 -4.48 -33.97 35.56
CA ALA J 147 -5.12 -33.47 34.36
C ALA J 147 -5.25 -31.95 34.38
N ASP J 148 -5.60 -31.39 35.54
CA ASP J 148 -5.71 -29.94 35.64
C ASP J 148 -4.37 -29.26 35.46
N GLN J 149 -3.32 -29.83 36.05
CA GLN J 149 -1.98 -29.24 35.89
C GLN J 149 -1.53 -29.22 34.44
N GLU J 150 -2.10 -30.09 33.60
CA GLU J 150 -1.82 -30.11 32.17
C GLU J 150 -2.79 -29.27 31.36
N GLY J 151 -3.72 -28.57 32.02
CA GLY J 151 -4.69 -27.77 31.30
C GLY J 151 -5.75 -28.56 30.58
N LYS J 152 -6.03 -29.78 31.02
CA LYS J 152 -7.04 -30.64 30.41
C LYS J 152 -7.96 -31.22 31.46
N LEU J 153 -8.34 -30.39 32.44
CA LEU J 153 -9.23 -30.86 33.50
C LEU J 153 -10.60 -31.23 32.96
N GLU J 154 -11.08 -30.50 31.95
CA GLU J 154 -12.43 -30.76 31.43
C GLU J 154 -12.54 -32.16 30.84
N LYS J 155 -11.50 -32.60 30.13
CA LYS J 155 -11.55 -33.92 29.51
C LYS J 155 -11.65 -35.02 30.57
N LYS J 156 -10.83 -34.94 31.62
CA LYS J 156 -10.89 -35.93 32.68
C LYS J 156 -12.19 -35.83 33.46
N LEU J 157 -12.74 -34.61 33.59
CA LEU J 157 -14.04 -34.46 34.23
C LEU J 157 -15.13 -35.15 33.43
N ARG J 158 -15.10 -35.01 32.11
CA ARG J 158 -16.03 -35.77 31.27
C ARG J 158 -15.81 -37.26 31.44
N VAL J 159 -14.55 -37.69 31.50
CA VAL J 159 -14.27 -39.12 31.69
C VAL J 159 -14.89 -39.62 32.98
N PHE J 160 -14.83 -38.83 34.04
CA PHE J 160 -15.40 -39.23 35.32
C PHE J 160 -16.91 -39.03 35.40
N VAL J 161 -17.50 -38.25 34.50
CA VAL J 161 -18.93 -37.96 34.55
C VAL J 161 -19.68 -38.83 33.55
N LYS J 162 -19.02 -39.19 32.45
CA LYS J 162 -19.68 -39.97 31.42
C LYS J 162 -20.22 -41.30 31.92
N PRO J 163 -19.50 -42.07 32.74
CA PRO J 163 -20.03 -43.37 33.18
C PRO J 163 -21.36 -43.23 33.89
N THR J 164 -22.26 -44.18 33.62
CA THR J 164 -23.56 -44.15 34.27
C THR J 164 -23.45 -44.46 35.76
N VAL J 165 -22.55 -45.38 36.13
CA VAL J 165 -22.34 -45.76 37.52
C VAL J 165 -20.86 -45.61 37.84
N LEU J 166 -20.53 -44.69 38.73
CA LEU J 166 -19.17 -44.44 39.15
C LEU J 166 -18.99 -44.96 40.57
N ILE J 167 -17.93 -45.74 40.79
CA ILE J 167 -17.66 -46.36 42.08
C ILE J 167 -16.41 -45.73 42.67
N ILE J 168 -16.55 -45.18 43.87
CA ILE J 168 -15.45 -44.56 44.60
C ILE J 168 -15.15 -45.45 45.81
N ASP J 169 -14.02 -46.16 45.73
CA ASP J 169 -13.65 -47.13 46.74
C ASP J 169 -12.65 -46.55 47.73
N GLU J 170 -12.82 -46.88 49.00
CA GLU J 170 -11.89 -46.50 50.06
C GLU J 170 -11.73 -44.98 50.14
N MET J 171 -12.84 -44.31 50.45
CA MET J 171 -12.84 -42.87 50.67
C MET J 171 -12.69 -42.63 52.17
N GLY J 172 -11.46 -42.37 52.60
CA GLY J 172 -11.20 -42.08 54.00
C GLY J 172 -9.93 -42.72 54.53
N TYR J 173 -9.50 -43.82 53.91
CA TYR J 173 -8.28 -44.48 54.36
C TYR J 173 -7.07 -43.57 54.22
N LEU J 174 -6.97 -42.85 53.10
CA LEU J 174 -5.89 -41.91 52.86
C LEU J 174 -6.45 -40.50 52.80
N LYS J 175 -5.90 -39.61 53.63
CA LYS J 175 -6.34 -38.22 53.64
C LYS J 175 -6.02 -37.56 52.29
N LEU J 176 -6.97 -36.78 51.78
CA LEU J 176 -6.80 -36.11 50.51
C LEU J 176 -6.06 -34.79 50.70
N ASP J 177 -5.31 -34.41 49.67
CA ASP J 177 -4.57 -33.15 49.71
C ASP J 177 -5.57 -32.00 49.76
N PRO J 178 -5.48 -31.09 50.75
CA PRO J 178 -6.48 -30.02 50.83
C PRO J 178 -6.58 -29.18 49.58
N ASN J 179 -5.46 -28.96 48.88
CA ASN J 179 -5.48 -28.15 47.66
C ASN J 179 -6.18 -28.84 46.50
N SER J 180 -6.48 -30.13 46.61
CA SER J 180 -7.10 -30.88 45.52
C SER J 180 -8.46 -31.47 45.88
N ALA J 181 -8.89 -31.38 47.13
CA ALA J 181 -10.17 -31.97 47.52
C ALA J 181 -11.30 -31.45 46.62
N HIS J 182 -11.23 -30.17 46.24
CA HIS J 182 -12.29 -29.60 45.43
C HIS J 182 -12.53 -30.41 44.15
N TYR J 183 -11.47 -30.99 43.59
CA TYR J 183 -11.65 -31.81 42.39
C TYR J 183 -12.73 -32.86 42.64
N LEU J 184 -12.62 -33.59 43.74
CA LEU J 184 -13.65 -34.59 44.06
C LEU J 184 -15.03 -33.94 44.09
N PHE J 185 -15.14 -32.80 44.79
CA PHE J 185 -16.42 -32.10 44.83
C PHE J 185 -16.97 -31.87 43.43
N GLN J 186 -16.10 -31.48 42.49
CA GLN J 186 -16.57 -31.22 41.13
C GLN J 186 -17.35 -32.42 40.60
N VAL J 187 -16.80 -33.62 40.78
CA VAL J 187 -17.51 -34.81 40.32
C VAL J 187 -18.86 -34.90 41.02
N ILE J 188 -18.86 -34.78 42.35
CA ILE J 188 -20.11 -34.83 43.09
C ILE J 188 -21.01 -33.67 42.66
N ALA J 189 -20.40 -32.56 42.22
CA ALA J 189 -21.19 -31.43 41.76
C ALA J 189 -21.78 -31.67 40.38
N ARG J 190 -21.10 -32.47 39.55
CA ARG J 190 -21.56 -32.68 38.18
C ARG J 190 -22.39 -33.95 38.01
N ARG J 191 -22.13 -34.96 38.84
CA ARG J 191 -22.95 -36.18 38.84
C ARG J 191 -24.19 -36.03 39.71
N TYR J 192 -24.37 -34.91 40.39
CA TYR J 192 -25.53 -34.70 41.23
C TYR J 192 -26.80 -34.65 40.38
N GLU J 193 -27.78 -35.47 40.73
CA GLU J 193 -29.05 -35.56 40.02
C GLU J 193 -28.87 -35.95 38.56
N HIS J 194 -27.73 -36.49 38.19
CA HIS J 194 -27.48 -36.97 36.83
C HIS J 194 -27.16 -38.45 36.78
N ALA J 195 -26.26 -38.94 37.62
CA ALA J 195 -25.88 -40.34 37.62
C ALA J 195 -25.61 -40.77 39.05
N PRO J 196 -25.86 -42.04 39.40
CA PRO J 196 -25.56 -42.51 40.75
C PRO J 196 -24.07 -42.62 41.00
N ILE J 197 -23.72 -42.60 42.29
CA ILE J 197 -22.36 -42.85 42.75
C ILE J 197 -22.42 -43.91 43.84
N ILE J 198 -21.58 -44.93 43.73
CA ILE J 198 -21.46 -45.99 44.73
C ILE J 198 -20.16 -45.74 45.48
N LEU J 199 -20.27 -45.22 46.70
CA LEU J 199 -19.11 -44.81 47.49
C LEU J 199 -18.97 -45.70 48.71
N THR J 200 -17.79 -46.26 48.91
CA THR J 200 -17.50 -47.09 50.07
C THR J 200 -16.48 -46.38 50.96
N SER J 201 -16.73 -46.39 52.28
CA SER J 201 -15.87 -45.70 53.21
C SER J 201 -15.91 -46.40 54.56
N ASN J 202 -14.86 -46.15 55.36
CA ASN J 202 -14.79 -46.61 56.74
C ASN J 202 -14.88 -45.47 57.73
N LYS J 203 -15.14 -44.24 57.25
CA LYS J 203 -15.22 -43.06 58.09
C LYS J 203 -16.67 -42.55 58.12
N SER J 204 -17.07 -42.03 59.28
CA SER J 204 -18.40 -41.45 59.40
C SER J 204 -18.48 -40.13 58.64
N PHE J 205 -19.72 -39.69 58.38
CA PHE J 205 -19.91 -38.46 57.63
C PHE J 205 -19.30 -37.27 58.35
N GLY J 206 -19.48 -37.18 59.67
CA GLY J 206 -18.97 -36.05 60.41
C GLY J 206 -17.47 -35.88 60.32
N GLU J 207 -16.74 -36.94 59.97
CA GLU J 207 -15.29 -36.89 59.85
C GLU J 207 -14.83 -36.58 58.43
N TRP J 208 -15.75 -36.43 57.47
CA TRP J 208 -15.34 -36.13 56.10
C TRP J 208 -14.53 -34.85 56.03
N GLY J 209 -14.84 -33.87 56.88
CA GLY J 209 -14.04 -32.65 56.89
C GLY J 209 -12.58 -32.92 57.15
N GLU J 210 -12.29 -33.88 58.04
CA GLU J 210 -10.90 -34.27 58.27
C GLU J 210 -10.30 -34.89 57.01
N ILE J 211 -11.08 -35.69 56.29
CA ILE J 211 -10.56 -36.38 55.11
C ILE J 211 -10.15 -35.36 54.04
N VAL J 212 -11.01 -34.37 53.80
CA VAL J 212 -10.74 -33.36 52.77
C VAL J 212 -10.05 -32.13 53.32
N GLY J 213 -10.00 -31.95 54.64
CA GLY J 213 -9.34 -30.79 55.20
C GLY J 213 -10.07 -29.49 55.03
N ASP J 214 -11.39 -29.52 54.84
CA ASP J 214 -12.18 -28.30 54.68
C ASP J 214 -13.61 -28.62 55.10
N SER J 215 -14.04 -28.05 56.23
CA SER J 215 -15.35 -28.39 56.77
C SER J 215 -16.47 -27.98 55.83
N VAL J 216 -16.38 -26.77 55.25
CA VAL J 216 -17.47 -26.28 54.40
C VAL J 216 -17.57 -27.12 53.13
N LEU J 217 -16.44 -27.41 52.50
CA LEU J 217 -16.45 -28.22 51.29
C LEU J 217 -16.97 -29.62 51.59
N ALA J 218 -16.55 -30.20 52.72
CA ALA J 218 -17.05 -31.52 53.09
C ALA J 218 -18.56 -31.50 53.32
N THR J 219 -19.06 -30.45 53.98
CA THR J 219 -20.50 -30.36 54.20
C THR J 219 -21.25 -30.24 52.89
N ALA J 220 -20.75 -29.44 51.96
CA ALA J 220 -21.40 -29.32 50.66
C ALA J 220 -21.39 -30.65 49.91
N MET J 221 -20.25 -31.35 49.93
CA MET J 221 -20.16 -32.64 49.27
C MET J 221 -21.16 -33.62 49.88
N LEU J 222 -21.26 -33.66 51.21
CA LEU J 222 -22.19 -34.57 51.85
C LEU J 222 -23.63 -34.21 51.51
N ASP J 223 -23.96 -32.92 51.51
CA ASP J 223 -25.32 -32.51 51.17
C ASP J 223 -25.68 -32.94 49.74
N ARG J 224 -24.76 -32.74 48.80
CA ARG J 224 -25.05 -33.13 47.42
C ARG J 224 -25.11 -34.65 47.28
N LEU J 225 -24.28 -35.38 48.02
CA LEU J 225 -24.23 -36.83 47.87
C LEU J 225 -25.43 -37.51 48.50
N LEU J 226 -25.88 -37.02 49.66
CA LEU J 226 -26.92 -37.67 50.43
C LEU J 226 -28.33 -37.23 50.05
N HIS J 227 -28.46 -36.27 49.12
CA HIS J 227 -29.79 -35.81 48.74
C HIS J 227 -30.62 -36.96 48.17
N HIS J 228 -30.02 -37.76 47.29
CA HIS J 228 -30.64 -38.95 46.70
C HIS J 228 -29.63 -40.08 46.89
N SER J 229 -29.77 -40.82 47.99
CA SER J 229 -28.82 -41.89 48.29
C SER J 229 -29.49 -42.92 49.18
N ILE J 230 -28.87 -44.10 49.22
CA ILE J 230 -29.26 -45.17 50.13
C ILE J 230 -28.03 -45.51 50.96
N ILE J 231 -28.16 -45.40 52.28
CA ILE J 231 -27.04 -45.51 53.20
C ILE J 231 -27.14 -46.84 53.93
N PHE J 232 -26.04 -47.60 53.91
CA PHE J 232 -25.95 -48.88 54.61
C PHE J 232 -24.85 -48.79 55.65
N ASN J 233 -25.20 -49.06 56.91
CA ASN J 233 -24.24 -49.07 58.01
C ASN J 233 -23.95 -50.54 58.35
N LEU J 234 -22.92 -51.08 57.71
CA LEU J 234 -22.55 -52.47 57.90
C LEU J 234 -21.71 -52.63 59.16
N LYS J 235 -21.90 -53.77 59.83
CA LYS J 235 -21.19 -54.08 61.06
C LYS J 235 -20.76 -55.55 61.01
N GLY J 236 -20.03 -55.98 62.03
CA GLY J 236 -19.57 -57.35 62.14
C GLY J 236 -18.05 -57.42 62.08
N GLU J 237 -17.56 -58.65 62.28
CA GLU J 237 -16.14 -58.90 62.26
C GLU J 237 -15.60 -58.85 60.83
N SER J 238 -14.30 -58.55 60.72
CA SER J 238 -13.66 -58.50 59.42
C SER J 238 -13.69 -59.86 58.75
N TYR J 239 -14.03 -59.89 57.46
CA TYR J 239 -14.06 -61.15 56.72
C TYR J 239 -12.67 -61.69 56.49
N ARG J 240 -11.67 -60.81 56.28
CA ARG J 240 -10.30 -61.28 56.13
C ARG J 240 -9.82 -61.98 57.40
N LEU J 241 -10.12 -61.40 58.56
CA LEU J 241 -9.76 -62.06 59.81
C LEU J 241 -10.53 -63.36 60.00
N ARG J 242 -11.79 -63.41 59.56
CA ARG J 242 -12.55 -64.65 59.64
C ARG J 242 -11.87 -65.75 58.82
N GLU J 243 -11.46 -65.41 57.59
CA GLU J 243 -10.74 -66.38 56.76
C GLU J 243 -9.42 -66.78 57.39
N LYS J 244 -8.72 -65.82 58.00
CA LYS J 244 -7.46 -66.13 58.65
C LYS J 244 -7.65 -67.12 59.79
N ARG J 245 -8.69 -66.90 60.61
CA ARG J 245 -8.97 -67.83 61.70
C ARG J 245 -9.37 -69.20 61.16
N LEU J 246 -10.18 -69.23 60.11
CA LEU J 246 -10.59 -70.51 59.53
C LEU J 246 -9.39 -71.29 59.03
N GLN J 247 -8.47 -70.61 58.35
CA GLN J 247 -7.25 -71.28 57.87
C GLN J 247 -6.40 -71.75 59.05
N GLU J 248 -6.25 -70.91 60.07
CA GLU J 248 -5.48 -71.32 61.25
C GLU J 248 -6.15 -72.50 61.95
N GLU J 249 -7.47 -72.46 62.10
CA GLU J 249 -8.20 -73.53 62.76
C GLU J 249 -8.49 -74.66 61.79
MG MG M . 37.59 19.28 -61.38
PG ATP N . 36.45 19.18 -63.53
O1G ATP N . 35.43 20.27 -63.42
O2G ATP N . 36.49 18.50 -64.90
O3G ATP N . 36.32 18.11 -62.45
PB ATP N . 38.64 21.06 -62.74
O1B ATP N . 38.27 22.29 -63.48
O2B ATP N . 38.37 21.08 -61.24
O3B ATP N . 37.92 19.77 -63.33
PA ATP N . 41.24 19.72 -62.26
O1A ATP N . 42.04 20.43 -61.25
O2A ATP N . 40.46 18.52 -61.74
O3A ATP N . 40.18 20.69 -62.94
O5' ATP N . 42.14 19.28 -63.48
C5' ATP N . 42.09 17.93 -64.00
C4' ATP N . 43.47 17.32 -63.97
O4' ATP N . 44.36 18.27 -64.60
C3' ATP N . 43.98 17.20 -62.54
O3' ATP N . 45.02 16.24 -62.59
C2' ATP N . 44.66 18.55 -62.32
O2' ATP N . 45.75 18.31 -61.43
C1' ATP N . 45.32 18.73 -63.69
N9 ATP N . 45.54 20.14 -63.99
C8 ATP N . 44.62 21.04 -64.45
N7 ATP N . 45.09 22.25 -64.64
C5 ATP N . 46.43 22.14 -64.27
C6 ATP N . 47.49 23.05 -64.23
N6 ATP N . 47.37 24.34 -64.59
N1 ATP N . 48.69 22.62 -63.82
C2 ATP N . 48.82 21.34 -63.45
N3 ATP N . 47.90 20.37 -63.45
C4 ATP N . 46.72 20.84 -63.86
H5'1 ATP N . 41.77 17.96 -64.92
H5'2 ATP N . 41.49 17.39 -63.47
H4' ATP N . 43.47 16.46 -64.43
H3' ATP N . 43.29 16.99 -61.89
HO3' ATP N . 44.78 15.60 -62.08
H2' ATP N . 44.07 19.26 -62.05
HO2' ATP N . 45.73 17.48 -61.25
H1' ATP N . 46.15 18.22 -63.74
H8 ATP N . 43.73 20.81 -64.63
HN61 ATP N . 46.61 24.65 -64.85
HN62 ATP N . 48.05 24.86 -64.57
H2 ATP N . 49.67 21.09 -63.17
MG MG O . 34.81 -5.95 8.88
PG ATP P . 33.26 -6.55 10.60
O1G ATP P . 33.23 -7.86 11.31
O2G ATP P . 32.25 -5.53 11.16
O3G ATP P . 33.06 -6.68 9.09
PB ATP P . 36.22 -6.22 10.72
O1B ATP P . 36.66 -6.97 11.91
O2B ATP P . 36.46 -6.93 9.39
O3B ATP P . 34.69 -5.85 10.77
PA ATP P . 38.38 -4.20 10.56
O1A ATP P . 39.33 -5.18 10.00
O2A ATP P . 38.31 -2.87 9.81
O3A ATP P . 36.90 -4.78 10.62
O5' ATP P . 38.71 -3.89 12.08
C5' ATP P . 38.07 -2.80 12.78
C4' ATP P . 39.09 -1.79 13.20
O4' ATP P . 40.10 -2.51 13.96
C3' ATP P . 39.83 -1.22 11.99
O3' ATP P . 40.39 0.02 12.44
C2' ATP P . 41.02 -2.17 11.86
O2' ATP P . 42.09 -1.40 11.35
C1' ATP P . 41.35 -2.39 13.32
N9 ATP P . 42.05 -3.65 13.54
C8 ATP P . 41.49 -4.87 13.73
N7 ATP P . 42.36 -5.85 13.91
C5 ATP P . 43.59 -5.20 13.83
C6 ATP P . 44.91 -5.66 13.94
N6 ATP P . 45.24 -6.93 14.16
N1 ATP P . 45.90 -4.75 13.82
C2 ATP P . 45.58 -3.47 13.61
N3 ATP P . 44.37 -2.92 13.49
C4 ATP P . 43.41 -3.84 13.61
H5'1 ATP P . 37.61 -3.16 13.57
H5'2 ATP P . 37.41 -2.39 12.20
H4' ATP P . 38.68 -1.08 13.72
H3' ATP P . 39.29 -1.14 11.20
HO3' ATP P . 40.10 0.62 11.91
H2' ATP P . 40.84 -2.99 11.35
HO2' ATP P . 41.76 -0.87 10.79
H1' ATP P . 41.87 -1.64 13.67
H8 ATP P . 40.57 -5.02 13.72
HN61 ATP P . 44.63 -7.53 14.27
HN62 ATP P . 46.07 -7.16 14.19
H2 ATP P . 46.29 -2.88 13.54
MG MG Q . 17.57 35.42 -41.17
PG ATP R . 18.05 35.22 -44.15
O1G ATP R . 16.75 35.10 -44.86
O2G ATP R . 19.25 34.73 -44.96
O3G ATP R . 18.07 34.52 -42.78
PB ATP R . 17.80 37.94 -42.96
O1B ATP R . 16.63 38.58 -43.59
O2B ATP R . 17.59 37.41 -41.54
O3B ATP R . 18.38 36.75 -43.82
PA ATP R . 20.16 39.34 -41.83
O1A ATP R . 19.62 40.29 -40.84
O2A ATP R . 20.72 38.05 -41.23
O3A ATP R . 19.06 38.93 -42.90
O5' ATP R . 21.27 40.03 -42.71
C5' ATP R . 22.45 39.32 -43.13
C4' ATP R . 23.68 40.08 -42.68
O4' ATP R . 23.52 41.43 -43.17
C3' ATP R . 23.73 40.21 -41.16
O3' ATP R . 25.08 40.54 -40.85
C2' ATP R . 22.92 41.49 -40.93
O2' ATP R . 23.51 42.10 -39.78
C1' ATP R . 23.43 42.34 -42.09
N9 ATP R . 22.45 43.34 -42.48
C8 ATP R . 21.32 43.16 -43.24
N7 ATP R . 20.62 44.25 -43.43
C5 ATP R . 21.34 45.22 -42.76
C6 ATP R . 21.13 46.61 -42.58
N6 ATP R . 20.08 47.27 -43.09
N1 ATP R . 22.03 47.29 -41.85
C2 ATP R . 23.07 46.63 -41.34
N3 ATP R . 23.38 45.34 -41.44
C4 ATP R . 22.47 44.68 -42.16
H5'1 ATP R . 22.46 39.23 -44.08
H5'2 ATP R . 22.46 38.44 -42.73
H4' ATP R . 24.48 39.65 -43.03
H3' ATP R . 23.39 39.44 -40.69
HO3' ATP R . 25.36 39.92 -40.34
H2' ATP R . 21.97 41.37 -40.88
HO2' ATP R . 23.94 41.49 -39.37
H1' ATP R . 24.28 42.75 -41.89
H8 ATP R . 21.08 42.33 -43.58
HN61 ATP R . 19.49 46.85 -43.55
HN62 ATP R . 20.01 48.12 -42.96
H2 ATP R . 23.67 47.14 -40.85
MG MG S . 15.26 12.07 27.11
PG ATP T . 15.04 10.22 29.96
O1G ATP T . 15.67 8.90 30.23
O2G ATP T . 13.63 10.34 30.53
O3G ATP T . 15.02 10.60 28.48
PB ATP T . 17.36 11.87 30.85
O1B ATP T . 18.14 10.94 31.69
O2B ATP T . 17.91 12.14 29.45
O3B ATP T . 15.87 11.39 30.67
PA ATP T . 16.87 14.77 31.10
O1A ATP T . 18.09 15.45 30.61
O2A ATP T . 15.72 14.72 30.08
O3A ATP T . 17.16 13.29 31.55
O5' ATP T . 16.36 15.46 32.43
C5' ATP T . 14.95 15.64 32.69
C4' ATP T . 14.67 17.09 32.96
O4' ATP T . 15.50 17.50 34.07
C3' ATP T . 15.14 17.97 31.79
O3' ATP T . 14.44 19.21 31.92
C2' ATP T . 16.59 18.27 32.18
O2' ATP T . 16.85 19.58 31.67
C1' ATP T . 16.42 18.49 33.67
N9 ATP T . 17.66 18.20 34.39
C8 ATP T . 18.16 16.97 34.71
N7 ATP T . 19.30 17.01 35.37
C5 ATP T . 19.57 18.36 35.48
C6 ATP T . 20.63 19.08 36.08
N6 ATP T . 21.66 18.49 36.69
N1 ATP T . 20.58 20.43 36.02
C2 ATP T . 19.55 21.01 35.40
N3 ATP T . 18.50 20.44 34.81
C4 ATP T . 18.57 19.11 34.89
H5'1 ATP T . 14.71 15.12 33.47
H5'2 ATP T . 14.43 15.35 31.93
H4' ATP T . 13.73 17.24 33.14
H3' ATP T . 15.04 17.56 30.92
HO3' ATP T . 13.94 19.28 31.24
H2' ATP T . 17.24 17.61 31.91
HO2' ATP T . 16.10 19.95 31.55
H1' ATP T . 16.10 19.38 33.88
H8 ATP T . 17.74 16.17 34.49
HN61 ATP T . 21.71 17.64 36.75
HN62 ATP T . 22.28 18.98 37.04
H2 ATP T . 19.57 21.94 35.38
MG MG U . -11.36 27.89 -29.59
PG ATP V . -10.09 27.90 -32.12
O1G ATP V . -10.57 26.83 -33.04
O2G ATP V . -8.83 28.61 -32.59
O3G ATP V . -9.88 27.40 -30.68
PB ATP V . -12.76 29.24 -31.98
O1B ATP V . -13.33 28.99 -33.32
O2B ATP V . -13.30 28.37 -30.86
O3B ATP V . -11.18 29.05 -31.98
PA ATP V . -12.39 31.67 -30.34
O1A ATP V . -13.34 31.70 -29.21
O2A ATP V . -10.99 31.18 -29.99
O3A ATP V . -12.91 30.75 -31.53
O5' ATP V . -12.29 33.10 -31.00
C5' ATP V . -11.05 33.84 -31.00
C4' ATP V . -11.29 35.25 -30.51
O4' ATP V . -12.32 35.82 -31.35
C3' ATP V . -11.90 35.24 -29.11
O3' ATP V . -11.64 36.52 -28.56
C2' ATP V . -13.40 35.22 -29.40
O2' ATP V . -14.01 35.96 -28.35
C1' ATP V . -13.45 36.17 -30.59
N9 ATP V . -14.60 35.91 -31.44
C8 ATP V . -14.79 34.86 -32.30
N7 ATP V . -15.92 34.89 -32.95
C5 ATP V . -16.54 36.05 -32.49
C6 ATP V . -17.77 36.66 -32.79
N6 ATP V . -18.66 36.16 -33.66
N1 ATP V . -18.08 37.80 -32.16
C2 ATP V . -17.20 38.31 -31.28
N3 ATP V . -16.01 37.83 -30.91
C4 ATP V . -15.73 36.69 -31.56
H5'1 ATP V . -10.70 33.88 -31.91
H5'2 ATP V . -10.40 33.41 -30.43
H4' ATP V . -10.47 35.76 -30.53
H3' ATP V . -11.60 34.50 -28.54
HO3' ATP V . -10.87 36.48 -28.20
H2' ATP V . -13.79 34.33 -29.55
HO2' ATP V . -13.44 36.00 -27.73
H1' ATP V . -13.42 37.09 -30.30
H8 ATP V . -14.16 34.18 -32.41
HN61 ATP V . -18.44 35.47 -34.13
HN62 ATP V . -19.43 36.52 -33.74
H2 ATP V . -17.45 39.10 -30.86
MG MG W . -13.18 5.13 39.78
PG ATP X . -12.89 3.04 41.67
O1G ATP X . -11.51 2.89 42.22
O2G ATP X . -13.82 1.88 42.00
O3G ATP X . -12.92 3.28 40.15
PB ATP X . -13.26 5.78 42.79
O1B ATP X . -12.49 5.75 44.05
O2B ATP X . -12.61 6.51 41.63
O3B ATP X . -13.61 4.32 42.28
PA ATP X . -16.04 6.59 42.15
O1A ATP X . -16.06 7.87 41.42
O2A ATP X . -16.16 5.35 41.26
O3A ATP X . -14.71 6.41 43.00
O5' ATP X . -17.17 6.55 43.24
C5' ATP X . -18.25 5.59 43.18
C4' ATP X . -19.58 6.30 43.33
O4' ATP X . -19.52 7.02 44.58
C3' ATP X . -19.76 7.37 42.26
O3' ATP X . -21.16 7.61 42.19
C2' ATP X . -19.16 8.61 42.93
O2' ATP X . -19.92 9.70 42.44
C1' ATP X . -19.67 8.41 44.34
N9 ATP X . -18.83 9.08 45.33
C8 ATP X . -17.57 8.70 45.74
N7 ATP X . -17.04 9.48 46.65
C5 ATP X . -18.02 10.46 46.84
C6 ATP X . -18.08 11.59 47.68
N6 ATP X . -17.09 11.95 48.51
N1 ATP X . -19.19 12.34 47.64
C2 ATP X . -20.18 11.99 46.81
N3 ATP X . -20.24 10.95 45.97
C4 ATP X . -19.12 10.22 46.04
H5'1 ATP X . -18.15 4.94 43.89
H5'2 ATP X . -18.23 5.13 42.33
H4' ATP X . -20.30 5.66 43.31
H3' ATP X . -19.35 7.15 41.40
HO3' ATP X . -21.47 7.05 41.63
H2' ATP X . -18.20 8.71 42.84
HO2' ATP X . -20.33 9.44 41.75
H1' ATP X . -20.60 8.69 44.43
H8 ATP X . -17.14 7.94 45.41
HN61 ATP X . -16.41 11.43 48.62
HN62 ATP X . -17.14 12.70 48.93
H2 ATP X . -20.92 12.54 46.81
MG MG Y . -23.46 -1.02 -23.69
PG ATP Z . -22.52 -0.15 -26.85
O1G ATP Z . -21.62 -0.90 -27.76
O2G ATP Z . -22.33 1.36 -26.92
O3G ATP Z . -22.45 -0.61 -25.40
PB ATP Z . -25.03 -1.55 -27.66
O1B ATP Z . -24.68 -2.15 -28.97
O2B ATP Z . -25.06 -2.52 -26.49
O3B ATP Z . -24.04 -0.38 -27.27
PA ATP Z . -27.55 -0.40 -26.66
O1A ATP Z . -28.42 -1.54 -26.32
O2A ATP Z . -26.84 0.25 -25.47
O3A ATP Z . -26.43 -0.81 -27.70
O5' ATP Z . -28.37 0.70 -27.44
C5' ATP Z . -28.14 2.11 -27.21
C4' ATP Z . -29.44 2.78 -26.82
O4' ATP Z . -30.38 2.53 -27.89
C3' ATP Z . -30.06 2.10 -25.59
O3' ATP Z . -30.98 3.05 -25.05
C2' ATP Z . -30.91 1.01 -26.23
O2' ATP Z . -32.04 0.86 -25.37
C1' ATP Z . -31.47 1.76 -27.42
N9 ATP Z . -31.82 0.85 -28.51
C8 ATP Z . -30.96 0.26 -29.40
N7 ATP Z . -31.56 -0.52 -30.28
C5 ATP Z . -32.89 -0.42 -29.95
C6 ATP Z . -34.06 -1.00 -30.50
N6 ATP Z . -34.05 -1.84 -31.55
N1 ATP Z . -35.24 -0.70 -29.93
C2 ATP Z . -35.26 0.12 -28.88
N3 ATP Z . -34.24 0.74 -28.27
C4 ATP Z . -33.08 0.42 -28.86
H5'1 ATP Z . -27.81 2.51 -28.03
H5'2 ATP Z . -27.50 2.23 -26.50
H4' ATP Z . -29.30 3.73 -26.66
H3' ATP Z . -29.41 1.78 -24.95
HO3' ATP Z . -30.68 3.26 -24.28
H2' ATP Z . -30.45 0.18 -26.42
HO2' ATP Z . -32.09 1.57 -24.90
H1' ATP Z . -32.23 2.32 -27.18
H8 ATP Z . -30.04 0.38 -29.38
HN61 ATP Z . -33.30 -2.04 -31.93
HN62 ATP Z . -34.78 -2.16 -31.85
H2 ATP Z . -36.09 0.30 -28.52
MG MG AA . -26.30 -23.70 44.79
PG ATP BA . -25.43 -25.29 47.21
O1G ATP BA . -24.69 -24.41 48.16
O2G ATP BA . -25.16 -26.78 47.42
O3G ATP BA . -25.19 -24.94 45.74
PB ATP BA . -28.14 -24.04 47.25
O1B ATP BA . -28.15 -23.09 48.38
O2B ATP BA . -27.97 -23.43 45.86
O3B ATP BA . -27.00 -25.13 47.40
PA ATP BA . -30.49 -25.44 46.12
O1A ATP BA . -31.44 -24.38 45.75
O2A ATP BA . -29.67 -26.00 44.95
O3A ATP BA . -29.46 -24.94 47.22
O5' ATP BA . -31.23 -26.63 46.85
C5' ATP BA . -30.86 -28.00 46.62
C4' ATP BA . -32.08 -28.78 46.17
O4' ATP BA . -33.11 -28.53 47.15
C3' ATP BA . -32.64 -28.23 44.86
O3' ATP BA . -33.47 -29.26 44.33
C2' ATP BA . -33.59 -27.14 45.36
O2' ATP BA . -34.65 -27.10 44.41
C1' ATP BA . -34.20 -27.85 46.57
N9 ATP BA . -34.67 -26.90 47.56
C8 ATP BA . -33.92 -26.20 48.47
N7 ATP BA . -34.62 -25.41 49.25
C5 ATP BA . -35.92 -25.60 48.82
C6 ATP BA . -37.16 -25.04 49.24
N6 ATP BA . -37.27 -24.14 50.23
N1 ATP BA . -38.27 -25.44 48.59
C2 ATP BA . -38.16 -26.32 47.61
N3 ATP BA . -37.06 -26.92 47.12
C4 ATP BA . -35.97 -26.51 47.77
H5'1 ATP BA . -30.52 -28.39 47.44
H5'2 ATP BA . -30.18 -28.05 45.93
H4' ATP BA . -31.86 -29.73 46.10
H3' ATP BA . -31.96 -27.91 44.25
HO3' ATP BA . -33.14 -29.45 43.57
H2' ATP BA . -33.18 -26.29 45.54
HO2' ATP BA . -34.36 -27.47 43.70
H1' ATP BA . -34.90 -28.45 46.30
H8 ATP BA . -32.99 -26.29 48.53
HN61 ATP BA . -36.56 -23.88 50.64
HN62 ATP BA . -38.04 -23.85 50.44
H2 ATP BA . -38.96 -26.57 47.20
MG MG CA . -8.57 -29.35 -19.77
PG ATP DA . -8.01 -27.43 -21.09
O1G ATP DA . -7.02 -27.42 -22.20
O2G ATP DA . -8.76 -26.10 -20.92
O3G ATP DA . -7.41 -27.85 -19.75
PB ATP DA . -9.32 -29.99 -21.90
O1B ATP DA . -9.12 -30.10 -23.36
O2B ATP DA . -8.39 -30.86 -21.05
O3B ATP DA . -9.16 -28.50 -21.38
PA ATP DA . -11.81 -31.56 -21.60
O1A ATP DA . -11.08 -32.84 -21.73
O2A ATP DA . -12.77 -31.50 -20.42
O3A ATP DA . -10.81 -30.33 -21.46
O5' ATP DA . -12.62 -31.23 -22.92
C5' ATP DA . -13.58 -30.15 -22.95
C4' ATP DA . -14.95 -30.70 -23.23
O4' ATP DA . -14.85 -31.47 -24.45
C3' ATP DA . -15.37 -31.70 -22.16
O3' ATP DA . -16.79 -31.77 -22.24
C2' ATP DA . -14.86 -33.02 -22.72
O2' ATP DA . -15.78 -34.02 -22.29
C1' ATP DA . -15.19 -32.82 -24.19
N9 ATP DA . -14.35 -33.64 -25.05
C8 ATP DA . -13.10 -33.32 -25.52
N7 ATP DA . -12.56 -34.25 -26.29
C5 ATP DA . -13.53 -35.25 -26.32
C6 ATP DA . -13.59 -36.50 -26.96
N6 ATP DA . -12.61 -36.99 -27.72
N1 ATP DA . -14.70 -37.24 -26.79
C2 ATP DA . -15.69 -36.76 -26.03
N3 ATP DA . -15.76 -35.60 -25.38
C4 ATP DA . -14.64 -34.88 -25.57
H5'1 ATP DA . -13.33 -29.52 -23.65
H5'2 ATP DA . -13.58 -29.69 -22.10
H4' ATP DA . -15.60 -29.98 -23.31
H3' ATP DA . -15.05 -31.49 -21.27
HO3' ATP DA . -17.09 -31.57 -21.46
H2' ATP DA . -13.93 -33.22 -22.53
HO2' ATP DA . -15.99 -33.82 -21.49
H1' ATP DA . -16.13 -33.00 -24.36
H8 ATP DA . -12.67 -32.53 -25.32
HN61 ATP DA . -11.90 -36.52 -27.87
HN62 ATP DA . -12.67 -37.77 -28.06
H2 ATP DA . -16.44 -37.30 -25.94
MG MG EA . -12.69 -52.79 51.04
PG ATP FA . -11.63 -52.58 53.22
O1G ATP FA . -12.30 -51.40 53.81
O2G ATP FA . -10.65 -53.28 54.17
O3G ATP FA . -10.92 -52.29 51.89
PB ATP FA . -14.26 -53.87 52.61
O1B ATP FA . -15.05 -53.54 53.83
O2B ATP FA . -14.62 -53.05 51.37
O3B ATP FA . -12.70 -53.71 52.86
PA ATP FA . -14.05 -56.32 50.96
O1A ATP FA . -15.23 -56.51 50.11
O2A ATP FA . -12.85 -55.68 50.27
O3A ATP FA . -14.39 -55.41 52.23
O5' ATP FA . -13.61 -57.68 51.62
C5' ATP FA . -12.23 -58.12 51.60
C4' ATP FA . -12.14 -59.48 50.96
O4' ATP FA . -13.11 -60.32 51.62
C3' ATP FA . -12.61 -59.43 49.50
O3' ATP FA . -12.07 -60.60 48.89
C2' ATP FA . -14.10 -59.68 49.63
O2' ATP FA . -14.49 -60.37 48.45
C1' ATP FA . -14.11 -60.74 50.72
N9 ATP FA . -15.36 -60.75 51.45
C8 ATP FA . -15.75 -59.90 52.46
N7 ATP FA . -16.94 -60.14 52.94
C5 ATP FA . -17.38 -61.23 52.20
C6 ATP FA . -18.57 -61.97 52.22
N6 ATP FA . -19.58 -61.73 53.05
N1 ATP FA . -18.69 -63.01 51.35
C2 ATP FA . -17.68 -63.25 50.51
N3 ATP FA . -16.50 -62.62 50.40
C4 ATP FA . -16.42 -61.61 51.27
H5'1 ATP FA . -11.89 -58.17 52.51
H5'2 ATP FA . -11.69 -57.49 51.09
H4' ATP FA . -11.24 -59.83 51.03
H3' ATP FA . -12.37 -58.61 49.04
HO3' ATP FA . -11.55 -60.33 48.27
H2' ATP FA . -14.63 -58.88 49.82
HO2' ATP FA . -13.79 -60.46 47.98
H1' ATP FA . -13.91 -61.62 50.34
H8 ATP FA . -15.20 -59.21 52.76
HN61 ATP FA . -19.54 -61.07 53.60
HN62 ATP FA . -20.29 -62.22 53.03
H2 ATP FA . -17.81 -63.97 49.94
#